data_5C2G
#
_entry.id   5C2G
#
_cell.length_a   74.380
_cell.length_b   120.930
_cell.length_c   161.440
_cell.angle_alpha   90.00
_cell.angle_beta   90.54
_cell.angle_gamma   90.00
#
_symmetry.space_group_name_H-M   'P 1 21 1'
#
loop_
_entity.id
_entity.type
_entity.pdbx_description
1 polymer 'Form II RubisCO'
2 non-polymer 2-CARBOXYARABINITOL-1,5-DIPHOSPHATE
3 non-polymer 'MAGNESIUM ION'
4 water water
#
_entity_poly.entity_id   1
_entity_poly.type   'polypeptide(L)'
_entity_poly.pdbx_seq_one_letter_code
;MGSSHHHHHHSSGLVPRGSHMDQSNRYADLSLKEEDLIKGGNHILVAYTMEPAAGVGYLEAAAHIAAESSTGTNVEVSTT
DEFTKGVDALVYFIDEAKGIMKVAYPNDLFDRNVTDGRVMIVSFLTLCIGNNQGMGDIANLQMQDFYVPPRMLQLFDGPA
KDISDLWRILGRPVKDGGYISGTIIKPKLGLRPEPFAKAAYQFWLGGDFI(KCX)NDEPQGNQVFCPIKKVLPLVYDSLK
RAQDETGQAKLFSMNITADDHYEMCARADFALETFGPDADKVAFLVDGFVGGPGMVTTARRQYPSQYLHYHRAGHGMVTS
PSSKRGYTAFVLAKMSRLQGASGIHVGTMGYGKMEGGKDDRIIAYMIERDSCTGPFYHQEWYGMKPTTPIISGGMNALRL
PGFFENLGHGNVINTAGGGSYGHIDSPAAGAVSLRQAYECWKAGADPIEWAKEHKEFARAFESFPKDADKLFPGWREKLG
VHK
;
_entity_poly.pdbx_strand_id   A,B,C,D,E,F
#
loop_
_chem_comp.id
_chem_comp.type
_chem_comp.name
_chem_comp.formula
CAP saccharide 2-CARBOXYARABINITOL-1,5-DIPHOSPHATE 'C6 H14 O13 P2'
MG non-polymer 'MAGNESIUM ION' 'Mg 2'
#
# COMPACT_ATOMS: atom_id res chain seq x y z
N GLY A 18 30.95 27.64 -25.62
CA GLY A 18 31.45 28.30 -24.43
C GLY A 18 32.38 27.43 -23.62
N SER A 19 33.14 26.56 -24.29
CA SER A 19 34.16 25.76 -23.61
C SER A 19 35.49 26.49 -23.57
N HIS A 20 36.00 26.74 -22.37
CA HIS A 20 37.24 27.46 -22.17
C HIS A 20 38.45 26.76 -22.80
N MET A 21 38.34 25.46 -22.98
CA MET A 21 39.44 24.64 -23.47
C MET A 21 39.02 23.69 -24.59
N ASP A 22 39.96 23.30 -25.42
CA ASP A 22 39.73 22.22 -26.38
C ASP A 22 39.93 20.89 -25.65
N GLN A 23 39.00 19.98 -25.85
CA GLN A 23 38.87 18.78 -25.01
C GLN A 23 39.02 17.51 -25.86
N SER A 24 39.53 17.69 -27.08
CA SER A 24 39.76 16.58 -28.02
C SER A 24 40.66 15.46 -27.53
N ASN A 25 41.76 15.79 -26.86
CA ASN A 25 42.71 14.76 -26.42
C ASN A 25 42.10 13.76 -25.46
N ARG A 26 41.17 14.21 -24.62
CA ARG A 26 40.56 13.34 -23.62
C ARG A 26 39.28 12.69 -24.10
N TYR A 27 38.44 13.44 -24.81
CA TYR A 27 37.11 12.96 -25.14
C TYR A 27 36.97 12.51 -26.59
N ALA A 28 38.10 12.31 -27.28
CA ALA A 28 38.05 11.79 -28.64
C ALA A 28 39.19 10.81 -28.90
N ASP A 29 38.82 9.71 -29.55
CA ASP A 29 39.76 8.73 -30.05
C ASP A 29 39.24 8.21 -31.39
N LEU A 30 39.60 8.90 -32.46
CA LEU A 30 39.06 8.59 -33.78
C LEU A 30 39.69 7.32 -34.34
N SER A 31 40.60 6.72 -33.57
CA SER A 31 41.23 5.49 -34.00
C SER A 31 40.50 4.28 -33.44
N LEU A 32 39.52 4.51 -32.57
CA LEU A 32 38.74 3.38 -32.09
C LEU A 32 37.97 2.79 -33.26
N LYS A 33 37.94 1.47 -33.32
CA LYS A 33 37.20 0.74 -34.33
C LYS A 33 35.79 0.43 -33.85
N GLU A 34 34.81 0.79 -34.66
CA GLU A 34 33.43 0.54 -34.29
C GLU A 34 33.23 -0.96 -34.08
N GLU A 35 33.92 -1.76 -34.88
CA GLU A 35 33.83 -3.22 -34.77
C GLU A 35 34.24 -3.71 -33.37
N ASP A 36 35.30 -3.12 -32.80
CA ASP A 36 35.78 -3.51 -31.46
C ASP A 36 34.79 -3.09 -30.38
N LEU A 37 34.26 -1.88 -30.52
CA LEU A 37 33.28 -1.35 -29.57
C LEU A 37 32.02 -2.23 -29.50
N ILE A 38 31.59 -2.76 -30.63
CA ILE A 38 30.42 -3.63 -30.67
C ILE A 38 30.71 -5.00 -30.05
N LYS A 39 31.81 -5.61 -30.46
CA LYS A 39 32.20 -6.93 -29.98
C LYS A 39 32.47 -6.93 -28.48
N GLY A 40 33.01 -5.82 -27.98
CA GLY A 40 33.29 -5.67 -26.56
C GLY A 40 32.06 -5.76 -25.70
N GLY A 41 30.96 -5.17 -26.17
CA GLY A 41 29.69 -5.22 -25.46
C GLY A 41 29.72 -4.35 -24.22
N ASN A 42 30.68 -3.43 -24.17
CA ASN A 42 30.86 -2.56 -23.00
C ASN A 42 30.40 -1.13 -23.21
N HIS A 43 29.84 -0.85 -24.39
CA HIS A 43 29.39 0.50 -24.72
C HIS A 43 28.03 0.54 -25.40
N ILE A 44 27.26 1.56 -25.06
CA ILE A 44 26.14 1.98 -25.89
C ILE A 44 26.69 2.97 -26.90
N LEU A 45 26.47 2.68 -28.18
CA LEU A 45 26.94 3.55 -29.25
C LEU A 45 25.81 4.44 -29.74
N VAL A 46 26.14 5.67 -30.05
CA VAL A 46 25.15 6.64 -30.52
C VAL A 46 25.66 7.41 -31.72
N ALA A 47 24.87 7.49 -32.77
CA ALA A 47 25.20 8.24 -33.98
C ALA A 47 24.35 9.50 -34.08
N TYR A 48 25.00 10.64 -34.28
CA TYR A 48 24.32 11.94 -34.40
C TYR A 48 24.56 12.64 -35.74
N THR A 49 23.62 13.51 -36.12
CA THR A 49 23.94 14.62 -37.01
C THR A 49 24.36 15.78 -36.11
N MET A 50 25.38 16.55 -36.51
CA MET A 50 25.84 17.67 -35.70
C MET A 50 26.42 18.78 -36.56
N GLU A 51 26.08 20.02 -36.20
CA GLU A 51 26.67 21.21 -36.82
C GLU A 51 27.17 22.15 -35.72
N PRO A 52 28.47 22.50 -35.74
CA PRO A 52 28.97 23.40 -34.70
C PRO A 52 28.61 24.88 -34.93
N ALA A 53 28.66 25.66 -33.85
CA ALA A 53 28.44 27.10 -33.93
C ALA A 53 29.56 27.76 -34.73
N ALA A 54 29.35 29.01 -35.12
CA ALA A 54 30.34 29.73 -35.91
C ALA A 54 31.68 29.80 -35.17
N GLY A 55 32.76 29.49 -35.89
CA GLY A 55 34.10 29.58 -35.35
C GLY A 55 34.54 28.39 -34.50
N VAL A 56 33.67 27.40 -34.36
CA VAL A 56 33.97 26.21 -33.57
C VAL A 56 34.35 25.04 -34.47
N GLY A 57 35.49 24.42 -34.19
CA GLY A 57 35.95 23.28 -34.94
C GLY A 57 35.04 22.07 -34.76
N TYR A 58 34.98 21.21 -35.77
CA TYR A 58 34.05 20.11 -35.74
C TYR A 58 34.43 19.08 -34.68
N LEU A 59 35.71 18.74 -34.63
CA LEU A 59 36.21 17.75 -33.67
C LEU A 59 36.08 18.33 -32.26
N GLU A 60 36.39 19.62 -32.13
CA GLU A 60 36.32 20.30 -30.83
C GLU A 60 34.89 20.37 -30.30
N ALA A 61 33.94 20.48 -31.21
CA ALA A 61 32.52 20.45 -30.87
C ALA A 61 32.10 19.08 -30.37
N ALA A 62 32.49 18.05 -31.12
CA ALA A 62 32.16 16.69 -30.78
C ALA A 62 32.73 16.28 -29.43
N ALA A 63 33.98 16.63 -29.16
CA ALA A 63 34.61 16.29 -27.90
C ALA A 63 33.91 16.97 -26.72
N HIS A 64 33.50 18.22 -26.91
CA HIS A 64 32.81 18.95 -25.86
C HIS A 64 31.46 18.29 -25.57
N ILE A 65 30.78 17.87 -26.63
CA ILE A 65 29.52 17.17 -26.45
C ILE A 65 29.68 15.90 -25.65
N ALA A 66 30.73 15.13 -25.94
CA ALA A 66 30.99 13.89 -25.25
C ALA A 66 31.25 14.16 -23.76
N ALA A 67 32.00 15.22 -23.48
CA ALA A 67 32.29 15.59 -22.11
C ALA A 67 31.03 16.00 -21.37
N GLU A 68 30.25 16.90 -21.97
CA GLU A 68 29.03 17.38 -21.35
C GLU A 68 27.99 16.26 -21.24
N SER A 69 28.17 15.20 -22.02
CA SER A 69 27.23 14.09 -22.04
C SER A 69 27.69 12.90 -21.19
N SER A 70 28.76 13.10 -20.41
CA SER A 70 29.27 12.04 -19.56
C SER A 70 29.91 12.58 -18.27
N THR A 71 31.23 12.66 -18.30
CA THR A 71 32.04 12.90 -17.11
C THR A 71 32.55 14.31 -16.81
N GLY A 72 32.34 15.28 -17.69
CA GLY A 72 32.80 16.64 -17.40
C GLY A 72 31.97 17.86 -17.72
N THR A 73 32.66 19.00 -17.65
CA THR A 73 32.07 20.31 -17.86
C THR A 73 33.03 21.14 -18.74
N ASN A 74 32.84 22.45 -18.80
CA ASN A 74 33.59 23.29 -19.73
C ASN A 74 34.93 23.78 -19.20
N VAL A 75 35.29 23.36 -18.00
CA VAL A 75 36.59 23.69 -17.42
C VAL A 75 37.16 22.52 -16.63
N GLU A 76 38.46 22.59 -16.32
CA GLU A 76 39.07 21.56 -15.47
C GLU A 76 38.64 21.78 -14.03
N VAL A 77 38.48 20.67 -13.30
CA VAL A 77 38.08 20.70 -11.90
C VAL A 77 39.06 19.93 -11.04
N SER A 78 39.28 20.41 -9.83
CA SER A 78 40.27 19.81 -8.94
C SER A 78 39.94 18.37 -8.58
N THR A 79 38.67 18.02 -8.68
CA THR A 79 38.16 16.75 -8.17
C THR A 79 38.33 15.58 -9.13
N THR A 80 38.78 15.86 -10.35
CA THR A 80 38.96 14.80 -11.33
C THR A 80 40.07 13.87 -10.90
N ASP A 81 39.77 12.57 -10.88
CA ASP A 81 40.76 11.54 -10.62
C ASP A 81 40.94 10.68 -11.87
N GLU A 82 41.88 9.74 -11.80
CA GLU A 82 42.21 8.96 -12.97
C GLU A 82 41.16 7.90 -13.24
N PHE A 83 40.41 7.52 -12.20
CA PHE A 83 39.39 6.50 -12.35
C PHE A 83 38.25 7.05 -13.22
N THR A 84 37.94 8.33 -13.08
CA THR A 84 36.82 8.95 -13.79
C THR A 84 36.98 8.86 -15.31
N LYS A 85 38.24 8.88 -15.75
CA LYS A 85 38.58 8.85 -17.16
C LYS A 85 38.18 7.55 -17.82
N GLY A 86 38.08 6.50 -17.01
CA GLY A 86 37.76 5.18 -17.51
C GLY A 86 36.33 5.06 -17.98
N VAL A 87 35.49 6.01 -17.59
CA VAL A 87 34.06 6.00 -17.95
C VAL A 87 33.70 7.21 -18.82
N ASP A 88 34.73 7.90 -19.32
CA ASP A 88 34.55 8.99 -20.28
C ASP A 88 33.89 8.47 -21.57
N ALA A 89 32.92 9.23 -22.07
CA ALA A 89 32.39 8.98 -23.41
C ALA A 89 33.42 9.42 -24.43
N LEU A 90 33.52 8.66 -25.52
CA LEU A 90 34.53 8.91 -26.54
C LEU A 90 33.94 9.04 -27.94
N VAL A 91 34.28 10.15 -28.60
CA VAL A 91 34.02 10.29 -30.02
C VAL A 91 34.96 9.37 -30.77
N TYR A 92 34.41 8.41 -31.49
CA TYR A 92 35.21 7.44 -32.23
C TYR A 92 35.10 7.64 -33.74
N PHE A 93 34.22 8.54 -34.17
CA PHE A 93 34.05 8.83 -35.59
C PHE A 93 33.44 10.19 -35.86
N ILE A 94 33.99 10.88 -36.85
CA ILE A 94 33.38 12.10 -37.37
C ILE A 94 33.49 12.20 -38.89
N ASP A 95 32.48 12.79 -39.51
CA ASP A 95 32.55 13.14 -40.92
C ASP A 95 32.09 14.59 -41.04
N GLU A 96 33.05 15.51 -41.02
CA GLU A 96 32.73 16.93 -41.02
C GLU A 96 31.95 17.34 -42.27
N ALA A 97 32.27 16.72 -43.39
CA ALA A 97 31.62 17.03 -44.65
C ALA A 97 30.15 16.64 -44.61
N LYS A 98 29.87 15.45 -44.07
CA LYS A 98 28.49 14.97 -43.99
C LYS A 98 27.81 15.38 -42.69
N GLY A 99 28.59 15.95 -41.76
CA GLY A 99 28.05 16.41 -40.49
C GLY A 99 27.58 15.28 -39.58
N ILE A 100 28.37 14.21 -39.52
CA ILE A 100 28.04 13.06 -38.66
C ILE A 100 29.08 12.90 -37.55
N MET A 101 28.62 12.51 -36.37
CA MET A 101 29.50 12.12 -35.27
C MET A 101 28.91 10.94 -34.51
N LYS A 102 29.78 10.06 -34.04
CA LYS A 102 29.38 8.87 -33.30
C LYS A 102 30.14 8.79 -31.98
N VAL A 103 29.43 8.49 -30.90
CA VAL A 103 29.99 8.49 -29.56
C VAL A 103 29.79 7.14 -28.87
N ALA A 104 30.82 6.70 -28.16
CA ALA A 104 30.73 5.46 -27.37
C ALA A 104 30.56 5.79 -25.89
N TYR A 105 29.43 5.34 -25.33
CA TYR A 105 29.12 5.55 -23.91
C TYR A 105 29.34 4.26 -23.11
N PRO A 106 30.33 4.24 -22.21
CA PRO A 106 30.51 3.05 -21.36
C PRO A 106 29.25 2.68 -20.57
N ASN A 107 28.91 1.39 -20.52
CA ASN A 107 27.68 0.95 -19.86
C ASN A 107 27.54 1.42 -18.42
N ASP A 108 28.66 1.52 -17.72
CA ASP A 108 28.64 1.85 -16.30
C ASP A 108 28.17 3.27 -16.03
N LEU A 109 28.09 4.10 -17.07
CA LEU A 109 27.60 5.46 -16.90
C LEU A 109 26.13 5.51 -16.51
N PHE A 110 25.36 4.52 -16.98
CA PHE A 110 23.91 4.58 -16.92
C PHE A 110 23.30 4.12 -15.60
N ASP A 111 22.29 4.86 -15.15
CA ASP A 111 21.68 4.64 -13.83
C ASP A 111 20.98 3.28 -13.74
N ARG A 112 20.94 2.74 -12.52
CA ARG A 112 20.36 1.42 -12.27
C ARG A 112 19.37 1.50 -11.11
N ASN A 113 18.25 0.78 -11.20
CA ASN A 113 17.31 0.72 -10.08
C ASN A 113 17.97 0.10 -8.85
N VAL A 114 17.77 0.74 -7.70
CA VAL A 114 18.16 0.16 -6.42
C VAL A 114 17.27 -1.02 -6.08
N THR A 115 16.05 -1.00 -6.59
CA THR A 115 15.06 -2.01 -6.29
C THR A 115 15.34 -3.35 -6.96
N ASP A 116 15.73 -3.32 -8.23
CA ASP A 116 15.87 -4.56 -9.00
C ASP A 116 17.01 -4.53 -10.02
N GLY A 117 17.86 -3.51 -9.96
CA GLY A 117 19.05 -3.47 -10.78
C GLY A 117 18.85 -3.18 -12.26
N ARG A 118 17.60 -3.04 -12.69
CA ARG A 118 17.33 -2.81 -14.11
C ARG A 118 17.78 -1.40 -14.50
N VAL A 119 18.12 -1.21 -15.76
CA VAL A 119 18.47 0.10 -16.28
C VAL A 119 17.20 0.90 -16.59
N MET A 120 17.36 2.20 -16.83
CA MET A 120 16.23 3.10 -17.05
C MET A 120 16.48 3.98 -18.27
N ILE A 121 15.44 4.15 -19.08
CA ILE A 121 15.58 4.89 -20.34
C ILE A 121 15.84 6.37 -20.07
N VAL A 122 15.36 6.87 -18.94
CA VAL A 122 15.54 8.28 -18.62
C VAL A 122 17.03 8.61 -18.42
N SER A 123 17.81 7.63 -17.97
CA SER A 123 19.24 7.85 -17.81
C SER A 123 19.89 7.95 -19.18
N PHE A 124 19.45 7.09 -20.10
CA PHE A 124 19.92 7.14 -21.49
C PHE A 124 19.61 8.49 -22.12
N LEU A 125 18.41 9.01 -21.86
CA LEU A 125 18.01 10.29 -22.42
C LEU A 125 18.79 11.44 -21.79
N THR A 126 18.92 11.43 -20.47
CA THR A 126 19.61 12.50 -19.75
C THR A 126 21.03 12.67 -20.27
N LEU A 127 21.75 11.57 -20.41
CA LEU A 127 23.14 11.61 -20.82
C LEU A 127 23.30 11.86 -22.33
N CYS A 128 22.62 11.08 -23.15
CA CYS A 128 22.92 11.08 -24.58
C CYS A 128 22.20 12.17 -25.38
N ILE A 129 21.14 12.75 -24.82
CA ILE A 129 20.42 13.79 -25.55
C ILE A 129 19.80 14.80 -24.57
N GLY A 130 20.47 15.01 -23.45
CA GLY A 130 20.03 15.94 -22.44
C GLY A 130 20.61 17.33 -22.55
N ASN A 131 21.55 17.63 -21.65
CA ASN A 131 22.19 18.95 -21.58
C ASN A 131 22.83 19.36 -22.88
N ASN A 132 23.17 18.38 -23.72
CA ASN A 132 23.85 18.69 -24.97
C ASN A 132 22.96 19.38 -25.99
N GLN A 133 21.68 19.51 -25.68
CA GLN A 133 20.75 20.18 -26.58
C GLN A 133 20.74 21.69 -26.39
N GLY A 134 21.45 22.18 -25.38
CA GLY A 134 21.44 23.60 -25.08
C GLY A 134 22.81 24.25 -25.03
N MET A 135 23.83 23.62 -25.62
CA MET A 135 25.18 24.19 -25.59
C MET A 135 25.33 25.31 -26.60
N GLY A 136 25.96 26.40 -26.15
CA GLY A 136 26.09 27.60 -26.93
C GLY A 136 27.03 27.48 -28.12
N ASP A 137 27.98 26.56 -28.04
CA ASP A 137 28.96 26.39 -29.11
C ASP A 137 28.51 25.35 -30.14
N ILE A 138 27.28 24.87 -29.98
CA ILE A 138 26.67 23.90 -30.90
C ILE A 138 25.43 24.45 -31.60
N ALA A 139 25.44 24.48 -32.93
CA ALA A 139 24.27 24.97 -33.67
C ALA A 139 23.10 23.98 -33.58
N ASN A 140 23.36 22.70 -33.83
CA ASN A 140 22.32 21.67 -33.71
C ASN A 140 22.90 20.26 -33.52
N LEU A 141 22.11 19.37 -32.95
CA LEU A 141 22.55 18.02 -32.62
C LEU A 141 21.35 17.08 -32.52
N GLN A 142 21.29 16.05 -33.38
CA GLN A 142 20.17 15.11 -33.37
C GLN A 142 20.62 13.65 -33.46
N MET A 143 20.06 12.82 -32.59
CA MET A 143 20.33 11.39 -32.58
C MET A 143 19.61 10.70 -33.73
N GLN A 144 20.35 9.89 -34.48
CA GLN A 144 19.81 9.19 -35.64
C GLN A 144 19.65 7.69 -35.35
N ASP A 145 20.47 7.18 -34.44
CA ASP A 145 20.51 5.75 -34.15
C ASP A 145 21.36 5.44 -32.93
N PHE A 146 21.14 4.29 -32.32
CA PHE A 146 21.99 3.84 -31.21
C PHE A 146 22.06 2.32 -31.16
N TYR A 147 23.16 1.82 -30.59
CA TYR A 147 23.36 0.38 -30.41
C TYR A 147 23.35 -0.04 -28.95
N VAL A 148 22.56 -1.07 -28.64
CA VAL A 148 22.48 -1.62 -27.29
C VAL A 148 23.17 -2.98 -27.21
N PRO A 149 24.22 -3.11 -26.39
CA PRO A 149 24.87 -4.42 -26.32
C PRO A 149 24.05 -5.42 -25.52
N PRO A 150 24.35 -6.73 -25.65
CA PRO A 150 23.61 -7.81 -24.99
C PRO A 150 23.30 -7.60 -23.49
N ARG A 151 24.29 -7.25 -22.69
CA ARG A 151 24.06 -7.17 -21.25
C ARG A 151 23.11 -6.04 -20.87
N MET A 152 23.26 -4.90 -21.53
CA MET A 152 22.37 -3.78 -21.28
C MET A 152 20.95 -4.12 -21.69
N LEU A 153 20.86 -4.81 -22.80
CA LEU A 153 19.59 -5.25 -23.35
C LEU A 153 18.89 -6.19 -22.37
N GLN A 154 19.68 -7.04 -21.71
CA GLN A 154 19.18 -7.97 -20.70
C GLN A 154 18.59 -7.25 -19.48
N LEU A 155 18.95 -5.99 -19.30
CA LEU A 155 18.57 -5.25 -18.09
C LEU A 155 17.45 -4.24 -18.36
N PHE A 156 16.95 -4.21 -19.58
CA PHE A 156 15.74 -3.44 -19.90
C PHE A 156 14.50 -4.31 -19.70
N ASP A 157 13.36 -3.70 -19.39
CA ASP A 157 12.13 -4.44 -19.17
C ASP A 157 11.71 -5.21 -20.42
N GLY A 158 11.67 -4.52 -21.56
CA GLY A 158 11.16 -5.10 -22.79
C GLY A 158 9.66 -5.32 -22.73
N PRO A 159 9.05 -5.64 -23.88
CA PRO A 159 7.59 -5.83 -23.85
C PRO A 159 7.20 -7.12 -23.14
N ALA A 160 6.04 -7.13 -22.50
CA ALA A 160 5.51 -8.32 -21.85
C ALA A 160 4.37 -8.92 -22.66
N LYS A 161 3.80 -8.10 -23.55
CA LYS A 161 2.74 -8.50 -24.45
C LYS A 161 3.01 -7.98 -25.87
N ASP A 162 2.44 -8.65 -26.87
CA ASP A 162 2.58 -8.22 -28.27
C ASP A 162 1.34 -8.62 -29.09
N ILE A 163 1.41 -8.38 -30.40
CA ILE A 163 0.25 -8.55 -31.27
C ILE A 163 -0.26 -9.99 -31.29
N SER A 164 0.62 -10.95 -31.03
CA SER A 164 0.21 -12.36 -31.03
C SER A 164 -0.85 -12.63 -29.96
N ASP A 165 -0.81 -11.87 -28.86
CA ASP A 165 -1.82 -12.00 -27.81
C ASP A 165 -3.16 -11.52 -28.32
N LEU A 166 -3.14 -10.52 -29.18
CA LEU A 166 -4.35 -9.99 -29.79
C LEU A 166 -4.87 -10.95 -30.85
N TRP A 167 -3.96 -11.49 -31.66
CA TRP A 167 -4.32 -12.51 -32.64
C TRP A 167 -4.99 -13.69 -31.95
N ARG A 168 -4.44 -14.10 -30.81
CA ARG A 168 -4.99 -15.21 -30.04
C ARG A 168 -6.43 -14.95 -29.60
N ILE A 169 -6.68 -13.77 -29.04
CA ILE A 169 -8.01 -13.38 -28.63
C ILE A 169 -8.95 -13.40 -29.83
N LEU A 170 -8.46 -12.91 -30.97
CA LEU A 170 -9.28 -12.80 -32.16
C LEU A 170 -9.45 -14.14 -32.87
N GLY A 171 -8.78 -15.17 -32.37
CA GLY A 171 -8.89 -16.50 -32.95
C GLY A 171 -8.12 -16.67 -34.24
N ARG A 172 -7.08 -15.87 -34.42
CA ARG A 172 -6.25 -15.93 -35.62
C ARG A 172 -4.88 -16.52 -35.28
N PRO A 173 -4.17 -17.02 -36.29
CA PRO A 173 -2.86 -17.63 -36.07
C PRO A 173 -1.95 -16.71 -35.28
N VAL A 174 -1.34 -17.23 -34.22
CA VAL A 174 -0.47 -16.45 -33.37
C VAL A 174 0.84 -16.12 -34.09
N LYS A 175 1.08 -16.81 -35.21
CA LYS A 175 2.16 -16.47 -36.13
C LYS A 175 1.58 -15.95 -37.44
N ASP A 176 2.00 -14.74 -37.84
CA ASP A 176 1.49 -14.10 -39.06
C ASP A 176 -0.04 -14.05 -39.09
N GLY A 177 -0.63 -13.59 -37.99
CA GLY A 177 -2.08 -13.47 -37.90
C GLY A 177 -2.66 -12.37 -38.76
N GLY A 178 -1.82 -11.47 -39.24
CA GLY A 178 -2.24 -10.49 -40.23
C GLY A 178 -2.93 -9.25 -39.72
N TYR A 179 -3.76 -8.69 -40.59
CA TYR A 179 -4.35 -7.37 -40.41
C TYR A 179 -5.41 -7.31 -39.30
N ILE A 180 -5.25 -6.33 -38.42
CA ILE A 180 -6.22 -6.02 -37.38
C ILE A 180 -6.91 -4.69 -37.68
N SER A 181 -8.21 -4.73 -37.96
CA SER A 181 -8.95 -3.52 -38.33
C SER A 181 -9.26 -2.74 -37.04
N GLY A 182 -9.11 -1.43 -37.11
CA GLY A 182 -9.41 -0.57 -35.97
C GLY A 182 -9.81 0.86 -36.28
N THR A 183 -9.99 1.65 -35.23
CA THR A 183 -10.41 3.04 -35.38
C THR A 183 -10.16 3.81 -34.08
N ILE A 184 -10.30 5.13 -34.19
CA ILE A 184 -10.39 6.05 -33.06
C ILE A 184 -11.75 6.67 -32.97
N ILE A 185 -12.29 6.87 -31.75
CA ILE A 185 -13.59 7.49 -31.70
C ILE A 185 -13.52 8.96 -32.14
N LYS A 186 -14.46 9.33 -32.99
CA LYS A 186 -14.62 10.67 -33.56
C LYS A 186 -15.98 11.22 -33.12
N PRO A 187 -16.07 12.49 -32.69
CA PRO A 187 -15.09 13.57 -32.53
C PRO A 187 -14.08 13.25 -31.48
N LYS A 188 -12.92 13.88 -31.57
CA LYS A 188 -11.81 13.50 -30.73
C LYS A 188 -12.12 13.93 -29.31
N LEU A 189 -12.79 15.07 -29.16
CA LEU A 189 -13.36 15.45 -27.87
C LEU A 189 -14.81 15.94 -28.05
N GLY A 190 -15.67 15.67 -27.07
CA GLY A 190 -17.02 16.20 -27.06
C GLY A 190 -18.19 15.25 -26.96
N LEU A 191 -18.01 13.96 -27.27
CA LEU A 191 -19.15 13.05 -27.15
C LEU A 191 -19.45 12.80 -25.68
N ARG A 192 -20.73 12.81 -25.34
CA ARG A 192 -21.19 12.47 -24.00
C ARG A 192 -21.20 10.94 -23.90
N PRO A 193 -21.37 10.38 -22.69
CA PRO A 193 -21.23 8.92 -22.53
C PRO A 193 -22.10 8.08 -23.47
N GLU A 194 -23.40 8.32 -23.56
CA GLU A 194 -24.27 7.49 -24.39
C GLU A 194 -23.89 7.58 -25.88
N PRO A 195 -23.72 8.82 -26.40
CA PRO A 195 -23.25 8.97 -27.78
C PRO A 195 -21.93 8.27 -28.02
N PHE A 196 -21.01 8.36 -27.05
CA PHE A 196 -19.70 7.75 -27.15
C PHE A 196 -19.84 6.23 -27.26
N ALA A 197 -20.66 5.66 -26.39
CA ALA A 197 -20.84 4.20 -26.36
C ALA A 197 -21.48 3.72 -27.66
N LYS A 198 -22.42 4.50 -28.18
CA LYS A 198 -23.10 4.16 -29.41
C LYS A 198 -22.14 4.14 -30.60
N ALA A 199 -21.24 5.11 -30.65
CA ALA A 199 -20.26 5.17 -31.74
C ALA A 199 -19.34 3.95 -31.70
N ALA A 200 -19.00 3.51 -30.50
CA ALA A 200 -18.16 2.33 -30.32
C ALA A 200 -18.85 1.07 -30.84
N TYR A 201 -20.11 0.92 -30.46
CA TYR A 201 -20.91 -0.21 -30.89
C TYR A 201 -20.97 -0.29 -32.40
N GLN A 202 -21.21 0.86 -33.04
CA GLN A 202 -21.35 0.90 -34.48
C GLN A 202 -20.10 0.42 -35.24
N PHE A 203 -18.92 0.81 -34.79
CA PHE A 203 -17.71 0.36 -35.46
C PHE A 203 -17.48 -1.13 -35.25
N TRP A 204 -17.66 -1.58 -34.01
CA TRP A 204 -17.38 -2.96 -33.63
C TRP A 204 -18.26 -3.99 -34.35
N LEU A 205 -19.37 -3.53 -34.92
CA LEU A 205 -20.21 -4.42 -35.71
C LEU A 205 -19.45 -4.92 -36.95
N GLY A 206 -18.39 -4.21 -37.32
CA GLY A 206 -17.58 -4.54 -38.47
C GLY A 206 -16.08 -4.68 -38.19
N GLY A 207 -15.59 -3.98 -37.17
CA GLY A 207 -14.17 -3.92 -36.88
C GLY A 207 -13.75 -4.63 -35.60
N ASP A 208 -12.44 -4.75 -35.39
CA ASP A 208 -11.86 -5.48 -34.27
C ASP A 208 -11.56 -4.55 -33.08
N PHE A 209 -10.99 -3.39 -33.39
CA PHE A 209 -10.18 -2.62 -32.45
C PHE A 209 -10.60 -1.15 -32.34
N ILE A 210 -10.90 -0.71 -31.12
CA ILE A 210 -11.20 0.71 -30.85
C ILE A 210 -10.26 1.27 -29.79
N KCX A 211 -9.88 2.53 -29.97
CA KCX A 211 -9.07 3.17 -28.98
CB KCX A 211 -7.73 3.27 -29.65
CG KCX A 211 -7.68 4.33 -30.70
CD KCX A 211 -6.33 4.50 -31.41
CE KCX A 211 -5.20 5.13 -30.52
NZ KCX A 211 -5.50 6.56 -30.21
C KCX A 211 -9.58 4.53 -28.69
O KCX A 211 -10.20 5.15 -29.52
CX KCX A 211 -5.22 7.59 -31.19
OQ1 KCX A 211 -4.49 7.36 -32.19
OQ2 KCX A 211 -5.71 8.76 -31.05
N ASN A 212 -9.36 5.00 -27.45
CA ASN A 212 -9.62 6.40 -27.15
C ASN A 212 -8.77 7.19 -28.09
N ASP A 213 -9.27 8.35 -28.48
CA ASP A 213 -8.45 9.34 -29.12
C ASP A 213 -7.49 9.76 -28.00
N GLU A 214 -6.31 10.29 -28.31
CA GLU A 214 -5.28 10.52 -27.29
C GLU A 214 -5.67 11.43 -26.11
N PRO A 215 -6.59 12.40 -26.29
CA PRO A 215 -6.93 13.27 -25.17
C PRO A 215 -8.16 12.84 -24.36
N GLN A 216 -8.90 11.82 -24.80
CA GLN A 216 -10.14 11.48 -24.11
C GLN A 216 -9.89 10.69 -22.83
N GLY A 217 -10.46 11.19 -21.73
CA GLY A 217 -10.26 10.58 -20.43
C GLY A 217 -11.46 10.78 -19.52
N ASN A 218 -11.34 11.73 -18.61
CA ASN A 218 -12.38 12.01 -17.61
C ASN A 218 -12.87 13.46 -17.70
N GLN A 219 -13.13 13.97 -18.90
CA GLN A 219 -13.72 15.29 -19.04
C GLN A 219 -15.06 15.39 -18.34
N VAL A 220 -15.40 16.59 -17.87
CA VAL A 220 -16.61 16.76 -17.07
C VAL A 220 -17.88 16.45 -17.86
N PHE A 221 -17.82 16.52 -19.19
CA PHE A 221 -18.99 16.25 -20.03
C PHE A 221 -19.05 14.76 -20.41
N CYS A 222 -18.03 14.01 -20.01
CA CYS A 222 -17.98 12.57 -20.28
C CYS A 222 -17.13 11.79 -19.26
N PRO A 223 -17.61 11.72 -18.00
CA PRO A 223 -16.85 11.08 -16.91
C PRO A 223 -16.59 9.60 -17.19
N ILE A 224 -15.42 9.11 -16.80
CA ILE A 224 -15.03 7.72 -17.01
C ILE A 224 -16.01 6.72 -16.42
N LYS A 225 -16.47 7.01 -15.20
CA LYS A 225 -17.37 6.12 -14.46
C LYS A 225 -18.71 5.94 -15.14
N LYS A 226 -19.07 6.91 -15.95
CA LYS A 226 -20.33 6.89 -16.66
C LYS A 226 -20.16 6.15 -17.98
N VAL A 227 -19.13 6.55 -18.73
CA VAL A 227 -18.99 6.08 -20.11
C VAL A 227 -18.43 4.66 -20.21
N LEU A 228 -17.51 4.29 -19.34
CA LEU A 228 -16.80 3.02 -19.49
C LEU A 228 -17.71 1.80 -19.34
N PRO A 229 -18.63 1.80 -18.37
CA PRO A 229 -19.58 0.69 -18.30
C PRO A 229 -20.46 0.60 -19.55
N LEU A 230 -20.78 1.74 -20.15
CA LEU A 230 -21.59 1.78 -21.37
C LEU A 230 -20.80 1.26 -22.57
N VAL A 231 -19.52 1.59 -22.62
CA VAL A 231 -18.64 1.09 -23.68
C VAL A 231 -18.55 -0.43 -23.58
N TYR A 232 -18.47 -0.94 -22.36
CA TYR A 232 -18.38 -2.38 -22.18
C TYR A 232 -19.67 -3.06 -22.65
N ASP A 233 -20.82 -2.43 -22.38
CA ASP A 233 -22.08 -2.96 -22.89
C ASP A 233 -22.05 -3.05 -24.41
N SER A 234 -21.49 -2.03 -25.04
CA SER A 234 -21.37 -2.01 -26.50
C SER A 234 -20.43 -3.12 -27.00
N LEU A 235 -19.34 -3.37 -26.27
CA LEU A 235 -18.40 -4.41 -26.66
C LEU A 235 -19.07 -5.77 -26.56
N LYS A 236 -19.76 -6.02 -25.46
CA LYS A 236 -20.51 -7.27 -25.28
C LYS A 236 -21.58 -7.46 -26.34
N ARG A 237 -22.34 -6.41 -26.62
CA ARG A 237 -23.43 -6.49 -27.58
C ARG A 237 -22.90 -6.82 -28.97
N ALA A 238 -21.79 -6.21 -29.34
CA ALA A 238 -21.17 -6.44 -30.64
C ALA A 238 -20.62 -7.86 -30.73
N GLN A 239 -20.01 -8.32 -29.64
CA GLN A 239 -19.49 -9.68 -29.58
C GLN A 239 -20.61 -10.71 -29.73
N ASP A 240 -21.72 -10.51 -29.04
CA ASP A 240 -22.84 -11.45 -29.08
C ASP A 240 -23.45 -11.51 -30.47
N GLU A 241 -23.51 -10.37 -31.13
CA GLU A 241 -24.17 -10.27 -32.43
C GLU A 241 -23.30 -10.70 -33.60
N THR A 242 -21.99 -10.48 -33.49
CA THR A 242 -21.07 -10.83 -34.58
C THR A 242 -20.44 -12.20 -34.39
N GLY A 243 -20.41 -12.65 -33.14
CA GLY A 243 -19.74 -13.90 -32.82
C GLY A 243 -18.23 -13.76 -32.92
N GLN A 244 -17.76 -12.50 -32.90
CA GLN A 244 -16.34 -12.20 -32.97
C GLN A 244 -15.92 -11.40 -31.75
N ALA A 245 -14.70 -11.66 -31.28
CA ALA A 245 -14.14 -10.95 -30.13
C ALA A 245 -13.81 -9.51 -30.53
N LYS A 246 -13.88 -8.59 -29.57
CA LYS A 246 -13.57 -7.18 -29.84
C LYS A 246 -12.53 -6.67 -28.85
N LEU A 247 -11.86 -5.59 -29.24
CA LEU A 247 -10.75 -5.05 -28.45
C LEU A 247 -10.93 -3.57 -28.19
N PHE A 248 -10.54 -3.14 -26.99
CA PHE A 248 -10.62 -1.73 -26.61
C PHE A 248 -9.36 -1.24 -25.94
N SER A 249 -8.84 -0.13 -26.44
CA SER A 249 -7.63 0.49 -25.93
C SER A 249 -7.97 1.80 -25.21
N MET A 250 -7.84 1.78 -23.89
CA MET A 250 -8.25 2.91 -23.05
C MET A 250 -7.09 3.81 -22.63
N ASN A 251 -7.28 5.12 -22.76
CA ASN A 251 -6.31 6.10 -22.28
C ASN A 251 -6.28 6.17 -20.76
N ILE A 252 -5.13 5.90 -20.16
CA ILE A 252 -4.95 6.02 -18.72
C ILE A 252 -3.89 7.07 -18.37
N THR A 253 -3.52 7.89 -19.35
CA THR A 253 -2.54 8.94 -19.15
C THR A 253 -2.97 9.92 -18.07
N ALA A 254 -2.06 10.19 -17.12
CA ALA A 254 -2.33 11.16 -16.07
C ALA A 254 -1.04 11.55 -15.34
N ASP A 255 -0.99 12.79 -14.87
CA ASP A 255 0.14 13.28 -14.08
C ASP A 255 0.39 12.37 -12.88
N ASP A 256 -0.68 12.09 -12.13
CA ASP A 256 -0.55 11.33 -10.89
C ASP A 256 -0.55 9.82 -11.17
N HIS A 257 0.55 9.18 -10.76
CA HIS A 257 0.72 7.72 -10.85
C HIS A 257 -0.52 7.00 -10.31
N TYR A 258 -1.05 7.49 -9.19
CA TYR A 258 -2.17 6.84 -8.54
C TYR A 258 -3.49 7.13 -9.24
N GLU A 259 -3.52 8.19 -10.05
CA GLU A 259 -4.66 8.45 -10.92
C GLU A 259 -4.68 7.41 -12.05
N MET A 260 -3.51 7.15 -12.64
CA MET A 260 -3.40 6.12 -13.68
C MET A 260 -3.91 4.77 -13.19
N CYS A 261 -3.48 4.39 -12.00
CA CYS A 261 -3.83 3.10 -11.43
C CYS A 261 -5.32 3.02 -11.09
N ALA A 262 -5.90 4.15 -10.70
CA ALA A 262 -7.32 4.17 -10.41
C ALA A 262 -8.11 3.89 -11.68
N ARG A 263 -7.70 4.50 -12.78
CA ARG A 263 -8.36 4.29 -14.06
C ARG A 263 -8.16 2.85 -14.55
N ALA A 264 -6.93 2.36 -14.43
CA ALA A 264 -6.62 0.99 -14.84
C ALA A 264 -7.44 -0.02 -14.03
N ASP A 265 -7.44 0.14 -12.71
CA ASP A 265 -8.18 -0.76 -11.82
C ASP A 265 -9.67 -0.76 -12.15
N PHE A 266 -10.22 0.44 -12.35
CA PHE A 266 -11.64 0.55 -12.65
C PHE A 266 -12.00 -0.10 -13.99
N ALA A 267 -11.12 0.06 -14.98
CA ALA A 267 -11.36 -0.50 -16.31
C ALA A 267 -11.43 -2.02 -16.28
N LEU A 268 -10.47 -2.64 -15.60
CA LEU A 268 -10.38 -4.09 -15.55
C LEU A 268 -11.57 -4.68 -14.76
N GLU A 269 -11.94 -4.02 -13.67
CA GLU A 269 -13.09 -4.44 -12.89
C GLU A 269 -14.37 -4.34 -13.72
N THR A 270 -14.49 -3.24 -14.46
CA THR A 270 -15.68 -2.97 -15.27
C THR A 270 -15.88 -4.01 -16.38
N PHE A 271 -14.79 -4.38 -17.05
CA PHE A 271 -14.86 -5.31 -18.18
C PHE A 271 -14.94 -6.77 -17.74
N GLY A 272 -14.68 -7.02 -16.46
CA GLY A 272 -14.85 -8.33 -15.86
C GLY A 272 -14.30 -9.49 -16.69
N PRO A 273 -15.16 -10.40 -17.16
CA PRO A 273 -14.69 -11.59 -17.88
C PRO A 273 -14.03 -11.31 -19.24
N ASP A 274 -14.10 -10.08 -19.71
CA ASP A 274 -13.47 -9.69 -20.98
C ASP A 274 -12.28 -8.74 -20.75
N ALA A 275 -11.83 -8.65 -19.50
CA ALA A 275 -10.81 -7.67 -19.14
C ALA A 275 -9.47 -7.86 -19.83
N ASP A 276 -9.20 -9.08 -20.30
CA ASP A 276 -7.96 -9.34 -21.03
C ASP A 276 -7.96 -8.61 -22.39
N LYS A 277 -9.13 -8.17 -22.82
CA LYS A 277 -9.29 -7.52 -24.11
C LYS A 277 -9.13 -5.99 -24.01
N VAL A 278 -8.82 -5.52 -22.80
CA VAL A 278 -8.58 -4.10 -22.57
C VAL A 278 -7.10 -3.76 -22.69
N ALA A 279 -6.75 -2.91 -23.65
CA ALA A 279 -5.40 -2.37 -23.74
C ALA A 279 -5.33 -1.02 -23.04
N PHE A 280 -4.15 -0.68 -22.52
CA PHE A 280 -3.97 0.62 -21.87
C PHE A 280 -3.14 1.55 -22.75
N LEU A 281 -3.75 2.67 -23.14
CA LEU A 281 -3.10 3.66 -23.96
C LEU A 281 -2.41 4.72 -23.11
N VAL A 282 -1.14 4.99 -23.40
CA VAL A 282 -0.37 6.02 -22.69
C VAL A 282 0.27 7.00 -23.67
N ASP A 283 0.02 8.29 -23.46
CA ASP A 283 0.69 9.35 -24.25
C ASP A 283 2.13 9.48 -23.79
N GLY A 284 2.97 8.59 -24.28
CA GLY A 284 4.31 8.42 -23.74
C GLY A 284 5.30 9.53 -24.03
N PHE A 285 5.11 10.27 -25.11
CA PHE A 285 6.08 11.33 -25.44
C PHE A 285 5.87 12.55 -24.54
N VAL A 286 4.66 13.11 -24.50
CA VAL A 286 4.39 14.26 -23.63
C VAL A 286 4.25 13.79 -22.18
N GLY A 287 3.89 12.52 -22.00
CA GLY A 287 3.69 11.98 -20.66
C GLY A 287 5.00 11.56 -20.01
N GLY A 288 5.92 11.06 -20.84
CA GLY A 288 7.24 10.67 -20.38
C GLY A 288 7.37 9.22 -19.95
N PRO A 289 8.63 8.76 -19.76
CA PRO A 289 8.93 7.37 -19.37
C PRO A 289 8.26 6.93 -18.08
N GLY A 290 8.00 7.87 -17.18
CA GLY A 290 7.37 7.55 -15.91
C GLY A 290 6.00 6.91 -16.09
N MET A 291 5.21 7.46 -17.00
CA MET A 291 3.86 6.96 -17.24
C MET A 291 3.88 5.63 -17.98
N VAL A 292 4.81 5.49 -18.93
CA VAL A 292 4.93 4.26 -19.71
C VAL A 292 5.29 3.10 -18.78
N THR A 293 6.23 3.34 -17.87
CA THR A 293 6.70 2.30 -16.97
C THR A 293 5.63 1.94 -15.94
N THR A 294 4.80 2.92 -15.57
CA THR A 294 3.69 2.69 -14.66
C THR A 294 2.74 1.65 -15.25
N ALA A 295 2.38 1.82 -16.51
CA ALA A 295 1.53 0.87 -17.19
C ALA A 295 2.23 -0.48 -17.33
N ARG A 296 3.49 -0.44 -17.77
CA ARG A 296 4.26 -1.64 -18.05
C ARG A 296 4.50 -2.51 -16.82
N ARG A 297 4.87 -1.89 -15.71
CA ARG A 297 5.25 -2.63 -14.51
C ARG A 297 4.08 -2.96 -13.59
N GLN A 298 3.07 -2.10 -13.54
CA GLN A 298 1.92 -2.34 -12.65
C GLN A 298 0.82 -3.15 -13.34
N TYR A 299 0.80 -3.15 -14.66
CA TYR A 299 -0.19 -3.91 -15.44
C TYR A 299 0.41 -4.59 -16.66
N PRO A 300 1.43 -5.43 -16.44
CA PRO A 300 2.14 -6.10 -17.53
C PRO A 300 1.27 -7.04 -18.36
N SER A 301 0.19 -7.54 -17.76
CA SER A 301 -0.69 -8.50 -18.43
C SER A 301 -1.71 -7.81 -19.32
N GLN A 302 -1.65 -6.47 -19.37
CA GLN A 302 -2.50 -5.72 -20.28
C GLN A 302 -1.64 -5.16 -21.40
N TYR A 303 -2.10 -5.33 -22.63
CA TYR A 303 -1.43 -4.79 -23.82
C TYR A 303 -1.19 -3.30 -23.67
N LEU A 304 0.06 -2.87 -23.83
CA LEU A 304 0.44 -1.46 -23.63
C LEU A 304 0.57 -0.71 -24.95
N HIS A 305 -0.32 0.27 -25.12
CA HIS A 305 -0.45 1.01 -26.37
C HIS A 305 0.24 2.37 -26.19
N TYR A 306 1.38 2.54 -26.84
CA TYR A 306 2.16 3.77 -26.75
C TYR A 306 1.68 4.77 -27.80
N HIS A 307 1.11 5.89 -27.34
CA HIS A 307 0.74 6.98 -28.23
C HIS A 307 1.78 8.08 -28.16
N ARG A 308 2.31 8.46 -29.31
CA ARG A 308 3.49 9.33 -29.40
C ARG A 308 3.13 10.79 -29.65
N ALA A 309 1.93 11.20 -29.28
CA ALA A 309 1.50 12.59 -29.46
C ALA A 309 2.54 13.59 -28.97
N GLY A 310 2.86 14.56 -29.82
CA GLY A 310 3.84 15.59 -29.52
C GLY A 310 5.19 15.35 -30.17
N HIS A 311 5.46 14.10 -30.55
CA HIS A 311 6.76 13.70 -31.06
C HIS A 311 7.28 14.54 -32.24
N GLY A 312 6.35 15.07 -33.04
CA GLY A 312 6.72 15.81 -34.23
C GLY A 312 7.59 17.03 -33.97
N MET A 313 7.61 17.51 -32.73
CA MET A 313 8.35 18.72 -32.40
C MET A 313 9.86 18.51 -32.53
N VAL A 314 10.30 17.25 -32.56
CA VAL A 314 11.72 16.94 -32.79
C VAL A 314 11.96 15.93 -33.90
N THR A 315 10.97 15.08 -34.19
CA THR A 315 11.16 14.00 -35.16
C THR A 315 10.86 14.43 -36.59
N SER A 316 10.30 15.63 -36.74
CA SER A 316 9.97 16.15 -38.05
C SER A 316 11.17 16.16 -39.00
N PRO A 317 10.92 15.93 -40.29
CA PRO A 317 12.01 16.01 -41.27
C PRO A 317 12.73 17.36 -41.19
N SER A 318 11.99 18.39 -40.78
CA SER A 318 12.54 19.75 -40.67
C SER A 318 13.36 19.95 -39.41
N SER A 319 13.26 19.03 -38.46
CA SER A 319 13.99 19.15 -37.20
C SER A 319 15.45 18.72 -37.30
N LYS A 320 16.33 19.48 -36.66
CA LYS A 320 17.73 19.13 -36.57
C LYS A 320 18.14 18.89 -35.12
N ARG A 321 17.15 18.68 -34.26
CA ARG A 321 17.36 18.55 -32.82
C ARG A 321 16.68 17.32 -32.22
N GLY A 322 17.12 16.93 -31.02
CA GLY A 322 16.50 15.84 -30.30
C GLY A 322 16.82 14.48 -30.87
N TYR A 323 15.80 13.82 -31.39
CA TYR A 323 15.96 12.50 -31.98
C TYR A 323 14.85 12.20 -32.96
N THR A 324 15.06 11.17 -33.78
CA THR A 324 14.13 10.84 -34.86
C THR A 324 13.01 9.90 -34.41
N ALA A 325 12.04 9.70 -35.29
CA ALA A 325 10.93 8.79 -35.03
C ALA A 325 11.43 7.36 -34.86
N PHE A 326 12.46 7.02 -35.63
CA PHE A 326 13.10 5.71 -35.57
C PHE A 326 13.66 5.45 -34.17
N VAL A 327 14.41 6.43 -33.65
CA VAL A 327 14.98 6.35 -32.31
C VAL A 327 13.89 6.20 -31.25
N LEU A 328 12.82 6.97 -31.38
CA LEU A 328 11.71 6.93 -30.43
C LEU A 328 11.09 5.53 -30.39
N ALA A 329 10.84 4.95 -31.56
CA ALA A 329 10.21 3.64 -31.62
C ALA A 329 11.09 2.56 -31.01
N LYS A 330 12.39 2.61 -31.29
CA LYS A 330 13.32 1.61 -30.77
C LYS A 330 13.41 1.70 -29.24
N MET A 331 13.40 2.92 -28.71
CA MET A 331 13.40 3.11 -27.26
C MET A 331 12.15 2.50 -26.65
N SER A 332 11.02 2.68 -27.34
CA SER A 332 9.73 2.24 -26.81
C SER A 332 9.71 0.73 -26.61
N ARG A 333 10.40 0.02 -27.49
CA ARG A 333 10.48 -1.43 -27.37
C ARG A 333 11.23 -1.83 -26.11
N LEU A 334 12.33 -1.14 -25.84
CA LEU A 334 13.09 -1.37 -24.62
C LEU A 334 12.25 -1.03 -23.38
N GLN A 335 11.49 0.05 -23.45
CA GLN A 335 10.63 0.46 -22.35
C GLN A 335 9.53 -0.55 -22.03
N GLY A 336 9.09 -1.29 -23.05
CA GLY A 336 8.12 -2.34 -22.87
C GLY A 336 6.74 -2.04 -23.46
N ALA A 337 6.70 -1.12 -24.41
CA ALA A 337 5.47 -0.85 -25.14
C ALA A 337 5.08 -2.10 -25.93
N SER A 338 3.80 -2.49 -25.86
CA SER A 338 3.33 -3.64 -26.63
C SER A 338 3.17 -3.24 -28.09
N GLY A 339 2.89 -1.97 -28.32
CA GLY A 339 2.81 -1.42 -29.66
C GLY A 339 3.03 0.06 -29.63
N ILE A 340 3.46 0.62 -30.75
CA ILE A 340 3.69 2.05 -30.85
C ILE A 340 3.38 2.55 -32.26
N HIS A 341 2.87 3.77 -32.32
CA HIS A 341 2.59 4.47 -33.57
C HIS A 341 3.89 4.74 -34.33
N VAL A 342 3.89 4.51 -35.64
CA VAL A 342 5.08 4.72 -36.47
C VAL A 342 4.76 5.63 -37.67
N GLY A 343 3.51 6.07 -37.75
CA GLY A 343 3.02 6.97 -38.78
C GLY A 343 2.55 6.25 -40.04
N THR A 344 2.25 7.00 -41.11
CA THR A 344 1.68 6.38 -42.30
C THR A 344 2.69 6.32 -43.45
N MET A 345 3.92 6.70 -43.16
CA MET A 345 5.02 6.55 -44.10
C MET A 345 4.71 7.28 -45.41
N GLY A 346 4.16 8.49 -45.28
CA GLY A 346 3.90 9.33 -46.43
C GLY A 346 2.58 9.06 -47.14
N TYR A 347 1.83 8.09 -46.64
CA TYR A 347 0.56 7.69 -47.24
C TYR A 347 -0.68 8.27 -46.56
N GLY A 348 -0.52 9.30 -45.73
CA GLY A 348 -1.68 9.89 -45.08
C GLY A 348 -1.62 11.38 -44.82
N LYS A 349 -1.85 11.84 -43.59
CA LYS A 349 -1.82 13.30 -43.32
C LYS A 349 -0.70 13.84 -42.45
N MET A 350 0.11 12.99 -41.86
CA MET A 350 1.24 13.47 -41.06
C MET A 350 2.51 13.51 -41.91
N GLU A 351 3.65 13.76 -41.27
CA GLU A 351 4.95 13.84 -41.92
C GLU A 351 5.69 12.52 -41.81
N GLY A 352 5.83 11.88 -42.96
CA GLY A 352 6.47 10.58 -43.07
C GLY A 352 6.70 10.25 -44.53
N GLY A 353 7.60 9.30 -44.77
CA GLY A 353 7.95 8.93 -46.13
C GLY A 353 8.11 7.42 -46.19
N LYS A 354 8.25 6.89 -47.40
CA LYS A 354 8.29 5.44 -47.57
C LYS A 354 9.46 4.76 -46.89
N ASP A 355 10.56 5.47 -46.66
CA ASP A 355 11.72 4.86 -46.02
C ASP A 355 11.46 4.62 -44.53
N ASP A 356 10.37 5.17 -44.00
CA ASP A 356 10.02 4.98 -42.58
C ASP A 356 9.62 3.55 -42.25
N ARG A 357 9.52 2.70 -43.27
CA ARG A 357 9.17 1.30 -43.08
C ARG A 357 10.22 0.57 -42.25
N ILE A 358 11.43 1.11 -42.23
CA ILE A 358 12.52 0.54 -41.44
C ILE A 358 12.20 0.65 -39.96
N ILE A 359 11.41 1.65 -39.58
CA ILE A 359 10.98 1.81 -38.19
C ILE A 359 10.16 0.59 -37.76
N ALA A 360 9.25 0.14 -38.61
CA ALA A 360 8.44 -1.02 -38.32
C ALA A 360 9.31 -2.28 -38.21
N TYR A 361 10.26 -2.41 -39.14
CA TYR A 361 11.14 -3.57 -39.18
C TYR A 361 11.96 -3.69 -37.89
N MET A 362 12.46 -2.56 -37.40
CA MET A 362 13.33 -2.55 -36.23
C MET A 362 12.60 -2.98 -34.96
N ILE A 363 11.32 -2.65 -34.85
CA ILE A 363 10.57 -2.94 -33.62
C ILE A 363 9.88 -4.30 -33.62
N GLU A 364 9.72 -4.91 -34.79
CA GLU A 364 8.96 -6.16 -34.92
C GLU A 364 9.87 -7.35 -35.19
N ARG A 365 11.05 -7.12 -35.73
CA ARG A 365 11.97 -8.22 -36.06
C ARG A 365 12.93 -8.54 -34.92
N ASP A 366 13.52 -9.72 -34.97
CA ASP A 366 14.51 -10.15 -33.98
C ASP A 366 15.90 -9.70 -34.41
N SER A 367 16.04 -9.39 -35.70
CA SER A 367 17.30 -8.96 -36.29
C SER A 367 17.05 -7.93 -37.37
N CYS A 368 17.62 -6.74 -37.20
CA CYS A 368 17.38 -5.68 -38.16
C CYS A 368 18.54 -4.68 -38.16
N THR A 369 18.74 -4.04 -39.31
CA THR A 369 19.81 -3.06 -39.47
C THR A 369 19.21 -1.67 -39.55
N GLY A 370 19.58 -0.82 -38.61
CA GLY A 370 19.14 0.56 -38.63
C GLY A 370 19.97 1.40 -39.55
N PRO A 371 19.77 2.73 -39.52
CA PRO A 371 20.51 3.67 -40.35
C PRO A 371 22.03 3.64 -40.13
N PHE A 372 22.45 3.27 -38.92
CA PHE A 372 23.88 3.27 -38.57
C PHE A 372 24.31 1.99 -37.85
N TYR A 373 23.39 1.35 -37.15
CA TYR A 373 23.73 0.18 -36.35
C TYR A 373 22.83 -1.02 -36.64
N HIS A 374 23.45 -2.19 -36.76
CA HIS A 374 22.72 -3.44 -36.78
C HIS A 374 22.37 -3.83 -35.36
N GLN A 375 21.16 -4.34 -35.15
CA GLN A 375 20.72 -4.70 -33.81
C GLN A 375 20.19 -6.14 -33.78
N GLU A 376 20.75 -6.93 -32.87
CA GLU A 376 20.19 -8.22 -32.51
C GLU A 376 19.34 -8.02 -31.26
N TRP A 377 18.16 -8.64 -31.22
CA TRP A 377 17.25 -8.46 -30.09
C TRP A 377 17.19 -9.67 -29.16
N TYR A 378 17.82 -10.77 -29.58
CA TYR A 378 17.97 -11.95 -28.74
C TYR A 378 16.66 -12.41 -28.11
N GLY A 379 15.59 -12.36 -28.90
CA GLY A 379 14.31 -12.91 -28.47
C GLY A 379 13.41 -11.96 -27.71
N MET A 380 13.83 -10.71 -27.52
CA MET A 380 12.96 -9.71 -26.89
C MET A 380 11.69 -9.57 -27.73
N LYS A 381 10.54 -9.48 -27.07
CA LYS A 381 9.29 -9.45 -27.82
C LYS A 381 9.18 -8.28 -28.77
N PRO A 382 8.45 -8.48 -29.88
CA PRO A 382 8.31 -7.41 -30.85
C PRO A 382 7.24 -6.40 -30.43
N THR A 383 7.49 -5.13 -30.73
CA THR A 383 6.51 -4.08 -30.56
C THR A 383 5.74 -3.93 -31.85
N THR A 384 4.41 -3.86 -31.74
CA THR A 384 3.57 -3.79 -32.93
C THR A 384 3.69 -2.42 -33.61
N PRO A 385 3.92 -2.41 -34.93
CA PRO A 385 3.76 -1.13 -35.61
C PRO A 385 2.31 -0.74 -35.78
N ILE A 386 1.92 0.39 -35.19
CA ILE A 386 0.54 0.88 -35.29
C ILE A 386 0.37 2.02 -36.29
N ILE A 387 -0.52 1.84 -37.28
CA ILE A 387 -0.68 2.85 -38.34
C ILE A 387 -1.93 3.67 -38.01
N SER A 388 -1.72 4.97 -37.97
CA SER A 388 -2.81 5.91 -37.76
C SER A 388 -2.55 7.30 -38.33
N GLY A 389 -3.61 7.96 -38.75
CA GLY A 389 -3.51 9.34 -39.22
C GLY A 389 -3.82 9.68 -40.67
N GLY A 390 -5.10 9.67 -40.98
CA GLY A 390 -5.59 10.06 -42.28
C GLY A 390 -5.72 8.92 -43.26
N MET A 391 -5.74 7.69 -42.74
CA MET A 391 -5.89 6.54 -43.63
C MET A 391 -7.36 6.21 -43.87
N ASN A 392 -7.59 5.61 -45.02
CA ASN A 392 -8.86 5.01 -45.37
C ASN A 392 -8.62 3.85 -46.33
N ALA A 393 -9.70 3.18 -46.71
CA ALA A 393 -9.60 1.98 -47.53
C ALA A 393 -8.88 2.27 -48.86
N LEU A 394 -8.97 3.50 -49.35
CA LEU A 394 -8.40 3.84 -50.65
C LEU A 394 -6.88 4.03 -50.56
N ARG A 395 -6.41 4.48 -49.40
CA ARG A 395 -4.99 4.75 -49.19
C ARG A 395 -4.21 3.50 -48.77
N LEU A 396 -4.93 2.52 -48.23
CA LEU A 396 -4.30 1.34 -47.66
C LEU A 396 -3.49 0.43 -48.59
N PRO A 397 -4.00 0.14 -49.79
CA PRO A 397 -3.28 -0.71 -50.76
C PRO A 397 -1.85 -0.26 -51.05
N GLY A 398 -1.68 1.05 -51.22
CA GLY A 398 -0.36 1.63 -51.46
C GLY A 398 0.53 1.49 -50.25
N PHE A 399 -0.05 1.66 -49.07
CA PHE A 399 0.71 1.55 -47.82
C PHE A 399 1.27 0.14 -47.63
N PHE A 400 0.45 -0.87 -47.88
CA PHE A 400 0.86 -2.27 -47.71
C PHE A 400 1.96 -2.64 -48.70
N GLU A 401 1.88 -2.11 -49.91
CA GLU A 401 2.86 -2.41 -50.93
C GLU A 401 4.23 -1.89 -50.51
N ASN A 402 4.28 -0.70 -49.92
CA ASN A 402 5.54 -0.17 -49.45
C ASN A 402 6.09 -0.96 -48.26
N LEU A 403 5.22 -1.36 -47.33
CA LEU A 403 5.66 -2.05 -46.13
C LEU A 403 6.03 -3.52 -46.37
N GLY A 404 5.23 -4.21 -47.19
CA GLY A 404 5.49 -5.60 -47.48
C GLY A 404 4.66 -6.61 -46.71
N HIS A 405 3.83 -6.15 -45.78
CA HIS A 405 2.98 -7.07 -45.01
C HIS A 405 1.88 -6.31 -44.29
N GLY A 406 1.00 -7.05 -43.62
CA GLY A 406 -0.09 -6.45 -42.87
C GLY A 406 -0.21 -6.90 -41.42
N ASN A 407 0.88 -7.41 -40.82
CA ASN A 407 0.85 -7.77 -39.41
C ASN A 407 0.89 -6.50 -38.57
N VAL A 408 -0.21 -5.76 -38.63
CA VAL A 408 -0.32 -4.45 -38.00
C VAL A 408 -1.70 -4.18 -37.41
N ILE A 409 -1.76 -3.21 -36.51
CA ILE A 409 -3.02 -2.64 -36.10
C ILE A 409 -3.20 -1.34 -36.85
N ASN A 410 -4.32 -1.18 -37.55
CA ASN A 410 -4.60 0.04 -38.30
C ASN A 410 -5.84 0.75 -37.83
N THR A 411 -5.64 1.81 -37.06
CA THR A 411 -6.74 2.65 -36.59
C THR A 411 -7.06 3.81 -37.53
N ALA A 412 -8.30 3.89 -37.99
CA ALA A 412 -8.69 4.94 -38.94
C ALA A 412 -9.97 5.57 -38.40
N GLY A 413 -9.85 6.76 -37.83
CA GLY A 413 -11.00 7.49 -37.33
C GLY A 413 -11.87 8.07 -38.43
N GLY A 414 -11.24 8.88 -39.27
CA GLY A 414 -11.93 9.52 -40.37
C GLY A 414 -12.35 8.49 -41.40
N GLY A 415 -11.46 7.53 -41.67
CA GLY A 415 -11.73 6.53 -42.68
C GLY A 415 -12.94 5.68 -42.36
N SER A 416 -13.26 5.56 -41.07
CA SER A 416 -14.40 4.76 -40.63
C SER A 416 -15.68 5.59 -40.49
N TYR A 417 -15.70 6.54 -39.56
CA TYR A 417 -16.88 7.34 -39.29
C TYR A 417 -17.19 8.30 -40.43
N GLY A 418 -16.19 8.49 -41.30
CA GLY A 418 -16.27 9.33 -42.48
C GLY A 418 -16.95 8.62 -43.65
N HIS A 419 -17.18 7.32 -43.49
CA HIS A 419 -17.78 6.47 -44.52
C HIS A 419 -19.23 6.83 -44.78
N ILE A 420 -19.58 6.86 -46.06
CA ILE A 420 -20.88 7.34 -46.51
C ILE A 420 -22.05 6.52 -45.98
N ASP A 421 -21.84 5.22 -45.76
CA ASP A 421 -22.91 4.35 -45.30
C ASP A 421 -23.04 4.28 -43.78
N SER A 422 -21.99 3.78 -43.14
CA SER A 422 -21.96 3.61 -41.70
C SER A 422 -20.56 3.33 -41.19
N PRO A 423 -20.32 3.51 -39.88
CA PRO A 423 -19.02 3.18 -39.30
C PRO A 423 -18.65 1.71 -39.50
N ALA A 424 -19.64 0.83 -39.44
CA ALA A 424 -19.42 -0.60 -39.67
C ALA A 424 -18.96 -0.84 -41.11
N ALA A 425 -19.64 -0.21 -42.06
CA ALA A 425 -19.28 -0.33 -43.47
C ALA A 425 -17.84 0.18 -43.68
N GLY A 426 -17.49 1.23 -42.96
CA GLY A 426 -16.15 1.78 -43.01
C GLY A 426 -15.12 0.76 -42.55
N ALA A 427 -15.45 0.05 -41.47
CA ALA A 427 -14.57 -0.98 -40.93
C ALA A 427 -14.36 -2.10 -41.92
N VAL A 428 -15.44 -2.50 -42.60
CA VAL A 428 -15.38 -3.55 -43.60
C VAL A 428 -14.50 -3.13 -44.77
N SER A 429 -14.63 -1.87 -45.18
CA SER A 429 -13.87 -1.37 -46.30
C SER A 429 -12.37 -1.42 -46.02
N LEU A 430 -11.99 -1.16 -44.77
CA LEU A 430 -10.59 -1.23 -44.38
C LEU A 430 -10.07 -2.66 -44.53
N ARG A 431 -10.86 -3.62 -44.08
CA ARG A 431 -10.48 -5.03 -44.17
C ARG A 431 -10.43 -5.51 -45.61
N GLN A 432 -11.38 -5.06 -46.41
CA GLN A 432 -11.44 -5.44 -47.82
C GLN A 432 -10.23 -4.89 -48.57
N ALA A 433 -9.74 -3.73 -48.14
CA ALA A 433 -8.56 -3.12 -48.73
C ALA A 433 -7.30 -3.97 -48.50
N TYR A 434 -7.20 -4.57 -47.31
CA TYR A 434 -6.07 -5.44 -47.00
C TYR A 434 -6.17 -6.72 -47.81
N GLU A 435 -7.38 -7.27 -47.87
CA GLU A 435 -7.64 -8.49 -48.63
C GLU A 435 -7.36 -8.23 -50.10
N CYS A 436 -7.61 -7.00 -50.55
CA CYS A 436 -7.32 -6.61 -51.93
C CYS A 436 -5.82 -6.71 -52.17
N TRP A 437 -5.03 -6.06 -51.32
CA TRP A 437 -3.59 -6.09 -51.48
C TRP A 437 -3.01 -7.50 -51.33
N LYS A 438 -3.50 -8.23 -50.34
CA LYS A 438 -3.03 -9.59 -50.07
C LYS A 438 -3.28 -10.49 -51.29
N ALA A 439 -4.39 -10.26 -51.97
CA ALA A 439 -4.76 -11.05 -53.13
C ALA A 439 -4.06 -10.53 -54.40
N GLY A 440 -3.37 -9.41 -54.25
CA GLY A 440 -2.66 -8.79 -55.36
C GLY A 440 -3.62 -8.32 -56.44
N ALA A 441 -4.83 -7.95 -56.02
CA ALA A 441 -5.87 -7.56 -56.97
C ALA A 441 -5.85 -6.08 -57.32
N ASP A 442 -6.52 -5.76 -58.42
CA ASP A 442 -6.72 -4.37 -58.84
C ASP A 442 -7.83 -3.77 -58.00
N PRO A 443 -7.58 -2.64 -57.31
CA PRO A 443 -8.61 -2.07 -56.44
C PRO A 443 -9.91 -1.76 -57.18
N ILE A 444 -9.83 -1.25 -58.40
CA ILE A 444 -11.02 -0.95 -59.18
C ILE A 444 -11.79 -2.23 -59.50
N GLU A 445 -11.10 -3.30 -59.88
CA GLU A 445 -11.79 -4.54 -60.19
C GLU A 445 -12.27 -5.20 -58.90
N TRP A 446 -11.49 -5.04 -57.85
CA TRP A 446 -11.85 -5.56 -56.54
C TRP A 446 -13.10 -4.87 -56.00
N ALA A 447 -13.24 -3.58 -56.30
CA ALA A 447 -14.37 -2.79 -55.84
C ALA A 447 -15.68 -3.29 -56.46
N LYS A 448 -15.59 -3.80 -57.68
CA LYS A 448 -16.76 -4.27 -58.40
C LYS A 448 -17.43 -5.45 -57.71
N GLU A 449 -16.71 -6.10 -56.81
CA GLU A 449 -17.21 -7.28 -56.09
C GLU A 449 -17.17 -7.13 -54.57
N HIS A 450 -16.90 -5.91 -54.10
CA HIS A 450 -16.87 -5.65 -52.66
C HIS A 450 -17.50 -4.29 -52.39
N LYS A 451 -18.77 -4.32 -51.99
CA LYS A 451 -19.59 -3.12 -51.89
C LYS A 451 -19.05 -2.05 -50.94
N GLU A 452 -18.69 -2.48 -49.73
CA GLU A 452 -18.18 -1.55 -48.71
C GLU A 452 -16.94 -0.80 -49.22
N PHE A 453 -16.02 -1.55 -49.82
CA PHE A 453 -14.81 -0.96 -50.40
C PHE A 453 -15.15 0.05 -51.49
N ALA A 454 -16.10 -0.33 -52.35
CA ALA A 454 -16.53 0.53 -53.45
C ALA A 454 -17.13 1.85 -52.96
N ARG A 455 -17.93 1.77 -51.90
CA ARG A 455 -18.61 2.96 -51.37
C ARG A 455 -17.64 3.93 -50.72
N ALA A 456 -16.44 3.46 -50.41
CA ALA A 456 -15.41 4.32 -49.85
C ALA A 456 -14.92 5.31 -50.90
N PHE A 457 -15.02 4.93 -52.18
CA PHE A 457 -14.68 5.84 -53.27
C PHE A 457 -15.58 7.06 -53.22
N GLU A 458 -16.87 6.81 -52.98
CA GLU A 458 -17.86 7.89 -52.92
C GLU A 458 -17.78 8.62 -51.59
N SER A 459 -17.18 7.99 -50.59
CA SER A 459 -17.04 8.63 -49.29
C SER A 459 -15.90 9.64 -49.32
N PHE A 460 -14.88 9.34 -50.12
CA PHE A 460 -13.69 10.19 -50.21
C PHE A 460 -13.29 10.43 -51.66
N PRO A 461 -14.17 11.10 -52.43
CA PRO A 461 -14.00 11.31 -53.87
C PRO A 461 -12.69 12.02 -54.23
N LYS A 462 -12.25 12.95 -53.39
CA LYS A 462 -11.03 13.67 -53.67
C LYS A 462 -9.81 12.75 -53.64
N ASP A 463 -9.76 11.82 -52.70
CA ASP A 463 -8.67 10.83 -52.69
C ASP A 463 -8.82 9.88 -53.87
N ALA A 464 -10.07 9.57 -54.19
CA ALA A 464 -10.40 8.65 -55.27
C ALA A 464 -9.97 9.20 -56.62
N ASP A 465 -10.19 10.50 -56.83
CA ASP A 465 -9.83 11.13 -58.08
C ASP A 465 -8.32 11.10 -58.31
N LYS A 466 -7.54 11.33 -57.26
CA LYS A 466 -6.09 11.35 -57.37
C LYS A 466 -5.57 9.93 -57.63
N LEU A 467 -5.99 8.98 -56.79
CA LEU A 467 -5.47 7.61 -56.81
C LEU A 467 -6.02 6.73 -57.93
N PHE A 468 -7.29 6.87 -58.25
CA PHE A 468 -7.95 6.01 -59.23
C PHE A 468 -8.76 6.82 -60.24
N PRO A 469 -8.08 7.58 -61.11
CA PRO A 469 -8.81 8.39 -62.08
C PRO A 469 -9.68 7.57 -63.01
N GLY A 470 -10.91 8.04 -63.23
CA GLY A 470 -11.86 7.36 -64.07
C GLY A 470 -12.73 6.38 -63.32
N TRP A 471 -12.63 6.39 -61.99
CA TRP A 471 -13.35 5.44 -61.15
C TRP A 471 -14.87 5.56 -61.24
N ARG A 472 -15.37 6.78 -61.39
CA ARG A 472 -16.80 7.01 -61.43
C ARG A 472 -17.39 6.22 -62.59
N GLU A 473 -16.71 6.32 -63.72
CA GLU A 473 -17.10 5.65 -64.96
C GLU A 473 -16.96 4.14 -64.86
N LYS A 474 -15.82 3.72 -64.31
CA LYS A 474 -15.47 2.32 -64.21
C LYS A 474 -16.32 1.51 -63.25
N LEU A 475 -16.75 2.10 -62.13
CA LEU A 475 -17.52 1.33 -61.18
C LEU A 475 -19.03 1.43 -61.37
N GLY A 476 -19.47 2.26 -62.31
CA GLY A 476 -20.90 2.40 -62.57
C GLY A 476 -21.62 2.99 -61.37
N VAL A 477 -21.11 4.06 -60.78
CA VAL A 477 -21.76 4.64 -59.60
C VAL A 477 -23.15 5.21 -59.89
N HIS A 478 -23.26 5.99 -60.94
CA HIS A 478 -24.53 6.60 -61.32
C HIS A 478 -25.60 5.55 -61.59
N GLN B 23 -29.82 -40.14 -11.11
CA GLN B 23 -28.78 -39.16 -11.40
C GLN B 23 -28.07 -39.47 -12.71
N SER B 24 -28.01 -40.74 -13.07
CA SER B 24 -27.37 -41.16 -14.31
C SER B 24 -28.01 -40.45 -15.50
N ASN B 25 -29.33 -40.36 -15.49
CA ASN B 25 -30.08 -39.74 -16.58
C ASN B 25 -29.68 -38.28 -16.78
N ARG B 26 -29.36 -37.59 -15.69
CA ARG B 26 -29.03 -36.17 -15.74
C ARG B 26 -27.54 -35.85 -15.92
N TYR B 27 -26.66 -36.57 -15.23
CA TYR B 27 -25.25 -36.19 -15.20
C TYR B 27 -24.38 -37.07 -16.09
N ALA B 28 -25.02 -37.81 -16.98
CA ALA B 28 -24.27 -38.59 -17.96
C ALA B 28 -24.99 -38.53 -19.31
N ASP B 29 -24.20 -38.35 -20.35
CA ASP B 29 -24.67 -38.42 -21.73
C ASP B 29 -23.54 -39.06 -22.52
N LEU B 30 -23.55 -40.39 -22.56
CA LEU B 30 -22.47 -41.16 -23.16
C LEU B 30 -22.51 -41.11 -24.67
N SER B 31 -23.49 -40.41 -25.23
CA SER B 31 -23.59 -40.28 -26.67
C SER B 31 -22.91 -39.01 -27.15
N LEU B 32 -22.45 -38.18 -26.21
CA LEU B 32 -21.70 -37.00 -26.60
C LEU B 32 -20.39 -37.48 -27.23
N LYS B 33 -19.99 -36.84 -28.32
CA LYS B 33 -18.73 -37.14 -28.99
C LYS B 33 -17.59 -36.27 -28.45
N GLU B 34 -16.49 -36.88 -28.03
CA GLU B 34 -15.37 -36.10 -27.50
C GLU B 34 -14.84 -35.12 -28.54
N GLU B 35 -14.84 -35.55 -29.81
CA GLU B 35 -14.37 -34.71 -30.89
C GLU B 35 -15.17 -33.42 -30.97
N ASP B 36 -16.48 -33.52 -30.75
CA ASP B 36 -17.37 -32.38 -30.77
C ASP B 36 -17.18 -31.48 -29.55
N LEU B 37 -16.99 -32.08 -28.40
CA LEU B 37 -16.78 -31.34 -27.16
C LEU B 37 -15.54 -30.46 -27.28
N ILE B 38 -14.51 -31.00 -27.94
CA ILE B 38 -13.27 -30.28 -28.16
C ILE B 38 -13.45 -29.16 -29.16
N LYS B 39 -14.07 -29.47 -30.30
CA LYS B 39 -14.28 -28.48 -31.35
C LYS B 39 -15.13 -27.32 -30.86
N GLY B 40 -16.08 -27.60 -29.97
CA GLY B 40 -16.94 -26.58 -29.41
C GLY B 40 -16.17 -25.54 -28.60
N GLY B 41 -15.19 -26.01 -27.84
CA GLY B 41 -14.34 -25.13 -27.04
C GLY B 41 -15.05 -24.55 -25.83
N ASN B 42 -16.17 -25.15 -25.44
CA ASN B 42 -16.99 -24.66 -24.33
C ASN B 42 -16.87 -25.48 -23.06
N HIS B 43 -16.01 -26.48 -23.08
CA HIS B 43 -15.83 -27.38 -21.94
C HIS B 43 -14.37 -27.67 -21.65
N ILE B 44 -14.07 -27.77 -20.36
CA ILE B 44 -12.85 -28.42 -19.91
C ILE B 44 -13.14 -29.92 -19.76
N LEU B 45 -12.35 -30.74 -20.43
CA LEU B 45 -12.51 -32.18 -20.37
C LEU B 45 -11.49 -32.75 -19.38
N VAL B 46 -11.91 -33.73 -18.60
CA VAL B 46 -11.04 -34.36 -17.60
C VAL B 46 -11.20 -35.87 -17.66
N ALA B 47 -10.07 -36.58 -17.74
CA ALA B 47 -10.07 -38.03 -17.76
C ALA B 47 -9.55 -38.59 -16.44
N TYR B 48 -10.32 -39.51 -15.85
CA TYR B 48 -9.97 -40.12 -14.58
C TYR B 48 -9.81 -41.64 -14.69
N THR B 49 -9.04 -42.20 -13.78
CA THR B 49 -9.20 -43.60 -13.40
C THR B 49 -10.22 -43.60 -12.27
N MET B 50 -11.11 -44.58 -12.26
CA MET B 50 -12.12 -44.64 -11.20
C MET B 50 -12.53 -46.07 -10.89
N GLU B 51 -12.68 -46.34 -9.60
CA GLU B 51 -13.20 -47.61 -9.12
C GLU B 51 -14.32 -47.29 -8.11
N PRO B 52 -15.53 -47.80 -8.37
CA PRO B 52 -16.62 -47.53 -7.43
C PRO B 52 -16.53 -48.39 -6.17
N ALA B 53 -17.18 -47.95 -5.10
CA ALA B 53 -17.24 -48.75 -3.90
C ALA B 53 -18.01 -50.03 -4.19
N ALA B 54 -17.91 -51.00 -3.28
CA ALA B 54 -18.58 -52.29 -3.44
C ALA B 54 -20.09 -52.13 -3.60
N GLY B 55 -20.64 -52.83 -4.60
CA GLY B 55 -22.07 -52.84 -4.83
C GLY B 55 -22.59 -51.65 -5.61
N VAL B 56 -21.68 -50.76 -5.98
CA VAL B 56 -22.03 -49.57 -6.73
C VAL B 56 -21.70 -49.75 -8.20
N GLY B 57 -22.68 -49.50 -9.06
CA GLY B 57 -22.54 -49.57 -10.50
C GLY B 57 -21.59 -48.51 -11.00
N TYR B 58 -20.94 -48.78 -12.13
CA TYR B 58 -19.90 -47.87 -12.61
C TYR B 58 -20.48 -46.54 -13.10
N LEU B 59 -21.54 -46.60 -13.89
CA LEU B 59 -22.16 -45.40 -14.43
C LEU B 59 -22.77 -44.55 -13.32
N GLU B 60 -23.44 -45.21 -12.38
CA GLU B 60 -24.07 -44.50 -11.28
C GLU B 60 -23.02 -43.82 -10.41
N ALA B 61 -21.85 -44.43 -10.33
CA ALA B 61 -20.72 -43.83 -9.61
C ALA B 61 -20.22 -42.62 -10.35
N ALA B 62 -20.01 -42.78 -11.65
CA ALA B 62 -19.52 -41.71 -12.49
C ALA B 62 -20.48 -40.54 -12.50
N ALA B 63 -21.77 -40.82 -12.63
CA ALA B 63 -22.77 -39.77 -12.65
C ALA B 63 -22.79 -39.02 -11.32
N HIS B 64 -22.65 -39.76 -10.23
CA HIS B 64 -22.62 -39.14 -8.91
C HIS B 64 -21.39 -38.24 -8.76
N ILE B 65 -20.25 -38.71 -9.26
CA ILE B 65 -19.02 -37.93 -9.25
C ILE B 65 -19.19 -36.62 -10.02
N ALA B 66 -19.83 -36.68 -11.18
CA ALA B 66 -20.03 -35.50 -12.00
C ALA B 66 -20.88 -34.46 -11.26
N ALA B 67 -21.92 -34.95 -10.59
CA ALA B 67 -22.81 -34.09 -9.82
C ALA B 67 -22.11 -33.41 -8.65
N GLU B 68 -21.39 -34.20 -7.85
CA GLU B 68 -20.70 -33.67 -6.69
C GLU B 68 -19.59 -32.71 -7.10
N SER B 69 -19.17 -32.80 -8.36
CA SER B 69 -18.09 -31.96 -8.89
C SER B 69 -18.59 -30.74 -9.65
N SER B 70 -19.90 -30.49 -9.61
CA SER B 70 -20.48 -29.35 -10.29
C SER B 70 -21.71 -28.77 -9.58
N THR B 71 -22.88 -29.15 -10.07
CA THR B 71 -24.15 -28.52 -9.70
C THR B 71 -25.04 -29.19 -8.65
N GLY B 72 -24.72 -30.38 -8.16
CA GLY B 72 -25.57 -30.97 -7.13
C GLY B 72 -24.99 -31.70 -5.94
N THR B 73 -25.89 -32.41 -5.27
CA THR B 73 -25.59 -33.14 -4.04
C THR B 73 -26.25 -34.51 -4.11
N ASN B 74 -26.37 -35.19 -2.97
CA ASN B 74 -26.87 -36.57 -2.94
C ASN B 74 -28.39 -36.69 -2.87
N VAL B 75 -29.09 -35.56 -2.88
CA VAL B 75 -30.56 -35.58 -2.92
C VAL B 75 -31.08 -34.45 -3.78
N GLU B 76 -32.37 -34.53 -4.12
CA GLU B 76 -33.03 -33.46 -4.88
C GLU B 76 -33.32 -32.27 -3.96
N VAL B 77 -33.24 -31.06 -4.50
CA VAL B 77 -33.50 -29.86 -3.72
C VAL B 77 -34.52 -28.96 -4.42
N SER B 78 -35.37 -28.30 -3.63
CA SER B 78 -36.45 -27.48 -4.16
C SER B 78 -35.96 -26.29 -4.97
N THR B 79 -34.71 -25.88 -4.73
CA THR B 79 -34.17 -24.66 -5.32
C THR B 79 -33.64 -24.83 -6.74
N THR B 80 -33.59 -26.07 -7.21
CA THR B 80 -33.06 -26.36 -8.55
C THR B 80 -33.97 -25.77 -9.63
N ASP B 81 -33.36 -24.99 -10.53
CA ASP B 81 -34.06 -24.47 -11.70
C ASP B 81 -33.48 -25.07 -12.97
N GLU B 82 -34.08 -24.74 -14.11
CA GLU B 82 -33.68 -25.31 -15.37
C GLU B 82 -32.37 -24.71 -15.87
N PHE B 83 -32.06 -23.51 -15.40
CA PHE B 83 -30.83 -22.86 -15.83
C PHE B 83 -29.65 -23.65 -15.28
N THR B 84 -29.79 -24.19 -14.07
CA THR B 84 -28.67 -24.90 -13.45
C THR B 84 -28.20 -26.09 -14.27
N LYS B 85 -29.13 -26.72 -14.98
CA LYS B 85 -28.81 -27.91 -15.79
C LYS B 85 -27.87 -27.62 -16.95
N GLY B 86 -27.87 -26.38 -17.40
CA GLY B 86 -27.08 -25.98 -18.54
C GLY B 86 -25.61 -25.98 -18.18
N VAL B 87 -25.31 -25.99 -16.88
CA VAL B 87 -23.93 -25.97 -16.42
C VAL B 87 -23.57 -27.26 -15.67
N ASP B 88 -24.44 -28.27 -15.77
CA ASP B 88 -24.15 -29.59 -15.21
C ASP B 88 -22.92 -30.19 -15.89
N ALA B 89 -22.03 -30.78 -15.08
CA ALA B 89 -20.96 -31.60 -15.61
C ALA B 89 -21.55 -32.91 -16.09
N LEU B 90 -21.04 -33.42 -17.20
CA LEU B 90 -21.55 -34.62 -17.85
C LEU B 90 -20.49 -35.69 -18.11
N VAL B 91 -20.77 -36.91 -17.65
CA VAL B 91 -19.98 -38.07 -18.04
C VAL B 91 -20.31 -38.38 -19.49
N TYR B 92 -19.31 -38.30 -20.37
CA TYR B 92 -19.51 -38.57 -21.81
C TYR B 92 -18.83 -39.86 -22.27
N PHE B 93 -18.07 -40.49 -21.38
CA PHE B 93 -17.41 -41.76 -21.69
C PHE B 93 -17.06 -42.54 -20.43
N ILE B 94 -17.30 -43.84 -20.46
CA ILE B 94 -16.82 -44.76 -19.43
C ILE B 94 -16.32 -46.08 -20.03
N ASP B 95 -15.29 -46.66 -19.40
CA ASP B 95 -14.85 -48.01 -19.70
C ASP B 95 -14.69 -48.76 -18.38
N GLU B 96 -15.74 -49.49 -17.99
CA GLU B 96 -15.77 -50.16 -16.69
C GLU B 96 -14.65 -51.19 -16.57
N ALA B 97 -14.33 -51.84 -17.69
CA ALA B 97 -13.29 -52.86 -17.71
C ALA B 97 -11.91 -52.28 -17.43
N LYS B 98 -11.62 -51.13 -18.05
CA LYS B 98 -10.33 -50.47 -17.88
C LYS B 98 -10.36 -49.48 -16.71
N GLY B 99 -11.55 -49.25 -16.16
CA GLY B 99 -11.71 -48.35 -15.04
C GLY B 99 -11.44 -46.90 -15.40
N ILE B 100 -11.94 -46.47 -16.56
CA ILE B 100 -11.76 -45.08 -17.00
C ILE B 100 -13.11 -44.35 -17.10
N MET B 101 -13.11 -43.07 -16.74
CA MET B 101 -14.26 -42.20 -16.96
C MET B 101 -13.79 -40.80 -17.36
N LYS B 102 -14.55 -40.17 -18.24
CA LYS B 102 -14.24 -38.81 -18.72
C LYS B 102 -15.45 -37.89 -18.55
N VAL B 103 -15.17 -36.69 -18.05
CA VAL B 103 -16.21 -35.73 -17.72
C VAL B 103 -15.97 -34.40 -18.44
N ALA B 104 -17.06 -33.81 -18.92
CA ALA B 104 -17.02 -32.50 -19.55
C ALA B 104 -17.55 -31.43 -18.58
N TYR B 105 -16.69 -30.47 -18.25
CA TYR B 105 -17.05 -29.37 -17.33
C TYR B 105 -17.28 -28.10 -18.12
N PRO B 106 -18.53 -27.58 -18.17
CA PRO B 106 -18.75 -26.30 -18.86
C PRO B 106 -17.87 -25.17 -18.32
N ASN B 107 -17.29 -24.37 -19.21
CA ASN B 107 -16.36 -23.32 -18.83
C ASN B 107 -16.88 -22.34 -17.78
N ASP B 108 -18.18 -22.04 -17.84
CA ASP B 108 -18.77 -21.03 -16.96
C ASP B 108 -18.81 -21.44 -15.49
N LEU B 109 -18.55 -22.72 -15.22
CA LEU B 109 -18.53 -23.18 -13.84
C LEU B 109 -17.39 -22.57 -13.03
N PHE B 110 -16.30 -22.26 -13.71
CA PHE B 110 -15.03 -21.93 -13.05
C PHE B 110 -14.96 -20.44 -12.66
N ASP B 111 -14.43 -20.20 -11.46
CA ASP B 111 -14.38 -18.88 -10.84
C ASP B 111 -13.48 -17.92 -11.62
N ARG B 112 -13.83 -16.64 -11.55
CA ARG B 112 -13.13 -15.59 -12.26
C ARG B 112 -12.79 -14.46 -11.28
N ASN B 113 -11.61 -13.86 -11.43
CA ASN B 113 -11.24 -12.71 -10.60
C ASN B 113 -12.18 -11.54 -10.85
N VAL B 114 -12.63 -10.92 -9.76
CA VAL B 114 -13.38 -9.68 -9.86
C VAL B 114 -12.45 -8.56 -10.31
N THR B 115 -11.16 -8.72 -9.99
CA THR B 115 -10.17 -7.69 -10.28
C THR B 115 -9.82 -7.61 -11.76
N ASP B 116 -9.64 -8.76 -12.41
CA ASP B 116 -9.15 -8.77 -13.79
C ASP B 116 -9.73 -9.90 -14.67
N GLY B 117 -10.72 -10.61 -14.16
CA GLY B 117 -11.48 -11.60 -14.90
C GLY B 117 -10.83 -12.93 -15.25
N ARG B 118 -9.58 -13.08 -14.90
CA ARG B 118 -8.83 -14.30 -15.22
C ARG B 118 -9.29 -15.48 -14.35
N VAL B 119 -9.12 -16.69 -14.87
CA VAL B 119 -9.46 -17.88 -14.08
C VAL B 119 -8.37 -18.23 -13.08
N MET B 120 -8.70 -19.13 -12.18
CA MET B 120 -7.82 -19.53 -11.09
C MET B 120 -7.78 -21.04 -10.97
N ILE B 121 -6.58 -21.56 -10.76
CA ILE B 121 -6.37 -23.01 -10.74
C ILE B 121 -7.04 -23.66 -9.54
N VAL B 122 -7.21 -22.91 -8.45
CA VAL B 122 -7.80 -23.46 -7.24
C VAL B 122 -9.28 -23.84 -7.47
N SER B 123 -9.96 -23.13 -8.37
CA SER B 123 -11.34 -23.46 -8.71
C SER B 123 -11.40 -24.76 -9.50
N PHE B 124 -10.46 -24.93 -10.42
CA PHE B 124 -10.32 -26.15 -11.19
C PHE B 124 -10.09 -27.33 -10.24
N LEU B 125 -9.27 -27.10 -9.22
CA LEU B 125 -8.97 -28.13 -8.24
C LEU B 125 -10.19 -28.44 -7.38
N THR B 126 -10.88 -27.40 -6.91
CA THR B 126 -12.04 -27.56 -6.04
C THR B 126 -13.11 -28.43 -6.69
N LEU B 127 -13.43 -28.12 -7.94
CA LEU B 127 -14.49 -28.82 -8.66
C LEU B 127 -14.06 -30.20 -9.13
N CYS B 128 -12.94 -30.28 -9.82
CA CYS B 128 -12.58 -31.48 -10.56
C CYS B 128 -11.87 -32.55 -9.73
N ILE B 129 -11.31 -32.17 -8.58
CA ILE B 129 -10.59 -33.15 -7.75
C ILE B 129 -10.70 -32.77 -6.26
N GLY B 130 -11.82 -32.15 -5.90
CA GLY B 130 -12.08 -31.73 -4.53
C GLY B 130 -12.89 -32.72 -3.70
N ASN B 131 -14.16 -32.41 -3.48
CA ASN B 131 -15.04 -33.23 -2.67
C ASN B 131 -15.14 -34.67 -3.15
N ASN B 132 -14.86 -34.88 -4.43
CA ASN B 132 -14.99 -36.22 -4.99
C ASN B 132 -13.94 -37.21 -4.52
N GLN B 133 -12.98 -36.73 -3.74
CA GLN B 133 -11.95 -37.60 -3.18
C GLN B 133 -12.39 -38.25 -1.87
N GLY B 134 -13.54 -37.84 -1.35
CA GLY B 134 -14.00 -38.37 -0.08
C GLY B 134 -15.39 -38.99 -0.09
N MET B 135 -15.90 -39.34 -1.27
CA MET B 135 -17.25 -39.93 -1.35
C MET B 135 -17.24 -41.39 -0.93
N GLY B 136 -18.22 -41.76 -0.13
CA GLY B 136 -18.28 -43.10 0.44
C GLY B 136 -18.61 -44.15 -0.59
N ASP B 137 -19.28 -43.77 -1.67
CA ASP B 137 -19.67 -44.73 -2.69
C ASP B 137 -18.62 -44.85 -3.79
N ILE B 138 -17.49 -44.16 -3.62
CA ILE B 138 -16.36 -44.21 -4.55
C ILE B 138 -15.13 -44.80 -3.86
N ALA B 139 -14.58 -45.90 -4.39
CA ALA B 139 -13.40 -46.50 -3.80
C ALA B 139 -12.15 -45.64 -4.04
N ASN B 140 -11.95 -45.21 -5.29
CA ASN B 140 -10.83 -44.33 -5.61
C ASN B 140 -11.06 -43.57 -6.91
N LEU B 141 -10.38 -42.44 -7.06
CA LEU B 141 -10.56 -41.58 -8.23
C LEU B 141 -9.33 -40.71 -8.44
N GLN B 142 -8.67 -40.87 -9.60
CA GLN B 142 -7.46 -40.10 -9.90
C GLN B 142 -7.48 -39.55 -11.32
N MET B 143 -7.15 -38.26 -11.43
CA MET B 143 -7.06 -37.57 -12.70
C MET B 143 -5.79 -37.94 -13.45
N GLN B 144 -5.95 -38.29 -14.72
CA GLN B 144 -4.85 -38.72 -15.57
C GLN B 144 -4.46 -37.64 -16.58
N ASP B 145 -5.43 -36.81 -16.96
CA ASP B 145 -5.22 -35.82 -18.03
C ASP B 145 -6.40 -34.86 -18.08
N PHE B 146 -6.20 -33.69 -18.68
CA PHE B 146 -7.30 -32.76 -18.91
C PHE B 146 -7.05 -31.91 -20.13
N TYR B 147 -8.13 -31.44 -20.76
CA TYR B 147 -8.04 -30.55 -21.91
C TYR B 147 -8.55 -29.14 -21.60
N VAL B 148 -7.75 -28.13 -21.94
CA VAL B 148 -8.11 -26.74 -21.73
C VAL B 148 -8.44 -26.09 -23.08
N PRO B 149 -9.68 -25.63 -23.27
CA PRO B 149 -10.02 -25.01 -24.56
C PRO B 149 -9.41 -23.61 -24.70
N PRO B 150 -9.37 -23.08 -25.93
CA PRO B 150 -8.75 -21.79 -26.25
C PRO B 150 -9.10 -20.63 -25.31
N ARG B 151 -10.38 -20.42 -25.04
CA ARG B 151 -10.80 -19.25 -24.26
C ARG B 151 -10.33 -19.34 -22.81
N MET B 152 -10.39 -20.53 -22.21
CA MET B 152 -9.94 -20.76 -20.84
C MET B 152 -8.43 -20.53 -20.76
N LEU B 153 -7.74 -20.99 -21.79
CA LEU B 153 -6.28 -20.82 -21.89
C LEU B 153 -5.86 -19.34 -21.97
N GLN B 154 -6.65 -18.54 -22.68
CA GLN B 154 -6.40 -17.11 -22.82
C GLN B 154 -6.52 -16.38 -21.48
N LEU B 155 -7.20 -17.01 -20.52
CA LEU B 155 -7.52 -16.39 -19.25
C LEU B 155 -6.66 -16.92 -18.11
N PHE B 156 -5.73 -17.81 -18.43
CA PHE B 156 -4.70 -18.24 -17.47
C PHE B 156 -3.48 -17.33 -17.58
N ASP B 157 -2.74 -17.16 -16.49
CA ASP B 157 -1.57 -16.30 -16.49
C ASP B 157 -0.52 -16.82 -17.48
N GLY B 158 -0.22 -18.10 -17.39
CA GLY B 158 0.85 -18.69 -18.18
C GLY B 158 2.21 -18.17 -17.73
N PRO B 159 3.29 -18.81 -18.22
CA PRO B 159 4.60 -18.32 -17.74
C PRO B 159 4.96 -16.96 -18.32
N ALA B 160 5.72 -16.20 -17.53
CA ALA B 160 6.22 -14.90 -17.95
C ALA B 160 7.71 -14.96 -18.26
N LYS B 161 8.38 -16.00 -17.75
CA LYS B 161 9.79 -16.19 -18.02
C LYS B 161 10.02 -17.67 -18.36
N ASP B 162 11.08 -17.98 -19.10
CA ASP B 162 11.40 -19.37 -19.42
C ASP B 162 12.92 -19.56 -19.60
N ILE B 163 13.33 -20.76 -20.00
CA ILE B 163 14.74 -21.12 -20.07
C ILE B 163 15.55 -20.26 -21.02
N SER B 164 14.90 -19.71 -22.04
CA SER B 164 15.58 -18.86 -23.02
C SER B 164 16.13 -17.61 -22.32
N ASP B 165 15.44 -17.18 -21.25
CA ASP B 165 15.88 -16.03 -20.49
C ASP B 165 17.19 -16.35 -19.75
N LEU B 166 17.33 -17.60 -19.32
CA LEU B 166 18.55 -18.04 -18.66
C LEU B 166 19.67 -18.21 -19.67
N TRP B 167 19.35 -18.80 -20.83
CA TRP B 167 20.29 -18.92 -21.92
C TRP B 167 20.85 -17.57 -22.34
N ARG B 168 19.99 -16.57 -22.43
CA ARG B 168 20.42 -15.23 -22.83
C ARG B 168 21.48 -14.71 -21.86
N ILE B 169 21.21 -14.84 -20.56
CA ILE B 169 22.15 -14.42 -19.53
C ILE B 169 23.48 -15.20 -19.66
N LEU B 170 23.39 -16.49 -19.93
CA LEU B 170 24.56 -17.35 -19.99
C LEU B 170 25.34 -17.19 -21.29
N GLY B 171 24.83 -16.36 -22.20
CA GLY B 171 25.52 -16.13 -23.47
C GLY B 171 25.37 -17.26 -24.46
N ARG B 172 24.30 -18.03 -24.30
CA ARG B 172 24.02 -19.16 -25.17
C ARG B 172 22.83 -18.86 -26.06
N PRO B 173 22.70 -19.61 -27.17
CA PRO B 173 21.60 -19.39 -28.13
C PRO B 173 20.26 -19.40 -27.41
N VAL B 174 19.42 -18.40 -27.64
CA VAL B 174 18.13 -18.35 -26.97
C VAL B 174 17.19 -19.43 -27.50
N LYS B 175 17.57 -20.04 -28.62
CA LYS B 175 16.91 -21.25 -29.14
C LYS B 175 17.88 -22.42 -29.06
N ASP B 176 17.47 -23.50 -28.39
CA ASP B 176 18.31 -24.69 -28.20
C ASP B 176 19.67 -24.37 -27.59
N GLY B 177 19.66 -23.57 -26.52
CA GLY B 177 20.88 -23.19 -25.83
C GLY B 177 21.51 -24.36 -25.09
N GLY B 178 20.73 -25.42 -24.90
CA GLY B 178 21.25 -26.67 -24.37
C GLY B 178 21.35 -26.80 -22.86
N TYR B 179 22.27 -27.63 -22.42
CA TYR B 179 22.37 -28.07 -21.04
C TYR B 179 22.84 -26.97 -20.07
N ILE B 180 22.08 -26.84 -18.98
CA ILE B 180 22.44 -25.94 -17.87
C ILE B 180 22.84 -26.75 -16.65
N SER B 181 24.11 -26.67 -16.27
CA SER B 181 24.64 -27.45 -15.17
C SER B 181 24.21 -26.78 -13.87
N GLY B 182 23.79 -27.58 -12.89
CA GLY B 182 23.37 -27.04 -11.61
C GLY B 182 23.51 -27.94 -10.40
N THR B 183 23.06 -27.44 -9.24
CA THR B 183 23.15 -28.20 -8.00
C THR B 183 22.23 -27.60 -6.94
N ILE B 184 22.09 -28.33 -5.84
CA ILE B 184 21.49 -27.88 -4.59
C ILE B 184 22.52 -27.83 -3.48
N ILE B 185 22.49 -26.82 -2.61
CA ILE B 185 23.49 -26.84 -1.56
C ILE B 185 23.23 -27.99 -0.59
N LYS B 186 24.31 -28.70 -0.28
CA LYS B 186 24.34 -29.84 0.62
C LYS B 186 25.21 -29.51 1.82
N PRO B 187 24.80 -29.83 3.04
CA PRO B 187 23.61 -30.47 3.60
C PRO B 187 22.35 -29.65 3.40
N LYS B 188 21.21 -30.32 3.41
CA LYS B 188 19.97 -29.68 3.03
C LYS B 188 19.58 -28.68 4.11
N LEU B 189 19.86 -29.02 5.37
CA LEU B 189 19.76 -28.05 6.45
C LEU B 189 20.99 -28.11 7.36
N GLY B 190 21.41 -26.96 7.88
CA GLY B 190 22.46 -26.92 8.88
C GLY B 190 23.68 -26.06 8.62
N LEU B 191 23.97 -25.70 7.38
CA LEU B 191 25.13 -24.86 7.16
C LEU B 191 24.88 -23.45 7.66
N ARG B 192 25.86 -22.89 8.34
CA ARG B 192 25.83 -21.50 8.78
C ARG B 192 26.16 -20.60 7.60
N PRO B 193 25.95 -19.28 7.73
CA PRO B 193 26.12 -18.38 6.57
C PRO B 193 27.46 -18.49 5.84
N GLU B 194 28.58 -18.38 6.55
CA GLU B 194 29.88 -18.39 5.88
C GLU B 194 30.14 -19.74 5.20
N PRO B 195 29.93 -20.86 5.92
CA PRO B 195 30.05 -22.18 5.28
C PRO B 195 29.11 -22.33 4.08
N PHE B 196 27.89 -21.82 4.19
CA PHE B 196 26.91 -21.93 3.10
C PHE B 196 27.39 -21.16 1.87
N ALA B 197 27.84 -19.93 2.07
CA ALA B 197 28.29 -19.08 0.97
C ALA B 197 29.55 -19.63 0.30
N LYS B 198 30.45 -20.18 1.12
CA LYS B 198 31.69 -20.77 0.62
C LYS B 198 31.36 -21.98 -0.27
N ALA B 199 30.39 -22.78 0.16
CA ALA B 199 29.96 -23.96 -0.59
C ALA B 199 29.37 -23.57 -1.94
N ALA B 200 28.65 -22.45 -1.95
CA ALA B 200 28.05 -21.93 -3.17
C ALA B 200 29.14 -21.53 -4.17
N TYR B 201 30.14 -20.83 -3.66
CA TYR B 201 31.29 -20.38 -4.46
C TYR B 201 31.99 -21.55 -5.16
N GLN B 202 32.22 -22.63 -4.41
CA GLN B 202 32.97 -23.78 -4.94
C GLN B 202 32.29 -24.41 -6.15
N PHE B 203 30.98 -24.56 -6.13
CA PHE B 203 30.28 -25.15 -7.27
C PHE B 203 30.31 -24.24 -8.51
N TRP B 204 30.07 -22.94 -8.30
CA TRP B 204 29.95 -21.99 -9.40
C TRP B 204 31.24 -21.83 -10.20
N LEU B 205 32.36 -22.28 -9.64
CA LEU B 205 33.63 -22.27 -10.34
C LEU B 205 33.58 -23.20 -11.56
N GLY B 206 32.63 -24.13 -11.56
CA GLY B 206 32.47 -25.09 -12.64
C GLY B 206 31.08 -25.13 -13.23
N GLY B 207 30.08 -24.78 -12.43
CA GLY B 207 28.67 -24.87 -12.81
C GLY B 207 27.96 -23.55 -13.00
N ASP B 208 26.74 -23.62 -13.54
CA ASP B 208 25.92 -22.44 -13.87
C ASP B 208 24.96 -22.06 -12.74
N PHE B 209 24.32 -23.07 -12.16
CA PHE B 209 23.05 -22.91 -11.46
C PHE B 209 23.08 -23.51 -10.05
N ILE B 210 22.75 -22.68 -9.06
CA ILE B 210 22.60 -23.14 -7.68
C ILE B 210 21.21 -22.79 -7.19
N KCX B 211 20.64 -23.67 -6.38
CA KCX B 211 19.36 -23.39 -5.79
CB KCX B 211 18.35 -24.21 -6.54
CG KCX B 211 18.41 -25.66 -6.18
CD KCX B 211 17.37 -26.51 -6.91
CE KCX B 211 15.97 -26.52 -6.23
NZ KCX B 211 16.05 -27.11 -4.86
C KCX B 211 19.37 -23.77 -4.36
O KCX B 211 20.09 -24.68 -3.97
CX KCX B 211 15.91 -28.55 -4.66
OQ1 KCX B 211 15.82 -29.33 -5.67
OQ2 KCX B 211 15.87 -29.04 -3.48
N ASN B 212 18.57 -23.08 -3.55
CA ASN B 212 18.36 -23.52 -2.18
C ASN B 212 17.80 -24.91 -2.24
N ASP B 213 18.14 -25.73 -1.26
CA ASP B 213 17.43 -26.96 -1.06
C ASP B 213 16.03 -26.51 -0.64
N GLU B 214 15.00 -27.33 -0.83
CA GLU B 214 13.60 -26.89 -0.64
C GLU B 214 13.24 -26.31 0.74
N PRO B 215 13.90 -26.76 1.83
CA PRO B 215 13.54 -26.25 3.16
C PRO B 215 14.37 -25.06 3.66
N GLN B 216 15.43 -24.67 2.98
CA GLN B 216 16.31 -23.63 3.50
C GLN B 216 15.75 -22.23 3.30
N GLY B 217 15.68 -21.47 4.39
CA GLY B 217 15.11 -20.14 4.36
C GLY B 217 15.77 -19.22 5.37
N ASN B 218 15.10 -19.01 6.49
CA ASN B 218 15.55 -18.10 7.54
C ASN B 218 15.72 -18.84 8.86
N GLN B 219 16.31 -20.02 8.83
CA GLN B 219 16.61 -20.74 10.08
C GLN B 219 17.52 -19.92 10.98
N VAL B 220 17.38 -20.12 12.29
CA VAL B 220 18.10 -19.30 13.25
C VAL B 220 19.62 -19.47 13.16
N PHE B 221 20.06 -20.61 12.63
CA PHE B 221 21.49 -20.87 12.49
C PHE B 221 22.00 -20.36 11.15
N CYS B 222 21.09 -19.89 10.30
CA CYS B 222 21.50 -19.33 9.02
C CYS B 222 20.48 -18.31 8.47
N PRO B 223 20.36 -17.15 9.13
CA PRO B 223 19.40 -16.10 8.79
C PRO B 223 19.61 -15.50 7.39
N ILE B 224 18.53 -15.17 6.70
CA ILE B 224 18.60 -14.61 5.34
C ILE B 224 19.43 -13.33 5.24
N LYS B 225 19.27 -12.42 6.18
CA LYS B 225 19.98 -11.13 6.11
C LYS B 225 21.50 -11.33 6.20
N LYS B 226 21.92 -12.43 6.80
CA LYS B 226 23.34 -12.75 6.95
C LYS B 226 23.88 -13.52 5.75
N VAL B 227 23.19 -14.58 5.34
CA VAL B 227 23.75 -15.50 4.35
C VAL B 227 23.67 -14.96 2.91
N LEU B 228 22.60 -14.24 2.57
CA LEU B 228 22.38 -13.86 1.18
C LEU B 228 23.43 -12.88 0.64
N PRO B 229 23.84 -11.89 1.44
CA PRO B 229 24.93 -11.04 0.98
C PRO B 229 26.24 -11.81 0.77
N LEU B 230 26.46 -12.84 1.57
CA LEU B 230 27.66 -13.66 1.42
C LEU B 230 27.57 -14.52 0.16
N VAL B 231 26.37 -15.01 -0.13
CA VAL B 231 26.12 -15.79 -1.35
C VAL B 231 26.34 -14.92 -2.59
N TYR B 232 25.90 -13.67 -2.54
CA TYR B 232 26.07 -12.77 -3.67
C TYR B 232 27.56 -12.51 -3.89
N ASP B 233 28.31 -12.38 -2.80
CA ASP B 233 29.75 -12.22 -2.89
C ASP B 233 30.36 -13.42 -3.61
N SER B 234 29.87 -14.61 -3.30
CA SER B 234 30.33 -15.84 -3.94
C SER B 234 30.00 -15.83 -5.43
N LEU B 235 28.83 -15.31 -5.78
CA LEU B 235 28.42 -15.25 -7.18
C LEU B 235 29.36 -14.31 -7.94
N LYS B 236 29.62 -13.15 -7.37
CA LYS B 236 30.56 -12.19 -7.96
C LYS B 236 31.97 -12.74 -8.12
N ARG B 237 32.51 -13.39 -7.09
CA ARG B 237 33.87 -13.92 -7.16
C ARG B 237 33.97 -14.96 -8.27
N ALA B 238 32.96 -15.82 -8.37
CA ALA B 238 32.96 -16.86 -9.39
C ALA B 238 32.82 -16.26 -10.79
N GLN B 239 31.97 -15.24 -10.94
CA GLN B 239 31.80 -14.56 -12.23
C GLN B 239 33.11 -13.89 -12.68
N ASP B 240 33.78 -13.20 -11.76
CA ASP B 240 35.01 -12.49 -12.12
C ASP B 240 36.10 -13.48 -12.51
N GLU B 241 36.13 -14.60 -11.81
CA GLU B 241 37.18 -15.60 -11.99
C GLU B 241 36.95 -16.54 -13.16
N THR B 242 35.68 -16.85 -13.45
CA THR B 242 35.35 -17.79 -14.53
C THR B 242 35.05 -17.05 -15.84
N GLY B 243 34.67 -15.79 -15.73
CA GLY B 243 34.27 -15.01 -16.88
C GLY B 243 32.92 -15.46 -17.42
N GLN B 244 32.18 -16.19 -16.60
CA GLN B 244 30.86 -16.69 -16.98
C GLN B 244 29.79 -16.22 -16.01
N ALA B 245 28.60 -15.96 -16.54
CA ALA B 245 27.50 -15.52 -15.70
C ALA B 245 27.03 -16.72 -14.87
N LYS B 246 26.51 -16.44 -13.69
CA LYS B 246 26.02 -17.50 -12.79
C LYS B 246 24.58 -17.22 -12.34
N LEU B 247 23.89 -18.27 -11.91
CA LEU B 247 22.48 -18.17 -11.57
C LEU B 247 22.22 -18.73 -10.18
N PHE B 248 21.31 -18.08 -9.47
CA PHE B 248 20.92 -18.51 -8.13
C PHE B 248 19.41 -18.49 -7.97
N SER B 249 18.88 -19.61 -7.50
CA SER B 249 17.45 -19.76 -7.28
C SER B 249 17.15 -19.79 -5.79
N MET B 250 16.52 -18.72 -5.29
CA MET B 250 16.29 -18.55 -3.86
C MET B 250 14.87 -18.95 -3.45
N ASN B 251 14.77 -19.72 -2.37
CA ASN B 251 13.50 -20.09 -1.77
C ASN B 251 12.85 -18.90 -1.05
N ILE B 252 11.65 -18.52 -1.49
CA ILE B 252 10.89 -17.46 -0.83
C ILE B 252 9.56 -17.97 -0.25
N THR B 253 9.43 -19.29 -0.15
CA THR B 253 8.22 -19.91 0.39
C THR B 253 7.92 -19.45 1.82
N ALA B 254 6.67 -19.04 2.04
CA ALA B 254 6.22 -18.64 3.37
C ALA B 254 4.70 -18.55 3.43
N ASP B 255 4.16 -18.86 4.61
CA ASP B 255 2.72 -18.75 4.87
C ASP B 255 2.20 -17.35 4.54
N ASP B 256 2.88 -16.34 5.07
CA ASP B 256 2.44 -14.96 4.93
C ASP B 256 2.90 -14.42 3.58
N HIS B 257 1.93 -14.00 2.78
CA HIS B 257 2.18 -13.37 1.49
C HIS B 257 3.24 -12.27 1.60
N TYR B 258 3.15 -11.48 2.66
CA TYR B 258 4.03 -10.33 2.84
C TYR B 258 5.44 -10.72 3.32
N GLU B 259 5.56 -11.93 3.88
CA GLU B 259 6.87 -12.50 4.18
C GLU B 259 7.59 -12.89 2.89
N MET B 260 6.85 -13.51 1.97
CA MET B 260 7.39 -13.87 0.67
C MET B 260 7.95 -12.63 -0.01
N CYS B 261 7.17 -11.55 0.03
CA CYS B 261 7.56 -10.31 -0.62
C CYS B 261 8.74 -9.65 0.08
N ALA B 262 8.83 -9.84 1.39
CA ALA B 262 9.94 -9.29 2.16
C ALA B 262 11.25 -9.97 1.74
N ARG B 263 11.19 -11.28 1.58
CA ARG B 263 12.36 -12.04 1.16
C ARG B 263 12.74 -11.70 -0.27
N ALA B 264 11.74 -11.62 -1.14
CA ALA B 264 11.95 -11.29 -2.55
C ALA B 264 12.57 -9.91 -2.72
N ASP B 265 12.02 -8.91 -2.03
CA ASP B 265 12.52 -7.55 -2.12
C ASP B 265 13.98 -7.49 -1.66
N PHE B 266 14.29 -8.15 -0.55
CA PHE B 266 15.64 -8.16 0.00
C PHE B 266 16.61 -8.82 -0.96
N ALA B 267 16.16 -9.90 -1.61
CA ALA B 267 17.00 -10.62 -2.55
C ALA B 267 17.40 -9.76 -3.74
N LEU B 268 16.43 -9.06 -4.31
CA LEU B 268 16.68 -8.24 -5.50
C LEU B 268 17.56 -7.05 -5.19
N GLU B 269 17.34 -6.42 -4.05
CA GLU B 269 18.18 -5.31 -3.62
C GLU B 269 19.62 -5.75 -3.38
N THR B 270 19.79 -6.90 -2.75
CA THR B 270 21.11 -7.42 -2.41
C THR B 270 21.95 -7.73 -3.64
N PHE B 271 21.34 -8.35 -4.65
CA PHE B 271 22.05 -8.76 -5.85
C PHE B 271 22.25 -7.60 -6.82
N GLY B 272 21.55 -6.50 -6.57
CA GLY B 272 21.73 -5.26 -7.30
C GLY B 272 21.82 -5.45 -8.81
N PRO B 273 22.97 -5.12 -9.40
CA PRO B 273 23.09 -5.19 -10.86
C PRO B 273 23.00 -6.60 -11.44
N ASP B 274 22.99 -7.62 -10.58
CA ASP B 274 22.85 -9.00 -11.01
C ASP B 274 21.51 -9.60 -10.61
N ALA B 275 20.58 -8.74 -10.20
CA ALA B 275 19.31 -9.19 -9.64
C ALA B 275 18.48 -9.97 -10.66
N ASP B 276 18.74 -9.74 -11.94
CA ASP B 276 18.03 -10.47 -12.99
C ASP B 276 18.41 -11.96 -13.00
N LYS B 277 19.52 -12.28 -12.34
CA LYS B 277 20.04 -13.66 -12.31
C LYS B 277 19.48 -14.42 -11.10
N VAL B 278 18.61 -13.77 -10.34
CA VAL B 278 17.96 -14.41 -9.20
C VAL B 278 16.62 -15.02 -9.58
N ALA B 279 16.50 -16.33 -9.43
CA ALA B 279 15.22 -17.01 -9.56
C ALA B 279 14.57 -17.16 -8.19
N PHE B 280 13.24 -17.19 -8.16
CA PHE B 280 12.51 -17.39 -6.92
C PHE B 280 11.92 -18.80 -6.89
N LEU B 281 12.36 -19.58 -5.90
CA LEU B 281 11.88 -20.95 -5.72
C LEU B 281 10.67 -20.98 -4.79
N VAL B 282 9.61 -21.66 -5.22
CA VAL B 282 8.39 -21.82 -4.42
C VAL B 282 7.99 -23.29 -4.30
N ASP B 283 7.78 -23.74 -3.07
CA ASP B 283 7.25 -25.09 -2.81
C ASP B 283 5.76 -25.10 -3.10
N GLY B 284 5.41 -25.23 -4.37
CA GLY B 284 4.06 -25.00 -4.83
C GLY B 284 3.01 -26.04 -4.44
N PHE B 285 3.43 -27.28 -4.20
CA PHE B 285 2.48 -28.33 -3.86
C PHE B 285 2.02 -28.21 -2.41
N VAL B 286 2.97 -28.20 -1.48
CA VAL B 286 2.64 -28.05 -0.07
C VAL B 286 2.29 -26.60 0.24
N GLY B 287 2.81 -25.68 -0.57
CA GLY B 287 2.57 -24.25 -0.38
C GLY B 287 1.25 -23.79 -0.95
N GLY B 288 0.87 -24.42 -2.07
CA GLY B 288 -0.41 -24.14 -2.71
C GLY B 288 -0.35 -23.06 -3.77
N PRO B 289 -1.41 -22.94 -4.59
CA PRO B 289 -1.49 -21.97 -5.68
C PRO B 289 -1.29 -20.53 -5.23
N GLY B 290 -1.66 -20.24 -3.98
CA GLY B 290 -1.53 -18.91 -3.43
C GLY B 290 -0.10 -18.40 -3.43
N MET B 291 0.83 -19.26 -3.04
CA MET B 291 2.23 -18.87 -2.97
C MET B 291 2.81 -18.74 -4.37
N VAL B 292 2.42 -19.64 -5.26
CA VAL B 292 2.89 -19.61 -6.65
C VAL B 292 2.46 -18.31 -7.34
N THR B 293 1.21 -17.93 -7.13
CA THR B 293 0.68 -16.75 -7.80
C THR B 293 1.29 -15.48 -7.22
N THR B 294 1.64 -15.50 -5.94
CA THR B 294 2.32 -14.36 -5.32
C THR B 294 3.65 -14.09 -6.05
N ALA B 295 4.42 -15.13 -6.27
CA ALA B 295 5.67 -15.01 -7.01
C ALA B 295 5.42 -14.60 -8.45
N ARG B 296 4.48 -15.28 -9.09
CA ARG B 296 4.20 -15.07 -10.51
C ARG B 296 3.70 -13.67 -10.82
N ARG B 297 2.77 -13.17 -9.99
CA ARG B 297 2.11 -11.89 -10.27
C ARG B 297 2.84 -10.67 -9.68
N GLN B 298 3.51 -10.83 -8.55
CA GLN B 298 4.21 -9.71 -7.91
C GLN B 298 5.65 -9.57 -8.38
N TYR B 299 6.23 -10.65 -8.92
CA TYR B 299 7.60 -10.63 -9.41
C TYR B 299 7.76 -11.40 -10.72
N PRO B 300 6.97 -11.02 -11.74
CA PRO B 300 6.95 -11.71 -13.04
C PRO B 300 8.29 -11.68 -13.79
N SER B 301 9.12 -10.68 -13.51
CA SER B 301 10.39 -10.54 -14.23
C SER B 301 11.49 -11.42 -13.64
N GLN B 302 11.15 -12.17 -12.60
CA GLN B 302 12.09 -13.13 -12.02
C GLN B 302 11.64 -14.55 -12.37
N TYR B 303 12.58 -15.35 -12.84
CA TYR B 303 12.32 -16.75 -13.16
C TYR B 303 11.70 -17.44 -11.95
N LEU B 304 10.54 -18.05 -12.14
CA LEU B 304 9.81 -18.68 -11.04
C LEU B 304 10.05 -20.18 -11.10
N HIS B 305 10.69 -20.68 -10.07
CA HIS B 305 11.12 -22.08 -9.98
C HIS B 305 10.15 -22.85 -9.09
N TYR B 306 9.37 -23.73 -9.72
CA TYR B 306 8.37 -24.53 -9.01
C TYR B 306 9.02 -25.80 -8.48
N HIS B 307 9.07 -25.90 -7.15
CA HIS B 307 9.53 -27.11 -6.47
C HIS B 307 8.33 -27.91 -5.95
N ARG B 308 8.29 -29.20 -6.32
CA ARG B 308 7.11 -30.03 -6.12
C ARG B 308 7.16 -30.91 -4.86
N ALA B 309 7.94 -30.52 -3.85
CA ALA B 309 8.03 -31.31 -2.62
C ALA B 309 6.66 -31.71 -2.07
N GLY B 310 6.50 -33.00 -1.77
CA GLY B 310 5.26 -33.53 -1.24
C GLY B 310 4.38 -34.25 -2.26
N HIS B 311 4.59 -33.96 -3.53
CA HIS B 311 3.73 -34.46 -4.61
C HIS B 311 3.56 -35.98 -4.59
N GLY B 312 4.57 -36.71 -4.11
CA GLY B 312 4.54 -38.16 -4.15
C GLY B 312 3.36 -38.77 -3.41
N MET B 313 2.73 -38.01 -2.53
CA MET B 313 1.62 -38.53 -1.73
C MET B 313 0.41 -38.83 -2.64
N VAL B 314 0.40 -38.27 -3.84
CA VAL B 314 -0.64 -38.59 -4.83
C VAL B 314 -0.11 -38.99 -6.21
N THR B 315 1.09 -38.56 -6.56
CA THR B 315 1.62 -38.81 -7.90
C THR B 315 2.34 -40.14 -8.01
N SER B 316 2.58 -40.78 -6.87
CA SER B 316 3.26 -42.07 -6.85
C SER B 316 2.57 -43.09 -7.73
N PRO B 317 3.35 -43.99 -8.37
CA PRO B 317 2.77 -45.08 -9.18
C PRO B 317 1.78 -45.90 -8.36
N SER B 318 2.00 -45.95 -7.06
CA SER B 318 1.16 -46.72 -6.15
C SER B 318 -0.16 -46.02 -5.80
N SER B 319 -0.25 -44.72 -6.11
CA SER B 319 -1.45 -43.96 -5.80
C SER B 319 -2.59 -44.14 -6.80
N LYS B 320 -3.81 -44.25 -6.28
CA LYS B 320 -5.00 -44.30 -7.12
C LYS B 320 -5.90 -43.10 -6.82
N ARG B 321 -5.32 -42.07 -6.20
CA ARG B 321 -6.08 -40.89 -5.77
C ARG B 321 -5.41 -39.60 -6.19
N GLY B 322 -6.19 -38.52 -6.19
CA GLY B 322 -5.65 -37.21 -6.49
C GLY B 322 -5.37 -37.01 -7.97
N TYR B 323 -4.10 -36.86 -8.30
CA TYR B 323 -3.70 -36.67 -9.68
C TYR B 323 -2.25 -37.06 -9.90
N THR B 324 -1.89 -37.21 -11.17
CA THR B 324 -0.57 -37.71 -11.53
C THR B 324 0.43 -36.57 -11.63
N ALA B 325 1.70 -36.93 -11.77
CA ALA B 325 2.77 -35.95 -11.94
C ALA B 325 2.59 -35.16 -13.24
N PHE B 326 2.09 -35.85 -14.26
CA PHE B 326 1.80 -35.24 -15.54
C PHE B 326 0.78 -34.12 -15.38
N VAL B 327 -0.32 -34.41 -14.71
CA VAL B 327 -1.36 -33.41 -14.47
C VAL B 327 -0.82 -32.21 -13.70
N LEU B 328 -0.02 -32.48 -12.68
CA LEU B 328 0.58 -31.44 -11.86
C LEU B 328 1.46 -30.52 -12.70
N ALA B 329 2.29 -31.11 -13.55
CA ALA B 329 3.22 -30.35 -14.37
C ALA B 329 2.45 -29.49 -15.37
N LYS B 330 1.40 -30.04 -15.96
CA LYS B 330 0.62 -29.30 -16.95
C LYS B 330 -0.07 -28.12 -16.28
N MET B 331 -0.57 -28.32 -15.06
CA MET B 331 -1.17 -27.24 -14.30
C MET B 331 -0.17 -26.11 -14.01
N SER B 332 1.06 -26.48 -13.67
CA SER B 332 2.06 -25.49 -13.26
C SER B 332 2.34 -24.51 -14.40
N ARG B 333 2.27 -25.00 -15.62
CA ARG B 333 2.48 -24.16 -16.78
C ARG B 333 1.38 -23.10 -16.86
N LEU B 334 0.13 -23.52 -16.60
CA LEU B 334 -1.00 -22.59 -16.59
C LEU B 334 -0.84 -21.55 -15.47
N GLN B 335 -0.37 -21.99 -14.31
CA GLN B 335 -0.14 -21.12 -13.16
C GLN B 335 0.92 -20.05 -13.41
N GLY B 336 1.87 -20.35 -14.28
CA GLY B 336 2.89 -19.39 -14.69
C GLY B 336 4.29 -19.69 -14.19
N ALA B 337 4.53 -20.95 -13.84
CA ALA B 337 5.87 -21.40 -13.46
C ALA B 337 6.85 -21.30 -14.64
N SER B 338 8.03 -20.76 -14.38
CA SER B 338 9.07 -20.67 -15.40
C SER B 338 9.72 -22.04 -15.60
N GLY B 339 9.74 -22.84 -14.54
CA GLY B 339 10.25 -24.19 -14.62
C GLY B 339 9.67 -25.03 -13.49
N ILE B 340 9.63 -26.34 -13.70
CA ILE B 340 9.13 -27.26 -12.69
C ILE B 340 9.87 -28.59 -12.73
N HIS B 341 10.02 -29.19 -11.55
CA HIS B 341 10.63 -30.51 -11.40
C HIS B 341 9.74 -31.56 -12.08
N VAL B 342 10.36 -32.47 -12.82
CA VAL B 342 9.63 -33.52 -13.53
C VAL B 342 10.18 -34.91 -13.20
N GLY B 343 11.19 -34.94 -12.36
CA GLY B 343 11.82 -36.17 -11.90
C GLY B 343 12.92 -36.67 -12.80
N THR B 344 13.40 -37.88 -12.51
CA THR B 344 14.54 -38.43 -13.24
C THR B 344 14.09 -39.57 -14.15
N MET B 345 12.79 -39.79 -14.23
CA MET B 345 12.25 -40.73 -15.20
C MET B 345 12.85 -42.12 -15.04
N GLY B 346 12.99 -42.55 -13.79
CA GLY B 346 13.45 -43.90 -13.49
C GLY B 346 14.97 -44.02 -13.46
N TYR B 347 15.66 -42.91 -13.71
CA TYR B 347 17.11 -42.89 -13.73
C TYR B 347 17.76 -42.38 -12.44
N GLY B 348 17.02 -42.32 -11.34
CA GLY B 348 17.64 -41.85 -10.10
C GLY B 348 17.17 -42.45 -8.79
N LYS B 349 16.81 -41.61 -7.80
CA LYS B 349 16.39 -42.14 -6.51
C LYS B 349 14.93 -41.99 -6.12
N MET B 350 14.16 -41.26 -6.93
CA MET B 350 12.74 -41.09 -6.66
C MET B 350 11.93 -42.12 -7.44
N GLU B 351 10.62 -41.96 -7.44
CA GLU B 351 9.69 -42.87 -8.14
C GLU B 351 9.33 -42.25 -9.49
N GLY B 352 9.82 -42.89 -10.54
CA GLY B 352 9.62 -42.45 -11.90
C GLY B 352 10.05 -43.50 -12.91
N GLY B 353 9.58 -43.37 -14.13
CA GLY B 353 9.87 -44.33 -15.19
C GLY B 353 10.09 -43.59 -16.49
N LYS B 354 10.58 -44.31 -17.50
CA LYS B 354 10.94 -43.69 -18.78
C LYS B 354 9.79 -43.04 -19.53
N ASP B 355 8.56 -43.46 -19.31
CA ASP B 355 7.43 -42.88 -20.01
C ASP B 355 7.14 -41.47 -19.46
N ASP B 356 7.78 -41.11 -18.35
CA ASP B 356 7.58 -39.78 -17.75
C ASP B 356 8.15 -38.67 -18.65
N ARG B 357 8.83 -39.04 -19.72
CA ARG B 357 9.40 -38.07 -20.65
C ARG B 357 8.30 -37.23 -21.31
N ILE B 358 7.09 -37.78 -21.35
CA ILE B 358 5.95 -37.08 -21.90
C ILE B 358 5.61 -35.84 -21.06
N ILE B 359 5.92 -35.92 -19.76
CA ILE B 359 5.72 -34.78 -18.86
C ILE B 359 6.55 -33.60 -19.33
N ALA B 360 7.80 -33.85 -19.69
CA ALA B 360 8.68 -32.79 -20.19
C ALA B 360 8.16 -32.22 -21.50
N TYR B 361 7.73 -33.10 -22.39
CA TYR B 361 7.23 -32.70 -23.71
C TYR B 361 6.02 -31.78 -23.63
N MET B 362 5.10 -32.10 -22.73
CA MET B 362 3.84 -31.35 -22.60
C MET B 362 4.07 -29.91 -22.13
N ILE B 363 5.07 -29.69 -21.29
CA ILE B 363 5.30 -28.36 -20.72
C ILE B 363 6.24 -27.51 -21.57
N GLU B 364 6.99 -28.13 -22.48
CA GLU B 364 8.01 -27.41 -23.24
C GLU B 364 7.61 -27.20 -24.71
N ARG B 365 6.71 -28.05 -25.22
CA ARG B 365 6.28 -27.95 -26.61
C ARG B 365 5.05 -27.07 -26.79
N ASP B 366 4.83 -26.64 -28.03
CA ASP B 366 3.65 -25.85 -28.38
C ASP B 366 2.49 -26.76 -28.78
N SER B 367 2.83 -28.00 -29.12
CA SER B 367 1.84 -29.00 -29.54
C SER B 367 2.25 -30.38 -29.07
N CYS B 368 1.40 -31.02 -28.26
CA CYS B 368 1.75 -32.33 -27.71
C CYS B 368 0.51 -33.12 -27.35
N THR B 369 0.63 -34.44 -27.39
CA THR B 369 -0.49 -35.33 -27.07
C THR B 369 -0.23 -36.02 -25.73
N GLY B 370 -1.13 -35.77 -24.78
CA GLY B 370 -1.04 -36.42 -23.48
C GLY B 370 -1.62 -37.82 -23.49
N PRO B 371 -1.74 -38.42 -22.31
CA PRO B 371 -2.29 -39.77 -22.19
C PRO B 371 -3.71 -39.90 -22.76
N PHE B 372 -4.47 -38.81 -22.75
CA PHE B 372 -5.87 -38.85 -23.20
C PHE B 372 -6.24 -37.70 -24.13
N TYR B 373 -5.55 -36.56 -23.99
CA TYR B 373 -5.88 -35.36 -24.75
C TYR B 373 -4.70 -34.76 -25.48
N HIS B 374 -4.91 -34.38 -26.73
CA HIS B 374 -3.96 -33.55 -27.46
C HIS B 374 -4.16 -32.11 -27.02
N GLN B 375 -3.06 -31.38 -26.82
CA GLN B 375 -3.13 -30.01 -26.35
C GLN B 375 -2.34 -29.10 -27.28
N GLU B 376 -3.00 -28.05 -27.77
CA GLU B 376 -2.34 -26.92 -28.42
C GLU B 376 -2.17 -25.80 -27.39
N TRP B 377 -1.03 -25.14 -27.39
CA TRP B 377 -0.74 -24.12 -26.38
C TRP B 377 -0.82 -22.68 -26.91
N TYR B 378 -0.95 -22.53 -28.24
CA TYR B 378 -1.16 -21.22 -28.84
C TYR B 378 -0.16 -20.15 -28.39
N GLY B 379 1.11 -20.54 -28.29
CA GLY B 379 2.18 -19.60 -28.04
C GLY B 379 2.49 -19.31 -26.58
N MET B 380 1.76 -19.95 -25.67
CA MET B 380 2.07 -19.83 -24.25
C MET B 380 3.50 -20.30 -24.00
N LYS B 381 4.25 -19.57 -23.19
CA LYS B 381 5.64 -19.93 -22.98
C LYS B 381 5.81 -21.31 -22.40
N PRO B 382 6.93 -21.97 -22.74
CA PRO B 382 7.18 -23.32 -22.25
C PRO B 382 7.73 -23.27 -20.82
N THR B 383 7.33 -24.22 -20.00
CA THR B 383 7.90 -24.39 -18.67
C THR B 383 9.09 -25.35 -18.78
N THR B 384 10.21 -24.98 -18.17
CA THR B 384 11.43 -25.76 -18.26
C THR B 384 11.29 -27.04 -17.45
N PRO B 385 11.62 -28.20 -18.08
CA PRO B 385 11.76 -29.41 -17.25
C PRO B 385 13.05 -29.38 -16.45
N ILE B 386 12.92 -29.41 -15.13
CA ILE B 386 14.07 -29.41 -14.24
C ILE B 386 14.33 -30.82 -13.71
N ILE B 387 15.53 -31.34 -13.93
CA ILE B 387 15.83 -32.73 -13.58
C ILE B 387 16.56 -32.65 -12.26
N SER B 388 16.06 -33.37 -11.26
CA SER B 388 16.68 -33.47 -9.95
C SER B 388 16.38 -34.74 -9.17
N GLY B 389 17.33 -35.18 -8.34
CA GLY B 389 17.13 -36.33 -7.47
C GLY B 389 17.91 -37.60 -7.65
N GLY B 390 19.17 -37.55 -7.23
CA GLY B 390 20.03 -38.71 -7.22
C GLY B 390 20.82 -38.87 -8.50
N MET B 391 20.93 -37.80 -9.27
CA MET B 391 21.72 -37.86 -10.49
C MET B 391 23.18 -37.56 -10.21
N ASN B 392 24.01 -38.12 -11.06
CA ASN B 392 25.43 -37.80 -11.14
C ASN B 392 25.90 -38.02 -12.57
N ALA B 393 27.18 -37.75 -12.81
CA ALA B 393 27.76 -37.79 -14.15
C ALA B 393 27.58 -39.16 -14.81
N LEU B 394 27.54 -40.23 -14.02
CA LEU B 394 27.47 -41.59 -14.55
C LEU B 394 26.07 -41.95 -15.05
N ARG B 395 25.06 -41.38 -14.41
CA ARG B 395 23.67 -41.69 -14.73
C ARG B 395 23.08 -40.86 -15.87
N LEU B 396 23.68 -39.71 -16.16
CA LEU B 396 23.11 -38.75 -17.12
C LEU B 396 22.98 -39.23 -18.57
N PRO B 397 24.00 -39.92 -19.09
CA PRO B 397 23.92 -40.42 -20.47
C PRO B 397 22.66 -41.24 -20.76
N GLY B 398 22.27 -42.12 -19.84
CA GLY B 398 21.06 -42.90 -20.02
C GLY B 398 19.81 -42.04 -20.01
N PHE B 399 19.79 -41.03 -19.13
CA PHE B 399 18.65 -40.12 -19.03
C PHE B 399 18.42 -39.32 -20.32
N PHE B 400 19.50 -38.80 -20.88
CA PHE B 400 19.41 -38.00 -22.10
C PHE B 400 18.95 -38.83 -23.30
N GLU B 401 19.41 -40.07 -23.37
CA GLU B 401 19.05 -40.93 -24.49
C GLU B 401 17.56 -41.18 -24.47
N ASN B 402 17.00 -41.39 -23.29
CA ASN B 402 15.57 -41.58 -23.17
C ASN B 402 14.80 -40.29 -23.51
N LEU B 403 15.29 -39.15 -23.06
CA LEU B 403 14.57 -37.90 -23.26
C LEU B 403 14.69 -37.39 -24.70
N GLY B 404 15.87 -37.52 -25.28
CA GLY B 404 16.11 -37.07 -26.64
C GLY B 404 16.80 -35.73 -26.80
N HIS B 405 17.04 -35.01 -25.71
CA HIS B 405 17.71 -33.71 -25.77
C HIS B 405 18.20 -33.31 -24.39
N GLY B 406 18.88 -32.17 -24.32
CA GLY B 406 19.37 -31.65 -23.05
C GLY B 406 18.99 -30.21 -22.74
N ASN B 407 17.93 -29.70 -23.37
CA ASN B 407 17.45 -28.37 -23.05
C ASN B 407 16.76 -28.40 -21.69
N VAL B 408 17.54 -28.60 -20.65
CA VAL B 408 17.03 -28.79 -19.29
C VAL B 408 17.93 -28.10 -18.27
N ILE B 409 17.40 -27.86 -17.08
CA ILE B 409 18.24 -27.52 -15.94
C ILE B 409 18.41 -28.80 -15.12
N ASN B 410 19.66 -29.17 -14.84
CA ASN B 410 19.92 -30.36 -14.04
C ASN B 410 20.66 -30.09 -12.74
N THR B 411 19.92 -30.06 -11.64
CA THR B 411 20.51 -29.88 -10.32
C THR B 411 20.89 -31.20 -9.65
N ALA B 412 22.15 -31.35 -9.26
CA ALA B 412 22.63 -32.60 -8.66
C ALA B 412 23.38 -32.23 -7.39
N GLY B 413 22.75 -32.47 -6.24
CA GLY B 413 23.39 -32.21 -4.96
C GLY B 413 24.48 -33.20 -4.65
N GLY B 414 24.12 -34.49 -4.64
CA GLY B 414 25.06 -35.54 -4.34
C GLY B 414 26.10 -35.67 -5.43
N GLY B 415 25.68 -35.55 -6.69
CA GLY B 415 26.59 -35.71 -7.80
C GLY B 415 27.68 -34.65 -7.80
N SER B 416 27.40 -33.51 -7.19
CA SER B 416 28.38 -32.43 -7.13
C SER B 416 29.24 -32.47 -5.88
N TYR B 417 28.60 -32.28 -4.73
CA TYR B 417 29.33 -32.23 -3.46
C TYR B 417 29.86 -33.61 -3.07
N GLY B 418 29.32 -34.64 -3.72
CA GLY B 418 29.73 -36.01 -3.50
C GLY B 418 31.00 -36.39 -4.24
N HIS B 419 31.46 -35.53 -5.13
CA HIS B 419 32.67 -35.82 -5.91
C HIS B 419 33.91 -35.80 -5.03
N ILE B 420 34.76 -36.80 -5.20
CA ILE B 420 35.91 -37.01 -4.33
C ILE B 420 36.93 -35.85 -4.39
N ASP B 421 37.00 -35.19 -5.54
CA ASP B 421 37.98 -34.11 -5.73
C ASP B 421 37.42 -32.77 -5.25
N SER B 422 36.36 -32.29 -5.91
CA SER B 422 35.76 -31.00 -5.52
C SER B 422 34.38 -30.80 -6.16
N PRO B 423 33.59 -29.87 -5.60
CA PRO B 423 32.29 -29.52 -6.19
C PRO B 423 32.41 -29.00 -7.62
N ALA B 424 33.48 -28.26 -7.88
CA ALA B 424 33.75 -27.74 -9.23
C ALA B 424 33.99 -28.90 -10.18
N ALA B 425 34.82 -29.85 -9.75
CA ALA B 425 35.11 -31.02 -10.56
C ALA B 425 33.81 -31.78 -10.83
N GLY B 426 32.95 -31.82 -9.82
CA GLY B 426 31.64 -32.46 -9.95
C GLY B 426 30.79 -31.79 -11.00
N ALA B 427 30.81 -30.46 -11.01
CA ALA B 427 30.05 -29.68 -11.98
C ALA B 427 30.54 -29.97 -13.40
N VAL B 428 31.85 -30.05 -13.55
CA VAL B 428 32.46 -30.34 -14.85
C VAL B 428 32.07 -31.73 -15.33
N SER B 429 32.05 -32.69 -14.42
CA SER B 429 31.72 -34.06 -14.78
C SER B 429 30.30 -34.14 -15.31
N LEU B 430 29.40 -33.34 -14.74
CA LEU B 430 28.01 -33.30 -15.21
C LEU B 430 27.95 -32.76 -16.64
N ARG B 431 28.72 -31.70 -16.88
CA ARG B 431 28.77 -31.09 -18.20
C ARG B 431 29.41 -32.04 -19.21
N GLN B 432 30.45 -32.75 -18.78
CA GLN B 432 31.13 -33.71 -19.64
C GLN B 432 30.25 -34.90 -19.98
N ALA B 433 29.36 -35.26 -19.06
CA ALA B 433 28.42 -36.35 -19.30
C ALA B 433 27.44 -36.01 -20.41
N TYR B 434 27.03 -34.74 -20.46
CA TYR B 434 26.13 -34.26 -21.50
C TYR B 434 26.86 -34.23 -22.83
N GLU B 435 28.09 -33.73 -22.80
CA GLU B 435 28.94 -33.66 -24.00
C GLU B 435 29.23 -35.05 -24.56
N CYS B 436 29.34 -36.03 -23.66
CA CYS B 436 29.56 -37.42 -24.06
C CYS B 436 28.36 -37.91 -24.84
N TRP B 437 27.17 -37.76 -24.27
CA TRP B 437 25.95 -38.21 -24.92
C TRP B 437 25.71 -37.47 -26.22
N LYS B 438 25.94 -36.16 -26.21
CA LYS B 438 25.74 -35.33 -27.40
C LYS B 438 26.66 -35.79 -28.53
N ALA B 439 27.86 -36.23 -28.16
CA ALA B 439 28.84 -36.69 -29.14
C ALA B 439 28.62 -38.16 -29.50
N GLY B 440 27.67 -38.80 -28.80
CA GLY B 440 27.37 -40.19 -29.03
C GLY B 440 28.53 -41.10 -28.70
N ALA B 441 29.35 -40.68 -27.74
CA ALA B 441 30.56 -41.43 -27.40
C ALA B 441 30.30 -42.49 -26.34
N ASP B 442 31.26 -43.42 -26.24
CA ASP B 442 31.23 -44.45 -25.21
C ASP B 442 31.72 -43.83 -23.89
N PRO B 443 30.91 -43.91 -22.82
CA PRO B 443 31.29 -43.30 -21.54
C PRO B 443 32.64 -43.76 -20.98
N ILE B 444 32.93 -45.05 -21.09
CA ILE B 444 34.19 -45.59 -20.60
C ILE B 444 35.36 -44.98 -21.39
N GLU B 445 35.20 -44.88 -22.70
CA GLU B 445 36.24 -44.31 -23.56
C GLU B 445 36.31 -42.78 -23.38
N TRP B 446 35.16 -42.18 -23.14
CA TRP B 446 35.06 -40.73 -22.88
C TRP B 446 35.80 -40.35 -21.61
N ALA B 447 35.75 -41.24 -20.64
CA ALA B 447 36.41 -41.03 -19.35
C ALA B 447 37.93 -40.97 -19.53
N LYS B 448 38.42 -41.71 -20.52
CA LYS B 448 39.86 -41.78 -20.79
C LYS B 448 40.42 -40.43 -21.25
N GLU B 449 39.53 -39.51 -21.64
CA GLU B 449 39.95 -38.19 -22.11
C GLU B 449 39.31 -37.07 -21.31
N HIS B 450 38.66 -37.42 -20.21
CA HIS B 450 38.03 -36.44 -19.31
C HIS B 450 38.18 -36.80 -17.84
N LYS B 451 39.14 -36.19 -17.16
CA LYS B 451 39.52 -36.58 -15.81
C LYS B 451 38.35 -36.45 -14.82
N GLU B 452 37.66 -35.32 -14.85
CA GLU B 452 36.55 -35.07 -13.93
C GLU B 452 35.47 -36.14 -14.10
N PHE B 453 35.12 -36.46 -15.34
CA PHE B 453 34.14 -37.51 -15.62
C PHE B 453 34.64 -38.85 -15.07
N ALA B 454 35.91 -39.12 -15.33
CA ALA B 454 36.53 -40.37 -14.89
C ALA B 454 36.53 -40.50 -13.37
N ARG B 455 36.81 -39.40 -12.68
CA ARG B 455 36.89 -39.41 -11.22
C ARG B 455 35.51 -39.60 -10.60
N ALA B 456 34.46 -39.38 -11.39
CA ALA B 456 33.09 -39.60 -10.94
C ALA B 456 32.81 -41.10 -10.76
N PHE B 457 33.53 -41.93 -11.52
CA PHE B 457 33.43 -43.38 -11.39
C PHE B 457 33.87 -43.80 -9.99
N GLU B 458 34.94 -43.19 -9.51
CA GLU B 458 35.48 -43.50 -8.20
C GLU B 458 34.68 -42.85 -7.06
N SER B 459 33.91 -41.81 -7.39
CA SER B 459 33.10 -41.16 -6.37
C SER B 459 31.85 -41.94 -6.05
N PHE B 460 31.33 -42.65 -7.06
CA PHE B 460 30.09 -43.42 -6.92
C PHE B 460 30.28 -44.81 -7.51
N PRO B 461 31.19 -45.60 -6.92
CA PRO B 461 31.62 -46.92 -7.43
C PRO B 461 30.47 -47.90 -7.57
N LYS B 462 29.49 -47.83 -6.67
CA LYS B 462 28.35 -48.73 -6.70
C LYS B 462 27.49 -48.48 -7.94
N ASP B 463 27.32 -47.21 -8.30
CA ASP B 463 26.61 -46.88 -9.52
C ASP B 463 27.47 -47.29 -10.73
N ALA B 464 28.78 -47.11 -10.57
CA ALA B 464 29.74 -47.42 -11.62
C ALA B 464 29.77 -48.91 -11.95
N ASP B 465 29.72 -49.74 -10.92
CA ASP B 465 29.77 -51.19 -11.10
C ASP B 465 28.54 -51.68 -11.87
N LYS B 466 27.38 -51.11 -11.55
CA LYS B 466 26.14 -51.51 -12.20
C LYS B 466 26.11 -51.04 -13.66
N LEU B 467 26.39 -49.76 -13.89
CA LEU B 467 26.26 -49.17 -15.22
C LEU B 467 27.40 -49.52 -16.17
N PHE B 468 28.62 -49.57 -15.65
CA PHE B 468 29.81 -49.81 -16.48
C PHE B 468 30.73 -50.87 -15.91
N PRO B 469 30.29 -52.14 -15.92
CA PRO B 469 31.11 -53.22 -15.37
C PRO B 469 32.44 -53.37 -16.09
N GLY B 470 33.51 -53.56 -15.32
CA GLY B 470 34.85 -53.70 -15.85
C GLY B 470 35.60 -52.38 -15.97
N TRP B 471 34.98 -51.33 -15.43
CA TRP B 471 35.52 -49.97 -15.53
C TRP B 471 36.87 -49.81 -14.82
N ARG B 472 37.04 -50.51 -13.71
CA ARG B 472 38.25 -50.39 -12.92
C ARG B 472 39.49 -50.79 -13.72
N GLU B 473 39.37 -51.89 -14.45
CA GLU B 473 40.47 -52.39 -15.26
C GLU B 473 40.81 -51.45 -16.42
N LYS B 474 39.77 -50.99 -17.12
CA LYS B 474 39.96 -50.15 -18.30
C LYS B 474 40.50 -48.77 -17.94
N LEU B 475 40.08 -48.23 -16.80
CA LEU B 475 40.49 -46.90 -16.39
C LEU B 475 41.73 -46.92 -15.50
N GLY B 476 42.22 -48.12 -15.20
CA GLY B 476 43.39 -48.31 -14.37
C GLY B 476 43.27 -47.88 -12.92
N ARG C 17 -0.39 15.38 -46.44
CA ARG C 17 -0.05 16.77 -46.14
C ARG C 17 -1.25 17.70 -46.30
N GLY C 18 -2.34 17.41 -45.59
CA GLY C 18 -3.48 18.31 -45.63
C GLY C 18 -4.81 17.82 -45.09
N SER C 19 -5.69 18.80 -44.86
CA SER C 19 -7.08 18.56 -44.49
C SER C 19 -7.93 18.47 -45.74
N HIS C 20 -8.68 17.38 -45.88
CA HIS C 20 -9.51 17.17 -47.06
C HIS C 20 -10.45 18.35 -47.28
N MET C 21 -10.71 19.10 -46.21
CA MET C 21 -11.63 20.23 -46.24
C MET C 21 -11.05 21.47 -45.55
N ASP C 22 -11.54 22.64 -45.97
CA ASP C 22 -11.24 23.89 -45.29
C ASP C 22 -12.17 24.00 -44.08
N GLN C 23 -11.59 24.34 -42.94
CA GLN C 23 -12.24 24.20 -41.64
C GLN C 23 -12.30 25.57 -40.94
N SER C 24 -12.01 26.62 -41.71
CA SER C 24 -12.03 28.00 -41.23
C SER C 24 -13.36 28.46 -40.64
N ASN C 25 -14.46 28.08 -41.29
CA ASN C 25 -15.78 28.51 -40.87
C ASN C 25 -16.13 28.05 -39.46
N ARG C 26 -15.67 26.86 -39.08
CA ARG C 26 -15.99 26.27 -37.79
C ARG C 26 -14.98 26.56 -36.69
N TYR C 27 -13.69 26.49 -37.03
CA TYR C 27 -12.62 26.56 -36.03
C TYR C 27 -11.92 27.90 -35.98
N ALA C 28 -12.53 28.91 -36.58
CA ALA C 28 -12.00 30.26 -36.49
C ALA C 28 -13.12 31.28 -36.36
N ASP C 29 -12.92 32.22 -35.45
CA ASP C 29 -13.78 33.39 -35.27
C ASP C 29 -12.90 34.58 -34.94
N LEU C 30 -12.40 35.25 -35.96
CA LEU C 30 -11.43 36.32 -35.80
C LEU C 30 -12.05 37.61 -35.26
N SER C 31 -13.35 37.60 -35.03
CA SER C 31 -14.01 38.77 -34.48
C SER C 31 -14.12 38.70 -32.96
N LEU C 32 -13.71 37.59 -32.37
CA LEU C 32 -13.69 37.49 -30.91
C LEU C 32 -12.66 38.46 -30.33
N LYS C 33 -13.04 39.13 -29.25
CA LYS C 33 -12.11 40.02 -28.54
C LYS C 33 -11.36 39.27 -27.44
N GLU C 34 -10.05 39.36 -27.48
CA GLU C 34 -9.23 38.70 -26.47
C GLU C 34 -9.53 39.20 -25.06
N GLU C 35 -9.83 40.48 -24.94
CA GLU C 35 -10.15 41.08 -23.65
C GLU C 35 -11.35 40.35 -23.04
N ASP C 36 -12.32 40.03 -23.88
CA ASP C 36 -13.52 39.32 -23.44
C ASP C 36 -13.27 37.86 -23.08
N LEU C 37 -12.45 37.17 -23.87
CA LEU C 37 -12.10 35.78 -23.61
C LEU C 37 -11.43 35.65 -22.26
N ILE C 38 -10.61 36.65 -21.93
CA ILE C 38 -9.92 36.67 -20.65
C ILE C 38 -10.91 36.97 -19.51
N LYS C 39 -11.73 38.01 -19.69
CA LYS C 39 -12.70 38.40 -18.67
C LYS C 39 -13.69 37.28 -18.39
N GLY C 40 -14.05 36.53 -19.43
CA GLY C 40 -14.96 35.41 -19.30
C GLY C 40 -14.45 34.31 -18.38
N GLY C 41 -13.16 34.03 -18.47
CA GLY C 41 -12.51 33.04 -17.61
C GLY C 41 -12.86 31.60 -17.94
N ASN C 42 -13.39 31.38 -19.15
CA ASN C 42 -13.84 30.05 -19.58
C ASN C 42 -12.91 29.38 -20.58
N HIS C 43 -11.79 30.03 -20.88
CA HIS C 43 -10.84 29.49 -21.86
C HIS C 43 -9.39 29.60 -21.42
N ILE C 44 -8.61 28.59 -21.77
CA ILE C 44 -7.16 28.70 -21.80
C ILE C 44 -6.75 29.23 -23.17
N LEU C 45 -6.02 30.34 -23.17
CA LEU C 45 -5.55 30.95 -24.40
C LEU C 45 -4.10 30.56 -24.68
N VAL C 46 -3.79 30.33 -25.95
CA VAL C 46 -2.45 29.92 -26.36
C VAL C 46 -1.99 30.71 -27.59
N ALA C 47 -0.79 31.27 -27.52
CA ALA C 47 -0.22 32.02 -28.65
C ALA C 47 0.92 31.22 -29.29
N TYR C 48 0.86 31.05 -30.60
CA TYR C 48 1.87 30.30 -31.33
C TYR C 48 2.55 31.16 -32.39
N THR C 49 3.78 30.78 -32.74
CA THR C 49 4.33 31.10 -34.05
C THR C 49 3.93 29.97 -34.98
N MET C 50 3.57 30.28 -36.22
CA MET C 50 3.15 29.24 -37.16
C MET C 50 3.49 29.62 -38.60
N GLU C 51 3.98 28.63 -39.34
CA GLU C 51 4.22 28.77 -40.77
C GLU C 51 3.56 27.59 -41.49
N PRO C 52 2.64 27.87 -42.43
CA PRO C 52 2.00 26.75 -43.14
C PRO C 52 2.88 26.12 -44.21
N ALA C 53 2.57 24.88 -44.56
CA ALA C 53 3.25 24.17 -45.64
C ALA C 53 2.98 24.85 -46.98
N ALA C 54 3.76 24.49 -48.00
CA ALA C 54 3.60 25.08 -49.32
C ALA C 54 2.19 24.89 -49.88
N GLY C 55 1.61 25.97 -50.39
CA GLY C 55 0.30 25.91 -51.01
C GLY C 55 -0.86 25.94 -50.03
N VAL C 56 -0.55 26.03 -48.74
CA VAL C 56 -1.59 26.05 -47.71
C VAL C 56 -1.82 27.47 -47.20
N GLY C 57 -3.08 27.89 -47.20
CA GLY C 57 -3.45 29.21 -46.69
C GLY C 57 -3.23 29.31 -45.19
N TYR C 58 -2.97 30.53 -44.71
CA TYR C 58 -2.64 30.72 -43.31
C TYR C 58 -3.81 30.47 -42.36
N LEU C 59 -4.98 31.02 -42.68
CA LEU C 59 -6.13 30.83 -41.80
C LEU C 59 -6.60 29.37 -41.78
N GLU C 60 -6.64 28.72 -42.93
CA GLU C 60 -7.10 27.32 -43.01
C GLU C 60 -6.15 26.40 -42.27
N ALA C 61 -4.88 26.74 -42.28
CA ALA C 61 -3.86 26.02 -41.55
C ALA C 61 -4.10 26.18 -40.05
N ALA C 62 -4.31 27.42 -39.62
CA ALA C 62 -4.56 27.72 -38.21
C ALA C 62 -5.81 27.00 -37.74
N ALA C 63 -6.86 27.04 -38.55
CA ALA C 63 -8.12 26.40 -38.21
C ALA C 63 -7.95 24.88 -38.11
N HIS C 64 -7.16 24.31 -39.01
CA HIS C 64 -6.92 22.86 -38.98
C HIS C 64 -6.18 22.49 -37.70
N ILE C 65 -5.21 23.30 -37.32
CA ILE C 65 -4.48 23.10 -36.07
C ILE C 65 -5.44 23.15 -34.89
N ALA C 66 -6.35 24.11 -34.91
CA ALA C 66 -7.32 24.27 -33.83
C ALA C 66 -8.20 23.03 -33.77
N ALA C 67 -8.59 22.54 -34.94
CA ALA C 67 -9.42 21.34 -35.04
C ALA C 67 -8.69 20.10 -34.54
N GLU C 68 -7.49 19.89 -35.04
CA GLU C 68 -6.67 18.74 -34.68
C GLU C 68 -6.25 18.78 -33.22
N SER C 69 -6.33 19.97 -32.63
CA SER C 69 -5.93 20.19 -31.25
C SER C 69 -7.10 20.19 -30.27
N SER C 70 -8.28 19.81 -30.75
CA SER C 70 -9.46 19.75 -29.90
C SER C 70 -10.46 18.66 -30.31
N THR C 71 -11.48 19.07 -31.03
CA THR C 71 -12.64 18.22 -31.28
C THR C 71 -12.76 17.47 -32.62
N GLY C 72 -11.86 17.70 -33.57
CA GLY C 72 -11.95 16.97 -34.83
C GLY C 72 -10.73 16.42 -35.51
N THR C 73 -10.94 16.05 -36.77
CA THR C 73 -9.91 15.44 -37.61
C THR C 73 -9.95 16.07 -39.00
N ASN C 74 -9.35 15.43 -39.99
CA ASN C 74 -9.21 16.05 -41.30
C ASN C 74 -10.41 15.84 -42.21
N VAL C 75 -11.43 15.13 -41.73
CA VAL C 75 -12.66 14.94 -42.50
C VAL C 75 -13.89 14.99 -41.61
N GLU C 76 -15.05 15.10 -42.24
CA GLU C 76 -16.33 15.08 -41.51
C GLU C 76 -16.68 13.68 -41.04
N VAL C 77 -17.31 13.60 -39.88
CA VAL C 77 -17.73 12.33 -39.30
C VAL C 77 -19.21 12.36 -38.91
N SER C 78 -19.87 11.22 -39.04
CA SER C 78 -21.29 11.10 -38.77
C SER C 78 -21.65 11.39 -37.31
N THR C 79 -20.66 11.25 -36.43
CA THR C 79 -20.87 11.30 -34.99
C THR C 79 -20.89 12.71 -34.39
N THR C 80 -20.54 13.71 -35.19
CA THR C 80 -20.51 15.08 -34.71
C THR C 80 -21.90 15.61 -34.37
N ASP C 81 -22.08 16.12 -33.16
CA ASP C 81 -23.31 16.80 -32.77
C ASP C 81 -23.02 18.26 -32.42
N GLU C 82 -24.06 19.03 -32.12
CA GLU C 82 -23.89 20.44 -31.82
C GLU C 82 -23.30 20.66 -30.45
N PHE C 83 -23.45 19.68 -29.56
CA PHE C 83 -22.90 19.85 -28.24
C PHE C 83 -21.37 19.85 -28.40
N THR C 84 -20.87 19.03 -29.34
CA THR C 84 -19.43 18.92 -29.54
C THR C 84 -18.80 20.25 -29.92
N LYS C 85 -19.57 21.06 -30.64
CA LYS C 85 -19.14 22.36 -31.14
C LYS C 85 -18.88 23.35 -30.01
N GLY C 86 -19.53 23.11 -28.88
CA GLY C 86 -19.43 23.99 -27.73
C GLY C 86 -18.07 23.92 -27.10
N VAL C 87 -17.30 22.87 -27.43
CA VAL C 87 -15.97 22.68 -26.85
C VAL C 87 -14.90 22.76 -27.95
N ASP C 88 -15.28 23.21 -29.15
CA ASP C 88 -14.32 23.47 -30.23
C ASP C 88 -13.34 24.55 -29.80
N ALA C 89 -12.06 24.31 -30.08
CA ALA C 89 -11.05 25.37 -29.97
C ALA C 89 -11.25 26.34 -31.14
N LEU C 90 -11.04 27.64 -30.88
CA LEU C 90 -11.28 28.68 -31.87
C LEU C 90 -10.07 29.58 -32.07
N VAL C 91 -9.66 29.72 -33.33
CA VAL C 91 -8.69 30.74 -33.70
C VAL C 91 -9.38 32.10 -33.63
N TYR C 92 -8.89 32.98 -32.76
CA TYR C 92 -9.49 34.31 -32.59
C TYR C 92 -8.56 35.40 -33.11
N PHE C 93 -7.34 35.02 -33.50
CA PHE C 93 -6.40 35.98 -34.05
C PHE C 93 -5.32 35.33 -34.90
N ILE C 94 -5.03 35.97 -36.04
CA ILE C 94 -3.87 35.62 -36.86
C ILE C 94 -3.17 36.87 -37.41
N ASP C 95 -1.86 36.78 -37.55
CA ASP C 95 -1.07 37.79 -38.25
C ASP C 95 -0.15 37.06 -39.23
N GLU C 96 -0.58 36.96 -40.49
CA GLU C 96 0.17 36.20 -41.47
C GLU C 96 1.56 36.77 -41.71
N ALA C 97 1.68 38.09 -41.65
CA ALA C 97 2.96 38.74 -41.87
C ALA C 97 3.98 38.42 -40.79
N LYS C 98 3.55 38.44 -39.52
CA LYS C 98 4.44 38.14 -38.42
C LYS C 98 4.46 36.65 -38.07
N GLY C 99 3.56 35.89 -38.68
CA GLY C 99 3.48 34.46 -38.45
C GLY C 99 3.01 34.10 -37.05
N ILE C 100 2.00 34.82 -36.57
CA ILE C 100 1.41 34.57 -35.24
C ILE C 100 -0.03 34.09 -35.35
N MET C 101 -0.40 33.18 -34.48
CA MET C 101 -1.79 32.76 -34.31
C MET C 101 -2.10 32.52 -32.85
N LYS C 102 -3.33 32.84 -32.45
CA LYS C 102 -3.77 32.67 -31.07
C LYS C 102 -5.08 31.88 -31.05
N VAL C 103 -5.14 30.92 -30.12
CA VAL C 103 -6.26 29.99 -30.04
C VAL C 103 -6.88 29.98 -28.64
N ALA C 104 -8.20 29.91 -28.60
CA ALA C 104 -8.94 29.82 -27.33
C ALA C 104 -9.42 28.38 -27.10
N TYR C 105 -8.96 27.76 -26.02
CA TYR C 105 -9.34 26.39 -25.68
C TYR C 105 -10.34 26.37 -24.52
N PRO C 106 -11.59 25.95 -24.77
CA PRO C 106 -12.56 25.85 -23.68
C PRO C 106 -12.06 24.96 -22.52
N ASN C 107 -12.27 25.41 -21.28
CA ASN C 107 -11.76 24.70 -20.11
C ASN C 107 -12.19 23.24 -19.99
N ASP C 108 -13.40 22.94 -20.46
CA ASP C 108 -13.97 21.60 -20.31
C ASP C 108 -13.26 20.54 -21.14
N LEU C 109 -12.42 20.98 -22.07
CA LEU C 109 -11.66 20.04 -22.90
C LEU C 109 -10.65 19.23 -22.08
N PHE C 110 -10.13 19.83 -21.02
CA PHE C 110 -8.97 19.29 -20.32
C PHE C 110 -9.33 18.22 -19.28
N ASP C 111 -8.51 17.17 -19.24
CA ASP C 111 -8.75 16.00 -18.42
C ASP C 111 -8.69 16.34 -16.93
N ARG C 112 -9.45 15.59 -16.12
CA ARG C 112 -9.54 15.82 -14.68
C ARG C 112 -9.31 14.53 -13.91
N ASN C 113 -8.60 14.61 -12.79
CA ASN C 113 -8.44 13.42 -11.97
C ASN C 113 -9.79 12.93 -11.45
N VAL C 114 -10.02 11.63 -11.57
CA VAL C 114 -11.17 11.00 -10.94
C VAL C 114 -11.00 10.99 -9.43
N THR C 115 -9.75 10.98 -9.01
CA THR C 115 -9.42 10.88 -7.59
C THR C 115 -9.70 12.15 -6.80
N ASP C 116 -9.35 13.31 -7.35
CA ASP C 116 -9.45 14.56 -6.61
C ASP C 116 -9.84 15.79 -7.44
N GLY C 117 -10.25 15.56 -8.68
CA GLY C 117 -10.81 16.62 -9.52
C GLY C 117 -9.81 17.64 -10.04
N ARG C 118 -8.54 17.52 -9.66
CA ARG C 118 -7.54 18.49 -10.10
C ARG C 118 -7.26 18.27 -11.60
N VAL C 119 -6.84 19.32 -12.30
CA VAL C 119 -6.44 19.20 -13.71
C VAL C 119 -5.02 18.66 -13.82
N MET C 120 -4.62 18.28 -15.03
CA MET C 120 -3.31 17.68 -15.25
C MET C 120 -2.64 18.33 -16.46
N ILE C 121 -1.34 18.61 -16.32
CA ILE C 121 -0.59 19.33 -17.34
C ILE C 121 -0.41 18.52 -18.60
N VAL C 122 -0.44 17.20 -18.47
CA VAL C 122 -0.24 16.31 -19.61
C VAL C 122 -1.39 16.46 -20.61
N SER C 123 -2.57 16.80 -20.11
CA SER C 123 -3.71 17.05 -20.99
C SER C 123 -3.49 18.35 -21.77
N PHE C 124 -2.97 19.36 -21.09
CA PHE C 124 -2.63 20.63 -21.74
C PHE C 124 -1.61 20.37 -22.85
N LEU C 125 -0.64 19.51 -22.58
CA LEU C 125 0.39 19.21 -23.58
C LEU C 125 -0.21 18.41 -24.74
N THR C 126 -1.01 17.40 -24.44
CA THR C 126 -1.60 16.54 -25.48
C THR C 126 -2.43 17.36 -26.47
N LEU C 127 -3.30 18.23 -25.97
CA LEU C 127 -4.18 19.00 -26.82
C LEU C 127 -3.48 20.16 -27.52
N CYS C 128 -2.77 20.99 -26.76
CA CYS C 128 -2.29 22.25 -27.29
C CYS C 128 -0.97 22.16 -28.04
N ILE C 129 -0.21 21.09 -27.84
CA ILE C 129 1.08 20.95 -28.51
C ILE C 129 1.42 19.48 -28.79
N GLY C 130 0.38 18.69 -29.02
CA GLY C 130 0.53 17.26 -29.32
C GLY C 130 0.59 16.92 -30.80
N ASN C 131 -0.51 16.37 -31.30
CA ASN C 131 -0.60 15.92 -32.68
C ASN C 131 -0.31 17.01 -33.72
N ASN C 132 -0.50 18.27 -33.33
CA ASN C 132 -0.30 19.38 -34.27
C ASN C 132 1.16 19.62 -34.63
N GLN C 133 2.06 18.88 -33.98
CA GLN C 133 3.49 19.00 -34.28
C GLN C 133 3.94 18.10 -35.43
N GLY C 134 3.04 17.26 -35.92
CA GLY C 134 3.37 16.31 -36.98
C GLY C 134 2.45 16.42 -38.18
N MET C 135 1.75 17.55 -38.30
CA MET C 135 0.80 17.73 -39.39
C MET C 135 1.50 18.07 -40.71
N GLY C 136 1.05 17.41 -41.77
CA GLY C 136 1.68 17.53 -43.07
C GLY C 136 1.47 18.89 -43.73
N ASP C 137 0.39 19.57 -43.39
CA ASP C 137 0.09 20.85 -44.01
C ASP C 137 0.65 22.05 -43.22
N ILE C 138 1.41 21.75 -42.16
CA ILE C 138 2.07 22.75 -41.33
C ILE C 138 3.60 22.62 -41.37
N ALA C 139 4.28 23.69 -41.78
CA ALA C 139 5.74 23.67 -41.82
C ALA C 139 6.32 23.69 -40.41
N ASN C 140 5.83 24.58 -39.55
CA ASN C 140 6.27 24.61 -38.14
C ASN C 140 5.24 25.31 -37.26
N LEU C 141 5.29 24.98 -35.97
CA LEU C 141 4.33 25.50 -35.01
C LEU C 141 4.92 25.45 -33.61
N GLN C 142 5.06 26.61 -32.98
CA GLN C 142 5.64 26.68 -31.62
C GLN C 142 4.87 27.59 -30.68
N MET C 143 4.60 27.08 -29.49
CA MET C 143 3.92 27.85 -28.45
C MET C 143 4.85 28.88 -27.82
N GLN C 144 4.38 30.13 -27.74
CA GLN C 144 5.18 31.23 -27.20
C GLN C 144 4.71 31.66 -25.82
N ASP C 145 3.42 31.45 -25.54
CA ASP C 145 2.79 31.93 -24.30
C ASP C 145 1.39 31.33 -24.18
N PHE C 146 0.85 31.32 -22.96
CA PHE C 146 -0.53 30.91 -22.74
C PHE C 146 -1.13 31.60 -21.53
N TYR C 147 -2.46 31.73 -21.52
CA TYR C 147 -3.17 32.32 -20.38
C TYR C 147 -4.03 31.30 -19.64
N VAL C 148 -3.86 31.25 -18.32
CA VAL C 148 -4.63 30.34 -17.47
C VAL C 148 -5.66 31.13 -16.65
N PRO C 149 -6.96 30.85 -16.84
CA PRO C 149 -7.95 31.61 -16.07
C PRO C 149 -8.05 31.16 -14.60
N PRO C 150 -8.67 31.98 -13.74
CA PRO C 150 -8.79 31.74 -12.29
C PRO C 150 -9.22 30.33 -11.86
N ARG C 151 -10.29 29.80 -12.43
CA ARG C 151 -10.82 28.52 -11.98
C ARG C 151 -9.88 27.37 -12.29
N MET C 152 -9.26 27.42 -13.47
CA MET C 152 -8.31 26.40 -13.87
C MET C 152 -7.08 26.46 -12.98
N LEU C 153 -6.69 27.68 -12.66
CA LEU C 153 -5.56 27.95 -11.81
C LEU C 153 -5.84 27.36 -10.42
N GLN C 154 -7.08 27.46 -9.96
CA GLN C 154 -7.47 26.89 -8.67
C GLN C 154 -7.34 25.36 -8.63
N LEU C 155 -7.31 24.71 -9.80
CA LEU C 155 -7.33 23.24 -9.89
C LEU C 155 -5.98 22.63 -10.25
N PHE C 156 -4.95 23.47 -10.37
CA PHE C 156 -3.58 22.99 -10.50
C PHE C 156 -2.95 22.84 -9.12
N ASP C 157 -1.99 21.92 -8.98
CA ASP C 157 -1.35 21.69 -7.70
C ASP C 157 -0.61 22.93 -7.18
N GLY C 158 0.21 23.54 -8.03
CA GLY C 158 1.06 24.64 -7.61
C GLY C 158 2.15 24.17 -6.66
N PRO C 159 3.12 25.04 -6.38
CA PRO C 159 4.22 24.62 -5.49
C PRO C 159 3.76 24.48 -4.05
N ALA C 160 4.38 23.58 -3.31
CA ALA C 160 4.11 23.39 -1.89
C ALA C 160 5.26 23.95 -1.04
N LYS C 161 6.41 24.14 -1.68
CA LYS C 161 7.58 24.72 -1.04
C LYS C 161 8.20 25.77 -1.96
N ASP C 162 8.93 26.73 -1.40
CA ASP C 162 9.61 27.74 -2.22
C ASP C 162 10.87 28.23 -1.51
N ILE C 163 11.53 29.23 -2.10
CA ILE C 163 12.83 29.69 -1.64
C ILE C 163 12.80 30.21 -0.21
N SER C 164 11.63 30.69 0.22
CA SER C 164 11.49 31.22 1.57
C SER C 164 11.74 30.11 2.60
N ASP C 165 11.42 28.87 2.23
CA ASP C 165 11.67 27.74 3.11
C ASP C 165 13.17 27.49 3.26
N LEU C 166 13.91 27.74 2.19
CA LEU C 166 15.37 27.59 2.22
C LEU C 166 15.99 28.74 3.01
N TRP C 167 15.50 29.95 2.78
CA TRP C 167 15.96 31.10 3.54
C TRP C 167 15.77 30.89 5.05
N ARG C 168 14.62 30.34 5.43
CA ARG C 168 14.31 30.09 6.84
C ARG C 168 15.34 29.16 7.46
N ILE C 169 15.63 28.06 6.77
CA ILE C 169 16.64 27.12 7.24
C ILE C 169 17.99 27.82 7.37
N LEU C 170 18.31 28.69 6.42
CA LEU C 170 19.60 29.35 6.38
C LEU C 170 19.69 30.52 7.37
N GLY C 171 18.61 30.82 8.06
CA GLY C 171 18.61 31.89 9.04
C GLY C 171 18.57 33.26 8.40
N ARG C 172 18.04 33.32 7.18
CA ARG C 172 17.92 34.57 6.45
C ARG C 172 16.46 35.02 6.36
N PRO C 173 16.25 36.32 6.06
CA PRO C 173 14.91 36.89 5.97
C PRO C 173 14.01 36.09 5.04
N VAL C 174 12.82 35.75 5.51
CA VAL C 174 11.89 34.95 4.73
C VAL C 174 11.33 35.78 3.57
N LYS C 175 11.55 37.08 3.63
CA LYS C 175 11.30 38.00 2.52
C LYS C 175 12.63 38.59 2.00
N ASP C 176 12.91 38.43 0.71
CA ASP C 176 14.16 38.93 0.14
C ASP C 176 15.39 38.44 0.89
N GLY C 177 15.45 37.14 1.15
CA GLY C 177 16.58 36.55 1.84
C GLY C 177 17.84 36.56 1.00
N GLY C 178 17.69 36.79 -0.30
CA GLY C 178 18.82 37.01 -1.18
C GLY C 178 19.52 35.79 -1.74
N TYR C 179 20.79 35.96 -2.05
CA TYR C 179 21.59 34.99 -2.81
C TYR C 179 21.89 33.70 -2.04
N ILE C 180 21.62 32.58 -2.69
CA ILE C 180 21.97 31.27 -2.17
C ILE C 180 23.10 30.68 -3.01
N SER C 181 24.28 30.53 -2.41
CA SER C 181 25.46 30.05 -3.13
C SER C 181 25.36 28.53 -3.28
N GLY C 182 25.72 28.04 -4.46
CA GLY C 182 25.69 26.61 -4.72
C GLY C 182 26.64 26.06 -5.76
N THR C 183 26.50 24.77 -6.03
CA THR C 183 27.36 24.07 -6.98
C THR C 183 26.72 22.73 -7.38
N ILE C 184 27.30 22.10 -8.40
CA ILE C 184 27.07 20.71 -8.77
C ILE C 184 28.31 19.89 -8.55
N ILE C 185 28.20 18.65 -8.08
CA ILE C 185 29.45 17.93 -7.90
C ILE C 185 30.06 17.62 -9.27
N LYS C 186 31.36 17.89 -9.35
CA LYS C 186 32.20 17.71 -10.53
C LYS C 186 33.26 16.67 -10.18
N PRO C 187 33.55 15.70 -11.08
CA PRO C 187 33.02 15.37 -12.40
C PRO C 187 31.59 14.94 -12.36
N LYS C 188 30.90 15.07 -13.49
CA LYS C 188 29.47 14.88 -13.50
C LYS C 188 29.13 13.42 -13.32
N LEU C 189 29.96 12.54 -13.86
CA LEU C 189 29.87 11.12 -13.53
C LEU C 189 31.26 10.58 -13.25
N GLY C 190 31.36 9.63 -12.32
CA GLY C 190 32.61 8.93 -12.08
C GLY C 190 33.23 8.92 -10.71
N LEU C 191 32.87 9.85 -9.83
CA LEU C 191 33.46 9.82 -8.50
C LEU C 191 32.88 8.64 -7.71
N ARG C 192 33.74 7.94 -6.98
CA ARG C 192 33.30 6.87 -6.09
C ARG C 192 32.78 7.50 -4.81
N PRO C 193 32.13 6.72 -3.94
CA PRO C 193 31.48 7.28 -2.75
C PRO C 193 32.39 8.15 -1.88
N GLU C 194 33.55 7.66 -1.50
CA GLU C 194 34.42 8.41 -0.60
C GLU C 194 34.87 9.71 -1.30
N PRO C 195 35.37 9.62 -2.55
CA PRO C 195 35.72 10.84 -3.30
C PRO C 195 34.53 11.80 -3.46
N PHE C 196 33.36 11.26 -3.72
CA PHE C 196 32.16 12.06 -3.92
C PHE C 196 31.81 12.84 -2.64
N ALA C 197 31.83 12.16 -1.49
CA ALA C 197 31.48 12.77 -0.20
C ALA C 197 32.49 13.85 0.16
N LYS C 198 33.75 13.58 -0.16
CA LYS C 198 34.84 14.51 0.11
C LYS C 198 34.68 15.80 -0.69
N ALA C 199 34.28 15.70 -1.96
CA ALA C 199 34.09 16.89 -2.78
C ALA C 199 32.97 17.78 -2.23
N ALA C 200 31.91 17.14 -1.73
CA ALA C 200 30.78 17.84 -1.14
C ALA C 200 31.13 18.61 0.12
N TYR C 201 31.86 17.96 1.02
CA TYR C 201 32.29 18.55 2.27
C TYR C 201 33.08 19.82 1.97
N GLN C 202 33.99 19.73 1.00
CA GLN C 202 34.88 20.84 0.66
C GLN C 202 34.12 22.09 0.23
N PHE C 203 33.09 21.94 -0.59
CA PHE C 203 32.31 23.09 -1.04
C PHE C 203 31.50 23.70 0.11
N TRP C 204 30.86 22.84 0.90
CA TRP C 204 29.96 23.28 1.97
C TRP C 204 30.67 24.11 3.03
N LEU C 205 32.00 24.04 3.06
CA LEU C 205 32.76 24.88 3.98
C LEU C 205 32.63 26.37 3.66
N GLY C 206 32.20 26.68 2.44
CA GLY C 206 32.04 28.06 2.00
C GLY C 206 30.67 28.36 1.43
N GLY C 207 30.02 27.34 0.89
CA GLY C 207 28.74 27.52 0.19
C GLY C 207 27.56 26.91 0.92
N ASP C 208 26.36 27.21 0.42
CA ASP C 208 25.10 26.78 1.05
C ASP C 208 24.58 25.48 0.49
N PHE C 209 24.62 25.35 -0.84
CA PHE C 209 23.76 24.46 -1.60
C PHE C 209 24.53 23.56 -2.56
N ILE C 210 24.34 22.25 -2.44
CA ILE C 210 24.91 21.28 -3.38
C ILE C 210 23.81 20.42 -4.00
N KCX C 211 23.97 20.09 -5.27
CA KCX C 211 23.02 19.21 -5.92
CB KCX C 211 22.21 20.09 -6.83
CG KCX C 211 22.95 20.52 -8.05
CD KCX C 211 22.15 21.40 -9.02
CE KCX C 211 21.20 20.63 -9.99
NZ KCX C 211 21.97 19.72 -10.87
C KCX C 211 23.74 18.20 -6.73
O KCX C 211 24.84 18.43 -7.17
CX KCX C 211 22.59 20.21 -12.11
OQ1 KCX C 211 22.57 21.45 -12.38
OQ2 KCX C 211 23.17 19.39 -12.89
N ASN C 212 23.13 17.03 -6.88
CA ASN C 212 23.64 16.05 -7.82
C ASN C 212 23.70 16.69 -9.20
N ASP C 213 24.66 16.29 -9.99
CA ASP C 213 24.63 16.60 -11.40
C ASP C 213 23.42 15.78 -11.91
N GLU C 214 22.79 16.18 -13.03
CA GLU C 214 21.52 15.57 -13.46
C GLU C 214 21.51 14.03 -13.67
N PRO C 215 22.64 13.43 -14.07
CA PRO C 215 22.63 11.98 -14.32
C PRO C 215 23.06 11.15 -13.11
N GLN C 216 23.53 11.78 -12.04
CA GLN C 216 24.07 11.01 -10.92
C GLN C 216 22.97 10.42 -10.05
N GLY C 217 23.05 9.11 -9.85
CA GLY C 217 22.06 8.38 -9.10
C GLY C 217 22.67 7.17 -8.39
N ASN C 218 22.45 6.02 -9.01
CA ASN C 218 22.87 4.72 -8.47
C ASN C 218 23.81 3.96 -9.43
N GLN C 219 24.79 4.64 -10.02
CA GLN C 219 25.77 3.93 -10.85
C GLN C 219 26.53 2.87 -10.06
N VAL C 220 26.96 1.81 -10.74
CA VAL C 220 27.59 0.67 -10.08
C VAL C 220 28.90 1.02 -9.39
N PHE C 221 29.54 2.10 -9.84
CA PHE C 221 30.81 2.52 -9.26
C PHE C 221 30.58 3.49 -8.10
N CYS C 222 29.33 3.87 -7.87
CA CYS C 222 28.96 4.77 -6.77
C CYS C 222 27.53 4.57 -6.33
N PRO C 223 27.23 3.41 -5.72
CA PRO C 223 25.85 3.09 -5.34
C PRO C 223 25.31 4.07 -4.31
N ILE C 224 24.03 4.40 -4.46
CA ILE C 224 23.36 5.36 -3.60
C ILE C 224 23.40 5.04 -2.10
N LYS C 225 23.18 3.77 -1.76
CA LYS C 225 23.13 3.36 -0.38
C LYS C 225 24.47 3.50 0.35
N LYS C 226 25.55 3.51 -0.42
CA LYS C 226 26.88 3.62 0.15
C LYS C 226 27.24 5.11 0.27
N VAL C 227 27.02 5.87 -0.80
CA VAL C 227 27.50 7.25 -0.92
C VAL C 227 26.66 8.21 -0.10
N LEU C 228 25.35 8.00 -0.01
CA LEU C 228 24.48 8.98 0.62
C LEU C 228 24.74 9.19 2.11
N PRO C 229 24.98 8.09 2.87
CA PRO C 229 25.36 8.29 4.27
C PRO C 229 26.66 9.07 4.40
N LEU C 230 27.56 8.89 3.45
CA LEU C 230 28.83 9.62 3.46
C LEU C 230 28.59 11.09 3.16
N VAL C 231 27.67 11.37 2.25
CA VAL C 231 27.32 12.75 1.93
C VAL C 231 26.70 13.45 3.14
N TYR C 232 25.85 12.75 3.89
CA TYR C 232 25.22 13.32 5.07
C TYR C 232 26.25 13.63 6.15
N ASP C 233 27.22 12.75 6.32
CA ASP C 233 28.32 12.97 7.26
C ASP C 233 29.07 14.26 6.94
N SER C 234 29.30 14.51 5.65
CA SER C 234 29.97 15.71 5.20
C SER C 234 29.14 16.94 5.51
N LEU C 235 27.82 16.80 5.38
CA LEU C 235 26.90 17.89 5.67
C LEU C 235 26.96 18.23 7.17
N LYS C 236 26.91 17.20 8.01
CA LYS C 236 27.03 17.39 9.45
C LYS C 236 28.36 18.05 9.84
N ARG C 237 29.46 17.58 9.27
CA ARG C 237 30.77 18.13 9.61
C ARG C 237 30.87 19.60 9.21
N ALA C 238 30.35 19.94 8.05
CA ALA C 238 30.40 21.32 7.56
C ALA C 238 29.51 22.20 8.43
N GLN C 239 28.35 21.70 8.81
CA GLN C 239 27.46 22.45 9.69
C GLN C 239 28.17 22.70 11.00
N ASP C 240 28.83 21.69 11.54
CA ASP C 240 29.51 21.81 12.82
C ASP C 240 30.67 22.79 12.73
N GLU C 241 31.37 22.78 11.60
CA GLU C 241 32.57 23.58 11.42
C GLU C 241 32.31 25.02 11.05
N THR C 242 31.23 25.26 10.30
CA THR C 242 30.86 26.60 9.84
C THR C 242 29.86 27.29 10.73
N GLY C 243 29.11 26.52 11.51
CA GLY C 243 28.04 27.08 12.31
C GLY C 243 26.92 27.50 11.38
N GLN C 244 26.91 26.98 10.16
CA GLN C 244 25.89 27.30 9.16
C GLN C 244 25.14 26.08 8.67
N ALA C 245 23.84 26.24 8.41
CA ALA C 245 23.03 25.15 7.89
C ALA C 245 23.43 24.89 6.44
N LYS C 246 23.30 23.64 5.98
CA LYS C 246 23.64 23.32 4.60
C LYS C 246 22.48 22.61 3.92
N LEU C 247 22.48 22.64 2.59
CA LEU C 247 21.36 22.12 1.81
C LEU C 247 21.87 21.15 0.75
N PHE C 248 21.12 20.09 0.51
CA PHE C 248 21.48 19.11 -0.50
C PHE C 248 20.29 18.76 -1.37
N SER C 249 20.48 18.84 -2.68
CA SER C 249 19.44 18.53 -3.64
C SER C 249 19.80 17.23 -4.34
N MET C 250 19.05 16.19 -4.04
CA MET C 250 19.33 14.85 -4.52
C MET C 250 18.48 14.43 -5.71
N ASN C 251 19.11 13.84 -6.70
CA ASN C 251 18.40 13.30 -7.85
C ASN C 251 17.63 12.02 -7.52
N ILE C 252 16.31 12.04 -7.70
CA ILE C 252 15.48 10.85 -7.49
C ILE C 252 14.78 10.41 -8.79
N THR C 253 15.25 10.95 -9.91
CA THR C 253 14.70 10.61 -11.22
C THR C 253 14.80 9.11 -11.51
N ALA C 254 13.69 8.52 -11.93
CA ALA C 254 13.67 7.11 -12.31
C ALA C 254 12.39 6.77 -13.07
N ASP C 255 12.50 5.83 -14.00
CA ASP C 255 11.36 5.32 -14.76
C ASP C 255 10.25 4.84 -13.84
N ASP C 256 10.63 3.99 -12.88
CA ASP C 256 9.68 3.35 -11.99
C ASP C 256 9.32 4.28 -10.85
N HIS C 257 8.03 4.60 -10.73
CA HIS C 257 7.50 5.41 -9.64
C HIS C 257 8.00 4.90 -8.29
N TYR C 258 8.03 3.59 -8.12
CA TYR C 258 8.41 2.99 -6.85
C TYR C 258 9.93 3.01 -6.63
N GLU C 259 10.71 3.17 -7.69
CA GLU C 259 12.15 3.40 -7.58
C GLU C 259 12.38 4.82 -7.03
N MET C 260 11.64 5.78 -7.56
CA MET C 260 11.72 7.16 -7.06
C MET C 260 11.44 7.24 -5.57
N CYS C 261 10.37 6.56 -5.15
CA CYS C 261 9.95 6.57 -3.75
C CYS C 261 10.95 5.84 -2.86
N ALA C 262 11.59 4.82 -3.41
CA ALA C 262 12.60 4.08 -2.66
C ALA C 262 13.79 4.99 -2.36
N ARG C 263 14.21 5.76 -3.36
CA ARG C 263 15.31 6.68 -3.21
C ARG C 263 14.95 7.79 -2.23
N ALA C 264 13.74 8.34 -2.37
CA ALA C 264 13.26 9.41 -1.49
C ALA C 264 13.19 8.96 -0.03
N ASP C 265 12.59 7.80 0.20
CA ASP C 265 12.45 7.27 1.56
C ASP C 265 13.80 7.06 2.22
N PHE C 266 14.73 6.48 1.47
CA PHE C 266 16.06 6.22 1.98
C PHE C 266 16.81 7.52 2.30
N ALA C 267 16.64 8.51 1.44
CA ALA C 267 17.29 9.80 1.60
C ALA C 267 16.86 10.54 2.86
N LEU C 268 15.56 10.57 3.10
CA LEU C 268 15.01 11.30 4.25
C LEU C 268 15.39 10.59 5.54
N GLU C 269 15.35 9.27 5.51
CA GLU C 269 15.76 8.46 6.67
C GLU C 269 17.24 8.65 7.01
N THR C 270 18.07 8.68 5.97
CA THR C 270 19.51 8.83 6.14
C THR C 270 19.87 10.18 6.77
N PHE C 271 19.22 11.24 6.31
CA PHE C 271 19.54 12.59 6.78
C PHE C 271 18.88 12.87 8.14
N GLY C 272 17.95 12.00 8.52
CA GLY C 272 17.32 12.02 9.82
C GLY C 272 16.89 13.42 10.28
N PRO C 273 17.48 13.92 11.38
CA PRO C 273 17.05 15.21 11.94
C PRO C 273 17.32 16.40 11.02
N ASP C 274 18.03 16.18 9.92
CA ASP C 274 18.30 17.24 8.95
C ASP C 274 17.55 16.99 7.64
N ALA C 275 16.59 16.08 7.67
CA ALA C 275 15.91 15.63 6.45
C ALA C 275 15.14 16.75 5.76
N ASP C 276 14.77 17.81 6.49
CA ASP C 276 14.08 18.94 5.89
C ASP C 276 14.98 19.72 4.94
N LYS C 277 16.29 19.50 5.06
CA LYS C 277 17.26 20.22 4.24
C LYS C 277 17.57 19.49 2.95
N VAL C 278 16.89 18.36 2.73
CA VAL C 278 17.03 17.60 1.49
C VAL C 278 16.01 18.02 0.46
N ALA C 279 16.48 18.52 -0.66
CA ALA C 279 15.62 18.78 -1.81
C ALA C 279 15.67 17.58 -2.75
N PHE C 280 14.59 17.36 -3.49
CA PHE C 280 14.52 16.27 -4.46
C PHE C 280 14.60 16.82 -5.88
N LEU C 281 15.65 16.42 -6.59
CA LEU C 281 15.85 16.83 -7.97
C LEU C 281 15.21 15.86 -8.94
N VAL C 282 14.41 16.39 -9.87
CA VAL C 282 13.77 15.58 -10.90
C VAL C 282 14.06 16.14 -12.29
N ASP C 283 14.56 15.28 -13.17
CA ASP C 283 14.76 15.64 -14.58
C ASP C 283 13.40 15.66 -15.29
N GLY C 284 12.67 16.75 -15.12
CA GLY C 284 11.26 16.82 -15.50
C GLY C 284 10.98 16.84 -16.98
N PHE C 285 11.92 17.32 -17.79
CA PHE C 285 11.69 17.41 -19.22
C PHE C 285 11.81 16.02 -19.87
N VAL C 286 12.94 15.35 -19.68
CA VAL C 286 13.10 14.00 -20.23
C VAL C 286 12.32 12.98 -19.41
N GLY C 287 12.09 13.28 -18.14
CA GLY C 287 11.37 12.38 -17.25
C GLY C 287 9.87 12.48 -17.41
N GLY C 288 9.40 13.70 -17.69
CA GLY C 288 7.99 13.94 -17.95
C GLY C 288 7.22 14.32 -16.69
N PRO C 289 5.97 14.82 -16.86
CA PRO C 289 5.13 15.26 -15.76
C PRO C 289 4.88 14.19 -14.70
N GLY C 290 4.91 12.92 -15.09
CA GLY C 290 4.68 11.83 -14.15
C GLY C 290 5.67 11.83 -12.99
N MET C 291 6.94 12.02 -13.32
CA MET C 291 8.01 12.00 -12.31
C MET C 291 7.95 13.26 -11.45
N VAL C 292 7.64 14.39 -12.07
CA VAL C 292 7.54 15.65 -11.33
C VAL C 292 6.44 15.56 -10.28
N THR C 293 5.31 15.00 -10.69
CA THR C 293 4.13 14.90 -9.83
C THR C 293 4.35 13.85 -8.72
N THR C 294 5.13 12.82 -9.00
CA THR C 294 5.46 11.83 -7.98
C THR C 294 6.16 12.51 -6.80
N ALA C 295 7.15 13.34 -7.10
CA ALA C 295 7.85 14.08 -6.06
C ALA C 295 6.90 15.07 -5.39
N ARG C 296 6.15 15.81 -6.21
CA ARG C 296 5.29 16.87 -5.71
C ARG C 296 4.18 16.34 -4.80
N ARG C 297 3.54 15.24 -5.18
CA ARG C 297 2.38 14.74 -4.44
C ARG C 297 2.78 13.78 -3.33
N GLN C 298 3.85 13.03 -3.51
CA GLN C 298 4.28 12.06 -2.49
C GLN C 298 5.23 12.67 -1.46
N TYR C 299 5.90 13.76 -1.83
CA TYR C 299 6.84 14.42 -0.93
C TYR C 299 6.75 15.96 -0.96
N PRO C 300 5.55 16.49 -0.72
CA PRO C 300 5.31 17.94 -0.80
C PRO C 300 6.12 18.77 0.20
N SER C 301 6.54 18.16 1.32
CA SER C 301 7.28 18.88 2.35
C SER C 301 8.78 18.97 2.05
N GLN C 302 9.20 18.41 0.92
CA GLN C 302 10.58 18.52 0.46
C GLN C 302 10.66 19.45 -0.74
N TYR C 303 11.59 20.40 -0.72
CA TYR C 303 11.80 21.32 -1.83
C TYR C 303 12.01 20.53 -3.13
N LEU C 304 11.20 20.82 -4.15
CA LEU C 304 11.26 20.07 -5.40
C LEU C 304 12.03 20.88 -6.46
N HIS C 305 13.17 20.33 -6.87
CA HIS C 305 14.11 20.99 -7.77
C HIS C 305 13.94 20.42 -9.18
N TYR C 306 13.38 21.24 -10.07
CA TYR C 306 13.12 20.84 -11.46
C TYR C 306 14.35 21.10 -12.34
N HIS C 307 14.94 20.02 -12.85
CA HIS C 307 16.04 20.12 -13.81
C HIS C 307 15.53 19.87 -15.23
N ARG C 308 15.84 20.79 -16.12
CA ARG C 308 15.24 20.82 -17.46
C ARG C 308 16.12 20.20 -18.55
N ALA C 309 17.02 19.29 -18.18
CA ALA C 309 17.90 18.64 -19.16
C ALA C 309 17.12 18.11 -20.38
N GLY C 310 17.62 18.47 -21.56
CA GLY C 310 17.00 18.06 -22.81
C GLY C 310 16.18 19.15 -23.45
N HIS C 311 15.77 20.14 -22.66
CA HIS C 311 14.85 21.19 -23.11
C HIS C 311 15.29 21.92 -24.38
N GLY C 312 16.61 22.02 -24.59
CA GLY C 312 17.14 22.76 -25.72
C GLY C 312 16.69 22.25 -27.07
N MET C 313 16.20 21.01 -27.11
CA MET C 313 15.79 20.40 -28.35
C MET C 313 14.55 21.08 -28.96
N VAL C 314 13.83 21.86 -28.16
CA VAL C 314 12.69 22.65 -28.66
C VAL C 314 12.76 24.13 -28.25
N THR C 315 13.44 24.44 -27.15
CA THR C 315 13.46 25.80 -26.64
C THR C 315 14.54 26.68 -27.24
N SER C 316 15.46 26.07 -28.00
CA SER C 316 16.54 26.81 -28.64
C SER C 316 15.99 27.97 -29.48
N PRO C 317 16.71 29.10 -29.52
CA PRO C 317 16.28 30.19 -30.39
C PRO C 317 16.10 29.77 -31.84
N SER C 318 16.88 28.76 -32.26
CA SER C 318 16.83 28.27 -33.63
C SER C 318 15.64 27.34 -33.86
N SER C 319 15.00 26.91 -32.78
CA SER C 319 13.88 25.99 -32.90
C SER C 319 12.60 26.73 -33.27
N LYS C 320 11.83 26.14 -34.17
CA LYS C 320 10.53 26.70 -34.53
C LYS C 320 9.38 25.75 -34.15
N ARG C 321 9.67 24.79 -33.26
CA ARG C 321 8.70 23.75 -32.90
C ARG C 321 8.56 23.59 -31.39
N GLY C 322 7.46 22.97 -30.99
CA GLY C 322 7.23 22.68 -29.58
C GLY C 322 6.84 23.90 -28.78
N TYR C 323 7.71 24.29 -27.86
CA TYR C 323 7.46 25.44 -27.02
C TYR C 323 8.75 26.01 -26.47
N THR C 324 8.68 27.24 -25.96
CA THR C 324 9.86 27.96 -25.52
C THR C 324 10.20 27.66 -24.06
N ALA C 325 11.35 28.14 -23.64
CA ALA C 325 11.81 27.99 -22.25
C ALA C 325 10.87 28.72 -21.29
N PHE C 326 10.33 29.86 -21.74
CA PHE C 326 9.37 30.62 -20.95
C PHE C 326 8.14 29.78 -20.65
N VAL C 327 7.58 29.17 -21.69
CA VAL C 327 6.42 28.32 -21.56
C VAL C 327 6.71 27.16 -20.60
N LEU C 328 7.89 26.57 -20.74
CA LEU C 328 8.29 25.45 -19.87
C LEU C 328 8.29 25.87 -18.40
N ALA C 329 8.89 27.02 -18.10
CA ALA C 329 9.00 27.48 -16.72
C ALA C 329 7.62 27.77 -16.13
N LYS C 330 6.77 28.40 -16.93
CA LYS C 330 5.43 28.76 -16.46
C LYS C 330 4.62 27.49 -16.17
N MET C 331 4.77 26.48 -17.01
CA MET C 331 4.10 25.19 -16.79
C MET C 331 4.57 24.55 -15.48
N SER C 332 5.88 24.64 -15.23
CA SER C 332 6.48 23.98 -14.08
C SER C 332 5.90 24.49 -12.77
N ARG C 333 5.57 25.77 -12.74
CA ARG C 333 4.98 26.37 -11.57
C ARG C 333 3.61 25.74 -11.30
N LEU C 334 2.82 25.55 -12.35
CA LEU C 334 1.53 24.88 -12.21
C LEU C 334 1.72 23.45 -11.72
N GLN C 335 2.75 22.78 -12.26
CA GLN C 335 3.05 21.41 -11.85
C GLN C 335 3.42 21.30 -10.38
N GLY C 336 4.00 22.36 -9.84
CA GLY C 336 4.33 22.42 -8.43
C GLY C 336 5.81 22.37 -8.13
N ALA C 337 6.63 22.72 -9.12
CA ALA C 337 8.06 22.83 -8.88
C ALA C 337 8.35 23.96 -7.90
N SER C 338 9.22 23.67 -6.92
CA SER C 338 9.65 24.67 -5.96
C SER C 338 10.65 25.60 -6.63
N GLY C 339 11.38 25.07 -7.59
CA GLY C 339 12.32 25.86 -8.36
C GLY C 339 12.61 25.20 -9.70
N ILE C 340 13.02 26.00 -10.68
CA ILE C 340 13.35 25.48 -12.00
C ILE C 340 14.49 26.27 -12.63
N HIS C 341 15.32 25.58 -13.38
CA HIS C 341 16.40 26.19 -14.13
C HIS C 341 15.82 27.10 -15.21
N VAL C 342 16.38 28.30 -15.36
CA VAL C 342 15.90 29.27 -16.35
C VAL C 342 17.07 29.74 -17.21
N GLY C 343 18.25 29.21 -16.92
CA GLY C 343 19.47 29.50 -17.64
C GLY C 343 20.25 30.71 -17.17
N THR C 344 21.27 31.07 -17.95
CA THR C 344 22.16 32.15 -17.55
C THR C 344 21.93 33.39 -18.38
N MET C 345 20.91 33.35 -19.23
CA MET C 345 20.49 34.55 -19.95
C MET C 345 21.63 35.16 -20.77
N GLY C 346 22.38 34.30 -21.45
CA GLY C 346 23.45 34.75 -22.34
C GLY C 346 24.76 35.05 -21.65
N TYR C 347 24.78 34.86 -20.33
CA TYR C 347 25.98 35.14 -19.55
C TYR C 347 26.80 33.88 -19.23
N GLY C 348 26.57 32.78 -19.94
CA GLY C 348 27.36 31.59 -19.66
C GLY C 348 27.67 30.67 -20.83
N LYS C 349 27.40 29.37 -20.73
CA LYS C 349 27.72 28.47 -21.84
C LYS C 349 26.56 27.87 -22.61
N MET C 350 25.33 28.09 -22.16
CA MET C 350 24.18 27.57 -22.87
C MET C 350 23.62 28.64 -23.82
N GLU C 351 22.46 28.36 -24.41
CA GLU C 351 21.78 29.27 -25.33
C GLU C 351 20.73 30.05 -24.59
N GLY C 352 20.99 31.34 -24.43
CA GLY C 352 20.11 32.23 -23.71
C GLY C 352 20.54 33.64 -23.98
N GLY C 353 19.64 34.58 -23.71
CA GLY C 353 19.89 36.00 -23.97
C GLY C 353 19.31 36.80 -22.83
N LYS C 354 19.62 38.10 -22.82
CA LYS C 354 19.21 38.96 -21.70
C LYS C 354 17.70 39.08 -21.52
N ASP C 355 16.95 38.88 -22.59
CA ASP C 355 15.50 39.00 -22.48
C ASP C 355 14.91 37.82 -21.72
N ASP C 356 15.71 36.78 -21.47
CA ASP C 356 15.22 35.61 -20.75
C ASP C 356 14.89 35.91 -19.29
N ARG C 357 15.22 37.12 -18.83
CA ARG C 357 14.92 37.52 -17.47
C ARG C 357 13.42 37.55 -17.17
N ILE C 358 12.62 37.68 -18.22
CA ILE C 358 11.17 37.67 -18.08
C ILE C 358 10.71 36.31 -17.60
N ILE C 359 11.48 35.26 -17.95
CA ILE C 359 11.19 33.91 -17.51
C ILE C 359 11.25 33.86 -15.98
N ALA C 360 12.27 34.49 -15.41
CA ALA C 360 12.41 34.53 -13.96
C ALA C 360 11.25 35.30 -13.31
N TYR C 361 10.89 36.43 -13.93
CA TYR C 361 9.83 37.29 -13.42
C TYR C 361 8.48 36.58 -13.35
N MET C 362 8.17 35.81 -14.38
CA MET C 362 6.88 35.12 -14.49
C MET C 362 6.68 34.05 -13.42
N ILE C 363 7.76 33.38 -13.02
CA ILE C 363 7.65 32.28 -12.06
C ILE C 363 7.78 32.71 -10.61
N GLU C 364 8.31 33.92 -10.37
CA GLU C 364 8.60 34.37 -9.01
C GLU C 364 7.65 35.45 -8.52
N ARG C 365 7.03 36.18 -9.45
CA ARG C 365 6.11 37.27 -9.12
C ARG C 365 4.66 36.79 -9.00
N ASP C 366 3.81 37.59 -8.34
CA ASP C 366 2.38 37.30 -8.23
C ASP C 366 1.61 37.88 -9.41
N SER C 367 2.22 38.84 -10.10
CA SER C 367 1.62 39.50 -11.25
C SER C 367 2.69 39.83 -12.27
N CYS C 368 2.57 39.28 -13.47
CA CYS C 368 3.61 39.50 -14.47
C CYS C 368 3.02 39.37 -15.88
N THR C 369 3.63 40.07 -16.82
CA THR C 369 3.20 40.05 -18.21
C THR C 369 4.19 39.31 -19.08
N GLY C 370 3.74 38.23 -19.71
CA GLY C 370 4.57 37.48 -20.63
C GLY C 370 4.58 38.13 -22.00
N PRO C 371 5.17 37.45 -22.99
CA PRO C 371 5.24 37.96 -24.36
C PRO C 371 3.88 38.27 -25.00
N PHE C 372 2.82 37.57 -24.57
CA PHE C 372 1.51 37.75 -25.18
C PHE C 372 0.37 37.88 -24.18
N TYR C 373 0.54 37.31 -22.99
CA TYR C 373 -0.54 37.30 -22.00
C TYR C 373 -0.08 37.82 -20.67
N HIS C 374 -0.90 38.67 -20.06
CA HIS C 374 -0.71 39.03 -18.66
C HIS C 374 -1.27 37.93 -17.77
N GLN C 375 -0.54 37.63 -16.70
CA GLN C 375 -0.96 36.57 -15.79
C GLN C 375 -0.99 37.06 -14.36
N GLU C 376 -2.14 36.87 -13.72
CA GLU C 376 -2.29 37.00 -12.28
C GLU C 376 -2.20 35.60 -11.68
N TRP C 377 -1.49 35.46 -10.56
CA TRP C 377 -1.28 34.15 -9.95
C TRP C 377 -2.10 33.92 -8.67
N TYR C 378 -2.75 34.97 -8.17
CA TYR C 378 -3.68 34.89 -7.03
C TYR C 378 -3.12 34.14 -5.81
N GLY C 379 -1.85 34.40 -5.49
CA GLY C 379 -1.26 33.89 -4.27
C GLY C 379 -0.62 32.52 -4.38
N MET C 380 -0.65 31.92 -5.57
CA MET C 380 0.04 30.66 -5.80
C MET C 380 1.53 30.87 -5.51
N LYS C 381 2.17 29.92 -4.83
CA LYS C 381 3.57 30.13 -4.47
C LYS C 381 4.49 30.31 -5.66
N PRO C 382 5.56 31.09 -5.48
CA PRO C 382 6.52 31.33 -6.56
C PRO C 382 7.51 30.19 -6.70
N THR C 383 7.88 29.89 -7.94
CA THR C 383 8.94 28.93 -8.24
C THR C 383 10.27 29.67 -8.34
N THR C 384 11.31 29.13 -7.70
CA THR C 384 12.61 29.79 -7.67
C THR C 384 13.32 29.72 -9.03
N PRO C 385 13.81 30.87 -9.52
CA PRO C 385 14.72 30.80 -10.66
C PRO C 385 16.11 30.32 -10.25
N ILE C 386 16.51 29.19 -10.82
CA ILE C 386 17.80 28.59 -10.55
C ILE C 386 18.78 28.85 -11.70
N ILE C 387 19.93 29.46 -11.40
CA ILE C 387 20.89 29.85 -12.43
C ILE C 387 21.98 28.80 -12.46
N SER C 388 22.22 28.22 -13.62
CA SER C 388 23.29 27.25 -13.80
C SER C 388 23.84 27.17 -15.22
N GLY C 389 25.12 26.84 -15.36
CA GLY C 389 25.72 26.63 -16.67
C GLY C 389 26.81 27.54 -17.20
N GLY C 390 28.00 27.35 -16.64
CA GLY C 390 29.19 28.05 -17.09
C GLY C 390 29.40 29.32 -16.31
N MET C 391 28.77 29.45 -15.15
CA MET C 391 28.97 30.65 -14.36
C MET C 391 30.17 30.54 -13.44
N ASN C 392 30.73 31.70 -13.14
CA ASN C 392 31.75 31.87 -12.11
C ASN C 392 31.68 33.27 -11.51
N ALA C 393 32.54 33.53 -10.53
CA ALA C 393 32.52 34.79 -9.78
C ALA C 393 32.70 36.02 -10.69
N LEU C 394 33.41 35.83 -11.81
CA LEU C 394 33.71 36.95 -12.70
C LEU C 394 32.51 37.31 -13.57
N ARG C 395 31.71 36.31 -13.89
CA ARG C 395 30.54 36.47 -14.76
C ARG C 395 29.28 36.93 -14.03
N LEU C 396 29.23 36.71 -12.71
CA LEU C 396 28.02 36.96 -11.94
C LEU C 396 27.55 38.42 -11.91
N PRO C 397 28.48 39.37 -11.73
CA PRO C 397 28.08 40.78 -11.72
C PRO C 397 27.27 41.21 -12.94
N GLY C 398 27.69 40.76 -14.12
CA GLY C 398 26.95 41.09 -15.34
C GLY C 398 25.59 40.43 -15.36
N PHE C 399 25.51 39.20 -14.85
CA PHE C 399 24.23 38.50 -14.81
C PHE C 399 23.22 39.20 -13.90
N PHE C 400 23.68 39.60 -12.72
CA PHE C 400 22.81 40.27 -11.73
C PHE C 400 22.33 41.62 -12.21
N GLU C 401 23.19 42.35 -12.91
CA GLU C 401 22.83 43.67 -13.39
C GLU C 401 21.66 43.53 -14.36
N ASN C 402 21.70 42.52 -15.22
CA ASN C 402 20.60 42.25 -16.14
C ASN C 402 19.30 41.80 -15.44
N LEU C 403 19.42 40.93 -14.44
CA LEU C 403 18.22 40.40 -13.78
C LEU C 403 17.57 41.41 -12.85
N GLY C 404 18.38 42.16 -12.11
CA GLY C 404 17.88 43.16 -11.18
C GLY C 404 17.82 42.78 -9.71
N HIS C 405 18.13 41.54 -9.37
CA HIS C 405 18.12 41.11 -7.97
C HIS C 405 18.87 39.79 -7.84
N GLY C 406 19.01 39.30 -6.60
CA GLY C 406 19.68 38.04 -6.37
C GLY C 406 18.92 37.01 -5.55
N ASN C 407 17.60 37.14 -5.49
CA ASN C 407 16.78 36.13 -4.80
C ASN C 407 16.74 34.88 -5.65
N VAL C 408 17.89 34.22 -5.76
CA VAL C 408 18.04 33.08 -6.63
C VAL C 408 18.93 32.03 -5.97
N ILE C 409 18.84 30.81 -6.48
CA ILE C 409 19.84 29.80 -6.19
C ILE C 409 20.77 29.75 -7.38
N ASN C 410 22.07 29.89 -7.12
CA ASN C 410 23.06 29.86 -8.18
C ASN C 410 24.06 28.74 -8.02
N THR C 411 23.85 27.68 -8.80
CA THR C 411 24.75 26.54 -8.82
C THR C 411 25.86 26.69 -9.86
N ALA C 412 27.12 26.63 -9.44
CA ALA C 412 28.24 26.80 -10.37
C ALA C 412 29.22 25.67 -10.12
N GLY C 413 29.23 24.68 -11.01
CA GLY C 413 30.16 23.57 -10.91
C GLY C 413 31.60 23.90 -11.24
N GLY C 414 31.80 24.42 -12.44
CA GLY C 414 33.13 24.77 -12.87
C GLY C 414 33.65 25.94 -12.07
N GLY C 415 32.76 26.90 -11.80
CA GLY C 415 33.15 28.10 -11.08
C GLY C 415 33.63 27.81 -9.67
N SER C 416 33.18 26.69 -9.12
CA SER C 416 33.57 26.31 -7.77
C SER C 416 34.80 25.39 -7.77
N TYR C 417 34.64 24.20 -8.33
CA TYR C 417 35.71 23.20 -8.35
C TYR C 417 36.85 23.58 -9.30
N GLY C 418 36.57 24.55 -10.15
CA GLY C 418 37.53 25.09 -11.10
C GLY C 418 38.49 26.10 -10.48
N HIS C 419 38.19 26.53 -9.26
CA HIS C 419 39.00 27.52 -8.57
C HIS C 419 40.37 26.94 -8.21
N ILE C 420 41.42 27.73 -8.47
CA ILE C 420 42.80 27.27 -8.31
C ILE C 420 43.15 26.91 -6.87
N ASP C 421 42.50 27.55 -5.89
CA ASP C 421 42.80 27.32 -4.48
C ASP C 421 41.98 26.15 -3.93
N SER C 422 40.66 26.30 -3.92
CA SER C 422 39.81 25.24 -3.38
C SER C 422 38.33 25.44 -3.75
N PRO C 423 37.53 24.36 -3.65
CA PRO C 423 36.09 24.48 -3.89
C PRO C 423 35.46 25.48 -2.91
N ALA C 424 35.98 25.50 -1.69
CA ALA C 424 35.51 26.43 -0.66
C ALA C 424 35.83 27.85 -1.10
N ALA C 425 37.06 28.07 -1.57
CA ALA C 425 37.45 29.39 -2.05
C ALA C 425 36.54 29.76 -3.22
N GLY C 426 36.21 28.76 -4.04
CA GLY C 426 35.32 28.97 -5.15
C GLY C 426 33.95 29.40 -4.69
N ALA C 427 33.45 28.75 -3.64
CA ALA C 427 32.15 29.10 -3.08
C ALA C 427 32.16 30.52 -2.56
N VAL C 428 33.25 30.88 -1.88
CA VAL C 428 33.43 32.22 -1.33
C VAL C 428 33.49 33.28 -2.42
N SER C 429 34.19 32.99 -3.51
CA SER C 429 34.34 33.96 -4.59
C SER C 429 32.99 34.28 -5.20
N LEU C 430 32.12 33.29 -5.29
CA LEU C 430 30.78 33.50 -5.81
C LEU C 430 29.98 34.44 -4.92
N ARG C 431 30.07 34.21 -3.61
CA ARG C 431 29.35 35.04 -2.66
C ARG C 431 29.89 36.47 -2.66
N GLN C 432 31.21 36.60 -2.75
CA GLN C 432 31.86 37.90 -2.78
C GLN C 432 31.50 38.66 -4.06
N ALA C 433 31.30 37.91 -5.15
CA ALA C 433 30.92 38.51 -6.43
C ALA C 433 29.52 39.11 -6.33
N TYR C 434 28.65 38.44 -5.60
CA TYR C 434 27.29 38.92 -5.37
C TYR C 434 27.32 40.15 -4.46
N GLU C 435 28.12 40.06 -3.41
CA GLU C 435 28.27 41.17 -2.45
C GLU C 435 28.87 42.40 -3.13
N CYS C 436 29.73 42.18 -4.12
CA CYS C 436 30.31 43.26 -4.89
C CYS C 436 29.21 43.99 -5.67
N TRP C 437 28.42 43.21 -6.41
CA TRP C 437 27.34 43.75 -7.22
C TRP C 437 26.27 44.46 -6.40
N LYS C 438 25.90 43.89 -5.26
CA LYS C 438 24.88 44.49 -4.42
C LYS C 438 25.31 45.87 -3.97
N ALA C 439 26.61 46.02 -3.73
CA ALA C 439 27.20 47.27 -3.27
C ALA C 439 27.55 48.27 -4.38
N GLY C 440 27.41 47.85 -5.64
CA GLY C 440 27.74 48.73 -6.74
C GLY C 440 29.22 49.07 -6.78
N ALA C 441 30.06 48.15 -6.30
CA ALA C 441 31.50 48.41 -6.19
C ALA C 441 32.21 48.04 -7.49
N ASP C 442 33.44 48.54 -7.64
CA ASP C 442 34.27 48.18 -8.77
C ASP C 442 34.90 46.79 -8.57
N PRO C 443 34.66 45.86 -9.51
CA PRO C 443 35.19 44.50 -9.35
C PRO C 443 36.70 44.43 -9.17
N ILE C 444 37.45 45.23 -9.92
CA ILE C 444 38.90 45.22 -9.80
C ILE C 444 39.32 45.69 -8.40
N GLU C 445 38.68 46.73 -7.89
CA GLU C 445 39.01 47.25 -6.57
C GLU C 445 38.49 46.34 -5.47
N TRP C 446 37.34 45.73 -5.73
CA TRP C 446 36.74 44.79 -4.79
C TRP C 446 37.65 43.58 -4.61
N ALA C 447 38.34 43.21 -5.69
CA ALA C 447 39.25 42.07 -5.66
C ALA C 447 40.44 42.32 -4.73
N LYS C 448 40.86 43.58 -4.62
CA LYS C 448 42.01 43.94 -3.80
C LYS C 448 41.77 43.68 -2.31
N GLU C 449 40.51 43.51 -1.92
CA GLU C 449 40.16 43.29 -0.53
C GLU C 449 39.38 42.01 -0.31
N HIS C 450 39.31 41.17 -1.34
CA HIS C 450 38.65 39.89 -1.25
C HIS C 450 39.46 38.86 -2.03
N LYS C 451 40.25 38.09 -1.29
CA LYS C 451 41.25 37.20 -1.88
C LYS C 451 40.64 36.16 -2.81
N GLU C 452 39.59 35.50 -2.36
CA GLU C 452 38.95 34.46 -3.13
C GLU C 452 38.45 34.98 -4.48
N PHE C 453 37.82 36.14 -4.47
CA PHE C 453 37.34 36.78 -5.69
C PHE C 453 38.50 37.08 -6.63
N ALA C 454 39.57 37.62 -6.06
CA ALA C 454 40.76 37.96 -6.83
C ALA C 454 41.38 36.72 -7.48
N ARG C 455 41.42 35.63 -6.73
CA ARG C 455 42.03 34.40 -7.21
C ARG C 455 41.20 33.75 -8.32
N ALA C 456 39.94 34.17 -8.45
CA ALA C 456 39.07 33.69 -9.51
C ALA C 456 39.53 34.23 -10.86
N PHE C 457 40.15 35.41 -10.85
CA PHE C 457 40.72 35.97 -12.07
C PHE C 457 41.78 35.05 -12.64
N GLU C 458 42.60 34.51 -11.74
CA GLU C 458 43.66 33.60 -12.16
C GLU C 458 43.10 32.22 -12.44
N SER C 459 41.91 31.92 -11.91
CA SER C 459 41.30 30.61 -12.17
C SER C 459 40.67 30.56 -13.56
N PHE C 460 40.16 31.70 -14.01
CA PHE C 460 39.49 31.81 -15.31
C PHE C 460 40.01 33.03 -16.08
N PRO C 461 41.31 33.03 -16.43
CA PRO C 461 42.00 34.16 -17.06
C PRO C 461 41.36 34.61 -18.36
N LYS C 462 40.83 33.67 -19.13
CA LYS C 462 40.21 34.00 -20.40
C LYS C 462 38.95 34.83 -20.19
N ASP C 463 38.16 34.50 -19.16
CA ASP C 463 37.00 35.30 -18.85
C ASP C 463 37.44 36.66 -18.31
N ALA C 464 38.52 36.64 -17.53
CA ALA C 464 39.07 37.83 -16.91
C ALA C 464 39.60 38.82 -17.94
N ASP C 465 40.27 38.32 -18.96
CA ASP C 465 40.83 39.18 -20.00
C ASP C 465 39.72 39.90 -20.75
N LYS C 466 38.64 39.17 -21.03
CA LYS C 466 37.51 39.75 -21.76
C LYS C 466 36.77 40.79 -20.91
N LEU C 467 36.39 40.38 -19.70
CA LEU C 467 35.54 41.19 -18.82
C LEU C 467 36.30 42.33 -18.13
N PHE C 468 37.55 42.07 -17.73
CA PHE C 468 38.34 43.03 -16.98
C PHE C 468 39.76 43.21 -17.51
N PRO C 469 39.90 43.82 -18.70
CA PRO C 469 41.23 44.02 -19.26
C PRO C 469 42.13 44.86 -18.35
N GLY C 470 43.38 44.42 -18.20
CA GLY C 470 44.35 45.09 -17.34
C GLY C 470 44.36 44.57 -15.92
N TRP C 471 43.65 43.47 -15.67
CA TRP C 471 43.53 42.91 -14.32
C TRP C 471 44.89 42.44 -13.77
N ARG C 472 45.72 41.91 -14.65
CA ARG C 472 47.03 41.37 -14.27
C ARG C 472 47.93 42.41 -13.63
N GLU C 473 47.97 43.63 -14.16
CA GLU C 473 48.84 44.64 -13.58
C GLU C 473 48.34 44.91 -12.17
N LYS C 474 47.03 45.07 -11.98
CA LYS C 474 46.54 45.36 -10.65
C LYS C 474 46.76 44.07 -9.85
N LEU C 475 47.95 43.94 -9.26
CA LEU C 475 48.37 42.75 -8.51
C LEU C 475 48.80 41.63 -9.45
N GLY D 18 5.03 13.13 46.75
CA GLY D 18 5.73 11.95 47.24
C GLY D 18 7.15 11.82 46.70
N SER D 19 7.88 12.93 46.69
CA SER D 19 9.28 12.91 46.30
C SER D 19 10.20 12.64 47.48
N HIS D 20 10.99 11.58 47.39
CA HIS D 20 11.90 11.19 48.46
C HIS D 20 12.96 12.25 48.77
N MET D 21 13.30 13.07 47.78
CA MET D 21 14.40 14.08 47.93
C MET D 21 14.04 15.46 47.40
N ASP D 22 14.73 16.47 47.93
CA ASP D 22 14.68 17.82 47.38
C ASP D 22 15.62 17.90 46.18
N GLN D 23 15.09 18.42 45.09
CA GLN D 23 15.73 18.31 43.77
C GLN D 23 16.01 19.69 43.16
N SER D 24 15.89 20.72 44.00
CA SER D 24 16.13 22.10 43.59
C SER D 24 17.52 22.36 43.02
N ASN D 25 18.56 21.78 43.62
CA ASN D 25 19.92 22.05 43.17
C ASN D 25 20.15 21.65 41.71
N ARG D 26 19.51 20.58 41.28
CA ARG D 26 19.73 20.08 39.91
C ARG D 26 18.75 20.62 38.89
N TYR D 27 17.47 20.71 39.24
CA TYR D 27 16.42 21.02 38.28
C TYR D 27 15.90 22.45 38.37
N ALA D 28 16.65 23.32 39.05
CA ALA D 28 16.28 24.72 39.08
C ALA D 28 17.54 25.57 39.01
N ASP D 29 17.45 26.61 38.18
CA ASP D 29 18.47 27.65 38.09
C ASP D 29 17.75 28.97 37.87
N LEU D 30 17.36 29.60 38.97
CA LEU D 30 16.55 30.81 38.93
C LEU D 30 17.35 32.05 38.53
N SER D 31 18.64 31.87 38.28
CA SER D 31 19.46 33.00 37.85
C SER D 31 19.57 33.10 36.34
N LEU D 32 19.01 32.12 35.63
CA LEU D 32 18.96 32.19 34.18
C LEU D 32 18.07 33.36 33.75
N LYS D 33 18.51 34.08 32.73
CA LYS D 33 17.75 35.19 32.14
C LYS D 33 16.88 34.65 31.01
N GLU D 34 15.59 34.93 31.03
CA GLU D 34 14.70 34.45 29.98
C GLU D 34 15.12 34.95 28.60
N GLU D 35 15.62 36.18 28.54
CA GLU D 35 16.08 36.77 27.29
C GLU D 35 17.21 35.95 26.65
N ASP D 36 18.11 35.41 27.47
CA ASP D 36 19.21 34.60 26.97
C ASP D 36 18.69 33.28 26.45
N LEU D 37 17.75 32.70 27.18
CA LEU D 37 17.16 31.43 26.79
C LEU D 37 16.46 31.53 25.44
N ILE D 38 15.81 32.66 25.20
CA ILE D 38 15.13 32.88 23.92
C ILE D 38 16.13 33.13 22.80
N LYS D 39 17.10 34.01 23.06
CA LYS D 39 18.10 34.36 22.05
C LYS D 39 18.93 33.13 21.65
N GLY D 40 19.18 32.24 22.61
CA GLY D 40 19.92 31.02 22.36
C GLY D 40 19.24 30.12 21.34
N GLY D 41 17.93 30.01 21.43
CA GLY D 41 17.15 29.22 20.49
C GLY D 41 17.31 27.72 20.69
N ASN D 42 17.80 27.35 21.87
CA ASN D 42 18.07 25.95 22.20
C ASN D 42 17.05 25.32 23.14
N HIS D 43 16.02 26.08 23.51
CA HIS D 43 15.01 25.59 24.45
C HIS D 43 13.58 25.90 24.03
N ILE D 44 12.67 24.98 24.31
CA ILE D 44 11.25 25.29 24.35
C ILE D 44 10.95 25.76 25.76
N LEU D 45 10.39 26.96 25.88
CA LEU D 45 10.04 27.54 27.17
C LEU D 45 8.56 27.32 27.42
N VAL D 46 8.21 27.02 28.66
CA VAL D 46 6.82 26.77 29.03
C VAL D 46 6.48 27.49 30.33
N ALA D 47 5.38 28.23 30.32
CA ALA D 47 4.93 28.95 31.52
C ALA D 47 3.68 28.29 32.10
N TYR D 48 3.72 28.00 33.40
CA TYR D 48 2.61 27.35 34.09
C TYR D 48 2.05 28.20 35.23
N THR D 49 0.78 27.96 35.56
CA THR D 49 0.29 28.23 36.91
C THR D 49 0.52 26.95 37.72
N MET D 50 0.92 27.09 38.98
CA MET D 50 1.17 25.90 39.80
C MET D 50 0.90 26.16 41.27
N GLU D 51 0.26 25.20 41.91
CA GLU D 51 0.05 25.22 43.35
C GLU D 51 0.50 23.88 43.94
N PRO D 52 1.45 23.91 44.90
CA PRO D 52 1.91 22.65 45.49
C PRO D 52 0.94 22.07 46.53
N ALA D 53 1.06 20.78 46.78
CA ALA D 53 0.27 20.13 47.82
C ALA D 53 0.66 20.68 49.19
N ALA D 54 -0.17 20.40 50.19
CA ALA D 54 0.06 20.88 51.55
C ALA D 54 1.41 20.43 52.10
N GLY D 55 2.16 21.36 52.68
CA GLY D 55 3.43 21.04 53.30
C GLY D 55 4.59 20.95 52.32
N VAL D 56 4.32 21.18 51.04
CA VAL D 56 5.34 21.12 50.00
C VAL D 56 5.80 22.52 49.60
N GLY D 57 7.12 22.73 49.61
CA GLY D 57 7.67 24.02 49.22
C GLY D 57 7.45 24.32 47.74
N TYR D 58 7.37 25.59 47.38
CA TYR D 58 7.04 25.98 46.02
C TYR D 58 8.16 25.64 45.03
N LEU D 59 9.39 25.96 45.39
CA LEU D 59 10.53 25.70 44.50
C LEU D 59 10.74 24.20 44.35
N GLU D 60 10.60 23.48 45.46
CA GLU D 60 10.78 22.04 45.47
C GLU D 60 9.72 21.33 44.62
N ALA D 61 8.53 21.92 44.58
CA ALA D 61 7.46 21.42 43.74
C ALA D 61 7.83 21.63 42.29
N ALA D 62 8.26 22.84 41.99
CA ALA D 62 8.66 23.21 40.63
C ALA D 62 9.81 22.34 40.14
N ALA D 63 10.80 22.11 41.00
CA ALA D 63 11.94 21.29 40.60
C ALA D 63 11.53 19.85 40.33
N HIS D 64 10.61 19.32 41.14
CA HIS D 64 10.14 17.95 40.95
C HIS D 64 9.35 17.81 39.65
N ILE D 65 8.54 18.81 39.34
CA ILE D 65 7.79 18.82 38.09
C ILE D 65 8.75 18.81 36.90
N ALA D 66 9.81 19.61 36.99
CA ALA D 66 10.80 19.69 35.92
C ALA D 66 11.51 18.35 35.73
N ALA D 67 11.83 17.71 36.84
CA ALA D 67 12.49 16.42 36.80
C ALA D 67 11.59 15.36 36.19
N GLU D 68 10.36 15.28 36.69
CA GLU D 68 9.40 14.29 36.20
C GLU D 68 9.01 14.58 34.75
N SER D 69 9.27 15.81 34.30
CA SER D 69 8.93 16.25 32.94
C SER D 69 10.11 16.19 31.97
N SER D 70 11.21 15.58 32.40
CA SER D 70 12.38 15.46 31.54
C SER D 70 13.21 14.20 31.82
N THR D 71 14.28 14.37 32.58
CA THR D 71 15.31 13.35 32.75
C THR D 71 15.26 12.48 34.01
N GLY D 72 14.35 12.73 34.96
CA GLY D 72 14.29 11.90 36.15
C GLY D 72 12.98 11.44 36.77
N THR D 73 13.11 10.93 37.99
CA THR D 73 12.02 10.36 38.76
C THR D 73 12.10 10.86 40.20
N ASN D 74 11.40 10.19 41.12
CA ASN D 74 11.29 10.69 42.50
C ASN D 74 12.43 10.26 43.41
N VAL D 75 13.39 9.51 42.88
CA VAL D 75 14.57 9.11 43.65
C VAL D 75 15.81 9.14 42.76
N GLU D 76 16.99 9.07 43.39
CA GLU D 76 18.23 9.01 42.65
C GLU D 76 18.39 7.61 42.05
N VAL D 77 18.98 7.54 40.86
CA VAL D 77 19.19 6.26 40.19
C VAL D 77 20.65 6.11 39.79
N SER D 78 21.16 4.90 39.91
CA SER D 78 22.57 4.60 39.65
C SER D 78 22.98 4.84 38.20
N THR D 79 22.00 4.84 37.29
CA THR D 79 22.27 4.85 35.85
C THR D 79 22.48 6.25 35.27
N THR D 80 22.27 7.28 36.10
CA THR D 80 22.45 8.66 35.64
C THR D 80 23.92 8.93 35.32
N ASP D 81 24.19 9.49 34.14
CA ASP D 81 25.52 9.95 33.78
C ASP D 81 25.50 11.46 33.62
N GLU D 82 26.66 12.04 33.33
CA GLU D 82 26.76 13.48 33.25
C GLU D 82 26.14 14.02 31.97
N PHE D 83 26.05 13.17 30.95
CA PHE D 83 25.48 13.62 29.69
C PHE D 83 23.98 13.89 29.92
N THR D 84 23.34 13.06 30.75
CA THR D 84 21.90 13.21 30.98
C THR D 84 21.54 14.58 31.54
N LYS D 85 22.47 15.14 32.32
CA LYS D 85 22.29 16.43 32.99
C LYS D 85 22.20 17.58 31.99
N GLY D 86 22.81 17.39 30.82
CA GLY D 86 22.86 18.42 29.81
C GLY D 86 21.52 18.67 29.15
N VAL D 87 20.59 17.73 29.33
CA VAL D 87 19.26 17.81 28.73
C VAL D 87 18.18 17.92 29.80
N ASP D 88 18.59 18.17 31.05
CA ASP D 88 17.64 18.41 32.13
C ASP D 88 16.80 19.64 31.83
N ALA D 89 15.50 19.53 32.07
CA ALA D 89 14.64 20.71 32.06
C ALA D 89 14.94 21.50 33.33
N LEU D 90 14.93 22.83 33.21
CA LEU D 90 15.29 23.71 34.31
C LEU D 90 14.23 24.76 34.62
N VAL D 91 13.84 24.82 35.89
CA VAL D 91 13.03 25.93 36.37
C VAL D 91 13.91 27.18 36.40
N TYR D 92 13.56 28.18 35.60
CA TYR D 92 14.33 29.42 35.53
C TYR D 92 13.60 30.61 36.14
N PHE D 93 12.35 30.42 36.52
CA PHE D 93 11.58 31.50 37.16
C PHE D 93 10.42 30.95 37.98
N ILE D 94 10.23 31.53 39.17
CA ILE D 94 9.04 31.27 39.98
C ILE D 94 8.51 32.54 40.63
N ASP D 95 7.19 32.63 40.78
CA ASP D 95 6.58 33.67 41.58
C ASP D 95 5.57 33.01 42.51
N GLU D 96 5.98 32.71 43.73
CA GLU D 96 5.13 31.98 44.67
C GLU D 96 3.86 32.76 45.00
N ALA D 97 3.98 34.07 45.07
CA ALA D 97 2.85 34.93 45.39
C ALA D 97 1.79 34.86 44.29
N LYS D 98 2.21 34.91 43.04
CA LYS D 98 1.29 34.85 41.91
C LYS D 98 1.03 33.43 41.45
N GLY D 99 1.79 32.47 41.98
CA GLY D 99 1.61 31.08 41.62
C GLY D 99 2.02 30.77 40.19
N ILE D 100 3.13 31.35 39.76
CA ILE D 100 3.67 31.13 38.41
C ILE D 100 5.00 30.42 38.47
N MET D 101 5.24 29.52 37.50
CA MET D 101 6.56 28.92 37.32
C MET D 101 6.83 28.77 35.82
N LYS D 102 8.09 28.94 35.42
CA LYS D 102 8.48 28.83 34.03
C LYS D 102 9.66 27.86 33.91
N VAL D 103 9.59 26.96 32.93
CA VAL D 103 10.58 25.89 32.77
C VAL D 103 11.17 25.94 31.37
N ALA D 104 12.48 25.72 31.28
CA ALA D 104 13.19 25.65 29.99
C ALA D 104 13.50 24.21 29.61
N TYR D 105 12.94 23.78 28.48
CA TYR D 105 13.13 22.43 27.96
C TYR D 105 14.11 22.39 26.77
N PRO D 106 15.28 21.77 26.96
CA PRO D 106 16.21 21.63 25.82
C PRO D 106 15.60 20.94 24.60
N ASN D 107 15.86 21.47 23.41
CA ASN D 107 15.26 20.95 22.18
C ASN D 107 15.49 19.47 21.92
N ASP D 108 16.66 18.98 22.34
CA ASP D 108 17.06 17.62 22.07
C ASP D 108 16.24 16.58 22.81
N LEU D 109 15.45 17.01 23.78
CA LEU D 109 14.58 16.12 24.54
C LEU D 109 13.49 15.50 23.67
N PHE D 110 13.05 16.25 22.66
CA PHE D 110 11.84 15.91 21.92
C PHE D 110 12.04 14.90 20.79
N ASP D 111 11.09 13.98 20.69
CA ASP D 111 11.13 12.87 19.76
C ASP D 111 11.09 13.34 18.31
N ARG D 112 11.73 12.57 17.44
CA ARG D 112 11.84 12.89 16.02
C ARG D 112 11.41 11.70 15.18
N ASN D 113 10.72 11.94 14.08
CA ASN D 113 10.35 10.87 13.16
C ASN D 113 11.62 10.24 12.59
N VAL D 114 11.66 8.91 12.56
CA VAL D 114 12.72 8.20 11.86
C VAL D 114 12.58 8.36 10.36
N THR D 115 11.35 8.60 9.92
CA THR D 115 11.05 8.71 8.49
C THR D 115 11.55 10.00 7.86
N ASP D 116 11.36 11.13 8.54
CA ASP D 116 11.68 12.44 7.94
C ASP D 116 12.21 13.48 8.94
N GLY D 117 12.52 13.05 10.15
CA GLY D 117 13.18 13.85 11.16
C GLY D 117 12.41 14.96 11.83
N ARG D 118 11.17 15.16 11.40
CA ARG D 118 10.35 16.23 11.98
C ARG D 118 9.90 15.89 13.39
N VAL D 119 9.64 16.92 14.19
CA VAL D 119 9.13 16.72 15.53
C VAL D 119 7.63 16.44 15.56
N MET D 120 7.16 16.00 16.72
CA MET D 120 5.77 15.59 16.90
C MET D 120 5.19 16.21 18.16
N ILE D 121 3.96 16.68 18.04
CA ILE D 121 3.32 17.41 19.12
C ILE D 121 3.05 16.48 20.30
N VAL D 122 2.91 15.19 20.02
CA VAL D 122 2.62 14.23 21.08
C VAL D 122 3.79 14.13 22.05
N SER D 123 5.00 14.36 21.57
CA SER D 123 6.16 14.37 22.46
C SER D 123 6.15 15.59 23.38
N PHE D 124 5.78 16.74 22.83
CA PHE D 124 5.63 17.97 23.61
C PHE D 124 4.60 17.79 24.71
N LEU D 125 3.49 17.12 24.40
CA LEU D 125 2.42 16.89 25.37
C LEU D 125 2.87 15.89 26.43
N THR D 126 3.50 14.81 26.00
CA THR D 126 3.94 13.76 26.91
C THR D 126 4.87 14.32 27.99
N LEU D 127 5.85 15.10 27.57
CA LEU D 127 6.85 15.63 28.49
C LEU D 127 6.34 16.80 29.35
N CYS D 128 5.76 17.80 28.70
CA CYS D 128 5.49 19.07 29.37
C CYS D 128 4.16 19.13 30.13
N ILE D 129 3.24 18.22 29.84
CA ILE D 129 1.94 18.23 30.50
C ILE D 129 1.38 16.81 30.63
N GLY D 130 2.29 15.85 30.74
CA GLY D 130 1.92 14.45 30.88
C GLY D 130 1.83 13.99 32.32
N ASN D 131 2.82 13.22 32.75
CA ASN D 131 2.86 12.64 34.08
C ASN D 131 2.78 13.66 35.21
N ASN D 132 3.16 14.91 34.94
CA ASN D 132 3.16 15.93 35.99
C ASN D 132 1.75 16.35 36.38
N GLN D 133 0.76 15.83 35.67
CA GLN D 133 -0.63 16.12 35.99
C GLN D 133 -1.21 15.18 37.04
N GLY D 134 -0.43 14.18 37.43
CA GLY D 134 -0.89 13.18 38.39
C GLY D 134 0.03 13.05 39.58
N MET D 135 0.88 14.06 39.81
CA MET D 135 1.85 14.01 40.91
C MET D 135 1.18 14.31 42.25
N GLY D 136 1.49 13.50 43.25
CA GLY D 136 0.84 13.61 44.55
C GLY D 136 1.22 14.84 45.36
N ASP D 137 2.41 15.37 45.11
CA ASP D 137 2.89 16.52 45.87
C ASP D 137 2.55 17.84 45.19
N ILE D 138 1.77 17.74 44.10
CA ILE D 138 1.32 18.92 43.34
C ILE D 138 -0.20 19.00 43.41
N ALA D 139 -0.72 20.12 43.91
CA ALA D 139 -2.17 20.30 43.98
C ALA D 139 -2.77 20.50 42.59
N ASN D 140 -2.16 21.39 41.81
CA ASN D 140 -2.59 21.62 40.44
C ASN D 140 -1.49 22.26 39.60
N LEU D 141 -1.58 22.08 38.28
CA LEU D 141 -0.57 22.57 37.35
C LEU D 141 -1.17 22.74 35.97
N GLN D 142 -1.16 23.97 35.46
CA GLN D 142 -1.73 24.23 34.13
C GLN D 142 -0.84 25.13 33.29
N MET D 143 -0.62 24.71 32.03
CA MET D 143 0.16 25.47 31.07
C MET D 143 -0.60 26.66 30.53
N GLN D 144 0.03 27.82 30.55
CA GLN D 144 -0.60 29.07 30.11
C GLN D 144 -0.06 29.54 28.76
N ASP D 145 1.18 29.18 28.47
CA ASP D 145 1.88 29.66 27.29
C ASP D 145 3.17 28.88 27.10
N PHE D 146 3.69 28.89 25.87
CA PHE D 146 5.00 28.30 25.60
C PHE D 146 5.68 29.01 24.45
N TYR D 147 7.01 28.96 24.41
CA TYR D 147 7.77 29.57 23.32
C TYR D 147 8.47 28.50 22.48
N VAL D 148 8.30 28.57 21.16
CA VAL D 148 8.94 27.65 20.24
C VAL D 148 10.06 28.37 19.46
N PRO D 149 11.32 27.90 19.61
CA PRO D 149 12.40 28.58 18.89
C PRO D 149 12.43 28.24 17.40
N PRO D 150 13.16 29.03 16.61
CA PRO D 150 13.24 28.88 15.14
C PRO D 150 13.46 27.46 14.62
N ARG D 151 14.46 26.76 15.15
CA ARG D 151 14.79 25.45 14.60
C ARG D 151 13.69 24.41 14.84
N MET D 152 13.09 24.45 16.02
CA MET D 152 12.02 23.51 16.32
C MET D 152 10.82 23.80 15.43
N LEU D 153 10.56 25.08 15.22
CA LEU D 153 9.46 25.52 14.37
C LEU D 153 9.65 25.04 12.93
N GLN D 154 10.91 25.05 12.46
CA GLN D 154 11.22 24.57 11.11
C GLN D 154 10.91 23.08 10.96
N LEU D 155 10.80 22.38 12.08
CA LEU D 155 10.65 20.93 12.09
C LEU D 155 9.22 20.52 12.42
N PHE D 156 8.34 21.49 12.60
CA PHE D 156 6.91 21.21 12.70
C PHE D 156 6.28 21.27 11.30
N ASP D 157 5.20 20.52 11.08
CA ASP D 157 4.55 20.49 9.76
C ASP D 157 4.02 21.86 9.35
N GLY D 158 3.29 22.51 10.22
CA GLY D 158 2.62 23.76 9.92
C GLY D 158 1.48 23.56 8.94
N PRO D 159 0.64 24.60 8.77
CA PRO D 159 -0.50 24.42 7.86
C PRO D 159 -0.06 24.39 6.40
N ALA D 160 -0.80 23.65 5.57
CA ALA D 160 -0.54 23.62 4.14
C ALA D 160 -1.60 24.42 3.39
N LYS D 161 -2.71 24.67 4.07
CA LYS D 161 -3.80 25.49 3.53
C LYS D 161 -4.31 26.46 4.59
N ASP D 162 -4.90 27.57 4.16
CA ASP D 162 -5.48 28.54 5.09
C ASP D 162 -6.67 29.27 4.44
N ILE D 163 -7.20 30.27 5.14
CA ILE D 163 -8.43 30.94 4.71
C ILE D 163 -8.29 31.62 3.35
N SER D 164 -7.07 32.00 2.99
CA SER D 164 -6.85 32.67 1.70
C SER D 164 -7.22 31.72 0.55
N ASP D 165 -7.06 30.42 0.77
CA ASP D 165 -7.43 29.42 -0.23
C ASP D 165 -8.94 29.39 -0.42
N LEU D 166 -9.66 29.65 0.66
CA LEU D 166 -11.12 29.69 0.62
C LEU D 166 -11.59 30.98 -0.04
N TRP D 167 -10.94 32.09 0.31
CA TRP D 167 -11.22 33.37 -0.33
C TRP D 167 -11.08 33.31 -1.86
N ARG D 168 -10.02 32.65 -2.32
CA ARG D 168 -9.73 32.51 -3.75
C ARG D 168 -10.89 31.81 -4.45
N ILE D 169 -11.33 30.71 -3.85
CA ILE D 169 -12.48 29.93 -4.35
C ILE D 169 -13.74 30.78 -4.40
N LEU D 170 -13.94 31.60 -3.38
CA LEU D 170 -15.15 32.40 -3.27
C LEU D 170 -15.07 33.62 -4.19
N GLY D 171 -13.94 33.79 -4.87
CA GLY D 171 -13.76 34.89 -5.79
C GLY D 171 -13.50 36.20 -5.09
N ARG D 172 -12.98 36.11 -3.88
CA ARG D 172 -12.67 37.28 -3.07
C ARG D 172 -11.16 37.47 -2.95
N PRO D 173 -10.72 38.69 -2.60
CA PRO D 173 -9.30 39.03 -2.48
C PRO D 173 -8.58 38.05 -1.56
N VAL D 174 -7.44 37.51 -2.01
CA VAL D 174 -6.70 36.54 -1.22
C VAL D 174 -6.03 37.19 -0.01
N LYS D 175 -6.00 38.53 0.00
CA LYS D 175 -5.62 39.29 1.19
C LYS D 175 -6.82 40.05 1.74
N ASP D 176 -7.15 39.83 3.01
CA ASP D 176 -8.31 40.48 3.64
C ASP D 176 -9.61 40.28 2.85
N GLY D 177 -9.88 39.03 2.48
CA GLY D 177 -11.09 38.70 1.75
C GLY D 177 -12.33 38.84 2.62
N GLY D 178 -12.13 38.91 3.94
CA GLY D 178 -13.20 39.23 4.86
C GLY D 178 -14.07 38.07 5.32
N TYR D 179 -15.30 38.41 5.68
CA TYR D 179 -16.23 37.50 6.35
C TYR D 179 -16.75 36.36 5.48
N ILE D 180 -16.64 35.14 6.01
CA ILE D 180 -17.22 33.94 5.41
C ILE D 180 -18.40 33.42 6.23
N SER D 181 -19.60 33.48 5.67
CA SER D 181 -20.82 33.07 6.37
C SER D 181 -20.90 31.56 6.37
N GLY D 182 -21.30 30.97 7.51
CA GLY D 182 -21.44 29.54 7.62
C GLY D 182 -22.44 29.03 8.63
N THR D 183 -22.50 27.70 8.77
CA THR D 183 -23.44 27.06 9.70
C THR D 183 -23.03 25.61 9.96
N ILE D 184 -23.70 25.01 10.94
CA ILE D 184 -23.69 23.57 11.20
C ILE D 184 -25.05 22.97 10.93
N ILE D 185 -25.13 21.76 10.33
CA ILE D 185 -26.46 21.24 10.13
C ILE D 185 -27.12 20.89 11.47
N LYS D 186 -28.37 21.33 11.59
CA LYS D 186 -29.20 21.15 12.76
C LYS D 186 -30.42 20.31 12.34
N PRO D 187 -30.83 19.30 13.13
CA PRO D 187 -30.35 18.75 14.40
C PRO D 187 -28.99 18.12 14.28
N LYS D 188 -28.29 18.02 15.39
CA LYS D 188 -26.90 17.62 15.35
C LYS D 188 -26.78 16.15 15.01
N LEU D 189 -27.74 15.35 15.48
CA LEU D 189 -27.88 13.98 15.01
C LEU D 189 -29.35 13.71 14.70
N GLY D 190 -29.60 12.90 13.68
CA GLY D 190 -30.95 12.43 13.38
C GLY D 190 -31.52 12.68 11.99
N LEU D 191 -30.99 13.64 11.23
CA LEU D 191 -31.55 13.84 9.89
C LEU D 191 -31.14 12.68 9.00
N ARG D 192 -32.09 12.20 8.21
CA ARG D 192 -31.82 11.17 7.21
C ARG D 192 -31.19 11.84 5.98
N PRO D 193 -30.66 11.03 5.04
CA PRO D 193 -29.92 11.63 3.92
C PRO D 193 -30.69 12.71 3.15
N GLU D 194 -31.91 12.47 2.70
CA GLU D 194 -32.60 13.46 1.88
C GLU D 194 -32.88 14.76 2.66
N PRO D 195 -33.44 14.66 3.88
CA PRO D 195 -33.63 15.84 4.73
C PRO D 195 -32.33 16.59 5.01
N PHE D 196 -31.27 15.84 5.24
CA PHE D 196 -29.96 16.40 5.55
C PHE D 196 -29.47 17.21 4.35
N ALA D 197 -29.58 16.62 3.17
CA ALA D 197 -29.14 17.25 1.93
C ALA D 197 -29.95 18.51 1.64
N LYS D 198 -31.24 18.42 1.93
CA LYS D 198 -32.15 19.55 1.73
C LYS D 198 -31.79 20.72 2.62
N ALA D 199 -31.45 20.46 3.88
CA ALA D 199 -31.09 21.52 4.81
C ALA D 199 -29.82 22.23 4.33
N ALA D 200 -28.90 21.46 3.76
CA ALA D 200 -27.66 21.99 3.22
C ALA D 200 -27.93 22.93 2.06
N TYR D 201 -28.79 22.49 1.15
CA TYR D 201 -29.19 23.27 -0.01
C TYR D 201 -29.77 24.61 0.43
N GLN D 202 -30.65 24.56 1.43
CA GLN D 202 -31.36 25.74 1.90
C GLN D 202 -30.42 26.84 2.43
N PHE D 203 -29.40 26.45 3.19
CA PHE D 203 -28.46 27.44 3.71
C PHE D 203 -27.60 28.05 2.61
N TRP D 204 -27.10 27.20 1.71
CA TRP D 204 -26.17 27.62 0.68
C TRP D 204 -26.78 28.64 -0.28
N LEU D 205 -28.11 28.75 -0.30
CA LEU D 205 -28.79 29.76 -1.11
C LEU D 205 -28.45 31.18 -0.64
N GLY D 206 -27.97 31.28 0.60
CA GLY D 206 -27.61 32.56 1.20
C GLY D 206 -26.20 32.60 1.74
N GLY D 207 -25.68 31.45 2.15
CA GLY D 207 -24.40 31.35 2.82
C GLY D 207 -23.30 30.67 2.01
N ASP D 208 -22.07 30.76 2.54
CA ASP D 208 -20.88 30.23 1.86
C ASP D 208 -20.53 28.82 2.32
N PHE D 209 -20.61 28.58 3.62
CA PHE D 209 -19.88 27.51 4.30
C PHE D 209 -20.77 26.61 5.17
N ILE D 210 -20.73 25.30 4.90
CA ILE D 210 -21.43 24.32 5.73
C ILE D 210 -20.45 23.29 6.28
N KCX D 211 -20.67 22.85 7.51
CA KCX D 211 -19.87 21.81 8.07
CB KCX D 211 -19.00 22.53 9.08
CG KCX D 211 -19.74 22.93 10.31
CD KCX D 211 -18.89 23.64 11.35
CE KCX D 211 -18.09 22.66 12.29
NZ KCX D 211 -19.03 21.76 13.00
C KCX D 211 -20.74 20.84 8.78
O KCX D 211 -21.80 21.19 9.25
CX KCX D 211 -19.48 22.10 14.36
OQ1 KCX D 211 -19.32 23.27 14.81
OQ2 KCX D 211 -20.06 21.21 15.07
N ASN D 212 -20.29 19.58 8.82
CA ASN D 212 -20.95 18.59 9.67
C ASN D 212 -20.91 19.07 11.10
N ASP D 213 -21.96 18.72 11.85
CA ASP D 213 -21.89 18.86 13.28
C ASP D 213 -20.82 17.83 13.69
N GLU D 214 -20.17 18.00 14.84
CA GLU D 214 -19.00 17.17 15.21
C GLU D 214 -19.24 15.64 15.26
N PRO D 215 -20.45 15.17 15.59
CA PRO D 215 -20.66 13.73 15.69
C PRO D 215 -21.19 13.07 14.42
N GLN D 216 -21.56 13.85 13.41
CA GLN D 216 -22.20 13.24 12.24
C GLN D 216 -21.18 12.59 11.33
N GLY D 217 -21.42 11.32 11.03
CA GLY D 217 -20.52 10.55 10.20
C GLY D 217 -21.28 9.51 9.40
N ASN D 218 -21.22 8.27 9.90
CA ASN D 218 -21.82 7.12 9.24
C ASN D 218 -22.84 6.42 10.14
N GLN D 219 -23.70 7.17 10.82
CA GLN D 219 -24.76 6.55 11.62
C GLN D 219 -25.66 5.71 10.71
N VAL D 220 -26.24 4.66 11.28
CA VAL D 220 -27.01 3.71 10.48
C VAL D 220 -28.25 4.34 9.83
N PHE D 221 -28.74 5.43 10.41
CA PHE D 221 -29.92 6.12 9.90
C PHE D 221 -29.52 7.17 8.86
N CYS D 222 -28.22 7.36 8.67
CA CYS D 222 -27.73 8.30 7.67
C CYS D 222 -26.34 7.93 7.16
N PRO D 223 -26.24 6.82 6.43
CA PRO D 223 -24.93 6.35 5.97
C PRO D 223 -24.27 7.34 5.02
N ILE D 224 -22.95 7.46 5.14
CA ILE D 224 -22.20 8.38 4.32
C ILE D 224 -22.34 8.21 2.81
N LYS D 225 -22.32 6.97 2.34
CA LYS D 225 -22.37 6.68 0.92
C LYS D 225 -23.67 7.14 0.25
N LYS D 226 -24.71 7.26 1.06
CA LYS D 226 -26.02 7.71 0.54
C LYS D 226 -26.11 9.23 0.58
N VAL D 227 -25.76 9.83 1.71
CA VAL D 227 -26.02 11.24 1.95
C VAL D 227 -25.01 12.13 1.21
N LEU D 228 -23.76 11.70 1.12
CA LEU D 228 -22.73 12.60 0.59
C LEU D 228 -22.97 12.95 -0.87
N PRO D 229 -23.37 11.96 -1.69
CA PRO D 229 -23.73 12.33 -3.07
C PRO D 229 -24.91 13.29 -3.13
N LEU D 230 -25.85 13.16 -2.19
CA LEU D 230 -27.01 14.06 -2.13
C LEU D 230 -26.57 15.45 -1.70
N VAL D 231 -25.61 15.51 -0.78
CA VAL D 231 -25.05 16.78 -0.33
C VAL D 231 -24.34 17.47 -1.51
N TYR D 232 -23.64 16.69 -2.32
CA TYR D 232 -22.92 17.24 -3.48
C TYR D 232 -23.95 17.81 -4.46
N ASP D 233 -25.07 17.11 -4.60
CA ASP D 233 -26.15 17.61 -5.43
C ASP D 233 -26.58 18.99 -4.90
N SER D 234 -26.64 19.16 -3.57
CA SER D 234 -27.01 20.45 -2.99
C SER D 234 -26.02 21.56 -3.30
N LEU D 235 -24.75 21.23 -3.27
CA LEU D 235 -23.74 22.22 -3.56
C LEU D 235 -23.81 22.67 -5.01
N LYS D 236 -23.93 21.72 -5.93
CA LYS D 236 -24.06 22.03 -7.35
C LYS D 236 -25.28 22.87 -7.65
N ARG D 237 -26.41 22.49 -7.06
CA ARG D 237 -27.68 23.18 -7.27
C ARG D 237 -27.62 24.63 -6.78
N ALA D 238 -27.01 24.82 -5.62
CA ALA D 238 -26.87 26.16 -5.02
C ALA D 238 -25.93 27.04 -5.83
N GLN D 239 -24.84 26.45 -6.29
CA GLN D 239 -23.86 27.15 -7.12
C GLN D 239 -24.50 27.62 -8.42
N ASP D 240 -25.27 26.74 -9.06
CA ASP D 240 -25.89 27.09 -10.33
C ASP D 240 -26.90 28.20 -10.17
N GLU D 241 -27.65 28.18 -9.08
CA GLU D 241 -28.73 29.14 -8.88
C GLU D 241 -28.22 30.47 -8.32
N THR D 242 -27.18 30.42 -7.52
CA THR D 242 -26.62 31.64 -6.91
C THR D 242 -25.47 32.23 -7.71
N GLY D 243 -24.81 31.40 -8.50
CA GLY D 243 -23.63 31.83 -9.23
C GLY D 243 -22.43 32.07 -8.34
N GLN D 244 -22.49 31.54 -7.12
CA GLN D 244 -21.41 31.68 -6.15
C GLN D 244 -20.87 30.32 -5.73
N ALA D 245 -19.57 30.24 -5.48
CA ALA D 245 -18.98 28.98 -5.06
C ALA D 245 -19.42 28.70 -3.63
N LYS D 246 -19.51 27.42 -3.29
CA LYS D 246 -19.91 26.99 -1.96
C LYS D 246 -18.89 26.03 -1.37
N LEU D 247 -18.90 25.92 -0.04
CA LEU D 247 -17.91 25.14 0.69
C LEU D 247 -18.58 24.16 1.64
N PHE D 248 -17.98 22.98 1.76
CA PHE D 248 -18.48 21.96 2.66
C PHE D 248 -17.35 21.36 3.46
N SER D 249 -17.53 21.32 4.77
CA SER D 249 -16.54 20.77 5.68
C SER D 249 -17.04 19.45 6.26
N MET D 250 -16.41 18.36 5.84
CA MET D 250 -16.84 17.01 6.20
C MET D 250 -16.04 16.38 7.32
N ASN D 251 -16.76 15.78 8.27
CA ASN D 251 -16.16 15.02 9.36
C ASN D 251 -15.59 13.68 8.90
N ILE D 252 -14.30 13.49 9.10
CA ILE D 252 -13.64 12.22 8.78
C ILE D 252 -13.05 11.57 10.04
N THR D 253 -13.45 12.05 11.22
CA THR D 253 -12.98 11.50 12.48
C THR D 253 -13.29 10.01 12.62
N ALA D 254 -12.27 9.24 12.97
CA ALA D 254 -12.44 7.80 13.20
C ALA D 254 -11.25 7.20 13.92
N ASP D 255 -11.51 6.18 14.73
CA ASP D 255 -10.45 5.45 15.42
C ASP D 255 -9.41 4.91 14.45
N ASP D 256 -9.88 4.24 13.40
CA ASP D 256 -9.02 3.59 12.44
C ASP D 256 -8.52 4.59 11.39
N HIS D 257 -7.20 4.71 11.30
CA HIS D 257 -6.55 5.56 10.30
C HIS D 257 -7.11 5.29 8.91
N TYR D 258 -7.33 4.01 8.61
CA TYR D 258 -7.78 3.58 7.30
C TYR D 258 -9.28 3.82 7.07
N GLU D 259 -10.04 3.98 8.16
CA GLU D 259 -11.43 4.41 8.06
C GLU D 259 -11.48 5.88 7.63
N MET D 260 -10.62 6.70 8.25
CA MET D 260 -10.50 8.11 7.89
C MET D 260 -10.20 8.29 6.41
N CYS D 261 -9.23 7.52 5.92
CA CYS D 261 -8.80 7.63 4.54
C CYS D 261 -9.89 7.16 3.60
N ALA D 262 -10.67 6.19 4.05
CA ALA D 262 -11.78 5.67 3.25
C ALA D 262 -12.85 6.74 3.06
N ARG D 263 -13.16 7.46 4.12
CA ARG D 263 -14.14 8.55 4.04
C ARG D 263 -13.62 9.68 3.16
N ALA D 264 -12.34 10.03 3.37
CA ALA D 264 -11.69 11.09 2.62
C ALA D 264 -11.63 10.76 1.12
N ASP D 265 -11.21 9.55 0.78
CA ASP D 265 -11.11 9.13 -0.62
C ASP D 265 -12.47 9.20 -1.30
N PHE D 266 -13.49 8.69 -0.62
CA PHE D 266 -14.84 8.68 -1.14
C PHE D 266 -15.39 10.09 -1.36
N ALA D 267 -15.07 10.98 -0.42
CA ALA D 267 -15.52 12.36 -0.49
C ALA D 267 -14.98 13.10 -1.70
N LEU D 268 -13.68 12.96 -1.95
CA LEU D 268 -13.02 13.67 -3.03
C LEU D 268 -13.49 13.15 -4.38
N GLU D 269 -13.68 11.85 -4.49
CA GLU D 269 -14.21 11.26 -5.71
C GLU D 269 -15.62 11.74 -6.00
N THR D 270 -16.43 11.80 -4.95
CA THR D 270 -17.83 12.19 -5.05
C THR D 270 -18.02 13.63 -5.53
N PHE D 271 -17.21 14.55 -4.99
CA PHE D 271 -17.35 15.96 -5.32
C PHE D 271 -16.70 16.33 -6.66
N GLY D 272 -15.90 15.40 -7.19
CA GLY D 272 -15.32 15.53 -8.52
C GLY D 272 -14.72 16.91 -8.83
N PRO D 273 -15.29 17.62 -9.82
CA PRO D 273 -14.69 18.91 -10.23
C PRO D 273 -14.75 20.00 -9.15
N ASP D 274 -15.47 19.74 -8.06
CA ASP D 274 -15.57 20.66 -6.95
C ASP D 274 -14.85 20.14 -5.72
N ALA D 275 -14.03 19.11 -5.89
CA ALA D 275 -13.41 18.42 -4.77
C ALA D 275 -12.47 19.33 -3.99
N ASP D 276 -11.98 20.38 -4.63
CA ASP D 276 -11.12 21.34 -3.94
C ASP D 276 -11.90 22.13 -2.89
N LYS D 277 -13.23 22.10 -2.98
CA LYS D 277 -14.07 22.86 -2.05
C LYS D 277 -14.48 22.06 -0.82
N VAL D 278 -13.98 20.83 -0.70
CA VAL D 278 -14.25 20.00 0.46
C VAL D 278 -13.15 20.15 1.50
N ALA D 279 -13.52 20.63 2.68
CA ALA D 279 -12.60 20.63 3.83
C ALA D 279 -12.85 19.39 4.67
N PHE D 280 -11.80 18.93 5.35
CA PHE D 280 -11.90 17.78 6.22
C PHE D 280 -11.86 18.19 7.69
N LEU D 281 -12.95 17.89 8.39
CA LEU D 281 -13.11 18.19 9.80
C LEU D 281 -12.62 17.03 10.68
N VAL D 282 -11.77 17.36 11.66
CA VAL D 282 -11.27 16.38 12.60
C VAL D 282 -11.50 16.86 14.04
N ASP D 283 -12.14 15.99 14.83
CA ASP D 283 -12.32 16.24 16.27
C ASP D 283 -11.01 16.00 16.98
N GLY D 284 -10.13 17.00 16.93
CA GLY D 284 -8.73 16.84 17.31
C GLY D 284 -8.45 16.68 18.80
N PHE D 285 -9.32 17.19 19.66
CA PHE D 285 -9.05 17.09 21.08
C PHE D 285 -9.36 15.68 21.61
N VAL D 286 -10.57 15.19 21.37
CA VAL D 286 -10.92 13.83 21.79
C VAL D 286 -10.32 12.78 20.85
N GLY D 287 -10.07 13.17 19.60
CA GLY D 287 -9.52 12.27 18.60
C GLY D 287 -8.01 12.13 18.70
N GLY D 288 -7.36 13.23 19.08
CA GLY D 288 -5.92 13.26 19.30
C GLY D 288 -5.08 13.66 18.11
N PRO D 289 -3.79 13.96 18.34
CA PRO D 289 -2.83 14.39 17.31
C PRO D 289 -2.72 13.39 16.16
N GLY D 290 -2.94 12.11 16.45
CA GLY D 290 -2.86 11.08 15.43
C GLY D 290 -3.83 11.34 14.29
N MET D 291 -5.06 11.72 14.63
CA MET D 291 -6.10 11.97 13.63
C MET D 291 -5.83 13.25 12.85
N VAL D 292 -5.35 14.27 13.55
CA VAL D 292 -5.06 15.56 12.92
C VAL D 292 -3.96 15.37 11.86
N THR D 293 -2.92 14.63 12.20
CA THR D 293 -1.79 14.44 11.30
C THR D 293 -2.18 13.56 10.10
N THR D 294 -3.11 12.63 10.32
CA THR D 294 -3.61 11.79 9.23
C THR D 294 -4.24 12.67 8.15
N ALA D 295 -5.08 13.61 8.56
CA ALA D 295 -5.68 14.55 7.62
C ALA D 295 -4.63 15.46 7.00
N ARG D 296 -3.75 16.00 7.84
CA ARG D 296 -2.76 16.97 7.40
C ARG D 296 -1.76 16.37 6.39
N ARG D 297 -1.29 15.15 6.69
CA ARG D 297 -0.24 14.53 5.88
C ARG D 297 -0.74 13.72 4.69
N GLN D 298 -1.91 13.10 4.81
CA GLN D 298 -2.44 12.27 3.72
C GLN D 298 -3.28 13.11 2.76
N TYR D 299 -3.79 14.24 3.24
CA TYR D 299 -4.61 15.12 2.41
C TYR D 299 -4.27 16.60 2.62
N PRO D 300 -2.99 16.96 2.42
CA PRO D 300 -2.52 18.32 2.66
C PRO D 300 -3.20 19.34 1.75
N SER D 301 -3.69 18.89 0.59
CA SER D 301 -4.31 19.80 -0.38
C SER D 301 -5.78 20.06 -0.06
N GLN D 302 -6.27 19.47 1.03
CA GLN D 302 -7.62 19.75 1.51
C GLN D 302 -7.55 20.56 2.80
N TYR D 303 -8.34 21.63 2.87
CA TYR D 303 -8.44 22.48 4.05
C TYR D 303 -8.76 21.65 5.29
N LEU D 304 -7.93 21.76 6.33
CA LEU D 304 -8.08 20.95 7.54
C LEU D 304 -8.75 21.75 8.66
N HIS D 305 -9.94 21.30 9.04
CA HIS D 305 -10.81 21.97 10.01
C HIS D 305 -10.72 21.27 11.36
N TYR D 306 -10.08 21.93 12.32
CA TYR D 306 -9.90 21.38 13.66
C TYR D 306 -11.12 21.72 14.52
N HIS D 307 -11.84 20.68 14.91
CA HIS D 307 -12.98 20.79 15.83
C HIS D 307 -12.52 20.39 17.22
N ARG D 308 -12.81 21.26 18.16
CA ARG D 308 -12.27 21.20 19.50
C ARG D 308 -13.17 20.55 20.54
N ALA D 309 -14.10 19.70 20.11
CA ALA D 309 -15.00 19.01 21.04
C ALA D 309 -14.28 18.35 22.23
N GLY D 310 -14.75 18.65 23.44
CA GLY D 310 -14.16 18.08 24.66
C GLY D 310 -13.22 18.99 25.43
N HIS D 311 -12.67 19.99 24.76
CA HIS D 311 -11.64 20.86 25.34
C HIS D 311 -11.97 21.51 26.68
N GLY D 312 -13.25 21.77 26.92
CA GLY D 312 -13.67 22.46 28.11
C GLY D 312 -13.27 21.78 29.41
N MET D 313 -12.96 20.48 29.32
CA MET D 313 -12.62 19.72 30.52
C MET D 313 -11.30 20.18 31.15
N VAL D 314 -10.47 20.91 30.40
CA VAL D 314 -9.23 21.49 30.95
C VAL D 314 -9.09 22.99 30.67
N THR D 315 -9.72 23.48 29.61
CA THR D 315 -9.56 24.87 29.20
C THR D 315 -10.53 25.82 29.90
N SER D 316 -11.52 25.26 30.59
CA SER D 316 -12.51 26.08 31.29
C SER D 316 -11.85 27.07 32.24
N PRO D 317 -12.42 28.28 32.39
CA PRO D 317 -11.87 29.24 33.36
C PRO D 317 -11.76 28.69 34.78
N SER D 318 -12.65 27.75 35.12
CA SER D 318 -12.67 27.15 36.44
C SER D 318 -11.60 26.08 36.61
N SER D 319 -11.01 25.64 35.51
CA SER D 319 -9.98 24.60 35.53
C SER D 319 -8.60 25.12 35.92
N LYS D 320 -7.90 24.33 36.74
CA LYS D 320 -6.53 24.63 37.11
C LYS D 320 -5.56 23.55 36.61
N ARG D 321 -6.01 22.76 35.64
CA ARG D 321 -5.22 21.63 35.14
C ARG D 321 -5.13 21.61 33.62
N GLY D 322 -4.14 20.87 33.13
CA GLY D 322 -3.97 20.69 31.70
C GLY D 322 -3.39 21.92 31.03
N TYR D 323 -4.19 22.54 30.17
CA TYR D 323 -3.76 23.74 29.45
C TYR D 323 -4.94 24.56 28.99
N THR D 324 -4.67 25.80 28.62
CA THR D 324 -5.73 26.74 28.26
C THR D 324 -6.09 26.64 26.79
N ALA D 325 -7.15 27.32 26.40
CA ALA D 325 -7.59 27.36 25.00
C ALA D 325 -6.55 28.01 24.11
N PHE D 326 -5.85 29.01 24.65
CA PHE D 326 -4.78 29.69 23.93
C PHE D 326 -3.71 28.68 23.57
N VAL D 327 -3.27 27.91 24.56
CA VAL D 327 -2.25 26.89 24.32
C VAL D 327 -2.69 25.86 23.27
N LEU D 328 -3.93 25.40 23.35
CA LEU D 328 -4.45 24.43 22.40
C LEU D 328 -4.41 24.96 20.98
N ALA D 329 -4.86 26.19 20.80
CA ALA D 329 -4.92 26.83 19.49
C ALA D 329 -3.53 27.01 18.89
N LYS D 330 -2.59 27.42 19.72
CA LYS D 330 -1.24 27.65 19.23
C LYS D 330 -0.61 26.33 18.77
N MET D 331 -0.87 25.26 19.51
CA MET D 331 -0.40 23.93 19.14
C MET D 331 -0.98 23.49 17.80
N SER D 332 -2.26 23.79 17.59
CA SER D 332 -2.99 23.34 16.41
C SER D 332 -2.36 23.90 15.14
N ARG D 333 -1.82 25.11 15.23
CA ARG D 333 -1.17 25.74 14.10
C ARG D 333 0.09 24.95 13.71
N LEU D 334 0.85 24.52 14.70
CA LEU D 334 2.03 23.70 14.48
C LEU D 334 1.66 22.35 13.84
N GLN D 335 0.57 21.78 14.31
CA GLN D 335 0.08 20.50 13.79
C GLN D 335 -0.33 20.57 12.32
N GLY D 336 -0.77 21.74 11.88
CA GLY D 336 -1.12 21.96 10.49
C GLY D 336 -2.60 22.14 10.21
N ALA D 337 -3.34 22.52 11.24
CA ALA D 337 -4.75 22.85 11.08
C ALA D 337 -4.89 24.09 10.19
N SER D 338 -5.81 24.03 9.23
CA SER D 338 -6.07 25.19 8.37
C SER D 338 -6.89 26.20 9.13
N GLY D 339 -7.71 25.71 10.06
CA GLY D 339 -8.49 26.57 10.93
C GLY D 339 -8.86 25.84 12.19
N ILE D 340 -9.12 26.59 13.26
CA ILE D 340 -9.52 25.99 14.52
C ILE D 340 -10.51 26.87 15.28
N HIS D 341 -11.42 26.21 15.98
CA HIS D 341 -12.40 26.88 16.84
C HIS D 341 -11.68 27.58 17.99
N VAL D 342 -12.09 28.81 18.27
CA VAL D 342 -11.50 29.62 19.34
C VAL D 342 -12.58 30.14 20.28
N GLY D 343 -13.82 29.79 19.97
CA GLY D 343 -14.98 30.15 20.77
C GLY D 343 -15.56 31.49 20.37
N THR D 344 -16.51 31.97 21.16
CA THR D 344 -17.22 33.20 20.84
C THR D 344 -16.82 34.34 21.75
N MET D 345 -15.84 34.10 22.60
CA MET D 345 -15.25 35.15 23.42
C MET D 345 -16.29 35.85 24.29
N GLY D 346 -17.18 35.08 24.89
CA GLY D 346 -18.17 35.61 25.82
C GLY D 346 -19.42 36.18 25.17
N TYR D 347 -19.46 36.13 23.84
CA TYR D 347 -20.58 36.67 23.07
C TYR D 347 -21.59 35.62 22.63
N GLY D 348 -21.56 34.42 23.22
CA GLY D 348 -22.51 33.39 22.83
C GLY D 348 -22.97 32.45 23.92
N LYS D 349 -22.88 31.14 23.72
CA LYS D 349 -23.34 30.19 24.75
C LYS D 349 -22.31 29.37 25.49
N MET D 350 -21.05 29.43 25.08
CA MET D 350 -19.99 28.69 25.77
C MET D 350 -19.29 29.58 26.80
N GLU D 351 -18.19 29.08 27.35
CA GLU D 351 -17.38 29.76 28.36
C GLU D 351 -16.23 30.42 27.64
N GLY D 352 -16.27 31.75 27.62
CA GLY D 352 -15.26 32.54 26.94
C GLY D 352 -15.43 33.99 27.33
N GLY D 353 -14.38 34.78 27.11
CA GLY D 353 -14.38 36.18 27.49
C GLY D 353 -13.70 37.01 26.43
N LYS D 354 -13.81 38.33 26.56
CA LYS D 354 -13.30 39.25 25.56
C LYS D 354 -11.80 39.16 25.36
N ASP D 355 -11.07 38.71 26.37
CA ASP D 355 -9.62 38.62 26.26
C ASP D 355 -9.22 37.45 25.36
N ASP D 356 -10.16 36.58 25.03
CA ASP D 356 -9.87 35.43 24.17
C ASP D 356 -9.53 35.83 22.73
N ARG D 357 -9.67 37.11 22.42
CA ARG D 357 -9.33 37.61 21.10
C ARG D 357 -7.85 37.43 20.76
N ILE D 358 -7.03 37.33 21.81
CA ILE D 358 -5.61 37.10 21.66
C ILE D 358 -5.33 35.72 21.05
N ILE D 359 -6.24 34.78 21.29
CA ILE D 359 -6.13 33.45 20.70
C ILE D 359 -6.17 33.57 19.18
N ALA D 360 -7.09 34.37 18.68
CA ALA D 360 -7.21 34.57 17.24
C ALA D 360 -5.96 35.25 16.69
N TYR D 361 -5.47 36.26 17.40
CA TYR D 361 -4.30 37.01 16.96
C TYR D 361 -3.06 36.13 16.82
N MET D 362 -2.87 35.22 17.78
CA MET D 362 -1.69 34.36 17.82
C MET D 362 -1.66 33.36 16.64
N ILE D 363 -2.83 32.91 16.20
CA ILE D 363 -2.90 31.88 15.16
C ILE D 363 -2.96 32.46 13.74
N GLU D 364 -3.29 33.75 13.62
CA GLU D 364 -3.51 34.37 12.32
C GLU D 364 -2.38 35.33 11.91
N ARG D 365 -1.65 35.85 12.90
CA ARG D 365 -0.56 36.80 12.65
C ARG D 365 0.81 36.12 12.47
N ASP D 366 1.76 36.86 11.88
CA ASP D 366 3.12 36.37 11.72
C ASP D 366 3.96 36.71 12.95
N SER D 367 3.49 37.69 13.73
CA SER D 367 4.16 38.17 14.94
C SER D 367 3.14 38.55 16.00
N CYS D 368 3.20 37.92 17.15
CA CYS D 368 2.21 38.18 18.20
C CYS D 368 2.79 37.87 19.58
N THR D 369 2.27 38.56 20.59
CA THR D 369 2.72 38.38 21.97
C THR D 369 1.63 37.67 22.76
N GLY D 370 1.96 36.50 23.29
CA GLY D 370 1.03 35.77 24.13
C GLY D 370 1.03 36.26 25.56
N PRO D 371 0.33 35.53 26.44
CA PRO D 371 0.27 35.91 27.85
C PRO D 371 1.64 35.98 28.52
N PHE D 372 2.61 35.20 28.03
CA PHE D 372 3.94 35.14 28.64
C PHE D 372 5.08 35.22 27.64
N TYR D 373 4.86 34.79 26.42
CA TYR D 373 5.92 34.73 25.41
C TYR D 373 5.52 35.43 24.12
N HIS D 374 6.45 36.21 23.59
CA HIS D 374 6.33 36.72 22.24
C HIS D 374 6.74 35.63 21.27
N GLN D 375 6.00 35.48 20.18
CA GLN D 375 6.27 34.44 19.20
C GLN D 375 6.38 35.03 17.80
N GLU D 376 7.51 34.73 17.14
CA GLU D 376 7.64 34.95 15.70
C GLU D 376 7.37 33.65 14.96
N TRP D 377 6.64 33.73 13.86
CA TRP D 377 6.23 32.53 13.11
C TRP D 377 7.01 32.32 11.81
N TYR D 378 7.80 33.31 11.42
CA TYR D 378 8.71 33.21 10.29
C TYR D 378 8.03 32.68 9.02
N GLY D 379 6.82 33.16 8.77
CA GLY D 379 6.13 32.88 7.52
C GLY D 379 5.29 31.61 7.51
N MET D 380 5.24 30.90 8.63
CA MET D 380 4.36 29.74 8.74
C MET D 380 2.92 30.18 8.50
N LYS D 381 2.15 29.39 7.74
CA LYS D 381 0.80 29.81 7.41
C LYS D 381 -0.07 30.01 8.64
N PRO D 382 -1.02 30.95 8.56
CA PRO D 382 -1.91 31.25 9.67
C PRO D 382 -3.05 30.25 9.75
N THR D 383 -3.46 29.90 10.97
CA THR D 383 -4.65 29.08 11.19
C THR D 383 -5.86 30.00 11.34
N THR D 384 -6.93 29.67 10.65
CA THR D 384 -8.14 30.50 10.66
C THR D 384 -8.87 30.39 11.99
N PRO D 385 -9.20 31.55 12.60
CA PRO D 385 -10.14 31.51 13.72
C PRO D 385 -11.59 31.27 13.30
N ILE D 386 -12.15 30.16 13.77
CA ILE D 386 -13.53 29.79 13.47
C ILE D 386 -14.46 30.08 14.65
N ILE D 387 -15.50 30.88 14.44
CA ILE D 387 -16.37 31.32 15.52
C ILE D 387 -17.59 30.42 15.47
N SER D 388 -17.89 29.76 16.59
CA SER D 388 -19.09 28.92 16.69
C SER D 388 -19.64 28.78 18.09
N GLY D 389 -20.95 28.62 18.21
CA GLY D 389 -21.58 28.37 19.49
C GLY D 389 -22.52 29.39 20.09
N GLY D 390 -23.70 29.45 19.51
CA GLY D 390 -24.75 30.31 20.03
C GLY D 390 -24.77 31.69 19.42
N MET D 391 -24.13 31.85 18.26
CA MET D 391 -24.16 33.16 17.62
C MET D 391 -25.36 33.29 16.71
N ASN D 392 -25.78 34.53 16.53
CA ASN D 392 -26.77 34.91 15.54
C ASN D 392 -26.51 36.35 15.10
N ALA D 393 -27.32 36.82 14.16
CA ALA D 393 -27.12 38.13 13.56
C ALA D 393 -27.12 39.25 14.60
N LEU D 394 -27.85 39.05 15.71
CA LEU D 394 -27.99 40.09 16.73
C LEU D 394 -26.75 40.20 17.62
N ARG D 395 -26.07 39.08 17.83
CA ARG D 395 -24.89 39.01 18.70
C ARG D 395 -23.59 39.39 17.99
N LEU D 396 -23.59 39.29 16.66
CA LEU D 396 -22.38 39.47 15.86
C LEU D 396 -21.72 40.85 15.94
N PRO D 397 -22.53 41.93 15.90
CA PRO D 397 -21.96 43.29 15.98
C PRO D 397 -21.06 43.48 17.19
N GLY D 398 -21.47 42.98 18.36
CA GLY D 398 -20.66 43.08 19.55
C GLY D 398 -19.39 42.26 19.46
N PHE D 399 -19.45 41.08 18.86
CA PHE D 399 -18.27 40.23 18.71
C PHE D 399 -17.18 40.86 17.84
N PHE D 400 -17.59 41.43 16.70
CA PHE D 400 -16.64 42.05 15.77
C PHE D 400 -15.96 43.26 16.37
N GLU D 401 -16.69 44.05 17.15
CA GLU D 401 -16.12 45.24 17.74
C GLU D 401 -14.99 44.82 18.69
N ASN D 402 -15.21 43.75 19.45
CA ASN D 402 -14.19 43.24 20.35
C ASN D 402 -12.98 42.67 19.60
N LEU D 403 -13.21 41.92 18.51
CA LEU D 403 -12.11 41.28 17.79
C LEU D 403 -11.29 42.26 16.96
N GLY D 404 -11.98 43.19 16.30
CA GLY D 404 -11.33 44.18 15.46
C GLY D 404 -11.34 43.92 13.95
N HIS D 405 -11.85 42.76 13.54
CA HIS D 405 -11.92 42.45 12.11
C HIS D 405 -12.87 41.28 11.90
N GLY D 406 -13.09 40.91 10.64
CA GLY D 406 -13.94 39.80 10.31
C GLY D 406 -13.32 38.77 9.39
N ASN D 407 -12.00 38.71 9.33
CA ASN D 407 -11.33 37.67 8.54
C ASN D 407 -11.46 36.33 9.25
N VAL D 408 -12.68 35.82 9.29
CA VAL D 408 -13.01 34.60 10.03
C VAL D 408 -14.04 33.75 9.30
N ILE D 409 -14.12 32.48 9.67
CA ILE D 409 -15.26 31.66 9.28
C ILE D 409 -16.22 31.62 10.48
N ASN D 410 -17.49 31.98 10.25
CA ASN D 410 -18.48 31.96 11.33
C ASN D 410 -19.65 31.02 11.10
N THR D 411 -19.61 29.87 11.76
CA THR D 411 -20.68 28.89 11.70
C THR D 411 -21.75 29.07 12.79
N ALA D 412 -23.01 29.23 12.38
CA ALA D 412 -24.10 29.45 13.33
C ALA D 412 -25.22 28.47 12.97
N GLY D 413 -25.36 27.41 13.77
CA GLY D 413 -26.43 26.45 13.56
C GLY D 413 -27.79 26.97 13.93
N GLY D 414 -27.92 27.40 15.18
CA GLY D 414 -29.17 27.92 15.69
C GLY D 414 -29.49 29.23 15.02
N GLY D 415 -28.47 30.06 14.82
CA GLY D 415 -28.67 31.37 14.23
C GLY D 415 -29.23 31.32 12.82
N SER D 416 -28.96 30.22 12.13
CA SER D 416 -29.42 30.04 10.76
C SER D 416 -30.78 29.34 10.67
N TYR D 417 -30.79 28.07 11.09
CA TYR D 417 -32.00 27.26 11.00
C TYR D 417 -33.07 27.72 12.00
N GLY D 418 -32.65 28.54 12.96
CA GLY D 418 -33.54 29.09 13.95
C GLY D 418 -34.32 30.29 13.43
N HIS D 419 -33.93 30.79 12.27
CA HIS D 419 -34.59 31.97 11.71
C HIS D 419 -36.02 31.64 11.28
N ILE D 420 -36.94 32.54 11.64
CA ILE D 420 -38.37 32.35 11.44
C ILE D 420 -38.76 32.23 9.97
N ASP D 421 -38.00 32.88 9.09
CA ASP D 421 -38.34 32.88 7.67
C ASP D 421 -37.74 31.67 6.97
N SER D 422 -36.41 31.57 6.95
CA SER D 422 -35.75 30.46 6.29
C SER D 422 -34.27 30.39 6.68
N PRO D 423 -33.63 29.22 6.47
CA PRO D 423 -32.19 29.08 6.72
C PRO D 423 -31.37 30.03 5.88
N ALA D 424 -31.83 30.27 4.65
CA ALA D 424 -31.18 31.20 3.74
C ALA D 424 -31.27 32.60 4.30
N ALA D 425 -32.46 32.97 4.78
CA ALA D 425 -32.66 34.28 5.38
C ALA D 425 -31.74 34.44 6.59
N GLY D 426 -31.56 33.36 7.35
CA GLY D 426 -30.67 33.37 8.49
C GLY D 426 -29.24 33.67 8.06
N ALA D 427 -28.81 33.05 6.97
CA ALA D 427 -27.47 33.26 6.42
C ALA D 427 -27.27 34.72 6.00
N VAL D 428 -28.29 35.28 5.36
CA VAL D 428 -28.26 36.66 4.92
C VAL D 428 -28.14 37.61 6.10
N SER D 429 -28.88 37.32 7.16
CA SER D 429 -28.89 38.18 8.36
C SER D 429 -27.49 38.22 8.97
N LEU D 430 -26.80 37.10 8.93
CA LEU D 430 -25.44 37.03 9.46
C LEU D 430 -24.53 37.95 8.66
N ARG D 431 -24.66 37.91 7.33
CA ARG D 431 -23.83 38.75 6.47
C ARG D 431 -24.18 40.22 6.63
N GLN D 432 -25.46 40.52 6.76
CA GLN D 432 -25.91 41.89 6.95
C GLN D 432 -25.42 42.46 8.28
N ALA D 433 -25.31 41.58 9.27
CA ALA D 433 -24.81 41.97 10.58
C ALA D 433 -23.35 42.39 10.49
N TYR D 434 -22.58 41.69 9.66
CA TYR D 434 -21.19 42.02 9.46
C TYR D 434 -21.07 43.34 8.71
N GLU D 435 -21.89 43.49 7.67
CA GLU D 435 -21.92 44.70 6.86
C GLU D 435 -22.33 45.90 7.70
N CYS D 436 -23.19 45.64 8.69
CA CYS D 436 -23.64 46.67 9.61
C CYS D 436 -22.44 47.16 10.42
N TRP D 437 -21.72 46.23 11.04
CA TRP D 437 -20.56 46.59 11.85
C TRP D 437 -19.44 47.25 11.03
N LYS D 438 -19.18 46.72 9.84
CA LYS D 438 -18.12 47.25 8.98
C LYS D 438 -18.43 48.70 8.61
N ALA D 439 -19.72 48.99 8.44
CA ALA D 439 -20.18 50.33 8.09
C ALA D 439 -20.33 51.21 9.32
N GLY D 440 -20.14 50.61 10.49
CA GLY D 440 -20.27 51.34 11.75
C GLY D 440 -21.66 51.87 12.00
N ALA D 441 -22.67 51.18 11.49
CA ALA D 441 -24.05 51.66 11.60
C ALA D 441 -24.72 51.19 12.88
N ASP D 442 -25.82 51.86 13.23
CA ASP D 442 -26.65 51.47 14.36
C ASP D 442 -27.51 50.26 13.94
N PRO D 443 -27.43 49.14 14.69
CA PRO D 443 -28.18 47.93 14.31
C PRO D 443 -29.69 48.15 14.18
N ILE D 444 -30.28 48.94 15.07
CA ILE D 444 -31.71 49.22 15.00
C ILE D 444 -32.02 49.96 13.71
N GLU D 445 -31.18 50.92 13.35
CA GLU D 445 -31.38 51.72 12.13
C GLU D 445 -31.04 50.88 10.90
N TRP D 446 -30.06 49.99 11.06
CA TRP D 446 -29.65 49.07 9.99
C TRP D 446 -30.78 48.10 9.65
N ALA D 447 -31.55 47.72 10.66
CA ALA D 447 -32.66 46.80 10.48
C ALA D 447 -33.76 47.41 9.61
N LYS D 448 -33.91 48.72 9.68
CA LYS D 448 -34.95 49.41 8.94
C LYS D 448 -34.74 49.31 7.41
N GLU D 449 -33.53 48.94 6.99
CA GLU D 449 -33.19 48.82 5.57
C GLU D 449 -32.67 47.45 5.20
N HIS D 450 -32.80 46.50 6.12
CA HIS D 450 -32.38 45.13 5.88
C HIS D 450 -33.35 44.12 6.51
N LYS D 451 -34.23 43.58 5.67
CA LYS D 451 -35.34 42.77 6.14
C LYS D 451 -34.88 41.53 6.90
N GLU D 452 -33.94 40.81 6.33
CA GLU D 452 -33.43 39.58 6.94
C GLU D 452 -32.85 39.83 8.34
N PHE D 453 -32.05 40.88 8.46
CA PHE D 453 -31.48 41.26 9.75
C PHE D 453 -32.56 41.60 10.78
N ALA D 454 -33.56 42.36 10.33
CA ALA D 454 -34.66 42.78 11.18
C ALA D 454 -35.47 41.61 11.73
N ARG D 455 -35.70 40.62 10.87
CA ARG D 455 -36.49 39.44 11.23
C ARG D 455 -35.75 38.57 12.24
N ALA D 456 -34.45 38.78 12.38
CA ALA D 456 -33.66 38.06 13.37
C ALA D 456 -34.03 38.53 14.78
N PHE D 457 -34.48 39.78 14.90
CA PHE D 457 -34.95 40.31 16.18
C PHE D 457 -36.16 39.50 16.64
N GLU D 458 -37.05 39.20 15.71
CA GLU D 458 -38.25 38.44 16.02
C GLU D 458 -37.95 36.94 16.16
N SER D 459 -36.82 36.51 15.60
CA SER D 459 -36.44 35.10 15.70
C SER D 459 -35.85 34.78 17.07
N PHE D 460 -35.18 35.76 17.67
CA PHE D 460 -34.51 35.60 18.95
C PHE D 460 -34.84 36.78 19.88
N PRO D 461 -36.12 36.91 20.24
CA PRO D 461 -36.66 38.05 21.01
C PRO D 461 -35.95 38.24 22.35
N LYS D 462 -35.55 37.15 22.99
CA LYS D 462 -34.88 37.25 24.28
C LYS D 462 -33.53 37.93 24.13
N ASP D 463 -32.80 37.62 23.06
CA ASP D 463 -31.54 38.29 22.79
C ASP D 463 -31.78 39.75 22.40
N ALA D 464 -32.86 39.97 21.67
CA ALA D 464 -33.20 41.30 21.19
C ALA D 464 -33.52 42.26 22.33
N ASP D 465 -34.25 41.78 23.33
CA ASP D 465 -34.62 42.62 24.46
C ASP D 465 -33.39 43.05 25.26
N LYS D 466 -32.43 42.14 25.45
CA LYS D 466 -31.22 42.44 26.20
C LYS D 466 -30.30 43.41 25.45
N LEU D 467 -29.99 43.06 24.20
CA LEU D 467 -29.01 43.80 23.40
C LEU D 467 -29.55 45.11 22.85
N PHE D 468 -30.82 45.09 22.43
CA PHE D 468 -31.44 46.25 21.80
C PHE D 468 -32.80 46.56 22.41
N PRO D 469 -32.82 47.03 23.66
CA PRO D 469 -34.07 47.35 24.35
C PRO D 469 -34.87 48.43 23.64
N GLY D 470 -36.18 48.24 23.50
CA GLY D 470 -37.02 49.20 22.82
C GLY D 470 -37.18 48.93 21.33
N TRP D 471 -36.66 47.78 20.89
CA TRP D 471 -36.66 47.44 19.47
C TRP D 471 -38.05 47.29 18.84
N ARG D 472 -39.03 46.76 19.58
CA ARG D 472 -40.35 46.56 19.01
C ARG D 472 -41.03 47.85 18.53
N GLU D 473 -40.94 48.90 19.34
CA GLU D 473 -41.56 50.17 18.97
C GLU D 473 -40.89 50.77 17.74
N LYS D 474 -39.56 50.76 17.70
CA LYS D 474 -38.85 51.39 16.60
C LYS D 474 -39.05 50.63 15.27
N LEU D 475 -39.13 49.30 15.33
CA LEU D 475 -39.26 48.50 14.11
C LEU D 475 -40.71 48.19 13.74
N GLY D 476 -41.62 48.62 14.62
CA GLY D 476 -43.05 48.44 14.50
C GLY D 476 -43.51 46.99 14.52
N VAL D 477 -42.96 46.22 15.46
CA VAL D 477 -43.30 44.80 15.61
C VAL D 477 -44.10 44.58 16.92
N HIS D 478 -45.41 44.44 16.84
CA HIS D 478 -46.21 44.25 18.06
C HIS D 478 -46.85 42.87 18.11
N GLY E 18 -25.95 29.66 28.00
CA GLY E 18 -27.26 30.26 27.92
C GLY E 18 -28.22 29.56 26.96
N SER E 19 -29.08 28.68 27.45
CA SER E 19 -30.10 28.08 26.60
C SER E 19 -31.34 28.96 26.55
N HIS E 20 -31.75 29.36 25.34
CA HIS E 20 -32.92 30.24 25.18
C HIS E 20 -34.17 29.60 25.76
N MET E 21 -34.18 28.28 25.84
CA MET E 21 -35.36 27.55 26.26
C MET E 21 -35.08 26.47 27.30
N ASP E 22 -36.12 26.16 28.07
CA ASP E 22 -36.11 25.00 28.96
C ASP E 22 -36.47 23.78 28.13
N GLN E 23 -35.67 22.73 28.26
CA GLN E 23 -35.69 21.60 27.33
C GLN E 23 -36.03 20.30 28.08
N SER E 24 -36.53 20.45 29.31
CA SER E 24 -36.93 19.33 30.16
C SER E 24 -37.99 18.42 29.54
N ASN E 25 -39.00 19.00 28.88
CA ASN E 25 -40.09 18.20 28.31
C ASN E 25 -39.65 17.20 27.26
N ARG E 26 -38.62 17.54 26.48
CA ARG E 26 -38.14 16.69 25.39
C ARG E 26 -37.01 15.75 25.77
N TYR E 27 -36.05 16.25 26.55
CA TYR E 27 -34.81 15.54 26.82
C TYR E 27 -34.73 14.90 28.22
N ALA E 28 -35.87 14.77 28.87
CA ALA E 28 -35.93 14.09 30.16
C ALA E 28 -37.17 13.23 30.29
N ASP E 29 -36.96 12.03 30.82
CA ASP E 29 -38.04 11.13 31.19
C ASP E 29 -37.66 10.41 32.48
N LEU E 30 -37.98 11.05 33.59
CA LEU E 30 -37.59 10.59 34.92
C LEU E 30 -38.40 9.38 35.37
N SER E 31 -39.34 8.95 34.55
CA SER E 31 -40.14 7.77 34.89
C SER E 31 -39.55 6.51 34.29
N LEU E 32 -38.50 6.65 33.47
CA LEU E 32 -37.83 5.46 32.95
C LEU E 32 -37.15 4.66 34.06
N LYS E 33 -37.27 3.34 33.97
CA LYS E 33 -36.61 2.44 34.91
C LYS E 33 -35.23 2.05 34.38
N GLU E 34 -34.19 2.24 35.19
CA GLU E 34 -32.83 1.90 34.75
C GLU E 34 -32.75 0.42 34.41
N GLU E 35 -33.47 -0.40 35.16
CA GLU E 35 -33.52 -1.84 34.93
C GLU E 35 -34.00 -2.19 33.53
N ASP E 36 -34.99 -1.44 33.07
CA ASP E 36 -35.55 -1.65 31.75
C ASP E 36 -34.60 -1.21 30.65
N LEU E 37 -33.95 -0.07 30.86
CA LEU E 37 -32.99 0.46 29.90
C LEU E 37 -31.85 -0.54 29.69
N ILE E 38 -31.43 -1.18 30.77
CA ILE E 38 -30.37 -2.18 30.71
C ILE E 38 -30.87 -3.45 30.03
N LYS E 39 -32.03 -3.94 30.46
CA LYS E 39 -32.60 -5.15 29.90
C LYS E 39 -32.87 -5.00 28.40
N GLY E 40 -33.28 -3.79 28.00
CA GLY E 40 -33.54 -3.49 26.60
C GLY E 40 -32.33 -3.66 25.70
N GLY E 41 -31.17 -3.23 26.21
CA GLY E 41 -29.92 -3.38 25.47
C GLY E 41 -29.82 -2.43 24.30
N ASN E 42 -30.66 -1.40 24.30
CA ASN E 42 -30.73 -0.44 23.20
C ASN E 42 -30.09 0.91 23.52
N HIS E 43 -29.50 1.02 24.71
CA HIS E 43 -28.89 2.28 25.12
C HIS E 43 -27.54 2.08 25.78
N ILE E 44 -26.63 3.01 25.52
CA ILE E 44 -25.46 3.20 26.38
C ILE E 44 -25.88 4.17 27.48
N LEU E 45 -25.72 3.76 28.72
CA LEU E 45 -26.06 4.59 29.87
C LEU E 45 -24.81 5.25 30.42
N VAL E 46 -24.94 6.50 30.84
CA VAL E 46 -23.82 7.27 31.37
C VAL E 46 -24.23 8.02 32.64
N ALA E 47 -23.44 7.88 33.69
CA ALA E 47 -23.68 8.57 34.96
C ALA E 47 -22.67 9.69 35.19
N TYR E 48 -23.16 10.89 35.51
CA TYR E 48 -22.30 12.04 35.74
C TYR E 48 -22.48 12.61 37.15
N THR E 49 -21.45 13.30 37.63
CA THR E 49 -21.61 14.34 38.63
C THR E 49 -21.84 15.61 37.83
N MET E 50 -22.74 16.48 38.30
CA MET E 50 -23.03 17.72 37.58
C MET E 50 -23.45 18.82 38.54
N GLU E 51 -22.94 20.02 38.30
CA GLU E 51 -23.35 21.21 39.03
C GLU E 51 -23.71 22.32 38.05
N PRO E 52 -24.94 22.84 38.11
CA PRO E 52 -25.31 23.92 37.20
C PRO E 52 -24.74 25.28 37.58
N ALA E 53 -24.67 26.18 36.60
CA ALA E 53 -24.25 27.55 36.83
C ALA E 53 -25.27 28.27 37.71
N ALA E 54 -24.89 29.43 38.23
CA ALA E 54 -25.78 30.20 39.11
C ALA E 54 -27.09 30.55 38.43
N GLY E 55 -28.20 30.31 39.13
CA GLY E 55 -29.51 30.66 38.64
C GLY E 55 -30.10 29.63 37.69
N VAL E 56 -29.37 28.54 37.44
CA VAL E 56 -29.85 27.50 36.54
C VAL E 56 -30.39 26.31 37.33
N GLY E 57 -31.61 25.90 36.98
CA GLY E 57 -32.23 24.75 37.62
C GLY E 57 -31.53 23.46 37.28
N TYR E 58 -31.60 22.48 38.18
CA TYR E 58 -30.86 21.25 38.00
C TYR E 58 -31.41 20.41 36.86
N LEU E 59 -32.73 20.28 36.81
CA LEU E 59 -33.37 19.48 35.77
C LEU E 59 -33.13 20.18 34.43
N GLU E 60 -33.24 21.51 34.45
CA GLU E 60 -33.07 22.31 33.25
C GLU E 60 -31.64 22.25 32.69
N ALA E 61 -30.66 22.12 33.59
CA ALA E 61 -29.26 21.96 33.21
C ALA E 61 -29.02 20.61 32.54
N ALA E 62 -29.52 19.57 33.19
CA ALA E 62 -29.38 18.21 32.70
C ALA E 62 -29.99 18.02 31.33
N ALA E 63 -31.18 18.58 31.11
CA ALA E 63 -31.83 18.44 29.82
C ALA E 63 -31.03 19.14 28.73
N HIS E 64 -30.46 20.29 29.03
CA HIS E 64 -29.65 21.00 28.04
C HIS E 64 -28.41 20.19 27.69
N ILE E 65 -27.79 19.59 28.71
CA ILE E 65 -26.64 18.73 28.51
C ILE E 65 -26.99 17.54 27.61
N ALA E 66 -28.14 16.92 27.87
CA ALA E 66 -28.59 15.77 27.09
C ALA E 66 -28.82 16.13 25.63
N ALA E 67 -29.42 17.30 25.43
CA ALA E 67 -29.69 17.81 24.10
C ALA E 67 -28.41 18.11 23.33
N GLU E 68 -27.52 18.85 23.97
CA GLU E 68 -26.25 19.25 23.37
C GLU E 68 -25.37 18.02 23.11
N SER E 69 -25.68 16.91 23.78
CA SER E 69 -24.91 15.67 23.66
C SER E 69 -25.54 14.66 22.70
N SER E 70 -26.56 15.09 21.97
CA SER E 70 -27.22 14.22 21.01
C SER E 70 -27.78 14.95 19.80
N THR E 71 -29.08 15.22 19.83
CA THR E 71 -29.83 15.68 18.67
C THR E 71 -30.11 17.18 18.55
N GLY E 72 -29.76 18.00 19.53
CA GLY E 72 -30.02 19.43 19.38
C GLY E 72 -29.02 20.48 19.81
N THR E 73 -29.55 21.71 19.87
CA THR E 73 -28.79 22.91 20.19
C THR E 73 -29.57 23.77 21.20
N ASN E 74 -29.19 25.04 21.36
CA ASN E 74 -29.78 25.87 22.40
C ASN E 74 -31.06 26.60 21.95
N VAL E 75 -31.50 26.36 20.72
CA VAL E 75 -32.76 26.92 20.23
C VAL E 75 -33.50 25.92 19.37
N GLU E 76 -34.76 26.21 19.08
CA GLU E 76 -35.56 25.39 18.17
C GLU E 76 -35.11 25.62 16.74
N VAL E 77 -35.13 24.57 15.92
CA VAL E 77 -34.75 24.67 14.51
C VAL E 77 -35.83 24.07 13.61
N SER E 78 -35.99 24.68 12.44
CA SER E 78 -37.03 24.28 11.49
C SER E 78 -36.86 22.87 10.95
N THR E 79 -35.64 22.35 11.01
CA THR E 79 -35.32 21.09 10.35
C THR E 79 -35.65 19.86 11.18
N THR E 80 -36.04 20.06 12.44
CA THR E 80 -36.34 18.94 13.32
C THR E 80 -37.58 18.20 12.83
N ASP E 81 -37.46 16.90 12.65
CA ASP E 81 -38.60 16.06 12.32
C ASP E 81 -38.87 15.12 13.48
N GLU E 82 -39.93 14.32 13.37
CA GLU E 82 -40.31 13.47 14.48
C GLU E 82 -39.37 12.28 14.58
N PHE E 83 -38.71 11.92 13.49
CA PHE E 83 -37.81 10.78 13.54
C PHE E 83 -36.64 11.14 14.44
N THR E 84 -36.20 12.41 14.38
CA THR E 84 -35.03 12.85 15.14
C THR E 84 -35.21 12.67 16.65
N LYS E 85 -36.46 12.79 17.09
CA LYS E 85 -36.81 12.69 18.50
C LYS E 85 -36.56 11.29 19.04
N GLY E 86 -36.61 10.31 18.14
CA GLY E 86 -36.46 8.91 18.48
C GLY E 86 -35.05 8.55 18.89
N VAL E 87 -34.09 9.42 18.58
CA VAL E 87 -32.69 9.15 18.90
C VAL E 87 -32.16 10.19 19.89
N ASP E 88 -33.07 10.97 20.48
CA ASP E 88 -32.75 11.91 21.55
C ASP E 88 -32.17 11.18 22.77
N ALA E 89 -31.10 11.73 23.34
CA ALA E 89 -30.63 11.28 24.64
C ALA E 89 -31.59 11.75 25.72
N LEU E 90 -31.81 10.91 26.72
CA LEU E 90 -32.78 11.17 27.78
C LEU E 90 -32.21 11.07 29.20
N VAL E 91 -32.42 12.13 29.97
CA VAL E 91 -32.18 12.09 31.41
C VAL E 91 -33.25 11.22 32.06
N TYR E 92 -32.81 10.12 32.69
CA TYR E 92 -33.74 9.20 33.35
C TYR E 92 -33.62 9.22 34.86
N PHE E 93 -32.63 9.94 35.37
CA PHE E 93 -32.42 10.07 36.81
C PHE E 93 -31.61 11.31 37.17
N ILE E 94 -32.06 11.99 38.22
CA ILE E 94 -31.28 13.06 38.83
C ILE E 94 -31.37 13.04 40.36
N ASP E 95 -30.28 13.45 41.01
CA ASP E 95 -30.28 13.67 42.45
C ASP E 95 -29.65 15.02 42.69
N GLU E 96 -30.51 16.04 42.79
CA GLU E 96 -30.05 17.43 42.92
C GLU E 96 -29.23 17.65 44.18
N ALA E 97 -29.61 16.96 45.26
CA ALA E 97 -28.93 17.09 46.54
C ALA E 97 -27.50 16.55 46.48
N LYS E 98 -27.34 15.39 45.85
CA LYS E 98 -26.04 14.75 45.71
C LYS E 98 -25.34 15.20 44.43
N GLY E 99 -26.03 15.96 43.58
CA GLY E 99 -25.43 16.45 42.36
C GLY E 99 -25.14 15.36 41.34
N ILE E 100 -26.08 14.42 41.18
CA ILE E 100 -25.93 13.32 40.21
C ILE E 100 -26.97 13.41 39.08
N MET E 101 -26.53 13.06 37.87
CA MET E 101 -27.46 12.90 36.75
C MET E 101 -27.05 11.72 35.85
N LYS E 102 -28.06 11.03 35.31
CA LYS E 102 -27.84 9.88 34.43
C LYS E 102 -28.59 10.02 33.12
N VAL E 103 -27.90 9.71 32.03
CA VAL E 103 -28.44 9.89 30.67
C VAL E 103 -28.40 8.59 29.86
N ALA E 104 -29.45 8.35 29.10
CA ALA E 104 -29.53 7.21 28.19
C ALA E 104 -29.28 7.63 26.74
N TYR E 105 -28.23 7.10 26.13
CA TYR E 105 -27.87 7.40 24.75
C TYR E 105 -28.26 6.24 23.83
N PRO E 106 -29.25 6.45 22.93
CA PRO E 106 -29.58 5.38 21.99
C PRO E 106 -28.39 4.90 21.17
N ASN E 107 -28.24 3.59 21.01
CA ASN E 107 -27.09 3.01 20.32
C ASN E 107 -26.88 3.55 18.92
N ASP E 108 -27.97 3.87 18.24
CA ASP E 108 -27.91 4.31 16.85
C ASP E 108 -27.24 5.67 16.69
N LEU E 109 -27.07 6.38 17.81
CA LEU E 109 -26.40 7.67 17.78
C LEU E 109 -24.93 7.55 17.39
N PHE E 110 -24.32 6.42 17.74
CA PHE E 110 -22.86 6.30 17.66
C PHE E 110 -22.35 5.90 16.28
N ASP E 111 -21.25 6.54 15.88
CA ASP E 111 -20.68 6.39 14.53
C ASP E 111 -20.19 4.97 14.27
N ARG E 112 -20.24 4.57 13.00
CA ARG E 112 -19.85 3.23 12.57
C ARG E 112 -18.87 3.28 11.41
N ASN E 113 -17.88 2.39 11.41
CA ASN E 113 -16.96 2.31 10.29
C ASN E 113 -17.68 1.92 9.01
N VAL E 114 -17.36 2.62 7.93
CA VAL E 114 -17.83 2.22 6.62
C VAL E 114 -17.12 0.95 6.18
N THR E 115 -15.91 0.75 6.70
CA THR E 115 -15.08 -0.37 6.32
C THR E 115 -15.55 -1.70 6.88
N ASP E 116 -15.95 -1.74 8.15
CA ASP E 116 -16.27 -3.02 8.81
C ASP E 116 -17.42 -2.92 9.83
N GLY E 117 -18.09 -1.78 9.85
CA GLY E 117 -19.31 -1.58 10.63
C GLY E 117 -19.15 -1.44 12.13
N ARG E 118 -17.93 -1.58 12.63
CA ARG E 118 -17.69 -1.49 14.07
C ARG E 118 -17.81 -0.06 14.57
N VAL E 119 -18.16 0.08 15.84
CA VAL E 119 -18.23 1.40 16.47
C VAL E 119 -16.86 1.90 16.86
N MET E 120 -16.81 3.18 17.22
CA MET E 120 -15.56 3.84 17.54
C MET E 120 -15.71 4.65 18.82
N ILE E 121 -14.68 4.57 19.67
CA ILE E 121 -14.70 5.20 20.98
C ILE E 121 -14.69 6.71 20.86
N VAL E 122 -14.13 7.21 19.78
CA VAL E 122 -14.03 8.65 19.59
C VAL E 122 -15.42 9.25 19.44
N SER E 123 -16.35 8.46 18.91
CA SER E 123 -17.73 8.89 18.78
C SER E 123 -18.40 8.97 20.15
N PHE E 124 -18.12 8.00 21.00
CA PHE E 124 -18.60 7.98 22.37
C PHE E 124 -18.12 9.21 23.15
N LEU E 125 -16.86 9.57 22.93
CA LEU E 125 -16.27 10.72 23.59
C LEU E 125 -16.87 12.02 23.08
N THR E 126 -17.02 12.13 21.77
CA THR E 126 -17.54 13.35 21.15
C THR E 126 -18.92 13.70 21.70
N LEU E 127 -19.80 12.70 21.77
CA LEU E 127 -21.16 12.92 22.20
C LEU E 127 -21.30 13.07 23.73
N CYS E 128 -20.74 12.13 24.48
CA CYS E 128 -21.04 12.04 25.90
C CYS E 128 -20.17 12.91 26.80
N ILE E 129 -19.02 13.38 26.30
CA ILE E 129 -18.14 14.23 27.11
C ILE E 129 -17.37 15.22 26.25
N GLY E 130 -18.00 15.64 25.16
CA GLY E 130 -17.40 16.60 24.25
C GLY E 130 -17.79 18.04 24.55
N ASN E 131 -18.65 18.57 23.69
CA ASN E 131 -19.12 19.97 23.77
C ASN E 131 -19.76 20.34 25.12
N ASN E 132 -20.27 19.36 25.85
CA ASN E 132 -20.96 19.63 27.12
C ASN E 132 -19.99 20.06 28.21
N GLN E 133 -18.70 20.04 27.90
CA GLN E 133 -17.66 20.47 28.82
C GLN E 133 -17.38 21.98 28.77
N GLY E 134 -18.01 22.66 27.82
CA GLY E 134 -17.78 24.09 27.65
C GLY E 134 -19.05 24.91 27.71
N MET E 135 -20.12 24.34 28.27
CA MET E 135 -21.40 25.03 28.34
C MET E 135 -21.43 26.10 29.43
N GLY E 136 -21.94 27.27 29.07
CA GLY E 136 -21.95 28.41 29.95
C GLY E 136 -22.90 28.26 31.12
N ASP E 137 -23.94 27.46 30.94
CA ASP E 137 -24.95 27.29 31.99
C ASP E 137 -24.63 26.10 32.88
N ILE E 138 -23.46 25.49 32.66
CA ILE E 138 -23.00 24.35 33.47
C ILE E 138 -21.71 24.71 34.21
N ALA E 139 -21.73 24.59 35.54
CA ALA E 139 -20.54 24.89 36.33
C ALA E 139 -19.48 23.79 36.13
N ASN E 140 -19.91 22.53 36.23
CA ASN E 140 -19.02 21.40 35.99
C ASN E 140 -19.80 20.12 35.68
N LEU E 141 -19.13 19.19 34.99
CA LEU E 141 -19.76 17.95 34.56
C LEU E 141 -18.69 16.87 34.35
N GLN E 142 -18.78 15.79 35.11
CA GLN E 142 -17.79 14.70 34.99
C GLN E 142 -18.44 13.33 34.98
N MET E 143 -18.01 12.51 34.02
CA MET E 143 -18.49 11.14 33.89
C MET E 143 -17.86 10.22 34.94
N GLN E 144 -18.71 9.44 35.63
CA GLN E 144 -18.26 8.55 36.70
C GLN E 144 -18.27 7.09 36.28
N ASP E 145 -19.16 6.75 35.34
CA ASP E 145 -19.38 5.37 34.93
C ASP E 145 -20.27 5.34 33.70
N PHE E 146 -20.23 4.24 32.96
CA PHE E 146 -21.13 4.06 31.82
C PHE E 146 -21.42 2.58 31.63
N TYR E 147 -22.57 2.28 31.06
CA TYR E 147 -22.93 0.90 30.75
C TYR E 147 -23.00 0.62 29.26
N VAL E 148 -22.32 -0.44 28.84
CA VAL E 148 -22.31 -0.87 27.44
C VAL E 148 -23.15 -2.15 27.26
N PRO E 149 -24.22 -2.08 26.46
CA PRO E 149 -25.05 -3.28 26.26
C PRO E 149 -24.37 -4.30 25.32
N PRO E 150 -24.86 -5.55 25.30
CA PRO E 150 -24.29 -6.65 24.51
C PRO E 150 -23.96 -6.34 23.04
N ARG E 151 -24.87 -5.75 22.28
CA ARG E 151 -24.64 -5.55 20.85
C ARG E 151 -23.51 -4.53 20.59
N MET E 152 -23.48 -3.47 21.37
CA MET E 152 -22.43 -2.46 21.21
C MET E 152 -21.10 -3.09 21.57
N LEU E 153 -21.12 -3.92 22.60
CA LEU E 153 -19.92 -4.61 23.05
C LEU E 153 -19.43 -5.53 21.92
N GLN E 154 -20.35 -6.16 21.21
CA GLN E 154 -19.98 -7.03 20.09
C GLN E 154 -19.29 -6.25 18.97
N LEU E 155 -19.49 -4.93 18.94
CA LEU E 155 -19.01 -4.11 17.83
C LEU E 155 -17.76 -3.29 18.20
N PHE E 156 -17.28 -3.47 19.43
CA PHE E 156 -15.99 -2.91 19.83
C PHE E 156 -14.90 -3.94 19.54
N ASP E 157 -13.68 -3.47 19.29
CA ASP E 157 -12.56 -4.36 18.99
C ASP E 157 -12.24 -5.31 20.14
N GLY E 158 -12.10 -4.75 21.33
CA GLY E 158 -11.66 -5.51 22.49
C GLY E 158 -10.20 -5.93 22.36
N PRO E 159 -9.61 -6.43 23.45
CA PRO E 159 -8.20 -6.80 23.38
C PRO E 159 -7.98 -8.05 22.55
N ALA E 160 -6.83 -8.16 21.89
CA ALA E 160 -6.49 -9.36 21.14
C ALA E 160 -5.43 -10.16 21.90
N LYS E 161 -4.77 -9.49 22.83
CA LYS E 161 -3.78 -10.15 23.68
C LYS E 161 -3.95 -9.71 25.14
N ASP E 162 -3.50 -10.56 26.06
CA ASP E 162 -3.57 -10.24 27.49
C ASP E 162 -2.42 -10.92 28.24
N ILE E 163 -2.44 -10.81 29.57
CA ILE E 163 -1.35 -11.26 30.42
C ILE E 163 -1.10 -12.76 30.30
N SER E 164 -2.14 -13.51 29.95
CA SER E 164 -1.99 -14.97 29.81
C SER E 164 -0.97 -15.29 28.72
N ASP E 165 -0.87 -14.41 27.73
CA ASP E 165 0.11 -14.60 26.66
C ASP E 165 1.53 -14.41 27.18
N LEU E 166 1.68 -13.51 28.15
CA LEU E 166 2.97 -13.26 28.77
C LEU E 166 3.34 -14.39 29.72
N TRP E 167 2.36 -14.84 30.50
CA TRP E 167 2.58 -15.98 31.39
C TRP E 167 3.07 -17.18 30.59
N ARG E 168 2.44 -17.43 29.45
CA ARG E 168 2.80 -18.55 28.58
C ARG E 168 4.27 -18.45 28.16
N ILE E 169 4.68 -17.27 27.70
CA ILE E 169 6.06 -17.03 27.31
C ILE E 169 7.02 -17.27 28.47
N LEU E 170 6.63 -16.83 29.66
CA LEU E 170 7.48 -16.93 30.84
C LEU E 170 7.50 -18.34 31.43
N GLY E 171 6.72 -19.23 30.84
CA GLY E 171 6.66 -20.61 31.29
C GLY E 171 5.85 -20.78 32.56
N ARG E 172 4.93 -19.85 32.79
CA ARG E 172 4.08 -19.90 33.98
C ARG E 172 2.65 -20.25 33.59
N PRO E 173 1.85 -20.73 34.57
CA PRO E 173 0.47 -21.13 34.31
C PRO E 173 -0.32 -20.03 33.62
N VAL E 174 -1.01 -20.37 32.54
CA VAL E 174 -1.77 -19.38 31.79
C VAL E 174 -3.01 -18.94 32.58
N LYS E 175 -3.33 -19.68 33.65
CA LYS E 175 -4.34 -19.24 34.62
C LYS E 175 -3.67 -18.95 35.96
N ASP E 176 -3.86 -17.73 36.46
CA ASP E 176 -3.23 -17.29 37.71
C ASP E 176 -1.71 -17.50 37.70
N GLY E 177 -1.08 -17.05 36.62
CA GLY E 177 0.37 -17.15 36.48
C GLY E 177 1.12 -16.22 37.43
N GLY E 178 0.41 -15.26 38.01
CA GLY E 178 0.96 -14.44 39.08
C GLY E 178 1.80 -13.23 38.69
N TYR E 179 2.69 -12.87 39.61
CA TYR E 179 3.43 -11.62 39.54
C TYR E 179 4.48 -11.58 38.43
N ILE E 180 4.44 -10.50 37.65
CA ILE E 180 5.45 -10.23 36.63
C ILE E 180 6.31 -9.03 37.04
N SER E 181 7.58 -9.28 37.31
CA SER E 181 8.49 -8.24 37.77
C SER E 181 8.91 -7.37 36.60
N GLY E 182 8.94 -6.07 36.83
CA GLY E 182 9.35 -5.14 35.79
C GLY E 182 9.95 -3.82 36.24
N THR E 183 10.23 -2.95 35.27
CA THR E 183 10.83 -1.66 35.55
C THR E 183 10.67 -0.75 34.32
N ILE E 184 10.99 0.53 34.50
CA ILE E 184 11.18 1.51 33.43
C ILE E 184 12.62 1.96 33.34
N ILE E 185 13.18 2.16 32.16
CA ILE E 185 14.56 2.61 32.15
C ILE E 185 14.68 4.03 32.71
N LYS E 186 15.67 4.18 33.58
CA LYS E 186 16.01 5.43 34.27
C LYS E 186 17.42 5.83 33.87
N PRO E 187 17.68 7.11 33.56
CA PRO E 187 16.87 8.33 33.50
C PRO E 187 15.84 8.27 32.41
N LYS E 188 14.78 9.06 32.55
CA LYS E 188 13.64 8.92 31.67
C LYS E 188 13.99 9.42 30.28
N LEU E 189 14.81 10.46 30.21
CA LEU E 189 15.42 10.87 28.95
C LEU E 189 16.90 11.13 29.15
N GLY E 190 17.72 10.82 28.15
CA GLY E 190 19.13 11.17 28.19
C GLY E 190 20.16 10.07 28.01
N LEU E 191 19.81 8.81 28.22
CA LEU E 191 20.80 7.76 28.04
C LEU E 191 21.09 7.56 26.55
N ARG E 192 22.37 7.41 26.23
CA ARG E 192 22.81 7.11 24.88
C ARG E 192 22.62 5.61 24.64
N PRO E 193 22.74 5.15 23.38
CA PRO E 193 22.43 3.76 23.06
C PRO E 193 23.16 2.70 23.91
N GLU E 194 24.48 2.76 24.02
CA GLU E 194 25.22 1.74 24.76
C GLU E 194 24.87 1.74 26.25
N PRO E 195 24.87 2.93 26.90
CA PRO E 195 24.43 3.01 28.30
C PRO E 195 23.00 2.51 28.49
N PHE E 196 22.11 2.84 27.55
CA PHE E 196 20.72 2.43 27.63
C PHE E 196 20.62 0.91 27.57
N ALA E 197 21.31 0.34 26.59
CA ALA E 197 21.28 -1.10 26.39
C ALA E 197 21.93 -1.84 27.54
N LYS E 198 23.02 -1.23 28.02
CA LYS E 198 23.78 -1.78 29.12
C LYS E 198 22.87 -1.80 30.37
N ALA E 199 22.11 -0.72 30.56
CA ALA E 199 21.17 -0.59 31.69
C ALA E 199 20.03 -1.60 31.66
N ALA E 200 19.56 -1.88 30.45
CA ALA E 200 18.49 -2.86 30.22
C ALA E 200 18.93 -4.25 30.62
N TYR E 201 20.14 -4.61 30.20
CA TYR E 201 20.74 -5.90 30.50
C TYR E 201 20.80 -6.14 32.02
N GLN E 202 21.21 -5.12 32.75
CA GLN E 202 21.38 -5.24 34.20
C GLN E 202 20.08 -5.62 34.92
N PHE E 203 18.96 -5.02 34.53
CA PHE E 203 17.69 -5.36 35.18
C PHE E 203 17.23 -6.78 34.83
N TRP E 204 17.34 -7.15 33.57
CA TRP E 204 16.84 -8.43 33.09
C TRP E 204 17.53 -9.64 33.71
N LEU E 205 18.69 -9.42 34.33
CA LEU E 205 19.39 -10.48 35.04
C LEU E 205 18.58 -10.99 36.23
N GLY E 206 17.61 -10.18 36.68
CA GLY E 206 16.78 -10.53 37.81
C GLY E 206 15.29 -10.45 37.53
N GLY E 207 14.91 -9.57 36.60
CA GLY E 207 13.51 -9.28 36.33
C GLY E 207 13.00 -9.77 34.99
N ASP E 208 11.67 -9.67 34.81
CA ASP E 208 10.99 -10.17 33.62
C ASP E 208 10.82 -9.08 32.56
N PHE E 209 10.42 -7.88 32.98
CA PHE E 209 9.74 -6.92 32.12
C PHE E 209 10.38 -5.53 32.13
N ILE E 210 10.75 -5.04 30.94
CA ILE E 210 11.25 -3.68 30.77
C ILE E 210 10.38 -2.94 29.76
N KCX E 211 10.16 -1.65 30.00
CA KCX E 211 9.42 -0.84 29.08
CB KCX E 211 8.08 -0.62 29.70
CG KCX E 211 8.10 0.35 30.83
CD KCX E 211 6.72 0.60 31.46
CE KCX E 211 5.87 1.72 30.76
NZ KCX E 211 6.61 3.01 30.73
C KCX E 211 10.13 0.46 28.92
O KCX E 211 10.82 0.89 29.82
CX KCX E 211 6.41 3.99 31.81
OQ1 KCX E 211 5.57 3.78 32.73
OQ2 KCX E 211 7.11 5.06 31.83
N ASN E 212 10.00 1.07 27.75
CA ASN E 212 10.47 2.44 27.59
C ASN E 212 9.75 3.30 28.60
N ASP E 213 10.43 4.32 29.09
CA ASP E 213 9.76 5.37 29.81
C ASP E 213 8.89 6.03 28.72
N GLU E 214 7.81 6.72 29.10
CA GLU E 214 6.83 7.22 28.12
C GLU E 214 7.36 8.15 27.03
N PRO E 215 8.42 8.94 27.30
CA PRO E 215 8.91 9.87 26.27
C PRO E 215 10.06 9.34 25.40
N GLN E 216 10.63 8.18 25.72
CA GLN E 216 11.80 7.72 24.99
C GLN E 216 11.45 7.12 23.64
N GLY E 217 12.07 7.65 22.58
CA GLY E 217 11.80 7.20 21.23
C GLY E 217 13.03 7.30 20.33
N ASN E 218 13.04 8.35 19.52
CA ASN E 218 14.10 8.58 18.54
C ASN E 218 14.81 9.93 18.75
N GLN E 219 15.12 10.26 20.00
CA GLN E 219 15.90 11.46 20.27
C GLN E 219 17.25 11.39 19.59
N VAL E 220 17.79 12.55 19.22
CA VAL E 220 19.02 12.59 18.44
C VAL E 220 20.21 11.98 19.18
N PHE E 221 20.14 11.94 20.51
CA PHE E 221 21.23 11.38 21.30
C PHE E 221 21.06 9.89 21.54
N CYS E 222 19.93 9.34 21.09
CA CYS E 222 19.68 7.90 21.22
C CYS E 222 18.71 7.36 20.16
N PRO E 223 19.14 7.35 18.88
CA PRO E 223 18.28 6.93 17.77
C PRO E 223 17.82 5.48 17.90
N ILE E 224 16.59 5.17 17.52
CA ILE E 224 16.05 3.82 17.65
C ILE E 224 16.85 2.75 16.92
N LYS E 225 17.25 3.07 15.70
CA LYS E 225 17.96 2.13 14.86
C LYS E 225 19.32 1.74 15.42
N LYS E 226 19.86 2.60 16.27
CA LYS E 226 21.17 2.37 16.84
C LYS E 226 20.97 1.54 18.13
N VAL E 227 20.05 2.01 18.98
CA VAL E 227 19.87 1.49 20.35
C VAL E 227 19.10 0.15 20.37
N LEU E 228 18.12 -0.01 19.49
CA LEU E 228 17.22 -1.18 19.57
C LEU E 228 17.93 -2.50 19.32
N PRO E 229 18.84 -2.54 18.34
CA PRO E 229 19.64 -3.77 18.17
C PRO E 229 20.49 -4.08 19.40
N LEU E 230 20.96 -3.05 20.10
CA LEU E 230 21.75 -3.24 21.31
C LEU E 230 20.87 -3.77 22.46
N VAL E 231 19.63 -3.28 22.53
CA VAL E 231 18.70 -3.77 23.54
C VAL E 231 18.40 -5.25 23.31
N TYR E 232 18.25 -5.64 22.04
CA TYR E 232 17.98 -7.04 21.74
C TYR E 232 19.17 -7.93 22.14
N ASP E 233 20.39 -7.44 21.90
CA ASP E 233 21.59 -8.16 22.33
C ASP E 233 21.56 -8.38 23.84
N SER E 234 21.13 -7.36 24.58
CA SER E 234 21.01 -7.46 26.02
C SER E 234 19.96 -8.50 26.42
N LEU E 235 18.86 -8.54 25.68
CA LEU E 235 17.79 -9.50 25.95
C LEU E 235 18.30 -10.91 25.71
N LYS E 236 18.98 -11.12 24.58
CA LYS E 236 19.56 -12.43 24.29
C LYS E 236 20.56 -12.89 25.35
N ARG E 237 21.46 -12.00 25.76
CA ARG E 237 22.46 -12.36 26.76
C ARG E 237 21.81 -12.73 28.09
N ALA E 238 20.80 -11.97 28.49
CA ALA E 238 20.10 -12.23 29.75
C ALA E 238 19.32 -13.54 29.70
N GLN E 239 18.67 -13.80 28.57
CA GLN E 239 17.94 -15.05 28.40
C GLN E 239 18.87 -16.25 28.48
N ASP E 240 20.02 -16.16 27.81
CA ASP E 240 20.98 -17.26 27.78
C ASP E 240 21.57 -17.51 29.17
N GLU E 241 21.81 -16.44 29.91
CA GLU E 241 22.47 -16.53 31.19
C GLU E 241 21.53 -16.92 32.34
N THR E 242 20.28 -16.49 32.26
CA THR E 242 19.32 -16.79 33.33
C THR E 242 18.50 -18.03 32.97
N GLY E 243 18.43 -18.34 31.68
CA GLY E 243 17.61 -19.43 31.20
C GLY E 243 16.13 -19.13 31.29
N GLN E 244 15.80 -17.86 31.43
CA GLN E 244 14.41 -17.41 31.53
C GLN E 244 14.09 -16.43 30.41
N ALA E 245 12.86 -16.47 29.91
CA ALA E 245 12.44 -15.56 28.85
C ALA E 245 12.31 -14.15 29.40
N LYS E 246 12.55 -13.17 28.53
CA LYS E 246 12.45 -11.77 28.91
C LYS E 246 11.53 -11.00 27.96
N LEU E 247 11.03 -9.87 28.44
CA LEU E 247 10.02 -9.08 27.75
C LEU E 247 10.43 -7.63 27.63
N PHE E 248 10.11 -7.01 26.49
CA PHE E 248 10.40 -5.60 26.27
C PHE E 248 9.19 -4.89 25.68
N SER E 249 8.82 -3.77 26.29
CA SER E 249 7.69 -2.97 25.83
C SER E 249 8.20 -1.67 25.22
N MET E 250 8.08 -1.54 23.90
CA MET E 250 8.64 -0.41 23.16
C MET E 250 7.62 0.67 22.82
N ASN E 251 8.01 1.92 23.06
CA ASN E 251 7.20 3.07 22.68
C ASN E 251 7.21 3.29 21.17
N ILE E 252 6.02 3.22 20.56
CA ILE E 252 5.85 3.51 19.13
C ILE E 252 4.95 4.72 18.90
N THR E 253 4.72 5.50 19.97
CA THR E 253 3.89 6.70 19.89
C THR E 253 4.45 7.71 18.89
N ALA E 254 3.59 8.21 18.00
CA ALA E 254 3.98 9.23 17.03
C ALA E 254 2.77 9.87 16.36
N ASP E 255 2.89 11.14 16.00
CA ASP E 255 1.82 11.83 15.27
C ASP E 255 1.44 11.08 14.02
N ASP E 256 2.44 10.73 13.21
CA ASP E 256 2.22 10.09 11.92
C ASP E 256 1.99 8.59 12.08
N HIS E 257 0.83 8.14 11.63
CA HIS E 257 0.48 6.72 11.60
C HIS E 257 1.59 5.86 10.99
N TYR E 258 2.17 6.35 9.90
CA TYR E 258 3.19 5.58 9.18
C TYR E 258 4.54 5.62 9.88
N GLU E 259 4.73 6.60 10.77
CA GLU E 259 5.89 6.64 11.64
C GLU E 259 5.79 5.54 12.69
N MET E 260 4.59 5.39 13.27
CA MET E 260 4.33 4.32 14.23
C MET E 260 4.65 2.96 13.62
N CYS E 261 4.17 2.74 12.41
CA CYS E 261 4.33 1.47 11.72
C CYS E 261 5.78 1.22 11.34
N ALA E 262 6.52 2.29 11.05
CA ALA E 262 7.93 2.18 10.72
C ALA E 262 8.69 1.68 11.95
N ARG E 263 8.37 2.23 13.11
CA ARG E 263 9.01 1.82 14.36
C ARG E 263 8.64 0.38 14.71
N ALA E 264 7.36 0.04 14.56
CA ALA E 264 6.87 -1.30 14.85
C ALA E 264 7.52 -2.37 13.96
N ASP E 265 7.55 -2.12 12.66
CA ASP E 265 8.12 -3.07 11.70
C ASP E 265 9.59 -3.33 11.99
N PHE E 266 10.32 -2.25 12.26
CA PHE E 266 11.74 -2.34 12.55
C PHE E 266 11.98 -3.13 13.83
N ALA E 267 11.13 -2.90 14.83
CA ALA E 267 11.25 -3.57 16.12
C ALA E 267 11.09 -5.07 15.98
N LEU E 268 10.07 -5.49 15.25
CA LEU E 268 9.76 -6.92 15.10
C LEU E 268 10.84 -7.62 14.29
N GLU E 269 11.33 -6.97 13.25
CA GLU E 269 12.41 -7.51 12.44
C GLU E 269 13.68 -7.65 13.28
N THR E 270 13.96 -6.64 14.11
CA THR E 270 15.17 -6.63 14.94
C THR E 270 15.19 -7.78 15.95
N PHE E 271 14.06 -8.02 16.60
CA PHE E 271 14.00 -9.03 17.65
C PHE E 271 13.88 -10.42 17.06
N GLY E 272 13.57 -10.48 15.76
CA GLY E 272 13.55 -11.72 15.01
C GLY E 272 12.86 -12.87 15.71
N PRO E 273 13.62 -13.94 16.04
CA PRO E 273 12.98 -15.13 16.63
C PRO E 273 12.38 -14.90 18.01
N ASP E 274 12.63 -13.74 18.62
CA ASP E 274 12.06 -13.38 19.91
C ASP E 274 11.02 -12.26 19.80
N ALA E 275 10.59 -11.99 18.58
CA ALA E 275 9.72 -10.83 18.31
C ALA E 275 8.37 -10.91 19.02
N ASP E 276 7.95 -12.10 19.40
CA ASP E 276 6.69 -12.26 20.13
C ASP E 276 6.78 -11.67 21.54
N LYS E 277 8.00 -11.44 22.00
CA LYS E 277 8.23 -10.92 23.36
C LYS E 277 8.26 -9.40 23.40
N VAL E 278 8.02 -8.77 22.24
CA VAL E 278 7.96 -7.32 22.15
C VAL E 278 6.55 -6.79 22.30
N ALA E 279 6.32 -5.98 23.34
CA ALA E 279 5.07 -5.25 23.47
C ALA E 279 5.22 -3.86 22.88
N PHE E 280 4.11 -3.31 22.39
CA PHE E 280 4.11 -1.95 21.85
C PHE E 280 3.41 -1.00 22.82
N LEU E 281 4.17 -0.01 23.29
CA LEU E 281 3.65 1.00 24.21
C LEU E 281 3.09 2.22 23.45
N VAL E 282 1.87 2.62 23.81
CA VAL E 282 1.24 3.80 23.20
C VAL E 282 0.77 4.76 24.28
N ASP E 283 1.18 6.02 24.16
CA ASP E 283 0.69 7.07 25.05
C ASP E 283 -0.72 7.45 24.62
N GLY E 284 -1.68 6.65 25.05
CA GLY E 284 -3.03 6.70 24.51
C GLY E 284 -3.85 7.90 24.90
N PHE E 285 -3.56 8.53 26.04
CA PHE E 285 -4.37 9.67 26.47
C PHE E 285 -3.98 10.93 25.68
N VAL E 286 -2.71 11.30 25.68
CA VAL E 286 -2.27 12.47 24.92
C VAL E 286 -2.18 12.15 23.43
N GLY E 287 -1.98 10.88 23.11
CA GLY E 287 -1.85 10.44 21.72
C GLY E 287 -3.21 10.25 21.07
N GLY E 288 -4.18 9.83 21.87
CA GLY E 288 -5.55 9.67 21.40
C GLY E 288 -5.87 8.29 20.86
N PRO E 289 -7.17 8.02 20.65
CA PRO E 289 -7.66 6.73 20.16
C PRO E 289 -7.04 6.31 18.83
N GLY E 290 -6.66 7.29 18.02
CA GLY E 290 -6.07 7.03 16.71
C GLY E 290 -4.81 6.20 16.82
N MET E 291 -3.95 6.54 17.78
CA MET E 291 -2.69 5.85 17.96
C MET E 291 -2.92 4.47 18.56
N VAL E 292 -3.86 4.38 19.49
CA VAL E 292 -4.20 3.11 20.14
C VAL E 292 -4.71 2.12 19.10
N THR E 293 -5.58 2.57 18.21
CA THR E 293 -6.19 1.71 17.21
C THR E 293 -5.19 1.27 16.14
N THR E 294 -4.22 2.14 15.85
CA THR E 294 -3.16 1.81 14.91
C THR E 294 -2.39 0.59 15.39
N ALA E 295 -2.02 0.60 16.66
CA ALA E 295 -1.32 -0.52 17.26
C ALA E 295 -2.23 -1.75 17.31
N ARG E 296 -3.45 -1.53 17.76
CA ARG E 296 -4.40 -2.63 17.96
C ARG E 296 -4.74 -3.34 16.64
N ARG E 297 -4.98 -2.58 15.58
CA ARG E 297 -5.44 -3.13 14.31
C ARG E 297 -4.31 -3.56 13.37
N GLN E 298 -3.17 -2.86 13.41
CA GLN E 298 -2.03 -3.19 12.53
C GLN E 298 -1.08 -4.21 13.14
N TYR E 299 -1.08 -4.33 14.46
CA TYR E 299 -0.21 -5.28 15.15
C TYR E 299 -0.90 -6.03 16.28
N PRO E 300 -2.02 -6.70 15.96
CA PRO E 300 -2.83 -7.40 16.97
C PRO E 300 -2.08 -8.53 17.68
N SER E 301 -1.06 -9.09 17.03
CA SER E 301 -0.33 -10.22 17.62
C SER E 301 0.75 -9.74 18.58
N GLN E 302 0.85 -8.42 18.76
CA GLN E 302 1.75 -7.85 19.75
C GLN E 302 0.97 -7.28 20.94
N TYR E 303 1.40 -7.63 22.14
CA TYR E 303 0.81 -7.12 23.37
C TYR E 303 0.81 -5.60 23.33
N LEU E 304 -0.36 -4.99 23.52
CA LEU E 304 -0.52 -3.54 23.43
C LEU E 304 -0.55 -2.89 24.81
N HIS E 305 0.46 -2.07 25.08
CA HIS E 305 0.66 -1.45 26.40
C HIS E 305 0.19 0.02 26.37
N TYR E 306 -0.92 0.28 27.04
CA TYR E 306 -1.52 1.61 27.08
C TYR E 306 -0.90 2.43 28.22
N HIS E 307 -0.18 3.50 27.87
CA HIS E 307 0.34 4.45 28.85
C HIS E 307 -0.55 5.68 28.91
N ARG E 308 -1.01 6.02 30.10
CA ARG E 308 -2.05 7.04 30.29
C ARG E 308 -1.51 8.42 30.67
N ALA E 309 -0.26 8.71 30.33
CA ALA E 309 0.35 10.01 30.64
C ALA E 309 -0.55 11.18 30.25
N GLY E 310 -0.73 12.09 31.20
CA GLY E 310 -1.56 13.27 31.00
C GLY E 310 -2.94 13.16 31.63
N HIS E 311 -3.37 11.93 31.89
CA HIS E 311 -4.73 11.66 32.38
C HIS E 311 -5.12 12.47 33.62
N GLY E 312 -4.14 12.79 34.46
CA GLY E 312 -4.39 13.47 35.71
C GLY E 312 -5.06 14.83 35.56
N MET E 313 -4.99 15.41 34.37
CA MET E 313 -5.55 16.73 34.12
C MET E 313 -7.08 16.72 34.24
N VAL E 314 -7.71 15.56 34.17
CA VAL E 314 -9.15 15.44 34.38
C VAL E 314 -9.54 14.37 35.40
N THR E 315 -8.68 13.38 35.60
CA THR E 315 -8.99 12.26 36.48
C THR E 315 -8.63 12.49 37.94
N SER E 316 -7.90 13.55 38.21
CA SER E 316 -7.48 13.88 39.58
C SER E 316 -8.69 13.97 40.51
N PRO E 317 -8.53 13.56 41.77
CA PRO E 317 -9.63 13.69 42.74
C PRO E 317 -10.15 15.14 42.85
N SER E 318 -9.29 16.11 42.59
CA SER E 318 -9.66 17.52 42.70
C SER E 318 -10.45 18.00 41.46
N SER E 319 -10.43 17.20 40.40
CA SER E 319 -11.13 17.55 39.15
C SER E 319 -12.63 17.26 39.22
N LYS E 320 -13.41 18.18 38.66
CA LYS E 320 -14.85 17.99 38.54
C LYS E 320 -15.26 17.95 37.06
N ARG E 321 -14.30 17.69 36.19
CA ARG E 321 -14.52 17.72 34.74
C ARG E 321 -13.99 16.47 34.03
N GLY E 322 -14.47 16.24 32.82
CA GLY E 322 -14.00 15.14 32.00
C GLY E 322 -14.50 13.78 32.43
N TYR E 323 -13.60 12.92 32.89
CA TYR E 323 -13.99 11.59 33.34
C TYR E 323 -12.93 11.03 34.29
N THR E 324 -13.29 9.97 35.02
CA THR E 324 -12.41 9.44 36.05
C THR E 324 -11.44 8.40 35.47
N ALA E 325 -10.49 7.97 36.28
CA ALA E 325 -9.52 6.95 35.89
C ALA E 325 -10.22 5.62 35.61
N PHE E 326 -11.27 5.34 36.37
CA PHE E 326 -12.07 4.14 36.19
C PHE E 326 -12.67 4.13 34.78
N VAL E 327 -13.29 5.24 34.40
CA VAL E 327 -13.88 5.37 33.07
C VAL E 327 -12.81 5.18 32.00
N LEU E 328 -11.63 5.78 32.20
CA LEU E 328 -10.53 5.66 31.24
C LEU E 328 -10.13 4.20 31.04
N ALA E 329 -9.96 3.47 32.15
CA ALA E 329 -9.53 2.09 32.07
C ALA E 329 -10.57 1.22 31.37
N LYS E 330 -11.84 1.44 31.70
CA LYS E 330 -12.92 0.65 31.10
C LYS E 330 -13.01 0.90 29.60
N MET E 331 -12.84 2.15 29.19
CA MET E 331 -12.81 2.48 27.77
C MET E 331 -11.65 1.77 27.07
N SER E 332 -10.50 1.73 27.73
CA SER E 332 -9.28 1.17 27.14
C SER E 332 -9.44 -0.29 26.78
N ARG E 333 -10.22 -1.02 27.57
CA ARG E 333 -10.46 -2.44 27.30
C ARG E 333 -11.24 -2.60 25.99
N LEU E 334 -12.25 -1.75 25.81
CA LEU E 334 -13.05 -1.74 24.58
C LEU E 334 -12.17 -1.39 23.36
N GLN E 335 -11.28 -0.43 23.54
CA GLN E 335 -10.35 0.01 22.49
C GLN E 335 -9.40 -1.11 22.05
N GLY E 336 -9.09 -2.01 22.97
CA GLY E 336 -8.26 -3.16 22.70
C GLY E 336 -6.89 -3.13 23.34
N ALA E 337 -6.74 -2.33 24.39
CA ALA E 337 -5.51 -2.33 25.16
C ALA E 337 -5.31 -3.69 25.82
N SER E 338 -4.11 -4.25 25.73
CA SER E 338 -3.80 -5.51 26.39
C SER E 338 -3.58 -5.27 27.89
N GLY E 339 -3.10 -4.08 28.21
CA GLY E 339 -2.92 -3.67 29.59
C GLY E 339 -2.91 -2.15 29.69
N ILE E 340 -3.24 -1.64 30.86
CA ILE E 340 -3.26 -0.21 31.09
C ILE E 340 -2.84 0.14 32.51
N HIS E 341 -2.18 1.28 32.65
CA HIS E 341 -1.78 1.78 33.95
C HIS E 341 -3.04 2.12 34.74
N VAL E 342 -3.08 1.73 36.01
CA VAL E 342 -4.24 1.99 36.88
C VAL E 342 -3.81 2.68 38.17
N GLY E 343 -2.50 2.92 38.28
CA GLY E 343 -1.90 3.60 39.42
C GLY E 343 -1.53 2.70 40.57
N THR E 344 -1.15 3.31 41.69
CA THR E 344 -0.66 2.56 42.84
C THR E 344 -1.67 2.57 44.00
N MET E 345 -2.85 3.13 43.76
CA MET E 345 -3.94 3.06 44.72
C MET E 345 -3.53 3.63 46.09
N GLY E 346 -2.82 4.76 46.07
CA GLY E 346 -2.45 5.45 47.31
C GLY E 346 -1.19 4.92 47.95
N TYR E 347 -0.59 3.91 47.34
CA TYR E 347 0.61 3.27 47.86
C TYR E 347 1.91 3.74 47.20
N GLY E 348 1.87 4.88 46.50
CA GLY E 348 3.08 5.39 45.87
C GLY E 348 3.24 6.89 45.76
N LYS E 349 3.52 7.42 44.57
CA LYS E 349 3.71 8.87 44.41
C LYS E 349 2.66 9.66 43.63
N MET E 350 1.71 8.98 43.00
CA MET E 350 0.66 9.68 42.27
C MET E 350 -0.57 9.89 43.14
N GLU E 351 -1.67 10.34 42.54
CA GLU E 351 -2.93 10.59 43.22
C GLU E 351 -3.81 9.38 43.01
N GLY E 352 -4.01 8.66 44.10
CA GLY E 352 -4.78 7.43 44.10
C GLY E 352 -5.05 7.02 45.53
N GLY E 353 -6.05 6.15 45.69
CA GLY E 353 -6.49 5.69 46.99
C GLY E 353 -6.80 4.22 46.90
N LYS E 354 -7.03 3.61 48.06
CA LYS E 354 -7.24 2.17 48.14
C LYS E 354 -8.47 1.70 47.37
N ASP E 355 -9.45 2.57 47.19
CA ASP E 355 -10.67 2.19 46.48
C ASP E 355 -10.48 2.04 44.97
N ASP E 356 -9.33 2.48 44.46
CA ASP E 356 -9.04 2.37 43.03
C ASP E 356 -8.89 0.91 42.57
N ARG E 357 -8.90 -0.02 43.51
CA ARG E 357 -8.78 -1.44 43.21
C ARG E 357 -9.94 -1.94 42.35
N ILE E 358 -11.06 -1.23 42.40
CA ILE E 358 -12.22 -1.59 41.59
C ILE E 358 -11.90 -1.39 40.11
N ILE E 359 -10.99 -0.45 39.81
CA ILE E 359 -10.54 -0.22 38.44
C ILE E 359 -9.90 -1.47 37.87
N ALA E 360 -9.04 -2.12 38.64
CA ALA E 360 -8.38 -3.34 38.20
C ALA E 360 -9.41 -4.44 37.99
N TYR E 361 -10.34 -4.55 38.93
CA TYR E 361 -11.37 -5.58 38.89
C TYR E 361 -12.22 -5.46 37.63
N MET E 362 -12.56 -4.22 37.27
CA MET E 362 -13.43 -3.97 36.12
C MET E 362 -12.78 -4.39 34.80
N ILE E 363 -11.46 -4.25 34.70
CA ILE E 363 -10.78 -4.54 33.43
C ILE E 363 -10.31 -5.99 33.33
N GLU E 364 -10.24 -6.70 34.45
CA GLU E 364 -9.68 -8.06 34.47
C GLU E 364 -10.72 -9.16 34.66
N ARG E 365 -11.87 -8.82 35.25
CA ARG E 365 -12.93 -9.81 35.51
C ARG E 365 -13.91 -9.89 34.34
N ASP E 366 -14.67 -10.98 34.27
CA ASP E 366 -15.69 -11.14 33.24
C ASP E 366 -17.01 -10.52 33.71
N SER E 367 -17.12 -10.33 35.02
CA SER E 367 -18.31 -9.78 35.64
C SER E 367 -17.95 -8.90 36.83
N CYS E 368 -18.32 -7.63 36.78
CA CYS E 368 -17.95 -6.70 37.82
C CYS E 368 -18.93 -5.55 37.92
N THR E 369 -19.03 -4.98 39.11
CA THR E 369 -19.93 -3.86 39.39
C THR E 369 -19.13 -2.58 39.60
N GLY E 370 -19.37 -1.60 38.75
CA GLY E 370 -18.74 -0.31 38.88
C GLY E 370 -19.46 0.56 39.89
N PRO E 371 -19.07 1.84 39.98
CA PRO E 371 -19.69 2.78 40.92
C PRO E 371 -21.20 2.96 40.73
N PHE E 372 -21.69 2.78 39.51
CA PHE E 372 -23.10 2.99 39.21
C PHE E 372 -23.73 1.88 38.37
N TYR E 373 -22.92 1.19 37.57
CA TYR E 373 -23.44 0.17 36.66
C TYR E 373 -22.69 -1.15 36.82
N HIS E 374 -23.46 -2.24 36.84
CA HIS E 374 -22.88 -3.56 36.72
C HIS E 374 -22.58 -3.83 35.26
N GLN E 375 -21.43 -4.45 34.99
CA GLN E 375 -21.03 -4.73 33.62
C GLN E 375 -20.67 -6.20 33.48
N GLU E 376 -21.32 -6.85 32.52
CA GLU E 376 -20.95 -8.17 32.04
C GLU E 376 -20.09 -7.99 30.78
N TRP E 377 -19.02 -8.76 30.66
CA TRP E 377 -18.10 -8.60 29.53
C TRP E 377 -18.25 -9.71 28.48
N TYR E 378 -19.03 -10.74 28.81
CA TYR E 378 -19.38 -11.82 27.87
C TYR E 378 -18.17 -12.43 27.16
N GLY E 379 -17.09 -12.65 27.90
CA GLY E 379 -15.94 -13.35 27.37
C GLY E 379 -14.91 -12.48 26.68
N MET E 380 -15.15 -11.18 26.61
CA MET E 380 -14.17 -10.25 26.08
C MET E 380 -12.89 -10.37 26.91
N LYS E 381 -11.73 -10.38 26.27
CA LYS E 381 -10.49 -10.59 27.00
C LYS E 381 -10.23 -9.52 28.05
N PRO E 382 -9.54 -9.89 29.14
CA PRO E 382 -9.26 -8.93 30.20
C PRO E 382 -8.05 -8.06 29.87
N THR E 383 -8.11 -6.79 30.26
CA THR E 383 -6.97 -5.89 30.16
C THR E 383 -6.19 -5.98 31.47
N THR E 384 -4.87 -6.13 31.37
CA THR E 384 -4.01 -6.28 32.55
C THR E 384 -3.91 -4.96 33.32
N PRO E 385 -4.13 -5.00 34.65
CA PRO E 385 -3.78 -3.82 35.47
C PRO E 385 -2.27 -3.69 35.68
N ILE E 386 -1.73 -2.58 35.21
CA ILE E 386 -0.30 -2.26 35.32
C ILE E 386 0.00 -1.22 36.42
N ILE E 387 0.85 -1.60 37.37
CA ILE E 387 1.13 -0.76 38.53
C ILE E 387 2.43 -0.03 38.26
N SER E 388 2.40 1.28 38.36
CA SER E 388 3.59 2.11 38.21
C SER E 388 3.53 3.44 38.95
N GLY E 389 4.68 3.93 39.40
CA GLY E 389 4.76 5.24 40.02
C GLY E 389 5.13 5.38 41.48
N GLY E 390 6.41 5.18 41.77
CA GLY E 390 6.92 5.37 43.10
C GLY E 390 6.90 4.13 43.95
N MET E 391 6.79 2.97 43.32
CA MET E 391 6.80 1.72 44.07
C MET E 391 8.21 1.21 44.29
N ASN E 392 8.35 0.45 45.37
CA ASN E 392 9.54 -0.32 45.67
C ASN E 392 9.18 -1.56 46.48
N ALA E 393 10.19 -2.36 46.79
CA ALA E 393 9.98 -3.64 47.45
C ALA E 393 9.27 -3.44 48.80
N LEU E 394 9.49 -2.29 49.43
CA LEU E 394 8.95 -2.00 50.75
C LEU E 394 7.46 -1.63 50.72
N ARG E 395 7.04 -1.00 49.63
CA ARG E 395 5.66 -0.55 49.47
C ARG E 395 4.71 -1.62 48.95
N LEU E 396 5.26 -2.64 48.29
CA LEU E 396 4.46 -3.66 47.61
C LEU E 396 3.53 -4.51 48.48
N PRO E 397 4.01 -4.97 49.64
CA PRO E 397 3.18 -5.79 50.53
C PRO E 397 1.84 -5.15 50.89
N GLY E 398 1.85 -3.85 51.19
CA GLY E 398 0.63 -3.12 51.50
C GLY E 398 -0.27 -3.02 50.28
N PHE E 399 0.34 -2.83 49.11
CA PHE E 399 -0.43 -2.73 47.88
C PHE E 399 -1.17 -4.03 47.55
N PHE E 400 -0.49 -5.17 47.69
CA PHE E 400 -1.09 -6.47 47.37
C PHE E 400 -2.23 -6.81 48.34
N GLU E 401 -2.07 -6.44 49.60
CA GLU E 401 -3.10 -6.75 50.59
C GLU E 401 -4.38 -6.01 50.24
N ASN E 402 -4.24 -4.75 49.80
CA ASN E 402 -5.40 -3.98 49.38
C ASN E 402 -6.05 -4.53 48.10
N LEU E 403 -5.23 -4.96 47.14
CA LEU E 403 -5.76 -5.44 45.86
C LEU E 403 -6.35 -6.85 45.97
N GLY E 404 -5.67 -7.70 46.74
CA GLY E 404 -6.11 -9.07 46.94
C GLY E 404 -5.40 -10.13 46.11
N HIS E 405 -4.52 -9.72 45.20
CA HIS E 405 -3.78 -10.67 44.37
C HIS E 405 -2.61 -9.98 43.69
N GLY E 406 -1.81 -10.77 42.96
CA GLY E 406 -0.67 -10.23 42.24
C GLY E 406 -0.59 -10.57 40.77
N ASN E 407 -1.72 -10.93 40.15
CA ASN E 407 -1.74 -11.17 38.71
C ASN E 407 -1.64 -9.85 37.98
N VAL E 408 -0.47 -9.23 38.09
CA VAL E 408 -0.25 -7.90 37.55
C VAL E 408 1.14 -7.73 36.95
N ILE E 409 1.29 -6.71 36.12
CA ILE E 409 2.62 -6.26 35.75
C ILE E 409 2.95 -5.05 36.62
N ASN E 410 4.10 -5.12 37.30
CA ASN E 410 4.54 -4.03 38.17
C ASN E 410 5.86 -3.44 37.74
N THR E 411 5.81 -2.29 37.08
CA THR E 411 7.01 -1.57 36.69
C THR E 411 7.52 -0.57 37.74
N ALA E 412 8.76 -0.72 38.19
CA ALA E 412 9.30 0.16 39.23
C ALA E 412 10.65 0.70 38.74
N GLY E 413 10.67 1.95 38.31
CA GLY E 413 11.90 2.58 37.86
C GLY E 413 12.85 2.93 38.99
N GLY E 414 12.35 3.70 39.94
CA GLY E 414 13.14 4.12 41.06
C GLY E 414 13.47 2.96 41.97
N GLY E 415 12.49 2.08 42.18
CA GLY E 415 12.67 0.95 43.07
C GLY E 415 13.75 -0.01 42.61
N SER E 416 14.01 -0.03 41.32
CA SER E 416 15.03 -0.91 40.75
C SER E 416 16.39 -0.25 40.65
N TYR E 417 16.48 0.79 39.81
CA TYR E 417 17.74 1.46 39.57
C TYR E 417 18.16 2.28 40.79
N GLY E 418 17.22 2.48 41.70
CA GLY E 418 17.45 3.20 42.94
C GLY E 418 18.11 2.31 43.98
N HIS E 419 18.17 1.01 43.71
CA HIS E 419 18.74 0.07 44.67
C HIS E 419 20.25 0.29 44.79
N ILE E 420 20.72 0.29 46.03
CA ILE E 420 22.11 0.62 46.35
C ILE E 420 23.12 -0.37 45.76
N ASP E 421 22.71 -1.62 45.60
CA ASP E 421 23.63 -2.63 45.10
C ASP E 421 23.62 -2.66 43.57
N SER E 422 22.48 -3.01 42.99
CA SER E 422 22.36 -3.09 41.53
C SER E 422 20.90 -3.18 41.08
N PRO E 423 20.63 -2.89 39.80
CA PRO E 423 19.29 -3.02 39.22
C PRO E 423 18.74 -4.44 39.32
N ALA E 424 19.62 -5.43 39.16
CA ALA E 424 19.24 -6.83 39.26
C ALA E 424 18.77 -7.13 40.67
N ALA E 425 19.54 -6.66 41.65
CA ALA E 425 19.18 -6.84 43.05
C ALA E 425 17.82 -6.18 43.30
N GLY E 426 17.60 -5.05 42.64
CA GLY E 426 16.34 -4.34 42.73
C GLY E 426 15.18 -5.18 42.21
N ALA E 427 15.40 -5.85 41.08
CA ALA E 427 14.39 -6.70 40.49
C ALA E 427 14.04 -7.85 41.43
N VAL E 428 15.06 -8.43 42.04
CA VAL E 428 14.90 -9.52 43.00
C VAL E 428 14.12 -9.05 44.21
N SER E 429 14.42 -7.85 44.69
CA SER E 429 13.76 -7.32 45.88
C SER E 429 12.27 -7.17 45.62
N LEU E 430 11.92 -6.80 44.39
CA LEU E 430 10.52 -6.68 44.01
C LEU E 430 9.82 -8.04 44.06
N ARG E 431 10.50 -9.05 43.53
CA ARG E 431 9.97 -10.42 43.51
C ARG E 431 9.85 -11.02 44.90
N GLN E 432 10.85 -10.76 45.74
CA GLN E 432 10.85 -11.25 47.11
C GLN E 432 9.73 -10.62 47.93
N ALA E 433 9.39 -9.37 47.60
CA ALA E 433 8.31 -8.69 48.28
C ALA E 433 6.97 -9.35 47.98
N TYR E 434 6.80 -9.81 46.74
CA TYR E 434 5.58 -10.50 46.34
C TYR E 434 5.49 -11.88 47.01
N GLU E 435 6.61 -12.60 47.00
CA GLU E 435 6.69 -13.91 47.62
C GLU E 435 6.45 -13.82 49.12
N CYS E 436 6.87 -12.69 49.71
CA CYS E 436 6.65 -12.43 51.12
C CYS E 436 5.16 -12.31 51.42
N TRP E 437 4.47 -11.46 50.67
CA TRP E 437 3.05 -11.26 50.88
C TRP E 437 2.28 -12.56 50.62
N LYS E 438 2.66 -13.29 49.57
CA LYS E 438 2.00 -14.53 49.23
C LYS E 438 2.17 -15.54 50.36
N ALA E 439 3.31 -15.49 51.02
CA ALA E 439 3.60 -16.41 52.12
C ALA E 439 3.02 -15.90 53.44
N GLY E 440 2.49 -14.68 53.43
CA GLY E 440 1.92 -14.09 54.63
C GLY E 440 2.99 -13.87 55.69
N ALA E 441 4.22 -13.63 55.26
CA ALA E 441 5.33 -13.50 56.19
C ALA E 441 5.49 -12.07 56.68
N ASP E 442 6.23 -11.91 57.77
CA ASP E 442 6.57 -10.59 58.29
C ASP E 442 7.70 -10.02 57.43
N PRO E 443 7.50 -8.83 56.83
CA PRO E 443 8.55 -8.27 55.97
C PRO E 443 9.91 -8.07 56.64
N ILE E 444 9.93 -7.62 57.89
CA ILE E 444 11.20 -7.43 58.60
C ILE E 444 11.93 -8.75 58.78
N GLU E 445 11.18 -9.80 59.15
CA GLU E 445 11.75 -11.12 59.37
C GLU E 445 12.09 -11.79 58.05
N TRP E 446 11.30 -11.49 57.03
CA TRP E 446 11.53 -12.01 55.68
C TRP E 446 12.85 -11.49 55.14
N ALA E 447 13.17 -10.25 55.51
CA ALA E 447 14.40 -9.61 55.07
C ALA E 447 15.62 -10.34 55.62
N LYS E 448 15.48 -10.92 56.81
CA LYS E 448 16.58 -11.61 57.48
C LYS E 448 17.04 -12.84 56.70
N GLU E 449 16.23 -13.31 55.76
CA GLU E 449 16.56 -14.50 54.96
C GLU E 449 16.53 -14.20 53.46
N HIS E 450 16.43 -12.91 53.11
CA HIS E 450 16.44 -12.46 51.71
C HIS E 450 17.22 -11.15 51.57
N LYS E 451 18.47 -11.25 51.14
CA LYS E 451 19.40 -10.12 51.15
C LYS E 451 18.94 -8.93 50.32
N GLU E 452 18.50 -9.19 49.08
CA GLU E 452 18.06 -8.12 48.18
C GLU E 452 16.92 -7.31 48.78
N PHE E 453 15.94 -7.99 49.35
CA PHE E 453 14.82 -7.33 50.00
C PHE E 453 15.33 -6.47 51.15
N ALA E 454 16.24 -7.03 51.94
CA ALA E 454 16.81 -6.34 53.09
C ALA E 454 17.56 -5.07 52.68
N ARG E 455 18.31 -5.15 51.59
CA ARG E 455 19.11 -4.02 51.14
C ARG E 455 18.22 -2.89 50.59
N ALA E 456 16.96 -3.22 50.30
CA ALA E 456 16.00 -2.23 49.84
C ALA E 456 15.61 -1.29 50.98
N PHE E 457 15.69 -1.80 52.21
CA PHE E 457 15.44 -0.96 53.39
C PHE E 457 16.46 0.16 53.47
N GLU E 458 17.72 -0.15 53.18
CA GLU E 458 18.79 0.84 53.22
C GLU E 458 18.80 1.73 51.98
N SER E 459 18.17 1.27 50.91
CA SER E 459 18.09 2.06 49.68
C SER E 459 17.04 3.14 49.82
N PHE E 460 16.01 2.84 50.59
CA PHE E 460 14.90 3.76 50.79
C PHE E 460 14.54 3.88 52.27
N PRO E 461 15.47 4.40 53.08
CA PRO E 461 15.37 4.48 54.55
C PRO E 461 14.14 5.26 55.01
N LYS E 462 13.76 6.30 54.28
CA LYS E 462 12.61 7.12 54.64
C LYS E 462 11.30 6.33 54.54
N ASP E 463 11.17 5.49 53.52
CA ASP E 463 10.01 4.62 53.39
C ASP E 463 10.05 3.53 54.46
N ALA E 464 11.26 3.07 54.76
CA ALA E 464 11.47 2.02 55.75
C ALA E 464 11.06 2.49 57.15
N ASP E 465 11.41 3.72 57.47
CA ASP E 465 11.09 4.30 58.78
C ASP E 465 9.58 4.42 58.97
N LYS E 466 8.87 4.84 57.92
CA LYS E 466 7.42 5.00 57.99
C LYS E 466 6.71 3.65 58.09
N LEU E 467 7.03 2.74 57.18
CA LEU E 467 6.34 1.46 57.08
C LEU E 467 6.78 0.46 58.15
N PHE E 468 8.08 0.45 58.44
CA PHE E 468 8.68 -0.50 59.38
C PHE E 468 9.61 0.14 60.41
N PRO E 469 9.06 0.92 61.34
CA PRO E 469 9.88 1.57 62.36
C PRO E 469 10.65 0.56 63.21
N GLY E 470 11.94 0.82 63.46
CA GLY E 470 12.76 -0.11 64.25
C GLY E 470 13.48 -1.14 63.41
N TRP E 471 13.42 -0.98 62.09
CA TRP E 471 14.01 -1.96 61.17
C TRP E 471 15.52 -2.02 61.33
N ARG E 472 16.12 -0.88 61.63
CA ARG E 472 17.56 -0.79 61.79
C ARG E 472 18.05 -1.72 62.90
N GLU E 473 17.32 -1.71 64.02
CA GLU E 473 17.65 -2.54 65.17
C GLU E 473 17.52 -4.06 64.95
N LYS E 474 17.33 -4.49 63.70
CA LYS E 474 17.12 -5.91 63.41
C LYS E 474 17.85 -6.33 62.14
N GLN F 23 22.85 -45.38 6.64
CA GLN F 23 22.71 -44.09 7.32
C GLN F 23 22.09 -44.26 8.71
N SER F 24 21.92 -45.51 9.12
CA SER F 24 21.36 -45.85 10.44
C SER F 24 22.17 -45.26 11.59
N ASN F 25 23.49 -45.32 11.49
CA ASN F 25 24.36 -44.84 12.56
C ASN F 25 24.18 -43.36 12.88
N ARG F 26 23.90 -42.55 11.86
CA ARG F 26 23.79 -41.11 12.06
C ARG F 26 22.35 -40.64 12.33
N TYR F 27 21.39 -41.21 11.60
CA TYR F 27 20.01 -40.70 11.63
C TYR F 27 19.06 -41.56 12.44
N ALA F 28 19.60 -42.46 13.26
CA ALA F 28 18.76 -43.24 14.16
C ALA F 28 19.42 -43.43 15.51
N ASP F 29 18.62 -43.27 16.56
CA ASP F 29 19.00 -43.58 17.92
C ASP F 29 17.79 -44.17 18.64
N LEU F 30 17.63 -45.47 18.52
CA LEU F 30 16.43 -46.14 19.03
C LEU F 30 16.46 -46.27 20.54
N SER F 31 17.53 -45.81 21.17
CA SER F 31 17.62 -45.87 22.62
C SER F 31 17.15 -44.58 23.28
N LEU F 32 16.84 -43.56 22.47
CA LEU F 32 16.29 -42.33 23.04
C LEU F 32 14.91 -42.65 23.62
N LYS F 33 14.63 -42.09 24.80
CA LYS F 33 13.32 -42.24 25.43
C LYS F 33 12.39 -41.10 25.02
N GLU F 34 11.22 -41.46 24.53
CA GLU F 34 10.22 -40.49 24.09
C GLU F 34 9.79 -39.56 25.22
N GLU F 35 9.72 -40.09 26.43
CA GLU F 35 9.34 -39.31 27.58
C GLU F 35 10.30 -38.13 27.74
N ASP F 36 11.59 -38.39 27.50
CA ASP F 36 12.65 -37.37 27.60
C ASP F 36 12.59 -36.34 26.47
N LEU F 37 12.34 -36.82 25.26
CA LEU F 37 12.24 -35.96 24.09
C LEU F 37 11.12 -34.93 24.25
N ILE F 38 10.02 -35.36 24.86
CA ILE F 38 8.89 -34.49 25.11
C ILE F 38 9.20 -33.51 26.23
N LYS F 39 9.74 -34.00 27.34
CA LYS F 39 10.06 -33.16 28.49
C LYS F 39 11.08 -32.08 28.14
N GLY F 40 12.01 -32.42 27.26
CA GLY F 40 13.03 -31.49 26.81
C GLY F 40 12.44 -30.28 26.11
N GLY F 41 11.41 -30.52 25.31
CA GLY F 41 10.71 -29.44 24.61
C GLY F 41 11.50 -28.83 23.47
N ASN F 42 12.53 -29.53 23.00
CA ASN F 42 13.42 -29.03 21.97
C ASN F 42 13.18 -29.69 20.60
N HIS F 43 12.18 -30.56 20.53
CA HIS F 43 11.90 -31.28 19.29
C HIS F 43 10.41 -31.34 18.95
N ILE F 44 10.10 -31.25 17.67
CA ILE F 44 8.80 -31.70 17.16
C ILE F 44 8.89 -33.19 16.84
N LEU F 45 8.00 -33.97 17.45
CA LEU F 45 7.95 -35.41 17.23
C LEU F 45 6.87 -35.77 16.23
N VAL F 46 7.17 -36.73 15.37
CA VAL F 46 6.23 -37.16 14.34
C VAL F 46 6.16 -38.67 14.27
N ALA F 47 4.94 -39.20 14.27
CA ALA F 47 4.71 -40.63 14.17
C ALA F 47 4.13 -40.98 12.80
N TYR F 48 4.76 -41.95 12.12
CA TYR F 48 4.32 -42.36 10.79
C TYR F 48 3.93 -43.84 10.76
N THR F 49 3.09 -44.21 9.80
CA THR F 49 3.06 -45.57 9.29
C THR F 49 4.05 -45.59 8.13
N MET F 50 4.81 -46.67 8.01
CA MET F 50 5.80 -46.77 6.94
C MET F 50 6.04 -48.21 6.50
N GLU F 51 6.15 -48.40 5.19
CA GLU F 51 6.52 -49.68 4.62
C GLU F 51 7.67 -49.47 3.63
N PRO F 52 8.80 -50.16 3.85
CA PRO F 52 9.92 -50.00 2.91
C PRO F 52 9.72 -50.77 1.61
N ALA F 53 10.43 -50.37 0.56
CA ALA F 53 10.41 -51.08 -0.70
C ALA F 53 11.01 -52.47 -0.53
N ALA F 54 10.81 -53.32 -1.53
CA ALA F 54 11.31 -54.69 -1.49
C ALA F 54 12.84 -54.73 -1.34
N GLY F 55 13.32 -55.56 -0.43
CA GLY F 55 14.75 -55.74 -0.23
C GLY F 55 15.39 -54.67 0.64
N VAL F 56 14.59 -53.74 1.13
CA VAL F 56 15.09 -52.66 1.97
C VAL F 56 14.79 -52.94 3.45
N GLY F 57 15.83 -52.85 4.29
CA GLY F 57 15.66 -53.06 5.72
C GLY F 57 14.83 -51.95 6.31
N TYR F 58 14.12 -52.24 7.40
CA TYR F 58 13.18 -51.29 7.97
C TYR F 58 13.86 -50.08 8.61
N LEU F 59 14.90 -50.33 9.40
CA LEU F 59 15.60 -49.24 10.09
C LEU F 59 16.32 -48.33 9.08
N GLU F 60 16.96 -48.93 8.08
CA GLU F 60 17.70 -48.17 7.08
C GLU F 60 16.74 -47.30 6.26
N ALA F 61 15.52 -47.79 6.06
CA ALA F 61 14.49 -47.02 5.38
C ALA F 61 14.10 -45.83 6.24
N ALA F 62 13.86 -46.08 7.52
CA ALA F 62 13.49 -45.02 8.45
C ALA F 62 14.59 -43.98 8.54
N ALA F 63 15.84 -44.43 8.64
CA ALA F 63 16.97 -43.51 8.74
C ALA F 63 17.12 -42.68 7.47
N HIS F 64 16.89 -43.29 6.31
CA HIS F 64 16.99 -42.55 5.04
C HIS F 64 15.90 -41.48 5.00
N ILE F 65 14.71 -41.85 5.46
CA ILE F 65 13.61 -40.90 5.53
C ILE F 65 13.97 -39.73 6.45
N ALA F 66 14.58 -40.03 7.59
CA ALA F 66 14.96 -38.99 8.53
C ALA F 66 15.98 -38.05 7.90
N ALA F 67 16.93 -38.63 7.18
CA ALA F 67 17.95 -37.86 6.49
C ALA F 67 17.36 -37.00 5.38
N GLU F 68 16.55 -37.61 4.52
CA GLU F 68 15.93 -36.90 3.41
C GLU F 68 14.95 -35.84 3.90
N SER F 69 14.51 -35.97 5.15
CA SER F 69 13.53 -35.05 5.72
C SER F 69 14.18 -33.97 6.61
N SER F 70 15.52 -33.90 6.59
CA SER F 70 16.22 -32.90 7.38
C SER F 70 17.55 -32.42 6.76
N THR F 71 18.65 -32.99 7.23
CA THR F 71 19.99 -32.47 6.94
C THR F 71 20.80 -33.15 5.83
N GLY F 72 20.32 -34.25 5.24
CA GLY F 72 21.08 -34.88 4.17
C GLY F 72 20.41 -35.43 2.93
N THR F 73 21.18 -36.22 2.21
CA THR F 73 20.78 -36.83 0.95
C THR F 73 21.22 -38.31 0.91
N ASN F 74 21.21 -38.90 -0.28
CA ASN F 74 21.46 -40.34 -0.41
C ASN F 74 22.93 -40.72 -0.54
N VAL F 75 23.84 -39.74 -0.47
CA VAL F 75 25.28 -40.02 -0.45
C VAL F 75 25.97 -39.04 0.49
N GLU F 76 27.22 -39.33 0.85
CA GLU F 76 27.99 -38.41 1.67
C GLU F 76 28.45 -37.22 0.84
N VAL F 77 28.52 -36.06 1.48
CA VAL F 77 28.93 -34.83 0.80
C VAL F 77 30.06 -34.17 1.57
N SER F 78 30.99 -33.57 0.82
CA SER F 78 32.19 -32.98 1.41
C SER F 78 31.87 -31.82 2.35
N THR F 79 30.70 -31.21 2.16
CA THR F 79 30.36 -29.97 2.85
C THR F 79 29.79 -30.18 4.24
N THR F 80 29.53 -31.42 4.63
CA THR F 80 28.97 -31.71 5.94
C THR F 80 30.00 -31.36 7.02
N ASP F 81 29.57 -30.57 8.00
CA ASP F 81 30.39 -30.28 9.17
C ASP F 81 29.76 -30.89 10.41
N GLU F 82 30.40 -30.73 11.56
CA GLU F 82 29.91 -31.32 12.78
C GLU F 82 28.72 -30.56 13.33
N PHE F 83 28.58 -29.29 12.98
CA PHE F 83 27.47 -28.52 13.49
C PHE F 83 26.18 -29.06 12.89
N THR F 84 26.25 -29.47 11.62
CA THR F 84 25.07 -29.95 10.91
C THR F 84 24.43 -31.16 11.59
N LYS F 85 25.26 -31.97 12.23
CA LYS F 85 24.81 -33.20 12.89
C LYS F 85 23.89 -32.91 14.07
N GLY F 86 24.05 -31.73 14.65
CA GLY F 86 23.29 -31.34 15.83
C GLY F 86 21.84 -31.07 15.52
N VAL F 87 21.51 -30.91 14.24
CA VAL F 87 20.15 -30.61 13.81
C VAL F 87 19.60 -31.74 12.96
N ASP F 88 20.30 -32.88 12.96
CA ASP F 88 19.82 -34.09 12.31
C ASP F 88 18.51 -34.53 12.92
N ALA F 89 17.55 -34.90 12.08
CA ALA F 89 16.35 -35.60 12.56
C ALA F 89 16.77 -37.01 12.95
N LEU F 90 16.19 -37.54 14.02
CA LEU F 90 16.55 -38.85 14.55
C LEU F 90 15.36 -39.78 14.72
N VAL F 91 15.48 -40.97 14.14
CA VAL F 91 14.55 -42.05 14.43
C VAL F 91 14.80 -42.57 15.85
N TYR F 92 13.81 -42.45 16.72
CA TYR F 92 13.94 -42.89 18.10
C TYR F 92 13.10 -44.12 18.42
N PHE F 93 12.26 -44.52 17.47
CA PHE F 93 11.43 -45.71 17.63
C PHE F 93 10.96 -46.29 16.31
N ILE F 94 11.03 -47.61 16.20
CA ILE F 94 10.40 -48.32 15.09
C ILE F 94 9.76 -49.63 15.57
N ASP F 95 8.66 -50.01 14.94
CA ASP F 95 8.09 -51.33 15.17
C ASP F 95 7.79 -51.94 13.80
N GLU F 96 8.73 -52.74 13.31
CA GLU F 96 8.66 -53.31 11.96
C GLU F 96 7.42 -54.19 11.79
N ALA F 97 7.06 -54.88 12.84
CA ALA F 97 5.90 -55.77 12.84
C ALA F 97 4.63 -54.96 12.65
N LYS F 98 4.57 -53.83 13.34
CA LYS F 98 3.42 -52.92 13.33
C LYS F 98 3.50 -51.87 12.24
N GLY F 99 4.67 -51.78 11.61
CA GLY F 99 4.90 -50.83 10.52
C GLY F 99 4.87 -49.40 11.03
N ILE F 100 5.46 -49.16 12.19
CA ILE F 100 5.50 -47.81 12.76
C ILE F 100 6.91 -47.29 12.86
N MET F 101 7.08 -46.00 12.61
CA MET F 101 8.35 -45.33 12.87
C MET F 101 8.08 -43.94 13.41
N LYS F 102 8.94 -43.50 14.32
CA LYS F 102 8.82 -42.17 14.94
C LYS F 102 10.14 -41.39 14.85
N VAL F 103 10.02 -40.12 14.48
CA VAL F 103 11.17 -39.27 14.23
C VAL F 103 11.09 -37.99 15.07
N ALA F 104 12.24 -37.58 15.61
CA ALA F 104 12.37 -36.34 16.37
C ALA F 104 13.04 -35.27 15.51
N TYR F 105 12.33 -34.18 15.26
CA TYR F 105 12.83 -33.08 14.46
C TYR F 105 13.23 -31.91 15.35
N PRO F 106 14.53 -31.58 15.43
CA PRO F 106 14.93 -30.41 16.23
C PRO F 106 14.23 -29.13 15.79
N ASN F 107 13.77 -28.34 16.76
CA ASN F 107 12.99 -27.12 16.50
C ASN F 107 13.68 -26.14 15.56
N ASP F 108 15.01 -26.07 15.64
CA ASP F 108 15.77 -25.08 14.88
C ASP F 108 15.75 -25.34 13.37
N LEU F 109 15.30 -26.52 12.98
CA LEU F 109 15.19 -26.86 11.57
C LEU F 109 14.16 -26.00 10.84
N PHE F 110 13.12 -25.58 11.56
CA PHE F 110 11.94 -25.00 10.94
C PHE F 110 12.07 -23.50 10.66
N ASP F 111 11.57 -23.09 9.48
CA ASP F 111 11.70 -21.73 8.99
C ASP F 111 10.97 -20.72 9.85
N ARG F 112 11.51 -19.50 9.87
CA ARG F 112 10.99 -18.41 10.67
C ARG F 112 10.80 -17.17 9.81
N ASN F 113 9.72 -16.44 10.03
CA ASN F 113 9.52 -15.18 9.33
C ASN F 113 10.63 -14.19 9.68
N VAL F 114 11.18 -13.52 8.67
CA VAL F 114 12.09 -12.43 8.93
C VAL F 114 11.31 -11.24 9.51
N THR F 115 10.03 -11.18 9.17
CA THR F 115 9.19 -10.06 9.55
C THR F 115 8.81 -10.05 11.04
N ASP F 116 8.45 -11.21 11.58
CA ASP F 116 7.94 -11.26 12.95
C ASP F 116 8.34 -12.52 13.72
N GLY F 117 9.26 -13.30 13.16
CA GLY F 117 9.84 -14.44 13.86
C GLY F 117 8.96 -15.65 14.05
N ARG F 118 7.71 -15.59 13.61
CA ARG F 118 6.80 -16.71 13.80
C ARG F 118 7.20 -17.87 12.88
N VAL F 119 6.86 -19.09 13.30
CA VAL F 119 7.09 -20.27 12.46
C VAL F 119 5.98 -20.38 11.42
N MET F 120 6.20 -21.26 10.44
CA MET F 120 5.25 -21.41 9.33
C MET F 120 4.98 -22.89 9.08
N ILE F 121 3.72 -23.21 8.85
CA ILE F 121 3.28 -24.59 8.69
C ILE F 121 3.84 -25.22 7.42
N VAL F 122 4.12 -24.39 6.42
CA VAL F 122 4.63 -24.89 5.15
C VAL F 122 6.00 -25.53 5.31
N SER F 123 6.78 -25.05 6.28
CA SER F 123 8.09 -25.64 6.57
C SER F 123 7.94 -27.01 7.22
N PHE F 124 6.96 -27.13 8.12
CA PHE F 124 6.64 -28.40 8.74
C PHE F 124 6.27 -29.42 7.67
N LEU F 125 5.50 -29.00 6.68
CA LEU F 125 5.09 -29.89 5.60
C LEU F 125 6.27 -30.26 4.71
N THR F 126 7.07 -29.26 4.35
CA THR F 126 8.21 -29.48 3.46
C THR F 126 9.17 -30.52 4.02
N LEU F 127 9.51 -30.38 5.30
CA LEU F 127 10.47 -31.27 5.92
C LEU F 127 9.86 -32.64 6.27
N CYS F 128 8.73 -32.63 6.95
CA CYS F 128 8.21 -33.85 7.56
C CYS F 128 7.37 -34.72 6.64
N ILE F 129 6.88 -34.16 5.53
CA ILE F 129 6.05 -34.94 4.62
C ILE F 129 6.23 -34.45 3.18
N GLY F 130 7.42 -33.96 2.88
CA GLY F 130 7.75 -33.48 1.54
C GLY F 130 8.39 -34.51 0.64
N ASN F 131 9.70 -34.39 0.43
CA ASN F 131 10.44 -35.27 -0.46
C ASN F 131 10.34 -36.76 -0.10
N ASN F 132 10.05 -37.07 1.16
CA ASN F 132 9.99 -38.46 1.61
C ASN F 132 8.79 -39.21 1.06
N GLN F 133 7.90 -38.50 0.38
CA GLN F 133 6.73 -39.11 -0.23
C GLN F 133 7.02 -39.66 -1.63
N GLY F 134 8.21 -39.41 -2.15
CA GLY F 134 8.57 -39.83 -3.49
C GLY F 134 9.82 -40.69 -3.57
N MET F 135 10.24 -41.26 -2.45
CA MET F 135 11.45 -42.07 -2.41
C MET F 135 11.24 -43.47 -3.00
N GLY F 136 12.17 -43.88 -3.84
CA GLY F 136 12.07 -45.14 -4.56
C GLY F 136 12.22 -46.35 -3.66
N ASP F 137 12.93 -46.17 -2.55
CA ASP F 137 13.20 -47.24 -1.61
C ASP F 137 12.16 -47.32 -0.49
N ILE F 138 11.13 -46.49 -0.60
CA ILE F 138 10.01 -46.45 0.35
C ILE F 138 8.70 -46.84 -0.34
N ALA F 139 8.02 -47.89 0.14
CA ALA F 139 6.75 -48.28 -0.47
C ALA F 139 5.64 -47.26 -0.15
N ASN F 140 5.52 -46.87 1.12
CA ASN F 140 4.55 -45.84 1.50
C ASN F 140 4.93 -45.23 2.85
N LEU F 141 4.44 -44.01 3.10
CA LEU F 141 4.77 -43.27 4.31
C LEU F 141 3.69 -42.25 4.59
N GLN F 142 3.02 -42.39 5.74
CA GLN F 142 1.94 -41.48 6.12
C GLN F 142 2.04 -41.04 7.59
N MET F 143 1.90 -39.74 7.81
CA MET F 143 1.90 -39.16 9.15
C MET F 143 0.58 -39.43 9.84
N GLN F 144 0.69 -39.92 11.08
CA GLN F 144 -0.48 -40.29 11.89
C GLN F 144 -0.74 -39.28 13.01
N ASP F 145 0.33 -38.63 13.47
CA ASP F 145 0.24 -37.75 14.63
C ASP F 145 1.55 -36.97 14.74
N PHE F 146 1.52 -35.85 15.47
CA PHE F 146 2.74 -35.11 15.76
C PHE F 146 2.61 -34.37 17.09
N TYR F 147 3.74 -34.10 17.75
CA TYR F 147 3.76 -33.35 19.00
C TYR F 147 4.44 -31.99 18.86
N VAL F 148 3.77 -30.94 19.32
CA VAL F 148 4.31 -29.59 19.27
C VAL F 148 4.70 -29.12 20.68
N PRO F 149 5.99 -28.83 20.92
CA PRO F 149 6.40 -28.39 22.25
C PRO F 149 5.99 -26.94 22.55
N PRO F 150 6.03 -26.54 23.83
CA PRO F 150 5.60 -25.20 24.26
C PRO F 150 6.14 -24.04 23.42
N ARG F 151 7.43 -23.99 23.17
CA ARG F 151 8.02 -22.84 22.48
C ARG F 151 7.55 -22.75 21.02
N MET F 152 7.44 -23.89 20.34
CA MET F 152 6.98 -23.89 18.96
C MET F 152 5.51 -23.44 18.88
N LEU F 153 4.71 -23.88 19.84
CA LEU F 153 3.31 -23.50 19.89
C LEU F 153 3.16 -22.00 20.06
N GLN F 154 4.05 -21.41 20.86
CA GLN F 154 4.05 -19.97 21.10
C GLN F 154 4.33 -19.17 19.84
N LEU F 155 4.91 -19.81 18.82
CA LEU F 155 5.35 -19.10 17.62
C LEU F 155 4.41 -19.36 16.45
N PHE F 156 3.33 -20.12 16.69
CA PHE F 156 2.26 -20.27 15.71
C PHE F 156 1.19 -19.21 15.94
N ASP F 157 0.49 -18.82 14.88
CA ASP F 157 -0.55 -17.81 14.97
C ASP F 157 -1.68 -18.25 15.91
N GLY F 158 -2.20 -19.46 15.68
CA GLY F 158 -3.36 -19.92 16.42
C GLY F 158 -4.61 -19.17 16.03
N PRO F 159 -5.78 -19.67 16.46
CA PRO F 159 -7.02 -18.98 16.07
C PRO F 159 -7.20 -17.63 16.77
N ALA F 160 -7.86 -16.70 16.10
CA ALA F 160 -8.18 -15.39 16.68
C ALA F 160 -9.66 -15.30 17.01
N LYS F 161 -10.44 -16.19 16.43
CA LYS F 161 -11.88 -16.26 16.68
C LYS F 161 -12.26 -17.72 16.89
N ASP F 162 -13.36 -17.94 17.60
CA ASP F 162 -13.85 -19.30 17.81
C ASP F 162 -15.36 -19.30 17.98
N ILE F 163 -15.93 -20.47 18.28
CA ILE F 163 -17.38 -20.63 18.30
C ILE F 163 -18.05 -19.73 19.34
N SER F 164 -17.32 -19.39 20.40
CA SER F 164 -17.89 -18.53 21.44
C SER F 164 -18.25 -17.15 20.90
N ASP F 165 -17.53 -16.68 19.88
CA ASP F 165 -17.84 -15.39 19.26
C ASP F 165 -19.16 -15.47 18.50
N LEU F 166 -19.45 -16.63 17.95
CA LEU F 166 -20.71 -16.83 17.24
C LEU F 166 -21.84 -16.97 18.25
N TRP F 167 -21.59 -17.72 19.32
CA TRP F 167 -22.57 -17.83 20.40
C TRP F 167 -22.94 -16.47 20.95
N ARG F 168 -21.95 -15.60 21.13
CA ARG F 168 -22.18 -14.26 21.66
C ARG F 168 -23.14 -13.48 20.75
N ILE F 169 -22.88 -13.51 19.45
CA ILE F 169 -23.72 -12.85 18.47
C ILE F 169 -25.14 -13.40 18.52
N LEU F 170 -25.28 -14.71 18.67
CA LEU F 170 -26.58 -15.34 18.65
C LEU F 170 -27.31 -15.15 19.98
N GLY F 171 -26.64 -14.52 20.95
CA GLY F 171 -27.24 -14.27 22.25
C GLY F 171 -27.30 -15.52 23.12
N ARG F 172 -26.41 -16.46 22.85
CA ARG F 172 -26.35 -17.70 23.60
C ARG F 172 -25.11 -17.72 24.48
N PRO F 173 -25.09 -18.58 25.51
CA PRO F 173 -23.95 -18.62 26.43
C PRO F 173 -22.60 -18.79 25.73
N VAL F 174 -21.65 -17.94 26.07
CA VAL F 174 -20.33 -17.98 25.45
C VAL F 174 -19.56 -19.20 25.96
N LYS F 175 -20.08 -19.82 27.02
CA LYS F 175 -19.60 -21.12 27.47
C LYS F 175 -20.71 -22.12 27.24
N ASP F 176 -20.41 -23.19 26.49
CA ASP F 176 -21.38 -24.22 26.16
C ASP F 176 -22.67 -23.65 25.54
N GLY F 177 -22.52 -22.78 24.54
CA GLY F 177 -23.66 -22.19 23.86
C GLY F 177 -24.44 -23.17 23.00
N GLY F 178 -23.84 -24.31 22.71
CA GLY F 178 -24.54 -25.41 22.06
C GLY F 178 -24.66 -25.38 20.55
N TYR F 179 -25.70 -26.04 20.07
CA TYR F 179 -25.88 -26.33 18.64
C TYR F 179 -26.19 -25.10 17.79
N ILE F 180 -25.42 -24.97 16.70
CA ILE F 180 -25.65 -23.95 15.69
C ILE F 180 -26.17 -24.59 14.40
N SER F 181 -27.41 -24.29 14.04
CA SER F 181 -28.03 -24.87 12.86
C SER F 181 -27.53 -24.18 11.61
N GLY F 182 -27.25 -24.95 10.57
CA GLY F 182 -26.77 -24.40 9.32
C GLY F 182 -27.06 -25.18 8.05
N THR F 183 -26.55 -24.67 6.93
CA THR F 183 -26.76 -25.29 5.62
C THR F 183 -25.74 -24.73 4.64
N ILE F 184 -25.68 -25.36 3.47
CA ILE F 184 -25.00 -24.84 2.28
C ILE F 184 -26.00 -24.53 1.19
N ILE F 185 -25.83 -23.44 0.44
CA ILE F 185 -26.83 -23.21 -0.60
C ILE F 185 -26.70 -24.28 -1.69
N LYS F 186 -27.86 -24.80 -2.06
CA LYS F 186 -28.06 -25.84 -3.07
C LYS F 186 -28.88 -25.28 -4.23
N PRO F 187 -28.52 -25.54 -5.49
CA PRO F 187 -27.42 -26.28 -6.10
C PRO F 187 -26.07 -25.68 -5.84
N LYS F 188 -25.03 -26.50 -5.92
CA LYS F 188 -23.72 -26.07 -5.49
C LYS F 188 -23.17 -25.06 -6.49
N LEU F 189 -23.49 -25.24 -7.76
CA LEU F 189 -23.23 -24.22 -8.75
C LEU F 189 -24.47 -24.05 -9.63
N GLY F 190 -24.74 -22.83 -10.07
CA GLY F 190 -25.79 -22.58 -11.03
C GLY F 190 -26.88 -21.60 -10.68
N LEU F 191 -27.07 -21.29 -9.39
CA LEU F 191 -28.11 -20.33 -9.05
C LEU F 191 -27.66 -18.93 -9.45
N ARG F 192 -28.57 -18.16 -10.04
CA ARG F 192 -28.33 -16.76 -10.38
C ARG F 192 -28.48 -15.90 -9.12
N PRO F 193 -28.08 -14.61 -9.18
CA PRO F 193 -28.07 -13.78 -7.97
C PRO F 193 -29.41 -13.74 -7.23
N GLU F 194 -30.51 -13.44 -7.92
CA GLU F 194 -31.81 -13.31 -7.24
C GLU F 194 -32.27 -14.65 -6.63
N PRO F 195 -32.22 -15.75 -7.40
CA PRO F 195 -32.55 -17.07 -6.86
C PRO F 195 -31.68 -17.45 -5.68
N PHE F 196 -30.39 -17.12 -5.76
CA PHE F 196 -29.44 -17.44 -4.70
C PHE F 196 -29.81 -16.72 -3.41
N ALA F 197 -30.13 -15.44 -3.51
CA ALA F 197 -30.47 -14.63 -2.34
C ALA F 197 -31.76 -15.14 -1.70
N LYS F 198 -32.71 -15.55 -2.53
CA LYS F 198 -33.98 -16.08 -2.03
C LYS F 198 -33.82 -17.38 -1.26
N ALA F 199 -32.97 -18.29 -1.74
CA ALA F 199 -32.75 -19.56 -1.06
C ALA F 199 -32.12 -19.33 0.30
N ALA F 200 -31.23 -18.33 0.37
CA ALA F 200 -30.58 -17.95 1.61
C ALA F 200 -31.61 -17.43 2.61
N TYR F 201 -32.50 -16.56 2.12
CA TYR F 201 -33.57 -16.00 2.95
C TYR F 201 -34.44 -17.09 3.55
N GLN F 202 -34.82 -18.05 2.72
CA GLN F 202 -35.72 -19.12 3.15
C GLN F 202 -35.17 -19.96 4.29
N PHE F 203 -33.88 -20.29 4.24
CA PHE F 203 -33.29 -21.09 5.30
C PHE F 203 -33.21 -20.29 6.59
N TRP F 204 -32.79 -19.02 6.49
CA TRP F 204 -32.56 -18.18 7.67
C TRP F 204 -33.83 -17.91 8.46
N LEU F 205 -34.99 -18.14 7.87
CA LEU F 205 -36.25 -18.01 8.60
C LEU F 205 -36.34 -19.02 9.74
N GLY F 206 -35.54 -20.09 9.65
CA GLY F 206 -35.53 -21.15 10.66
C GLY F 206 -34.18 -21.46 11.26
N GLY F 207 -33.11 -21.23 10.50
CA GLY F 207 -31.76 -21.60 10.88
C GLY F 207 -30.82 -20.44 11.18
N ASP F 208 -29.63 -20.76 11.71
CA ASP F 208 -28.66 -19.76 12.14
C ASP F 208 -27.64 -19.43 11.05
N PHE F 209 -27.14 -20.46 10.35
CA PHE F 209 -25.86 -20.40 9.65
C PHE F 209 -25.95 -20.83 8.19
N ILE F 210 -25.51 -19.96 7.29
CA ILE F 210 -25.41 -20.28 5.86
C ILE F 210 -23.96 -20.08 5.42
N KCX F 211 -23.49 -20.94 4.52
CA KCX F 211 -22.18 -20.77 3.98
CB KCX F 211 -21.35 -21.83 4.64
CG KCX F 211 -21.60 -23.22 4.13
CD KCX F 211 -20.74 -24.30 4.79
CE KCX F 211 -19.30 -24.48 4.18
NZ KCX F 211 -19.39 -24.81 2.74
C KCX F 211 -22.23 -21.01 2.51
O KCX F 211 -23.09 -21.75 2.06
CX KCX F 211 -19.51 -26.19 2.27
OQ1 KCX F 211 -19.57 -27.13 3.11
OQ2 KCX F 211 -19.56 -26.44 1.03
N ASN F 212 -21.36 -20.36 1.76
CA ASN F 212 -21.21 -20.71 0.36
C ASN F 212 -20.84 -22.17 0.28
N ASP F 213 -21.29 -22.83 -0.77
CA ASP F 213 -20.76 -24.13 -1.11
C ASP F 213 -19.30 -23.85 -1.52
N GLU F 214 -18.42 -24.84 -1.43
CA GLU F 214 -16.97 -24.60 -1.61
C GLU F 214 -16.52 -23.97 -2.95
N PRO F 215 -17.23 -24.22 -4.06
CA PRO F 215 -16.79 -23.67 -5.35
C PRO F 215 -17.44 -22.33 -5.74
N GLN F 216 -18.43 -21.86 -4.98
CA GLN F 216 -19.15 -20.65 -5.38
C GLN F 216 -18.39 -19.37 -5.08
N GLY F 217 -18.22 -18.53 -6.10
CA GLY F 217 -17.49 -17.29 -5.94
C GLY F 217 -18.01 -16.21 -6.87
N ASN F 218 -17.29 -15.99 -7.97
CA ASN F 218 -17.61 -14.94 -8.93
C ASN F 218 -17.85 -15.51 -10.33
N GLN F 219 -18.62 -16.59 -10.43
CA GLN F 219 -18.98 -17.14 -11.74
C GLN F 219 -19.75 -16.11 -12.56
N VAL F 220 -19.63 -16.18 -13.88
CA VAL F 220 -20.20 -15.17 -14.76
C VAL F 220 -21.73 -15.12 -14.68
N PHE F 221 -22.34 -16.22 -14.25
CA PHE F 221 -23.79 -16.29 -14.15
C PHE F 221 -24.28 -15.83 -12.78
N CYS F 222 -23.35 -15.54 -11.86
CA CYS F 222 -23.71 -15.06 -10.53
C CYS F 222 -22.59 -14.22 -9.89
N PRO F 223 -22.33 -13.02 -10.42
CA PRO F 223 -21.22 -12.18 -9.96
C PRO F 223 -21.36 -11.75 -8.50
N ILE F 224 -20.25 -11.70 -7.78
CA ILE F 224 -20.24 -11.33 -6.36
C ILE F 224 -20.85 -9.97 -6.04
N LYS F 225 -20.52 -8.97 -6.84
CA LYS F 225 -20.98 -7.61 -6.60
C LYS F 225 -22.49 -7.47 -6.72
N LYS F 226 -23.08 -8.39 -7.46
CA LYS F 226 -24.51 -8.45 -7.69
C LYS F 226 -25.21 -9.27 -6.61
N VAL F 227 -24.71 -10.47 -6.33
CA VAL F 227 -25.44 -11.41 -5.47
C VAL F 227 -25.31 -11.04 -4.00
N LEU F 228 -24.14 -10.54 -3.59
CA LEU F 228 -23.85 -10.33 -2.16
C LEU F 228 -24.73 -9.26 -1.49
N PRO F 229 -24.96 -8.11 -2.16
CA PRO F 229 -25.89 -7.16 -1.56
C PRO F 229 -27.29 -7.74 -1.39
N LEU F 230 -27.69 -8.61 -2.31
CA LEU F 230 -28.99 -9.25 -2.23
C LEU F 230 -29.01 -10.25 -1.07
N VAL F 231 -27.89 -10.93 -0.87
CA VAL F 231 -27.77 -11.86 0.25
C VAL F 231 -27.87 -11.09 1.57
N TYR F 232 -27.28 -9.92 1.63
CA TYR F 232 -27.34 -9.13 2.85
C TYR F 232 -28.78 -8.69 3.13
N ASP F 233 -29.51 -8.33 2.07
CA ASP F 233 -30.93 -7.99 2.21
C ASP F 233 -31.71 -9.16 2.80
N SER F 234 -31.37 -10.36 2.35
CA SER F 234 -32.03 -11.56 2.87
C SER F 234 -31.70 -11.75 4.34
N LEU F 235 -30.47 -11.44 4.72
CA LEU F 235 -30.05 -11.56 6.11
C LEU F 235 -30.80 -10.55 6.98
N LYS F 236 -30.85 -9.31 6.52
CA LYS F 236 -31.59 -8.26 7.22
C LYS F 236 -33.07 -8.60 7.37
N ARG F 237 -33.69 -9.06 6.29
CA ARG F 237 -35.11 -9.38 6.32
C ARG F 237 -35.40 -10.51 7.31
N ALA F 238 -34.54 -11.51 7.32
CA ALA F 238 -34.70 -12.66 8.22
C ALA F 238 -34.49 -12.23 9.66
N GLN F 239 -33.49 -11.39 9.89
CA GLN F 239 -33.22 -10.87 11.23
C GLN F 239 -34.41 -10.06 11.75
N ASP F 240 -34.98 -9.20 10.91
CA ASP F 240 -36.09 -8.35 11.33
C ASP F 240 -37.33 -9.20 11.64
N GLU F 241 -37.55 -10.24 10.86
CA GLU F 241 -38.76 -11.07 10.98
C GLU F 241 -38.70 -12.13 12.08
N THR F 242 -37.51 -12.68 12.33
CA THR F 242 -37.33 -13.73 13.33
C THR F 242 -36.89 -13.21 14.70
N GLY F 243 -36.31 -12.02 14.73
CA GLY F 243 -35.76 -11.46 15.94
C GLY F 243 -34.48 -12.16 16.38
N GLN F 244 -33.85 -12.91 15.46
CA GLN F 244 -32.60 -13.62 15.76
C GLN F 244 -31.50 -13.18 14.81
N ALA F 245 -30.28 -13.12 15.32
CA ALA F 245 -29.13 -12.76 14.49
C ALA F 245 -28.87 -13.90 13.54
N LYS F 246 -28.32 -13.61 12.36
CA LYS F 246 -28.01 -14.64 11.38
C LYS F 246 -26.56 -14.54 10.96
N LEU F 247 -26.03 -15.63 10.43
CA LEU F 247 -24.61 -15.73 10.11
C LEU F 247 -24.43 -16.19 8.67
N PHE F 248 -23.42 -15.62 8.02
CA PHE F 248 -23.09 -15.98 6.64
C PHE F 248 -21.59 -16.18 6.48
N SER F 249 -21.24 -17.31 5.90
CA SER F 249 -19.84 -17.67 5.66
C SER F 249 -19.55 -17.59 4.17
N MET F 250 -18.76 -16.59 3.76
CA MET F 250 -18.50 -16.32 2.36
C MET F 250 -17.17 -16.89 1.88
N ASN F 251 -17.21 -17.53 0.73
CA ASN F 251 -16.00 -18.03 0.08
C ASN F 251 -15.18 -16.89 -0.51
N ILE F 252 -13.95 -16.75 -0.04
CA ILE F 252 -13.02 -15.76 -0.58
C ILE F 252 -11.80 -16.43 -1.18
N THR F 253 -11.87 -17.75 -1.41
CA THR F 253 -10.76 -18.48 -2.00
C THR F 253 -10.38 -17.94 -3.38
N ALA F 254 -9.10 -17.69 -3.57
CA ALA F 254 -8.60 -17.24 -4.87
C ALA F 254 -7.08 -17.34 -4.97
N ASP F 255 -6.58 -17.60 -6.18
CA ASP F 255 -5.15 -17.65 -6.45
C ASP F 255 -4.44 -16.36 -6.00
N ASP F 256 -4.97 -15.22 -6.43
CA ASP F 256 -4.32 -13.93 -6.16
C ASP F 256 -4.68 -13.44 -4.76
N HIS F 257 -3.64 -13.24 -3.95
CA HIS F 257 -3.78 -12.68 -2.61
C HIS F 257 -4.66 -11.43 -2.62
N TYR F 258 -4.44 -10.57 -3.61
CA TYR F 258 -5.14 -9.30 -3.70
C TYR F 258 -6.56 -9.46 -4.21
N GLU F 259 -6.85 -10.60 -4.85
CA GLU F 259 -8.21 -10.96 -5.21
C GLU F 259 -8.98 -11.33 -3.95
N MET F 260 -8.35 -12.12 -3.08
CA MET F 260 -8.96 -12.48 -1.80
C MET F 260 -9.34 -11.23 -1.01
N CYS F 261 -8.41 -10.29 -0.93
CA CYS F 261 -8.63 -9.08 -0.16
C CYS F 261 -9.69 -8.21 -0.80
N ALA F 262 -9.78 -8.24 -2.13
CA ALA F 262 -10.79 -7.48 -2.84
C ALA F 262 -12.19 -8.00 -2.49
N ARG F 263 -12.34 -9.31 -2.45
CA ARG F 263 -13.62 -9.92 -2.10
C ARG F 263 -13.98 -9.65 -0.65
N ALA F 264 -12.99 -9.80 0.22
CA ALA F 264 -13.15 -9.59 1.66
C ALA F 264 -13.54 -8.15 1.96
N ASP F 265 -12.83 -7.20 1.37
CA ASP F 265 -13.09 -5.79 1.58
C ASP F 265 -14.52 -5.45 1.16
N PHE F 266 -14.92 -5.97 0.00
CA PHE F 266 -16.25 -5.72 -0.51
C PHE F 266 -17.34 -6.30 0.37
N ALA F 267 -17.09 -7.50 0.90
CA ALA F 267 -18.06 -8.17 1.77
C ALA F 267 -18.34 -7.39 3.03
N LEU F 268 -17.28 -6.92 3.69
CA LEU F 268 -17.42 -6.22 4.96
C LEU F 268 -18.11 -4.86 4.78
N GLU F 269 -17.76 -4.15 3.72
CA GLU F 269 -18.40 -2.89 3.42
C GLU F 269 -19.89 -3.11 3.14
N THR F 270 -20.21 -4.17 2.40
CA THR F 270 -21.60 -4.47 2.02
C THR F 270 -22.49 -4.78 3.23
N PHE F 271 -21.97 -5.58 4.16
CA PHE F 271 -22.75 -6.01 5.31
C PHE F 271 -22.83 -4.94 6.38
N GLY F 272 -21.98 -3.93 6.27
CA GLY F 272 -22.00 -2.76 7.12
C GLY F 272 -22.15 -3.06 8.61
N PRO F 273 -23.27 -2.62 9.22
CA PRO F 273 -23.44 -2.79 10.68
C PRO F 273 -23.56 -4.23 11.12
N ASP F 274 -23.66 -5.17 10.17
CA ASP F 274 -23.73 -6.60 10.47
C ASP F 274 -22.47 -7.33 10.01
N ALA F 275 -21.41 -6.57 9.70
CA ALA F 275 -20.22 -7.14 9.09
C ALA F 275 -19.49 -8.14 10.01
N ASP F 276 -19.72 -8.04 11.31
CA ASP F 276 -19.11 -8.98 12.25
C ASP F 276 -19.71 -10.38 12.09
N LYS F 277 -20.86 -10.45 11.41
CA LYS F 277 -21.56 -11.71 11.21
C LYS F 277 -21.12 -12.40 9.93
N VAL F 278 -20.15 -11.82 9.24
CA VAL F 278 -19.60 -12.43 8.03
C VAL F 278 -18.38 -13.27 8.38
N ALA F 279 -18.46 -14.57 8.13
CA ALA F 279 -17.29 -15.44 8.23
C ALA F 279 -16.65 -15.57 6.86
N PHE F 280 -15.34 -15.81 6.83
CA PHE F 280 -14.63 -16.01 5.56
C PHE F 280 -14.24 -17.47 5.38
N LEU F 281 -14.77 -18.08 4.32
CA LEU F 281 -14.48 -19.47 3.98
C LEU F 281 -13.28 -19.57 3.03
N VAL F 282 -12.32 -20.43 3.37
CA VAL F 282 -11.16 -20.66 2.53
C VAL F 282 -10.99 -22.15 2.24
N ASP F 283 -10.88 -22.52 0.97
CA ASP F 283 -10.58 -23.89 0.57
C ASP F 283 -9.10 -24.18 0.82
N GLY F 284 -8.79 -24.48 2.08
CA GLY F 284 -7.43 -24.52 2.58
C GLY F 284 -6.55 -25.66 2.11
N PHE F 285 -7.16 -26.79 1.74
CA PHE F 285 -6.35 -27.95 1.33
C PHE F 285 -5.82 -27.79 -0.09
N VAL F 286 -6.71 -27.55 -1.05
CA VAL F 286 -6.29 -27.33 -2.44
C VAL F 286 -5.70 -25.93 -2.61
N GLY F 287 -6.12 -25.01 -1.74
CA GLY F 287 -5.67 -23.63 -1.79
C GLY F 287 -4.33 -23.43 -1.12
N GLY F 288 -4.07 -24.20 -0.06
CA GLY F 288 -2.80 -24.17 0.64
C GLY F 288 -2.73 -23.19 1.80
N PRO F 289 -1.67 -23.31 2.64
CA PRO F 289 -1.46 -22.48 3.82
C PRO F 289 -1.45 -20.98 3.53
N GLY F 290 -1.03 -20.61 2.32
CA GLY F 290 -0.96 -19.23 1.91
C GLY F 290 -2.30 -18.52 1.98
N MET F 291 -3.35 -19.19 1.50
CA MET F 291 -4.67 -18.60 1.47
C MET F 291 -5.24 -18.52 2.89
N VAL F 292 -4.99 -19.56 3.67
CA VAL F 292 -5.47 -19.60 5.05
C VAL F 292 -4.85 -18.44 5.84
N THR F 293 -3.55 -18.24 5.65
CA THR F 293 -2.83 -17.21 6.39
C THR F 293 -3.23 -15.81 5.94
N THR F 294 -3.60 -15.68 4.67
CA THR F 294 -4.09 -14.40 4.15
C THR F 294 -5.33 -13.96 4.91
N ALA F 295 -6.28 -14.86 5.05
CA ALA F 295 -7.50 -14.57 5.81
C ALA F 295 -7.19 -14.32 7.27
N ARG F 296 -6.37 -15.19 7.85
CA ARG F 296 -6.08 -15.14 9.29
C ARG F 296 -5.35 -13.85 9.69
N ARG F 297 -4.37 -13.43 8.89
CA ARG F 297 -3.53 -12.30 9.25
C ARG F 297 -4.09 -10.96 8.77
N GLN F 298 -4.80 -10.94 7.64
CA GLN F 298 -5.35 -9.69 7.10
C GLN F 298 -6.76 -9.42 7.62
N TYR F 299 -7.44 -10.45 8.09
CA TYR F 299 -8.80 -10.31 8.61
C TYR F 299 -9.03 -11.14 9.86
N PRO F 300 -8.20 -10.93 10.89
CA PRO F 300 -8.28 -11.72 12.12
C PRO F 300 -9.61 -11.57 12.86
N SER F 301 -10.31 -10.45 12.67
CA SER F 301 -11.57 -10.21 13.38
C SER F 301 -12.77 -10.85 12.70
N GLN F 302 -12.52 -11.56 11.60
CA GLN F 302 -13.58 -12.31 10.93
C GLN F 302 -13.34 -13.81 11.14
N TYR F 303 -14.38 -14.53 11.54
CA TYR F 303 -14.32 -15.97 11.73
C TYR F 303 -13.80 -16.65 10.46
N LEU F 304 -12.73 -17.44 10.60
CA LEU F 304 -12.09 -18.06 9.45
C LEU F 304 -12.53 -19.52 9.34
N HIS F 305 -13.24 -19.83 8.26
CA HIS F 305 -13.85 -21.14 8.04
C HIS F 305 -12.99 -21.95 7.05
N TYR F 306 -12.32 -22.97 7.58
CA TYR F 306 -11.44 -23.82 6.77
C TYR F 306 -12.23 -24.94 6.13
N HIS F 307 -12.31 -24.91 4.81
CA HIS F 307 -12.92 -25.99 4.04
C HIS F 307 -11.85 -26.88 3.44
N ARG F 308 -11.95 -28.18 3.71
CA ARG F 308 -10.89 -29.14 3.40
C ARG F 308 -11.11 -29.91 2.09
N ALA F 309 -11.87 -29.35 1.16
CA ALA F 309 -12.10 -30.01 -0.12
C ALA F 309 -10.82 -30.54 -0.76
N GLY F 310 -10.83 -31.80 -1.15
CA GLY F 310 -9.69 -32.45 -1.77
C GLY F 310 -8.91 -33.36 -0.83
N HIS F 311 -9.06 -33.15 0.48
CA HIS F 311 -8.27 -33.86 1.50
C HIS F 311 -8.32 -35.38 1.35
N GLY F 312 -9.42 -35.89 0.83
CA GLY F 312 -9.62 -37.33 0.73
C GLY F 312 -8.57 -38.04 -0.08
N MET F 313 -7.83 -37.29 -0.90
CA MET F 313 -6.83 -37.88 -1.75
C MET F 313 -5.67 -38.45 -0.91
N VAL F 314 -5.58 -38.01 0.35
CA VAL F 314 -4.59 -38.56 1.28
C VAL F 314 -5.16 -39.02 2.63
N THR F 315 -6.29 -38.45 3.06
CA THR F 315 -6.83 -38.77 4.37
C THR F 315 -7.74 -40.00 4.34
N SER F 316 -8.08 -40.47 3.14
CA SER F 316 -8.94 -41.63 2.99
C SER F 316 -8.39 -42.83 3.77
N PRO F 317 -9.28 -43.67 4.34
CA PRO F 317 -8.82 -44.87 5.03
C PRO F 317 -7.94 -45.80 4.19
N SER F 318 -8.16 -45.80 2.88
CA SER F 318 -7.40 -46.66 1.98
C SER F 318 -6.02 -46.10 1.64
N SER F 319 -5.79 -44.83 1.98
CA SER F 319 -4.52 -44.18 1.70
C SER F 319 -3.45 -44.55 2.71
N LYS F 320 -2.25 -44.77 2.18
CA LYS F 320 -1.09 -45.04 3.01
C LYS F 320 -0.05 -43.93 2.83
N ARG F 321 -0.49 -42.78 2.32
CA ARG F 321 0.40 -41.68 2.00
C ARG F 321 -0.09 -40.36 2.59
N GLY F 322 0.83 -39.40 2.66
CA GLY F 322 0.51 -38.06 3.12
C GLY F 322 0.29 -37.96 4.61
N TYR F 323 -0.94 -37.64 5.01
CA TYR F 323 -1.29 -37.52 6.43
C TYR F 323 -2.79 -37.72 6.60
N THR F 324 -3.21 -37.95 7.84
CA THR F 324 -4.60 -38.28 8.12
C THR F 324 -5.44 -37.03 8.32
N ALA F 325 -6.75 -37.22 8.40
CA ALA F 325 -7.69 -36.12 8.64
C ALA F 325 -7.43 -35.49 10.01
N PHE F 326 -7.04 -36.32 10.96
CA PHE F 326 -6.71 -35.89 12.31
C PHE F 326 -5.53 -34.90 12.25
N VAL F 327 -4.48 -35.28 11.55
CA VAL F 327 -3.30 -34.43 11.39
C VAL F 327 -3.68 -33.10 10.74
N LEU F 328 -4.53 -33.16 9.72
CA LEU F 328 -4.97 -31.96 9.02
C LEU F 328 -5.67 -31.00 9.97
N ALA F 329 -6.58 -31.53 10.78
CA ALA F 329 -7.36 -30.70 11.70
C ALA F 329 -6.45 -30.07 12.73
N LYS F 330 -5.50 -30.83 13.25
CA LYS F 330 -4.58 -30.31 14.26
C LYS F 330 -3.70 -29.21 13.68
N MET F 331 -3.25 -29.38 12.45
CA MET F 331 -2.46 -28.35 11.78
C MET F 331 -3.26 -27.06 11.61
N SER F 332 -4.54 -27.20 11.24
CA SER F 332 -5.39 -26.06 10.95
C SER F 332 -5.55 -25.15 12.16
N ARG F 333 -5.56 -25.76 13.35
CA ARG F 333 -5.67 -24.98 14.58
C ARG F 333 -4.44 -24.10 14.74
N LEU F 334 -3.27 -24.67 14.47
CA LEU F 334 -2.03 -23.92 14.51
C LEU F 334 -2.02 -22.80 13.47
N GLN F 335 -2.54 -23.10 12.28
CA GLN F 335 -2.63 -22.12 11.19
C GLN F 335 -3.53 -20.95 11.56
N GLY F 336 -4.53 -21.20 12.41
CA GLY F 336 -5.41 -20.16 12.90
C GLY F 336 -6.83 -20.23 12.38
N ALA F 337 -7.25 -21.42 11.96
CA ALA F 337 -8.63 -21.63 11.58
C ALA F 337 -9.57 -21.48 12.78
N SER F 338 -10.67 -20.74 12.59
CA SER F 338 -11.67 -20.58 13.64
C SER F 338 -12.52 -21.84 13.74
N GLY F 339 -12.65 -22.52 12.60
CA GLY F 339 -13.36 -23.79 12.56
C GLY F 339 -12.90 -24.58 11.34
N ILE F 340 -13.05 -25.90 11.40
CA ILE F 340 -12.66 -26.75 10.29
C ILE F 340 -13.59 -27.95 10.18
N HIS F 341 -13.82 -28.39 8.95
CA HIS F 341 -14.59 -29.59 8.68
C HIS F 341 -13.85 -30.82 9.22
N VAL F 342 -14.58 -31.71 9.89
CA VAL F 342 -13.98 -32.93 10.45
C VAL F 342 -14.75 -34.17 10.00
N GLY F 343 -15.78 -33.94 9.19
CA GLY F 343 -16.61 -34.99 8.64
C GLY F 343 -17.75 -35.41 9.54
N THR F 344 -18.42 -36.48 9.15
CA THR F 344 -19.61 -36.95 9.86
C THR F 344 -19.37 -38.22 10.66
N MET F 345 -18.12 -38.66 10.71
CA MET F 345 -17.74 -39.77 11.58
C MET F 345 -18.59 -41.02 11.28
N GLY F 346 -18.79 -41.30 10.00
CA GLY F 346 -19.50 -42.51 9.58
C GLY F 346 -21.02 -42.37 9.56
N TYR F 347 -21.51 -41.19 9.93
CA TYR F 347 -22.94 -40.92 10.00
C TYR F 347 -23.49 -40.18 8.78
N GLY F 348 -22.76 -40.14 7.67
CA GLY F 348 -23.28 -39.46 6.50
C GLY F 348 -22.90 -40.02 5.14
N LYS F 349 -22.39 -39.20 4.24
CA LYS F 349 -22.03 -39.70 2.90
C LYS F 349 -20.55 -39.76 2.54
N MET F 350 -19.68 -39.23 3.37
CA MET F 350 -18.24 -39.27 3.10
C MET F 350 -17.60 -40.47 3.80
N GLU F 351 -16.27 -40.52 3.78
CA GLU F 351 -15.48 -41.58 4.40
C GLU F 351 -15.03 -41.12 5.77
N GLY F 352 -15.61 -41.75 6.79
CA GLY F 352 -15.35 -41.40 8.17
C GLY F 352 -15.94 -42.46 9.07
N GLY F 353 -15.46 -42.51 10.32
CA GLY F 353 -15.90 -43.52 11.26
C GLY F 353 -16.06 -42.89 12.63
N LYS F 354 -16.65 -43.64 13.55
CA LYS F 354 -16.95 -43.12 14.87
C LYS F 354 -15.73 -42.71 15.68
N ASP F 355 -14.58 -43.30 15.38
CA ASP F 355 -13.39 -42.95 16.13
C ASP F 355 -12.88 -41.56 15.75
N ASP F 356 -13.42 -40.99 14.67
CA ASP F 356 -13.03 -39.67 14.23
C ASP F 356 -13.42 -38.56 15.22
N ARG F 357 -14.16 -38.92 16.25
CA ARG F 357 -14.58 -37.96 17.26
C ARG F 357 -13.37 -37.37 18.01
N ILE F 358 -12.25 -38.10 17.97
CA ILE F 358 -11.01 -37.65 18.59
C ILE F 358 -10.48 -36.41 17.87
N ILE F 359 -10.79 -36.30 16.58
CA ILE F 359 -10.40 -35.13 15.81
C ILE F 359 -11.02 -33.85 16.39
N ALA F 360 -12.30 -33.92 16.73
CA ALA F 360 -13.01 -32.78 17.30
C ALA F 360 -12.42 -32.44 18.67
N TYR F 361 -12.16 -33.47 19.47
CA TYR F 361 -11.62 -33.30 20.81
C TYR F 361 -10.29 -32.58 20.80
N MET F 362 -9.44 -32.96 19.85
CA MET F 362 -8.08 -32.41 19.76
C MET F 362 -8.10 -30.92 19.41
N ILE F 363 -9.07 -30.49 18.62
CA ILE F 363 -9.11 -29.10 18.17
C ILE F 363 -9.92 -28.20 19.10
N GLU F 364 -10.75 -28.79 19.96
CA GLU F 364 -11.64 -27.97 20.81
C GLU F 364 -11.22 -27.98 22.27
N ARG F 365 -10.48 -28.99 22.71
CA ARG F 365 -10.05 -29.09 24.10
C ARG F 365 -8.69 -28.43 24.32
N ASP F 366 -8.40 -28.13 25.59
CA ASP F 366 -7.11 -27.57 25.97
C ASP F 366 -6.10 -28.67 26.25
N SER F 367 -6.61 -29.88 26.51
CA SER F 367 -5.79 -31.04 26.82
C SER F 367 -6.42 -32.29 26.24
N CYS F 368 -5.69 -32.96 25.36
CA CYS F 368 -6.21 -34.14 24.68
C CYS F 368 -5.09 -35.06 24.26
N THR F 369 -5.40 -36.35 24.17
CA THR F 369 -4.44 -37.38 23.78
C THR F 369 -4.76 -37.90 22.39
N GLY F 370 -3.83 -37.73 21.46
CA GLY F 370 -4.01 -38.27 20.11
C GLY F 370 -3.66 -39.74 20.06
N PRO F 371 -3.62 -40.30 18.84
CA PRO F 371 -3.27 -41.71 18.64
C PRO F 371 -1.90 -42.09 19.19
N PHE F 372 -0.98 -41.14 19.23
CA PHE F 372 0.40 -41.39 19.67
C PHE F 372 0.93 -40.35 20.64
N TYR F 373 0.41 -39.13 20.58
CA TYR F 373 0.95 -38.05 21.40
C TYR F 373 -0.14 -37.33 22.18
N HIS F 374 0.13 -37.07 23.46
CA HIS F 374 -0.67 -36.16 24.25
C HIS F 374 -0.28 -34.72 23.93
N GLN F 375 -1.25 -33.83 23.82
CA GLN F 375 -0.98 -32.44 23.47
C GLN F 375 -1.63 -31.53 24.49
N GLU F 376 -0.82 -30.65 25.07
CA GLU F 376 -1.31 -29.52 25.84
C GLU F 376 -1.33 -28.28 24.93
N TRP F 377 -2.39 -27.48 25.02
CA TRP F 377 -2.56 -26.33 24.14
C TRP F 377 -2.30 -24.98 24.83
N TYR F 378 -2.15 -24.99 26.15
CA TYR F 378 -1.77 -23.80 26.92
C TYR F 378 -2.64 -22.59 26.61
N GLY F 379 -3.93 -22.80 26.47
CA GLY F 379 -4.89 -21.72 26.33
C GLY F 379 -5.10 -21.24 24.91
N MET F 380 -4.45 -21.88 23.94
CA MET F 380 -4.71 -21.56 22.53
C MET F 380 -6.16 -21.81 22.22
N LYS F 381 -6.78 -20.91 21.47
CA LYS F 381 -8.20 -21.02 21.20
C LYS F 381 -8.57 -22.31 20.47
N PRO F 382 -9.79 -22.81 20.71
CA PRO F 382 -10.26 -24.04 20.08
C PRO F 382 -10.75 -23.78 18.66
N THR F 383 -10.52 -24.72 17.76
CA THR F 383 -11.08 -24.66 16.42
C THR F 383 -12.41 -25.41 16.46
N THR F 384 -13.44 -24.80 15.89
CA THR F 384 -14.78 -25.39 15.94
C THR F 384 -14.83 -26.63 15.04
N PRO F 385 -15.31 -27.77 15.57
CA PRO F 385 -15.60 -28.84 14.63
C PRO F 385 -16.86 -28.61 13.83
N ILE F 386 -16.72 -28.51 12.51
CA ILE F 386 -17.86 -28.31 11.64
C ILE F 386 -18.26 -29.60 10.94
N ILE F 387 -19.52 -30.02 11.12
CA ILE F 387 -19.97 -31.32 10.56
C ILE F 387 -20.77 -31.02 9.28
N SER F 388 -20.36 -31.65 8.20
CA SER F 388 -21.06 -31.53 6.92
C SER F 388 -20.90 -32.74 6.02
N GLY F 389 -21.92 -33.01 5.20
CA GLY F 389 -21.84 -34.09 4.22
C GLY F 389 -22.77 -35.27 4.35
N GLY F 390 -24.03 -35.03 3.98
CA GLY F 390 -25.05 -36.05 3.93
C GLY F 390 -25.86 -36.20 5.20
N MET F 391 -25.82 -35.19 6.05
CA MET F 391 -26.60 -35.23 7.27
C MET F 391 -28.00 -34.70 7.05
N ASN F 392 -28.91 -35.17 7.88
CA ASN F 392 -30.26 -34.63 7.99
C ASN F 392 -30.74 -34.87 9.42
N ALA F 393 -31.95 -34.41 9.72
CA ALA F 393 -32.49 -34.46 11.07
C ALA F 393 -32.55 -35.88 11.63
N LEU F 394 -32.70 -36.87 10.77
CA LEU F 394 -32.85 -38.26 11.19
C LEU F 394 -31.52 -38.91 11.62
N ARG F 395 -30.43 -38.46 11.00
CA ARG F 395 -29.11 -39.01 11.26
C ARG F 395 -28.44 -38.35 12.46
N LEU F 396 -28.89 -37.16 12.82
CA LEU F 396 -28.24 -36.35 13.85
C LEU F 396 -28.23 -36.95 15.26
N PRO F 397 -29.36 -37.52 15.72
CA PRO F 397 -29.39 -38.11 17.06
C PRO F 397 -28.28 -39.14 17.28
N GLY F 398 -28.02 -39.97 16.28
CA GLY F 398 -26.96 -40.94 16.36
C GLY F 398 -25.59 -40.28 16.39
N PHE F 399 -25.43 -39.22 15.60
CA PHE F 399 -24.16 -38.50 15.57
C PHE F 399 -23.81 -37.85 16.90
N PHE F 400 -24.79 -37.21 17.54
CA PHE F 400 -24.57 -36.54 18.82
C PHE F 400 -24.22 -37.52 19.92
N GLU F 401 -24.84 -38.70 19.88
CA GLU F 401 -24.62 -39.72 20.91
C GLU F 401 -23.16 -40.18 20.85
N ASN F 402 -22.62 -40.33 19.64
CA ASN F 402 -21.22 -40.69 19.48
C ASN F 402 -20.23 -39.62 19.95
N LEU F 403 -20.53 -38.36 19.64
CA LEU F 403 -19.60 -37.27 19.95
C LEU F 403 -19.61 -36.91 21.44
N GLY F 404 -20.80 -36.91 22.04
CA GLY F 404 -20.95 -36.58 23.43
C GLY F 404 -21.42 -35.16 23.72
N HIS F 405 -21.56 -34.33 22.68
CA HIS F 405 -22.04 -32.97 22.87
C HIS F 405 -22.47 -32.36 21.53
N GLY F 406 -23.00 -31.14 21.58
CA GLY F 406 -23.41 -30.44 20.39
C GLY F 406 -22.86 -29.04 20.20
N ASN F 407 -21.74 -28.74 20.86
CA ASN F 407 -21.08 -27.44 20.67
C ASN F 407 -20.41 -27.45 19.30
N VAL F 408 -21.22 -27.43 18.26
CA VAL F 408 -20.74 -27.55 16.88
C VAL F 408 -21.52 -26.66 15.91
N ILE F 409 -20.94 -26.40 14.75
CA ILE F 409 -21.70 -25.86 13.63
C ILE F 409 -22.03 -27.02 12.69
N ASN F 410 -23.31 -27.18 12.38
CA ASN F 410 -23.76 -28.26 11.49
C ASN F 410 -24.44 -27.75 10.22
N THR F 411 -23.69 -27.77 9.12
CA THR F 411 -24.22 -27.39 7.82
C THR F 411 -24.82 -28.56 7.04
N ALA F 412 -26.09 -28.48 6.65
CA ALA F 412 -26.75 -29.59 5.95
C ALA F 412 -27.47 -29.01 4.73
N GLY F 413 -26.89 -29.23 3.54
CA GLY F 413 -27.50 -28.79 2.30
C GLY F 413 -28.71 -29.60 1.88
N GLY F 414 -28.50 -30.90 1.75
CA GLY F 414 -29.57 -31.79 1.35
C GLY F 414 -30.61 -31.90 2.44
N GLY F 415 -30.17 -31.94 3.68
CA GLY F 415 -31.07 -32.08 4.80
C GLY F 415 -32.03 -30.92 4.94
N SER F 416 -31.62 -29.76 4.44
CA SER F 416 -32.46 -28.57 4.52
C SER F 416 -33.35 -28.38 3.30
N TYR F 417 -32.73 -28.15 2.15
CA TYR F 417 -33.46 -27.89 0.92
C TYR F 417 -34.18 -29.15 0.43
N GLY F 418 -33.77 -30.28 0.99
CA GLY F 418 -34.37 -31.57 0.67
C GLY F 418 -35.68 -31.80 1.40
N HIS F 419 -36.00 -30.94 2.37
CA HIS F 419 -37.21 -31.11 3.14
C HIS F 419 -38.46 -30.85 2.29
N ILE F 420 -39.44 -31.73 2.43
CA ILE F 420 -40.64 -31.71 1.59
C ILE F 420 -41.47 -30.45 1.76
N ASP F 421 -41.43 -29.86 2.95
CA ASP F 421 -42.23 -28.67 3.25
C ASP F 421 -41.47 -27.40 2.83
N SER F 422 -40.34 -27.13 3.45
CA SER F 422 -39.56 -25.93 3.13
C SER F 422 -38.16 -25.98 3.72
N PRO F 423 -37.24 -25.15 3.19
CA PRO F 423 -35.88 -25.04 3.73
C PRO F 423 -35.90 -24.61 5.19
N ALA F 424 -36.86 -23.75 5.53
CA ALA F 424 -37.03 -23.29 6.89
C ALA F 424 -37.41 -24.45 7.80
N ALA F 425 -38.35 -25.26 7.35
CA ALA F 425 -38.78 -26.43 8.11
C ALA F 425 -37.58 -27.36 8.30
N GLY F 426 -36.74 -27.44 7.27
CA GLY F 426 -35.53 -28.24 7.32
C GLY F 426 -34.59 -27.74 8.40
N ALA F 427 -34.43 -26.43 8.49
CA ALA F 427 -33.57 -25.85 9.52
C ALA F 427 -34.13 -26.19 10.90
N VAL F 428 -35.44 -26.08 11.04
CA VAL F 428 -36.13 -26.41 12.28
C VAL F 428 -35.99 -27.87 12.66
N SER F 429 -36.09 -28.76 11.66
CA SER F 429 -36.02 -30.19 11.91
C SER F 429 -34.65 -30.55 12.47
N LEU F 430 -33.61 -29.86 11.98
CA LEU F 430 -32.26 -30.10 12.47
C LEU F 430 -32.16 -29.70 13.94
N ARG F 431 -32.74 -28.56 14.28
CA ARG F 431 -32.71 -28.05 15.65
C ARG F 431 -33.52 -28.95 16.60
N GLN F 432 -34.66 -29.43 16.12
CA GLN F 432 -35.51 -30.31 16.92
C GLN F 432 -34.83 -31.65 17.19
N ALA F 433 -34.02 -32.11 16.24
CA ALA F 433 -33.28 -33.34 16.39
C ALA F 433 -32.25 -33.23 17.50
N TYR F 434 -31.63 -32.06 17.60
CA TYR F 434 -30.65 -31.80 18.66
C TYR F 434 -31.34 -31.73 20.01
N GLU F 435 -32.47 -31.02 20.06
CA GLU F 435 -33.25 -30.87 21.28
C GLU F 435 -33.75 -32.24 21.76
N CYS F 436 -34.04 -33.12 20.79
CA CYS F 436 -34.47 -34.49 21.09
C CYS F 436 -33.36 -35.25 21.79
N TRP F 437 -32.17 -35.25 21.19
CA TRP F 437 -31.03 -35.94 21.76
C TRP F 437 -30.65 -35.37 23.12
N LYS F 438 -30.69 -34.04 23.23
CA LYS F 438 -30.34 -33.36 24.47
C LYS F 438 -31.29 -33.77 25.59
N ALA F 439 -32.55 -33.99 25.25
CA ALA F 439 -33.56 -34.38 26.23
C ALA F 439 -33.54 -35.90 26.46
N GLY F 440 -32.73 -36.60 25.67
CA GLY F 440 -32.62 -38.05 25.76
C GLY F 440 -33.91 -38.74 25.39
N ALA F 441 -34.69 -38.13 24.51
CA ALA F 441 -36.00 -38.64 24.12
C ALA F 441 -35.92 -39.62 22.95
N ASP F 442 -36.99 -40.39 22.76
CA ASP F 442 -37.12 -41.29 21.61
C ASP F 442 -37.49 -40.47 20.38
N PRO F 443 -36.70 -40.57 19.29
CA PRO F 443 -37.00 -39.75 18.11
C PRO F 443 -38.40 -39.95 17.53
N ILE F 444 -38.87 -41.19 17.50
CA ILE F 444 -40.21 -41.46 16.99
C ILE F 444 -41.26 -40.79 17.88
N GLU F 445 -41.07 -40.87 19.20
CA GLU F 445 -42.01 -40.27 20.14
C GLU F 445 -41.87 -38.76 20.12
N TRP F 446 -40.64 -38.31 19.89
CA TRP F 446 -40.34 -36.88 19.79
C TRP F 446 -41.03 -36.28 18.58
N ALA F 447 -41.13 -37.09 17.52
CA ALA F 447 -41.75 -36.68 16.28
C ALA F 447 -43.24 -36.42 16.48
N LYS F 448 -43.85 -37.14 17.40
CA LYS F 448 -45.28 -37.02 17.64
C LYS F 448 -45.65 -35.65 18.17
N GLU F 449 -44.66 -34.90 18.65
CA GLU F 449 -44.89 -33.56 19.21
C GLU F 449 -44.05 -32.49 18.52
N HIS F 450 -43.40 -32.85 17.41
CA HIS F 450 -42.60 -31.91 16.65
C HIS F 450 -42.77 -32.12 15.14
N LYS F 451 -43.60 -31.30 14.52
CA LYS F 451 -44.04 -31.49 13.14
C LYS F 451 -42.89 -31.49 12.14
N GLU F 452 -42.00 -30.51 12.22
CA GLU F 452 -40.89 -30.41 11.29
C GLU F 452 -40.01 -31.66 11.33
N PHE F 453 -39.68 -32.13 12.52
CA PHE F 453 -38.89 -33.34 12.70
C PHE F 453 -39.59 -34.55 12.09
N ALA F 454 -40.89 -34.64 12.35
CA ALA F 454 -41.69 -35.75 11.84
C ALA F 454 -41.71 -35.79 10.32
N ARG F 455 -41.83 -34.62 9.70
CA ARG F 455 -41.91 -34.51 8.26
C ARG F 455 -40.58 -34.86 7.60
N ALA F 456 -39.50 -34.85 8.37
CA ALA F 456 -38.20 -35.24 7.86
C ALA F 456 -38.16 -36.73 7.58
N PHE F 457 -38.98 -37.50 8.31
CA PHE F 457 -39.10 -38.92 8.06
C PHE F 457 -39.63 -39.16 6.64
N GLU F 458 -40.64 -38.37 6.26
CA GLU F 458 -41.25 -38.50 4.94
C GLU F 458 -40.39 -37.85 3.87
N SER F 459 -39.49 -36.96 4.28
CA SER F 459 -38.60 -36.31 3.34
C SER F 459 -37.46 -37.25 2.95
N PHE F 460 -37.06 -38.11 3.89
CA PHE F 460 -35.96 -39.04 3.66
C PHE F 460 -36.33 -40.45 4.11
N PRO F 461 -37.34 -41.05 3.46
CA PRO F 461 -37.94 -42.34 3.82
C PRO F 461 -36.96 -43.51 3.84
N LYS F 462 -35.98 -43.52 2.94
CA LYS F 462 -35.00 -44.60 2.89
C LYS F 462 -34.16 -44.61 4.16
N ASP F 463 -33.79 -43.43 4.63
CA ASP F 463 -33.05 -43.29 5.89
C ASP F 463 -33.96 -43.64 7.07
N ALA F 464 -35.24 -43.27 6.95
CA ALA F 464 -36.21 -43.51 8.01
C ALA F 464 -36.45 -44.99 8.24
N ASP F 465 -36.55 -45.76 7.16
CA ASP F 465 -36.78 -47.20 7.26
C ASP F 465 -35.59 -47.86 7.93
N LYS F 466 -34.39 -47.43 7.59
CA LYS F 466 -33.18 -48.03 8.17
C LYS F 466 -33.04 -47.66 9.66
N LEU F 467 -33.11 -46.36 9.96
CA LEU F 467 -32.85 -45.88 11.32
C LEU F 467 -34.01 -46.11 12.27
N PHE F 468 -35.23 -45.92 11.78
CA PHE F 468 -36.42 -46.02 12.61
C PHE F 468 -37.52 -46.86 11.97
N PRO F 469 -37.29 -48.18 11.87
CA PRO F 469 -38.29 -49.06 11.26
C PRO F 469 -39.61 -49.04 12.00
N GLY F 470 -40.70 -48.97 11.25
CA GLY F 470 -42.03 -48.93 11.82
C GLY F 470 -42.56 -47.52 12.08
N TRP F 471 -41.83 -46.51 11.62
CA TRP F 471 -42.19 -45.13 11.89
C TRP F 471 -43.53 -44.77 11.26
N ARG F 472 -43.80 -45.33 10.08
CA ARG F 472 -45.02 -45.04 9.35
C ARG F 472 -46.22 -45.44 10.22
N GLU F 473 -46.11 -46.61 10.82
CA GLU F 473 -47.16 -47.14 11.68
C GLU F 473 -47.34 -46.32 12.96
N LYS F 474 -46.22 -46.00 13.59
CA LYS F 474 -46.22 -45.30 14.88
C LYS F 474 -46.69 -43.85 14.78
N LEU F 475 -46.34 -43.18 13.68
CA LEU F 475 -46.68 -41.77 13.49
C LEU F 475 -48.00 -41.56 12.74
N GLY F 476 -48.65 -42.63 12.32
CA GLY F 476 -49.91 -42.51 11.59
C GLY F 476 -49.76 -41.82 10.24
N VAL F 477 -48.78 -42.27 9.46
CA VAL F 477 -48.51 -41.69 8.14
C VAL F 477 -49.00 -42.73 7.16
N HIS F 478 -50.26 -42.53 6.80
CA HIS F 478 -51.00 -43.40 5.91
C HIS F 478 -52.33 -42.75 5.58
N LYS F 479 -52.89 -43.07 4.41
CA LYS F 479 -54.15 -42.47 3.99
C LYS F 479 -55.30 -42.87 4.91
C1 CAP G . -5.88 9.80 -36.23
C2 CAP G . -5.57 10.17 -34.78
C3 CAP G . -4.22 9.64 -34.28
C4 CAP G . -3.01 10.29 -34.99
C5 CAP G . -1.69 9.91 -34.35
C CAP G . -5.60 11.68 -34.63
O1 CAP G . -7.21 10.13 -36.54
O2 CAP G . -6.61 9.61 -33.93
O3 CAP G . -4.18 9.85 -32.89
O4 CAP G . -2.96 9.86 -36.33
O5 CAP G . -0.63 10.29 -35.20
O6 CAP G . -5.67 12.20 -33.50
O7 CAP G . -5.58 12.42 -35.64
P1 CAP G . -7.71 10.00 -38.06
P2 CAP G . 0.62 9.30 -35.47
O1P CAP G . -9.15 10.43 -38.10
O2P CAP G . -7.56 8.57 -38.53
O3P CAP G . -6.87 10.89 -38.95
O4P CAP G . 1.42 9.85 -36.61
O5P CAP G . 0.10 7.93 -35.79
O6P CAP G . 1.48 9.23 -34.22
H11 CAP G . -5.71 8.73 -36.38
H12 CAP G . -5.20 10.35 -36.89
H3 CAP G . -4.19 8.57 -34.48
H4 CAP G . -3.13 11.37 -34.94
H51 CAP G . -1.59 10.41 -33.38
H52 CAP G . -1.65 8.83 -34.18
HO2 CAP G . -6.19 9.02 -33.25
HO3 CAP G . -3.38 10.37 -32.66
HO4 CAP G . -2.10 9.44 -36.50
MG MG H . -6.16 10.67 -32.04
C1 CAP I . 17.91 -33.77 -4.53
C2 CAP I . 17.01 -32.78 -3.80
C3 CAP I . 15.77 -32.41 -4.62
C4 CAP I . 14.86 -33.61 -4.91
C5 CAP I . 13.45 -33.22 -5.35
C CAP I . 16.58 -33.34 -2.45
O1 CAP I . 19.19 -33.82 -3.92
O2 CAP I . 17.78 -31.58 -3.59
O3 CAP I . 15.09 -31.37 -3.92
O4 CAP I . 15.44 -34.38 -5.95
O5 CAP I . 12.83 -34.36 -5.92
O6 CAP I . 16.16 -32.57 -1.55
O7 CAP I . 16.62 -34.57 -2.22
P1 CAP I . 20.31 -34.80 -4.53
P2 CAP I . 11.92 -34.23 -7.24
O1P CAP I . 21.48 -34.81 -3.58
O2P CAP I . 20.76 -34.30 -5.87
O3P CAP I . 19.75 -36.19 -4.67
O4P CAP I . 11.61 -35.64 -7.72
O5P CAP I . 12.65 -33.48 -8.31
O6P CAP I . 10.65 -33.51 -6.89
H11 CAP I . 17.46 -34.77 -4.51
H12 CAP I . 18.01 -33.48 -5.58
H3 CAP I . 16.11 -32.01 -5.57
H4 CAP I . 14.79 -34.21 -4.00
H51 CAP I . 12.88 -32.88 -4.48
H52 CAP I . 13.50 -32.43 -6.08
HO2 CAP I . 17.32 -30.81 -4.02
HO3 CAP I . 14.17 -31.64 -3.76
HO4 CAP I . 14.79 -34.48 -6.68
MG MG J . 16.24 -30.54 -2.34
C1 CAP K . 26.34 23.18 -15.09
C2 CAP K . 25.46 21.93 -15.12
C3 CAP K . 23.95 22.21 -15.24
C4 CAP K . 23.56 22.89 -16.57
C5 CAP K . 22.05 22.84 -16.84
C CAP K . 25.89 21.03 -16.26
O1 CAP K . 27.67 22.84 -14.77
O2 CAP K . 25.67 21.21 -13.89
O3 CAP K . 23.30 20.97 -15.06
O4 CAP K . 23.96 24.24 -16.53
O5 CAP K . 21.70 23.77 -17.85
O6 CAP K . 25.67 19.81 -16.21
O7 CAP K . 26.47 21.50 -17.26
P1 CAP K . 28.82 23.98 -14.75
P2 CAP K . 20.46 24.78 -17.64
O1P CAP K . 30.15 23.29 -14.53
O2P CAP K . 28.58 25.01 -13.67
O3P CAP K . 28.85 24.69 -16.09
O4P CAP K . 20.51 25.82 -18.74
O5P CAP K . 20.59 25.43 -16.28
O6P CAP K . 19.15 24.04 -17.73
H11 CAP K . 25.94 23.88 -14.35
H12 CAP K . 26.30 23.67 -16.07
H3 CAP K . 23.67 22.88 -14.44
H4 CAP K . 24.07 22.38 -17.39
H51 CAP K . 21.78 21.83 -17.16
H52 CAP K . 21.51 23.06 -15.93
HO2 CAP K . 24.81 21.08 -13.43
HO3 CAP K . 22.72 20.80 -15.83
HO4 CAP K . 23.18 24.81 -16.69
MG MG L . 24.73 19.01 -14.48
C1 CAP M . -22.69 25.18 17.71
C2 CAP M . -22.00 23.81 17.58
C3 CAP M . -20.46 23.93 17.66
C4 CAP M . -19.98 24.51 19.00
C5 CAP M . -18.55 24.11 19.37
C CAP M . -22.50 22.86 18.65
O1 CAP M . -24.02 25.12 17.26
O2 CAP M . -22.32 23.25 16.29
O3 CAP M . -19.92 22.65 17.36
O4 CAP M . -20.02 25.92 18.89
O5 CAP M . -18.08 24.95 20.41
O6 CAP M . -22.40 21.63 18.49
O7 CAP M . -23.02 23.28 19.71
P1 CAP M . -24.98 26.42 17.35
P2 CAP M . -16.69 25.76 20.23
O1P CAP M . -26.40 26.00 17.07
O2P CAP M . -24.56 27.49 16.37
O3P CAP M . -24.87 26.98 18.75
O4P CAP M . -16.58 26.75 21.36
O5P CAP M . -16.70 26.48 18.92
O6P CAP M . -15.54 24.79 20.31
H11 CAP M . -22.13 25.92 17.13
H12 CAP M . -22.67 25.49 18.75
H3 CAP M . -20.15 24.61 16.87
H4 CAP M . -20.65 24.18 19.79
H51 CAP M . -17.90 24.20 18.50
H52 CAP M . -18.54 23.08 19.71
HO2 CAP M . -21.50 23.07 15.79
HO3 CAP M . -19.32 22.37 18.07
HO4 CAP M . -19.13 26.28 19.09
MG MG N . -21.41 21.09 16.59
C1 CAP O . 7.22 5.66 37.00
C2 CAP O . 6.96 6.19 35.58
C3 CAP O . 5.54 5.89 35.11
C4 CAP O . 4.44 6.61 35.91
C5 CAP O . 3.08 6.63 35.21
C CAP O . 7.20 7.69 35.49
O1 CAP O . 8.60 5.74 37.32
O2 CAP O . 7.88 5.52 34.69
O3 CAP O . 5.51 6.21 33.73
O4 CAP O . 4.29 5.97 37.16
O5 CAP O . 2.06 6.93 36.14
O6 CAP O . 7.41 8.22 34.38
O7 CAP O . 7.18 8.43 36.51
P1 CAP O . 9.08 5.43 38.83
P2 CAP O . 0.71 6.04 36.23
O1P CAP O . 10.56 5.70 38.95
O2P CAP O . 8.79 3.98 39.17
O3P CAP O . 8.33 6.31 39.79
O4P CAP O . -0.02 6.43 37.49
O5P CAP O . 1.06 4.58 36.29
O6P CAP O . -0.15 6.33 35.02
H11 CAP O . 6.65 6.26 37.71
H12 CAP O . 6.89 4.63 37.07
H3 CAP O . 5.38 4.82 35.21
H4 CAP O . 4.76 7.64 36.07
H51 CAP O . 3.08 7.37 34.42
H52 CAP O . 2.90 5.66 34.76
HO2 CAP O . 7.37 5.04 33.99
HO3 CAP O . 4.78 6.84 33.56
HO4 CAP O . 3.35 5.70 37.28
MG MG P . 7.69 6.97 32.70
C1 CAP Q . -22.28 -31.13 1.83
C2 CAP Q . -21.26 -30.21 1.16
C3 CAP Q . -19.97 -30.09 1.97
C4 CAP Q . -19.21 -31.41 2.10
C5 CAP Q . -17.80 -31.25 2.65
C CAP Q . -20.95 -30.71 -0.24
O1 CAP Q . -23.53 -30.93 1.21
O2 CAP Q . -21.84 -28.89 1.06
O3 CAP Q . -19.18 -29.09 1.35
O4 CAP Q . -19.91 -32.28 2.96
O5 CAP Q . -17.33 -32.50 3.10
O6 CAP Q . -20.55 -29.91 -1.13
O7 CAP Q . -21.07 -31.92 -0.52
P1 CAP Q . -24.84 -31.71 1.72
P2 CAP Q . -16.56 -32.65 4.51
O1P CAP Q . -25.96 -31.43 0.75
O2P CAP Q . -25.22 -31.23 3.10
O3P CAP Q . -24.55 -33.19 1.78
O4P CAP Q . -16.57 -34.12 4.86
O5P CAP Q . -17.27 -31.85 5.57
O6P CAP Q . -15.15 -32.16 4.37
H11 CAP Q . -21.98 -32.17 1.72
H12 CAP Q . -22.35 -30.89 2.89
H3 CAP Q . -20.23 -29.76 2.97
H4 CAP Q . -19.13 -31.87 1.10
H51 CAP Q . -17.82 -30.53 3.48
H52 CAP Q . -17.14 -30.85 1.87
HO2 CAP Q . -21.28 -28.25 1.53
HO3 CAP Q . -18.31 -29.46 1.12
HO4 CAP Q . -19.31 -32.55 3.69
MG MG R . -20.33 -27.87 -0.48
#